data_8FE7
#
_entry.id   8FE7
#
_cell.length_a   273.669
_cell.length_b   273.669
_cell.length_c   143.144
_cell.angle_alpha   90.000
_cell.angle_beta   90.000
_cell.angle_gamma   120.000
#
_symmetry.space_group_name_H-M   'P 3 2 1'
#
loop_
_entity.id
_entity.type
_entity.pdbx_description
1 polymer 'UDP-N-acetylglucosamine--peptide N-acetylglucosaminyltransferase 110 kDa subunit'
2 polymer 'Nonsense-mediated mRNA decay factor SMG9'
3 non-polymer URIDINE-DIPHOSPHATE-N-ACETYLGLUCOSAMINE
#
loop_
_entity_poly.entity_id
_entity_poly.type
_entity_poly.pdbx_seq_one_letter_code
_entity_poly.pdbx_strand_id
1 'polypeptide(L)'
;GPGSCPTHADSLNNLANIKREQGNIEEAVRLYRKALEVFPEFAAAHSNLASVLQQQGKLQEALMHYKEAIRISPTFADAY
SNMGNTLKEMQDVQGALQCYTRAIQINPAFADAHSNLASIHKDSGNIPEAIASYRTALKLKPDFPDAYCNLAHCLQIVCD
WTDYDERMKKLVSIVADQLEKNRLPSVHPHHSMLYPLSHGFRKAIAERHGNLCLDKINVLHKPPYEHPKDLKLSDGRLRV
GYVSSDFGNHPTSHLMQSIPGMHNPDKFEVFCYALSPDDGTNFRVKVMAEANHFIDLSQIPCNGKAADRIHQDGIHILVN
MNGYTKGARNELFALRPAPIQAMWLGYPGTSGALFMDYIITDQETSPAEVAEQYSEKLAYMPHTFFIGDHANMFPHLKKK
AVIDFKSNGHIYDNRIVLNGIDLKAFLDSLPDVKIVKMKCPDGGDNADSSNTALNMPVIPMNTIAEAVIEMINRGQIQIT
INGFSISNGLATTQINNKAATGEEVPRTIIVTTRSQYGLPEDAIVYCNFNQLYKIDPSTLQMWANILKRVPNSVLWLLRF
PAVGEPNIQQYAQNMGLPQNRIIFSPVAPKEEHVRRGQLADVCLDTPLCNGHTTGMDVLWAGTPMVTMPGETLASRVAAS
QLTCLGCLELIAKNRQEYEDIAVKLGTDLEYLKKVRGKVWKQRISSPLFNTKQYTMELERLYLQMWEHYAAGNKPDHMIK
PVE
;
A,C,E,G
2 'polypeptide(L)' QRPTQPVYQIQN B,D,F,H
#
# COMPACT_ATOMS: atom_id res chain seq x y z
N SER A 4 7.22 2.15 0.93
CA SER A 4 8.16 1.05 1.17
C SER A 4 9.19 0.97 0.06
N CYS A 5 9.47 2.10 -0.59
CA CYS A 5 10.26 2.18 -1.83
C CYS A 5 11.39 1.16 -1.93
N PRO A 6 12.26 0.96 -0.92
CA PRO A 6 13.34 -0.03 -1.06
C PRO A 6 12.87 -1.41 -1.50
N THR A 7 13.49 -1.92 -2.57
CA THR A 7 13.30 -3.29 -3.03
C THR A 7 14.67 -3.96 -3.10
N HIS A 8 14.68 -5.25 -3.46
CA HIS A 8 15.95 -5.93 -3.67
C HIS A 8 16.70 -5.32 -4.85
N ALA A 9 15.99 -5.01 -5.94
CA ALA A 9 16.63 -4.41 -7.10
C ALA A 9 17.17 -3.02 -6.78
N ASP A 10 16.45 -2.24 -5.97
CA ASP A 10 16.97 -0.95 -5.53
C ASP A 10 18.27 -1.13 -4.77
N SER A 11 18.32 -2.11 -3.87
CA SER A 11 19.55 -2.38 -3.14
C SER A 11 20.70 -2.71 -4.09
N LEU A 12 20.45 -3.62 -5.04
CA LEU A 12 21.51 -4.01 -5.97
C LEU A 12 21.98 -2.83 -6.81
N ASN A 13 21.05 -2.00 -7.28
CA ASN A 13 21.43 -0.82 -8.05
C ASN A 13 22.28 0.13 -7.21
N ASN A 14 21.92 0.33 -5.95
CA ASN A 14 22.76 1.14 -5.07
C ASN A 14 24.15 0.55 -4.97
N LEU A 15 24.24 -0.71 -4.53
CA LEU A 15 25.54 -1.36 -4.34
C LEU A 15 26.39 -1.25 -5.61
N ALA A 16 25.75 -1.35 -6.78
CA ALA A 16 26.45 -1.12 -8.04
C ALA A 16 26.95 0.31 -8.15
N ASN A 17 26.14 1.28 -7.71
CA ASN A 17 26.61 2.67 -7.73
C ASN A 17 27.85 2.85 -6.84
N ILE A 18 27.82 2.25 -5.65
CA ILE A 18 28.98 2.34 -4.76
C ILE A 18 30.22 1.71 -5.40
N LYS A 19 30.06 0.51 -5.97
CA LYS A 19 31.20 -0.15 -6.60
C LYS A 19 31.68 0.60 -7.83
N ARG A 20 30.79 1.34 -8.50
CA ARG A 20 31.21 2.16 -9.63
C ARG A 20 32.00 3.36 -9.17
N GLU A 21 31.56 4.02 -8.10
CA GLU A 21 32.34 5.15 -7.57
C GLU A 21 33.67 4.69 -6.99
N GLN A 22 33.74 3.43 -6.53
CA GLN A 22 35.01 2.86 -6.09
C GLN A 22 35.96 2.57 -7.24
N GLY A 23 35.48 2.64 -8.49
CA GLY A 23 36.29 2.25 -9.62
C GLY A 23 36.25 0.79 -9.97
N ASN A 24 35.36 0.01 -9.34
CA ASN A 24 35.21 -1.41 -9.63
C ASN A 24 34.14 -1.58 -10.72
N ILE A 25 34.55 -1.23 -11.94
CA ILE A 25 33.61 -1.11 -13.05
C ILE A 25 33.01 -2.47 -13.39
N GLU A 26 33.83 -3.51 -13.38
CA GLU A 26 33.32 -4.85 -13.66
C GLU A 26 32.30 -5.30 -12.62
N GLU A 27 32.59 -5.05 -11.34
CA GLU A 27 31.60 -5.35 -10.32
C GLU A 27 30.38 -4.45 -10.46
N ALA A 28 30.57 -3.20 -10.89
CA ALA A 28 29.44 -2.32 -11.13
C ALA A 28 28.49 -2.93 -12.16
N VAL A 29 29.03 -3.38 -13.30
CA VAL A 29 28.15 -3.93 -14.33
C VAL A 29 27.54 -5.25 -13.87
N ARG A 30 28.30 -6.06 -13.11
CA ARG A 30 27.72 -7.31 -12.60
C ARG A 30 26.52 -7.03 -11.71
N LEU A 31 26.66 -6.06 -10.79
CA LEU A 31 25.56 -5.76 -9.87
C LEU A 31 24.40 -5.11 -10.61
N TYR A 32 24.68 -4.25 -11.59
CA TYR A 32 23.60 -3.70 -12.41
C TYR A 32 22.81 -4.82 -13.09
N ARG A 33 23.52 -5.74 -13.75
CA ARG A 33 22.85 -6.83 -14.46
C ARG A 33 22.07 -7.72 -13.51
N LYS A 34 22.60 -7.96 -12.31
CA LYS A 34 21.83 -8.71 -11.31
C LYS A 34 20.56 -7.97 -10.94
N ALA A 35 20.64 -6.65 -10.76
CA ALA A 35 19.45 -5.86 -10.46
C ALA A 35 18.42 -5.95 -11.57
N LEU A 36 18.87 -5.85 -12.83
CA LEU A 36 17.95 -6.05 -13.95
C LEU A 36 17.36 -7.44 -13.94
N GLU A 37 18.12 -8.44 -13.49
CA GLU A 37 17.58 -9.79 -13.36
C GLU A 37 16.45 -9.83 -12.34
N VAL A 38 16.62 -9.16 -11.19
CA VAL A 38 15.55 -9.14 -10.18
C VAL A 38 14.34 -8.36 -10.68
N PHE A 39 14.57 -7.28 -11.43
CA PHE A 39 13.49 -6.37 -11.84
C PHE A 39 13.80 -5.86 -13.24
N PRO A 40 13.29 -6.55 -14.28
CA PRO A 40 13.61 -6.15 -15.65
C PRO A 40 13.16 -4.75 -16.03
N GLU A 41 12.03 -4.26 -15.49
CA GLU A 41 11.53 -2.94 -15.82
C GLU A 41 12.07 -1.87 -14.90
N PHE A 42 13.29 -2.05 -14.38
CA PHE A 42 13.97 -1.08 -13.54
C PHE A 42 14.64 -0.06 -14.44
N ALA A 43 13.99 1.09 -14.63
CA ALA A 43 14.49 2.10 -15.57
C ALA A 43 15.84 2.65 -15.14
N ALA A 44 16.00 2.94 -13.84
CA ALA A 44 17.26 3.50 -13.36
C ALA A 44 18.42 2.54 -13.55
N ALA A 45 18.17 1.24 -13.35
CA ALA A 45 19.22 0.25 -13.59
C ALA A 45 19.59 0.20 -15.06
N HIS A 46 18.61 0.28 -15.95
CA HIS A 46 18.90 0.34 -17.37
C HIS A 46 19.78 1.55 -17.69
N SER A 47 19.42 2.71 -17.16
CA SER A 47 20.17 3.94 -17.44
C SER A 47 21.60 3.84 -16.91
N ASN A 48 21.78 3.32 -15.70
CA ASN A 48 23.12 3.23 -15.13
C ASN A 48 23.98 2.21 -15.87
N LEU A 49 23.41 1.05 -16.20
CA LEU A 49 24.15 0.07 -16.99
C LEU A 49 24.53 0.64 -18.35
N ALA A 50 23.62 1.39 -18.97
CA ALA A 50 23.92 2.02 -20.25
C ALA A 50 25.04 3.04 -20.11
N SER A 51 25.04 3.82 -19.02
CA SER A 51 26.10 4.78 -18.81
C SER A 51 27.45 4.10 -18.67
N VAL A 52 27.51 3.02 -17.90
CA VAL A 52 28.77 2.29 -17.75
C VAL A 52 29.21 1.69 -19.08
N LEU A 53 28.27 1.12 -19.84
CA LEU A 53 28.62 0.53 -21.14
C LEU A 53 29.13 1.58 -22.11
N GLN A 54 28.50 2.76 -22.12
CA GLN A 54 28.96 3.85 -22.97
C GLN A 54 30.36 4.30 -22.56
N GLN A 55 30.63 4.34 -21.25
CA GLN A 55 32.00 4.66 -20.82
C GLN A 55 32.99 3.59 -21.26
N GLN A 56 32.54 2.34 -21.38
CA GLN A 56 33.41 1.25 -21.83
C GLN A 56 33.60 1.23 -23.35
N GLY A 57 32.86 2.05 -24.09
CA GLY A 57 32.91 2.01 -25.53
C GLY A 57 31.93 1.08 -26.20
N LYS A 58 31.11 0.35 -25.42
CA LYS A 58 30.08 -0.53 -25.97
C LYS A 58 28.84 0.31 -26.28
N LEU A 59 28.99 1.15 -27.32
CA LEU A 59 27.98 2.15 -27.63
C LEU A 59 26.66 1.52 -28.05
N GLN A 60 26.71 0.42 -28.79
CA GLN A 60 25.48 -0.21 -29.30
C GLN A 60 24.61 -0.74 -28.16
N GLU A 61 25.21 -1.51 -27.25
CA GLU A 61 24.48 -2.04 -26.11
C GLU A 61 24.01 -0.93 -25.18
N ALA A 62 24.85 0.12 -25.03
CA ALA A 62 24.46 1.26 -24.22
C ALA A 62 23.22 1.95 -24.79
N LEU A 63 23.17 2.12 -26.11
CA LEU A 63 21.98 2.70 -26.73
C LEU A 63 20.77 1.81 -26.52
N MET A 64 20.96 0.49 -26.62
CA MET A 64 19.87 -0.44 -26.33
C MET A 64 19.30 -0.18 -24.93
N HIS A 65 20.17 -0.10 -23.93
CA HIS A 65 19.70 0.05 -22.56
C HIS A 65 19.09 1.43 -22.31
N TYR A 66 19.64 2.47 -22.95
CA TYR A 66 19.05 3.81 -22.81
C TYR A 66 17.65 3.85 -23.40
N LYS A 67 17.49 3.29 -24.62
CA LYS A 67 16.17 3.23 -25.24
C LYS A 67 15.19 2.46 -24.37
N GLU A 68 15.65 1.35 -23.78
CA GLU A 68 14.80 0.64 -22.83
C GLU A 68 14.37 1.56 -21.68
N ALA A 69 15.34 2.11 -20.95
CA ALA A 69 15.05 2.93 -19.77
C ALA A 69 14.06 4.03 -20.09
N ILE A 70 14.14 4.58 -21.30
CA ILE A 70 13.18 5.60 -21.68
C ILE A 70 11.84 5.01 -22.09
N ARG A 71 11.82 3.75 -22.52
CA ARG A 71 10.53 3.08 -22.67
C ARG A 71 9.83 2.92 -21.32
N ILE A 72 10.58 2.54 -20.28
CA ILE A 72 9.94 2.35 -18.97
C ILE A 72 9.46 3.69 -18.40
N SER A 73 10.29 4.73 -18.47
CA SER A 73 9.99 6.03 -17.86
C SER A 73 10.06 7.11 -18.93
N PRO A 74 8.94 7.43 -19.58
CA PRO A 74 8.98 8.44 -20.66
C PRO A 74 9.40 9.84 -20.22
N THR A 75 9.30 10.17 -18.93
CA THR A 75 9.73 11.47 -18.45
C THR A 75 11.18 11.50 -17.99
N PHE A 76 11.93 10.43 -18.26
CA PHE A 76 13.33 10.31 -17.85
C PHE A 76 14.19 11.22 -18.73
N ALA A 77 14.23 12.50 -18.36
CA ALA A 77 14.96 13.49 -19.15
C ALA A 77 16.45 13.19 -19.18
N ASP A 78 17.01 12.79 -18.04
CA ASP A 78 18.45 12.48 -18.01
C ASP A 78 18.79 11.33 -18.94
N ALA A 79 17.91 10.34 -19.03
CA ALA A 79 18.15 9.23 -19.95
C ALA A 79 18.08 9.71 -21.39
N TYR A 80 17.19 10.65 -21.70
CA TYR A 80 17.18 11.24 -23.04
C TYR A 80 18.51 11.94 -23.34
N SER A 81 19.01 12.72 -22.38
CA SER A 81 20.26 13.43 -22.58
C SER A 81 21.43 12.47 -22.79
N ASN A 82 21.48 11.41 -22.00
CA ASN A 82 22.59 10.45 -22.13
C ASN A 82 22.45 9.60 -23.38
N MET A 83 21.23 9.28 -23.80
CA MET A 83 21.06 8.63 -25.09
C MET A 83 21.54 9.52 -26.22
N GLY A 84 21.25 10.82 -26.13
CA GLY A 84 21.79 11.76 -27.10
C GLY A 84 23.30 11.77 -27.11
N ASN A 85 23.92 11.72 -25.94
CA ASN A 85 25.38 11.66 -25.89
C ASN A 85 25.91 10.40 -26.56
N THR A 86 25.29 9.25 -26.30
CA THR A 86 25.72 8.01 -26.93
C THR A 86 25.56 8.07 -28.45
N LEU A 87 24.43 8.61 -28.92
CA LEU A 87 24.21 8.73 -30.36
C LEU A 87 25.22 9.69 -30.99
N LYS A 88 25.58 10.75 -30.26
CA LYS A 88 26.62 11.67 -30.74
C LYS A 88 27.96 10.96 -30.87
N GLU A 89 28.29 10.10 -29.91
CA GLU A 89 29.50 9.28 -30.04
C GLU A 89 29.40 8.28 -31.19
N MET A 90 28.18 7.95 -31.63
CA MET A 90 27.96 7.08 -32.77
C MET A 90 27.83 7.85 -34.08
N GLN A 91 28.11 9.16 -34.07
CA GLN A 91 28.07 10.04 -35.23
C GLN A 91 26.65 10.24 -35.77
N ASP A 92 25.63 9.94 -34.97
CA ASP A 92 24.24 10.23 -35.34
C ASP A 92 23.87 11.57 -34.72
N VAL A 93 24.32 12.65 -35.36
CA VAL A 93 24.14 13.99 -34.82
C VAL A 93 22.67 14.38 -34.84
N GLN A 94 21.93 13.98 -35.87
CA GLN A 94 20.50 14.27 -35.92
C GLN A 94 19.77 13.59 -34.75
N GLY A 95 20.09 12.32 -34.48
CA GLY A 95 19.45 11.63 -33.38
C GLY A 95 19.81 12.23 -32.03
N ALA A 96 21.07 12.61 -31.85
CA ALA A 96 21.47 13.28 -30.61
C ALA A 96 20.73 14.60 -30.42
N LEU A 97 20.60 15.37 -31.50
CA LEU A 97 19.85 16.61 -31.45
C LEU A 97 18.40 16.37 -31.04
N GLN A 98 17.77 15.35 -31.64
CA GLN A 98 16.39 15.03 -31.27
C GLN A 98 16.29 14.63 -29.81
N CYS A 99 17.25 13.84 -29.32
CA CYS A 99 17.23 13.45 -27.91
C CYS A 99 17.33 14.66 -27.00
N TYR A 100 18.26 15.58 -27.30
CA TYR A 100 18.43 16.76 -26.46
C TYR A 100 17.18 17.63 -26.47
N THR A 101 16.59 17.86 -27.65
CA THR A 101 15.41 18.71 -27.72
C THR A 101 14.20 18.06 -27.06
N ARG A 102 14.06 16.73 -27.18
CA ARG A 102 12.97 16.05 -26.48
C ARG A 102 13.14 16.16 -24.97
N ALA A 103 14.37 16.02 -24.48
CA ALA A 103 14.62 16.20 -23.05
C ALA A 103 14.27 17.61 -22.60
N ILE A 104 14.65 18.63 -23.40
CA ILE A 104 14.36 20.01 -23.03
C ILE A 104 12.85 20.26 -23.06
N GLN A 105 12.14 19.63 -24.00
CA GLN A 105 10.69 19.74 -24.04
C GLN A 105 10.05 19.12 -22.79
N ILE A 106 10.53 17.94 -22.39
CA ILE A 106 9.89 17.22 -21.30
C ILE A 106 10.10 17.96 -19.98
N ASN A 107 11.34 18.34 -19.69
CA ASN A 107 11.67 19.08 -18.48
C ASN A 107 12.38 20.37 -18.87
N PRO A 108 11.66 21.49 -18.97
CA PRO A 108 12.31 22.75 -19.37
C PRO A 108 13.38 23.21 -18.40
N ALA A 109 13.40 22.72 -17.17
CA ALA A 109 14.38 23.12 -16.17
C ALA A 109 15.63 22.25 -16.17
N PHE A 110 15.69 21.22 -17.01
CA PHE A 110 16.82 20.29 -17.04
C PHE A 110 18.00 20.95 -17.76
N ALA A 111 19.07 21.23 -17.01
CA ALA A 111 20.21 21.98 -17.56
C ALA A 111 21.12 21.13 -18.44
N ASP A 112 21.28 19.84 -18.11
CA ASP A 112 22.25 19.01 -18.81
C ASP A 112 21.94 18.92 -20.30
N ALA A 113 20.65 18.80 -20.65
CA ALA A 113 20.27 18.74 -22.05
C ALA A 113 20.62 20.03 -22.77
N HIS A 114 20.43 21.18 -22.10
CA HIS A 114 20.82 22.45 -22.70
C HIS A 114 22.33 22.50 -22.94
N SER A 115 23.12 22.00 -21.98
CA SER A 115 24.56 21.99 -22.15
C SER A 115 24.96 21.08 -23.32
N ASN A 116 24.30 19.93 -23.46
CA ASN A 116 24.61 19.03 -24.56
C ASN A 116 24.21 19.61 -25.91
N LEU A 117 23.08 20.31 -25.97
CA LEU A 117 22.70 21.02 -27.19
C LEU A 117 23.72 22.08 -27.56
N ALA A 118 24.20 22.82 -26.55
CA ALA A 118 25.26 23.79 -26.79
C ALA A 118 26.52 23.11 -27.29
N SER A 119 26.83 21.92 -26.77
CA SER A 119 27.97 21.16 -27.25
C SER A 119 27.82 20.82 -28.74
N ILE A 120 26.63 20.38 -29.14
CA ILE A 120 26.40 20.07 -30.55
C ILE A 120 26.54 21.32 -31.41
N HIS A 121 26.01 22.45 -30.93
CA HIS A 121 26.13 23.70 -31.66
C HIS A 121 27.59 24.11 -31.81
N LYS A 122 28.37 24.00 -30.73
CA LYS A 122 29.78 24.37 -30.77
C LYS A 122 30.58 23.46 -31.70
N ASP A 123 30.26 22.17 -31.69
CA ASP A 123 30.95 21.24 -32.58
C ASP A 123 30.70 21.58 -34.04
N SER A 124 29.49 22.03 -34.37
CA SER A 124 29.12 22.36 -35.74
C SER A 124 29.55 23.76 -36.16
N GLY A 125 30.14 24.54 -35.26
CA GLY A 125 30.64 25.86 -35.60
C GLY A 125 29.70 27.01 -35.32
N ASN A 126 28.57 26.77 -34.66
CA ASN A 126 27.62 27.83 -34.31
C ASN A 126 27.93 28.29 -32.89
N ILE A 127 28.90 29.20 -32.78
CA ILE A 127 29.39 29.65 -31.49
C ILE A 127 28.36 30.53 -30.76
N PRO A 128 27.68 31.48 -31.42
CA PRO A 128 26.62 32.22 -30.69
C PRO A 128 25.54 31.31 -30.13
N GLU A 129 25.12 30.30 -30.89
CA GLU A 129 24.11 29.36 -30.41
C GLU A 129 24.63 28.54 -29.24
N ALA A 130 25.89 28.09 -29.33
CA ALA A 130 26.48 27.34 -28.23
C ALA A 130 26.58 28.20 -26.97
N ILE A 131 26.98 29.46 -27.13
CA ILE A 131 27.07 30.37 -25.98
C ILE A 131 25.69 30.56 -25.37
N ALA A 132 24.67 30.75 -26.19
CA ALA A 132 23.32 30.96 -25.68
C ALA A 132 22.85 29.76 -24.87
N SER A 133 23.04 28.54 -25.41
CA SER A 133 22.56 27.36 -24.70
C SER A 133 23.40 27.07 -23.46
N TYR A 134 24.71 27.33 -23.49
CA TYR A 134 25.54 27.19 -22.30
C TYR A 134 25.10 28.16 -21.21
N ARG A 135 24.80 29.41 -21.60
CA ARG A 135 24.30 30.38 -20.63
C ARG A 135 22.97 29.93 -20.04
N THR A 136 22.08 29.38 -20.87
CA THR A 136 20.81 28.87 -20.37
C THR A 136 21.04 27.75 -19.35
N ALA A 137 21.93 26.81 -19.68
CA ALA A 137 22.21 25.71 -18.77
C ALA A 137 22.79 26.21 -17.45
N LEU A 138 23.74 27.14 -17.53
CA LEU A 138 24.34 27.68 -16.31
C LEU A 138 23.33 28.47 -15.49
N LYS A 139 22.37 29.11 -16.15
CA LYS A 139 21.28 29.76 -15.43
C LYS A 139 20.43 28.73 -14.71
N LEU A 140 20.18 27.57 -15.34
CA LEU A 140 19.43 26.51 -14.68
C LEU A 140 20.24 25.83 -13.59
N LYS A 141 21.54 25.61 -13.84
CA LYS A 141 22.43 24.93 -12.89
C LYS A 141 23.71 25.75 -12.75
N PRO A 142 23.74 26.69 -11.80
CA PRO A 142 24.92 27.56 -11.68
C PRO A 142 26.22 26.82 -11.44
N ASP A 143 26.19 25.70 -10.72
CA ASP A 143 27.39 24.88 -10.53
C ASP A 143 27.41 23.78 -11.59
N PHE A 144 27.85 24.16 -12.78
CA PHE A 144 27.94 23.26 -13.93
C PHE A 144 29.34 23.42 -14.53
N PRO A 145 30.32 22.70 -13.98
CA PRO A 145 31.71 22.87 -14.48
C PRO A 145 31.87 22.61 -15.96
N ASP A 146 31.21 21.59 -16.50
CA ASP A 146 31.35 21.28 -17.93
C ASP A 146 30.82 22.43 -18.79
N ALA A 147 29.60 22.89 -18.50
CA ALA A 147 29.02 24.00 -19.25
C ALA A 147 29.87 25.25 -19.10
N TYR A 148 30.36 25.52 -17.89
CA TYR A 148 31.16 26.72 -17.67
C TYR A 148 32.45 26.68 -18.48
N CYS A 149 33.15 25.54 -18.46
CA CYS A 149 34.41 25.46 -19.20
C CYS A 149 34.19 25.55 -20.70
N ASN A 150 33.14 24.89 -21.21
CA ASN A 150 32.85 24.98 -22.64
C ASN A 150 32.46 26.40 -23.04
N LEU A 151 31.70 27.09 -22.18
CA LEU A 151 31.39 28.49 -22.44
C LEU A 151 32.66 29.34 -22.45
N ALA A 152 33.58 29.07 -21.53
CA ALA A 152 34.85 29.81 -21.50
C ALA A 152 35.61 29.61 -22.80
N HIS A 153 35.63 28.38 -23.32
CA HIS A 153 36.33 28.15 -24.59
C HIS A 153 35.61 28.84 -25.74
N CYS A 154 34.28 28.86 -25.74
CA CYS A 154 33.55 29.60 -26.78
C CYS A 154 33.91 31.08 -26.74
N LEU A 155 33.96 31.66 -25.55
CA LEU A 155 34.32 33.07 -25.41
C LEU A 155 35.74 33.32 -25.88
N GLN A 156 36.66 32.40 -25.59
CA GLN A 156 38.01 32.51 -26.13
C GLN A 156 37.99 32.47 -27.65
N ILE A 157 37.16 31.60 -28.22
CA ILE A 157 37.07 31.50 -29.68
C ILE A 157 36.64 32.83 -30.29
N VAL A 158 35.64 33.47 -29.68
CA VAL A 158 35.14 34.74 -30.23
C VAL A 158 35.84 35.96 -29.67
N CYS A 159 36.83 35.77 -28.77
CA CYS A 159 37.54 36.88 -28.14
C CYS A 159 36.59 37.77 -27.34
N ASP A 160 35.70 37.15 -26.58
CA ASP A 160 34.86 37.86 -25.62
C ASP A 160 35.56 37.77 -24.26
N TRP A 161 36.24 38.85 -23.87
CA TRP A 161 37.05 38.87 -22.67
C TRP A 161 36.36 39.56 -21.50
N THR A 162 35.03 39.68 -21.55
CA THR A 162 34.31 40.25 -20.43
C THR A 162 34.52 39.40 -19.18
N ASP A 163 34.95 40.04 -18.10
CA ASP A 163 35.31 39.36 -16.85
C ASP A 163 36.34 38.26 -17.11
N TYR A 164 37.41 38.62 -17.82
CA TYR A 164 38.40 37.63 -18.20
C TYR A 164 39.14 37.08 -16.98
N ASP A 165 39.60 37.96 -16.10
CA ASP A 165 40.42 37.53 -14.96
C ASP A 165 39.63 36.63 -14.02
N GLU A 166 38.39 37.03 -13.72
CA GLU A 166 37.53 36.21 -12.86
C GLU A 166 37.23 34.88 -13.52
N ARG A 167 37.01 34.89 -14.84
CA ARG A 167 36.76 33.65 -15.57
C ARG A 167 37.97 32.71 -15.47
N MET A 168 39.17 33.25 -15.64
CA MET A 168 40.37 32.42 -15.58
C MET A 168 40.57 31.86 -14.18
N LYS A 169 40.38 32.69 -13.15
CA LYS A 169 40.52 32.22 -11.77
C LYS A 169 39.51 31.14 -11.45
N LYS A 170 38.26 31.32 -11.89
CA LYS A 170 37.25 30.28 -11.68
C LYS A 170 37.64 28.99 -12.42
N LEU A 171 38.23 29.12 -13.61
CA LEU A 171 38.68 27.94 -14.34
C LEU A 171 39.74 27.18 -13.56
N VAL A 172 40.73 27.90 -13.02
CA VAL A 172 41.77 27.24 -12.23
C VAL A 172 41.17 26.57 -11.00
N SER A 173 40.25 27.26 -10.33
CA SER A 173 39.62 26.69 -9.13
C SER A 173 38.82 25.43 -9.47
N ILE A 174 38.08 25.45 -10.59
CA ILE A 174 37.30 24.29 -11.00
C ILE A 174 38.22 23.11 -11.31
N VAL A 175 39.33 23.38 -12.03
CA VAL A 175 40.27 22.31 -12.36
C VAL A 175 40.86 21.72 -11.10
N ALA A 176 41.24 22.58 -10.14
CA ALA A 176 41.78 22.08 -8.87
C ALA A 176 40.76 21.24 -8.13
N ASP A 177 39.51 21.71 -8.07
CA ASP A 177 38.47 20.98 -7.35
C ASP A 177 38.22 19.61 -7.97
N GLN A 178 38.20 19.54 -9.30
CA GLN A 178 37.93 18.25 -9.95
C GLN A 178 39.12 17.32 -9.86
N LEU A 179 40.35 17.85 -9.91
CA LEU A 179 41.52 17.01 -9.71
C LEU A 179 41.55 16.44 -8.30
N GLU A 180 41.24 17.27 -7.30
CA GLU A 180 41.30 16.83 -5.91
C GLU A 180 40.23 15.78 -5.62
N LYS A 181 39.10 15.81 -6.33
CA LYS A 181 38.01 14.87 -6.13
C LYS A 181 38.04 13.72 -7.13
N ASN A 182 39.10 13.61 -7.93
CA ASN A 182 39.28 12.51 -8.88
C ASN A 182 38.11 12.34 -9.84
N ARG A 183 37.50 13.45 -10.23
CA ARG A 183 36.54 13.47 -11.33
C ARG A 183 37.27 13.92 -12.60
N LEU A 184 36.67 13.64 -13.74
CA LEU A 184 37.27 14.03 -15.01
C LEU A 184 37.25 15.54 -15.14
N PRO A 185 38.40 16.20 -15.30
CA PRO A 185 38.40 17.67 -15.41
C PRO A 185 37.60 18.13 -16.61
N SER A 186 36.90 19.25 -16.44
CA SER A 186 36.04 19.79 -17.49
C SER A 186 36.81 20.60 -18.53
N VAL A 187 38.10 20.85 -18.30
CA VAL A 187 38.94 21.55 -19.26
C VAL A 187 39.65 20.52 -20.14
N HIS A 188 39.48 20.63 -21.45
CA HIS A 188 40.12 19.69 -22.37
C HIS A 188 41.63 19.94 -22.39
N PRO A 189 42.44 18.88 -22.52
CA PRO A 189 43.90 19.09 -22.54
C PRO A 189 44.36 20.03 -23.65
N HIS A 190 43.74 19.95 -24.83
CA HIS A 190 44.11 20.85 -25.93
C HIS A 190 43.85 22.31 -25.57
N HIS A 191 42.88 22.57 -24.70
CA HIS A 191 42.58 23.93 -24.29
C HIS A 191 43.35 24.37 -23.07
N SER A 192 43.91 23.42 -22.30
CA SER A 192 44.60 23.76 -21.06
C SER A 192 45.82 24.64 -21.29
N MET A 193 46.35 24.67 -22.51
CA MET A 193 47.45 25.57 -22.83
C MET A 193 47.02 27.03 -22.92
N LEU A 194 45.73 27.31 -22.93
CA LEU A 194 45.23 28.67 -23.04
C LEU A 194 44.90 29.31 -21.69
N TYR A 195 45.01 28.54 -20.60
CA TYR A 195 44.64 29.01 -19.26
C TYR A 195 45.84 28.88 -18.32
N PRO A 196 45.93 29.72 -17.26
CA PRO A 196 47.12 29.68 -16.40
C PRO A 196 47.02 28.64 -15.30
N LEU A 197 46.95 27.38 -15.71
CA LEU A 197 47.11 26.30 -14.76
C LEU A 197 48.59 26.07 -14.49
N SER A 198 48.88 25.41 -13.38
CA SER A 198 50.22 24.91 -13.17
C SER A 198 50.52 23.82 -14.18
N HIS A 199 51.80 23.67 -14.51
CA HIS A 199 52.19 22.63 -15.46
C HIS A 199 51.79 21.24 -14.96
N GLY A 200 51.78 21.06 -13.64
CA GLY A 200 51.25 19.82 -13.08
C GLY A 200 49.78 19.65 -13.38
N PHE A 201 49.01 20.75 -13.34
CA PHE A 201 47.59 20.67 -13.66
C PHE A 201 47.37 20.21 -15.10
N ARG A 202 48.13 20.79 -16.04
CA ARG A 202 47.99 20.39 -17.44
C ARG A 202 48.40 18.95 -17.65
N LYS A 203 49.51 18.53 -17.03
CA LYS A 203 49.93 17.14 -17.12
C LYS A 203 48.88 16.20 -16.55
N ALA A 204 48.23 16.60 -15.45
CA ALA A 204 47.23 15.74 -14.83
C ALA A 204 45.96 15.64 -15.67
N ILE A 205 45.54 16.75 -16.27
CA ILE A 205 44.39 16.70 -17.18
C ILE A 205 44.68 15.76 -18.34
N ALA A 206 45.88 15.86 -18.92
CA ALA A 206 46.28 14.95 -19.98
C ALA A 206 46.26 13.50 -19.50
N GLU A 207 46.74 13.26 -18.27
CA GLU A 207 46.75 11.91 -17.73
C GLU A 207 45.35 11.34 -17.61
N ARG A 208 44.40 12.14 -17.10
CA ARG A 208 43.03 11.64 -16.95
C ARG A 208 42.42 11.33 -18.32
N HIS A 209 42.67 12.19 -19.30
CA HIS A 209 42.09 11.93 -20.62
C HIS A 209 42.72 10.70 -21.28
N GLY A 210 43.99 10.41 -21.00
CA GLY A 210 44.56 9.13 -21.43
C GLY A 210 43.99 7.95 -20.67
N ASN A 211 43.70 8.14 -19.38
CA ASN A 211 43.06 7.10 -18.60
C ASN A 211 41.72 6.72 -19.19
N LEU A 212 41.03 7.68 -19.82
CA LEU A 212 39.80 7.35 -20.54
C LEU A 212 40.06 6.26 -21.60
N CYS A 213 41.12 6.43 -22.39
CA CYS A 213 41.48 5.42 -23.38
C CYS A 213 41.83 4.09 -22.72
N LEU A 214 42.53 4.15 -21.59
CA LEU A 214 42.86 2.92 -20.87
C LEU A 214 41.60 2.17 -20.44
N ASP A 215 40.60 2.90 -19.92
CA ASP A 215 39.34 2.27 -19.53
C ASP A 215 38.64 1.67 -20.74
N LYS A 216 38.69 2.37 -21.88
CA LYS A 216 38.04 1.84 -23.07
C LYS A 216 38.72 0.57 -23.58
N ILE A 217 40.05 0.48 -23.46
CA ILE A 217 40.74 -0.71 -23.97
C ILE A 217 40.77 -1.87 -22.98
N ASN A 218 40.53 -1.62 -21.70
CA ASN A 218 40.52 -2.72 -20.73
C ASN A 218 39.47 -3.77 -21.06
N VAL A 219 38.33 -3.36 -21.60
CA VAL A 219 37.25 -4.29 -21.92
C VAL A 219 37.71 -5.32 -22.95
N LEU A 220 38.69 -4.96 -23.79
CA LEU A 220 39.19 -5.90 -24.79
C LEU A 220 39.88 -7.09 -24.14
N HIS A 221 40.47 -6.90 -22.96
CA HIS A 221 41.20 -7.96 -22.25
C HIS A 221 42.26 -8.59 -23.15
N LYS A 222 42.98 -7.75 -23.87
CA LYS A 222 44.06 -8.23 -24.71
C LYS A 222 45.32 -8.44 -23.87
N PRO A 223 46.12 -9.46 -24.19
CA PRO A 223 47.39 -9.65 -23.51
C PRO A 223 48.42 -8.65 -24.03
N PRO A 224 49.47 -8.38 -23.26
CA PRO A 224 50.55 -7.53 -23.76
C PRO A 224 51.19 -8.14 -25.00
N TYR A 225 51.62 -7.26 -25.90
CA TYR A 225 52.19 -7.69 -27.16
C TYR A 225 53.67 -8.06 -27.00
N GLU A 226 54.09 -9.07 -27.76
CA GLU A 226 55.50 -9.46 -27.82
C GLU A 226 56.21 -8.52 -28.78
N HIS A 227 57.04 -7.63 -28.26
CA HIS A 227 57.64 -6.66 -29.15
C HIS A 227 58.94 -7.19 -29.74
N PRO A 228 59.29 -6.75 -30.96
CA PRO A 228 60.56 -7.15 -31.55
C PRO A 228 61.74 -6.69 -30.70
N LYS A 229 62.76 -7.55 -30.61
CA LYS A 229 63.97 -7.24 -29.85
C LYS A 229 65.16 -6.92 -30.73
N ASP A 230 65.04 -7.13 -32.04
CA ASP A 230 66.10 -6.79 -32.99
C ASP A 230 65.44 -6.42 -34.31
N LEU A 231 66.27 -6.05 -35.29
CA LEU A 231 65.82 -5.74 -36.64
C LEU A 231 66.04 -6.90 -37.59
N LYS A 232 66.22 -8.11 -37.07
CA LYS A 232 66.58 -9.26 -37.91
C LYS A 232 65.49 -9.57 -38.92
N LEU A 233 64.22 -9.59 -38.47
CA LEU A 233 63.13 -9.95 -39.36
C LEU A 233 62.85 -8.87 -40.41
N SER A 234 63.29 -7.63 -40.17
CA SER A 234 63.04 -6.52 -41.08
C SER A 234 64.29 -6.11 -41.84
N ASP A 235 65.20 -7.05 -42.07
CA ASP A 235 66.40 -6.81 -42.89
C ASP A 235 67.24 -5.67 -42.33
N GLY A 236 67.28 -5.56 -41.01
CA GLY A 236 68.03 -4.49 -40.38
C GLY A 236 67.38 -3.13 -40.49
N ARG A 237 66.15 -3.05 -40.97
CA ARG A 237 65.45 -1.78 -41.11
C ARG A 237 64.63 -1.52 -39.85
N LEU A 238 64.75 -0.32 -39.31
CA LEU A 238 63.86 0.12 -38.25
C LEU A 238 62.47 0.35 -38.83
N ARG A 239 61.47 -0.30 -38.27
CA ARG A 239 60.10 -0.16 -38.74
C ARG A 239 59.43 0.98 -37.97
N VAL A 240 59.08 2.05 -38.69
CA VAL A 240 58.49 3.24 -38.09
C VAL A 240 57.09 3.40 -38.66
N GLY A 241 56.10 3.46 -37.78
CA GLY A 241 54.73 3.66 -38.20
C GLY A 241 54.14 4.96 -37.69
N TYR A 242 53.77 5.84 -38.63
CA TYR A 242 53.14 7.11 -38.29
C TYR A 242 51.63 6.93 -38.27
N VAL A 243 51.00 7.20 -37.12
CA VAL A 243 49.56 7.06 -36.98
C VAL A 243 48.96 8.45 -36.96
N SER A 244 48.06 8.72 -37.92
CA SER A 244 47.43 10.03 -37.99
C SER A 244 46.08 9.93 -38.68
N SER A 245 45.19 10.85 -38.30
CA SER A 245 43.92 11.03 -38.98
C SER A 245 43.97 12.16 -39.99
N ASP A 246 45.17 12.67 -40.29
CA ASP A 246 45.34 13.87 -41.09
C ASP A 246 46.12 13.62 -42.38
N PHE A 247 46.18 12.38 -42.85
CA PHE A 247 46.70 12.13 -44.18
C PHE A 247 45.65 12.57 -45.19
N GLY A 248 45.77 13.81 -45.64
CA GLY A 248 44.75 14.45 -46.44
C GLY A 248 44.97 15.94 -46.44
N ASN A 249 43.89 16.68 -46.73
CA ASN A 249 43.96 18.14 -46.76
C ASN A 249 43.80 18.67 -45.33
N HIS A 250 44.90 18.57 -44.58
CA HIS A 250 44.98 18.99 -43.19
C HIS A 250 46.34 19.61 -42.96
N PRO A 251 46.46 20.57 -42.03
CA PRO A 251 47.75 21.24 -41.80
C PRO A 251 48.92 20.29 -41.52
N THR A 252 48.67 19.16 -40.85
CA THR A 252 49.74 18.21 -40.55
C THR A 252 50.39 17.69 -41.83
N SER A 253 49.58 17.36 -42.84
CA SER A 253 50.12 16.97 -44.13
C SER A 253 50.87 18.12 -44.78
N HIS A 254 50.34 19.35 -44.65
CA HIS A 254 51.05 20.51 -45.15
C HIS A 254 52.41 20.68 -44.48
N LEU A 255 52.59 20.10 -43.30
CA LEU A 255 53.87 20.17 -42.63
C LEU A 255 54.82 19.04 -43.06
N MET A 256 54.35 17.78 -43.08
CA MET A 256 55.29 16.67 -43.15
C MET A 256 55.03 15.70 -44.31
N GLN A 257 54.27 16.09 -45.33
CA GLN A 257 53.87 15.12 -46.35
C GLN A 257 55.06 14.57 -47.13
N SER A 258 56.14 15.34 -47.26
CA SER A 258 57.32 14.86 -47.96
C SER A 258 58.20 13.94 -47.13
N ILE A 259 57.99 13.90 -45.81
CA ILE A 259 58.89 13.15 -44.93
C ILE A 259 58.90 11.65 -45.23
N PRO A 260 57.75 10.97 -45.38
CA PRO A 260 57.82 9.52 -45.61
C PRO A 260 58.61 9.11 -46.83
N GLY A 261 58.49 9.86 -47.93
CA GLY A 261 59.22 9.53 -49.13
C GLY A 261 60.70 9.84 -49.10
N MET A 262 61.14 10.59 -48.09
CA MET A 262 62.55 10.95 -47.94
C MET A 262 63.29 10.03 -46.97
N HIS A 263 62.60 9.06 -46.38
CA HIS A 263 63.25 8.12 -45.49
C HIS A 263 64.19 7.20 -46.27
N ASN A 264 65.32 6.87 -45.65
CA ASN A 264 66.32 6.02 -46.28
C ASN A 264 65.83 4.58 -46.32
N PRO A 265 65.58 4.01 -47.50
CA PRO A 265 65.04 2.65 -47.55
C PRO A 265 65.98 1.59 -47.00
N ASP A 266 67.28 1.85 -47.00
CA ASP A 266 68.25 0.86 -46.54
C ASP A 266 68.11 0.58 -45.05
N LYS A 267 67.80 1.61 -44.26
CA LYS A 267 67.77 1.48 -42.80
C LYS A 267 66.38 1.60 -42.19
N PHE A 268 65.36 1.93 -42.99
CA PHE A 268 64.04 2.19 -42.43
C PHE A 268 62.96 1.59 -43.31
N GLU A 269 61.87 1.16 -42.66
CA GLU A 269 60.66 0.73 -43.34
C GLU A 269 59.50 1.54 -42.78
N VAL A 270 58.84 2.30 -43.64
CA VAL A 270 57.88 3.32 -43.25
C VAL A 270 56.47 2.79 -43.45
N PHE A 271 55.68 2.79 -42.38
CA PHE A 271 54.28 2.41 -42.40
C PHE A 271 53.46 3.63 -42.02
N CYS A 272 52.35 3.84 -42.73
CA CYS A 272 51.47 4.97 -42.45
C CYS A 272 50.08 4.44 -42.13
N TYR A 273 49.62 4.69 -40.91
CA TYR A 273 48.31 4.24 -40.43
C TYR A 273 47.39 5.46 -40.42
N ALA A 274 46.51 5.52 -41.41
CA ALA A 274 45.54 6.60 -41.51
C ALA A 274 44.29 6.24 -40.70
N LEU A 275 43.92 7.14 -39.81
CA LEU A 275 42.67 7.00 -39.05
C LEU A 275 41.50 7.66 -39.77
N SER A 276 41.72 8.19 -40.97
CA SER A 276 40.73 8.87 -41.77
C SER A 276 40.61 8.23 -43.14
N PRO A 277 39.43 8.24 -43.74
CA PRO A 277 39.28 7.74 -45.11
C PRO A 277 39.94 8.68 -46.10
N ASP A 278 40.20 8.14 -47.29
CA ASP A 278 40.76 8.92 -48.38
C ASP A 278 39.83 10.08 -48.71
N ASP A 279 40.36 11.30 -48.67
CA ASP A 279 39.58 12.49 -49.00
C ASP A 279 39.82 12.97 -50.41
N GLY A 280 40.57 12.22 -51.22
CA GLY A 280 40.72 12.50 -52.63
C GLY A 280 41.74 13.57 -52.97
N THR A 281 42.40 14.17 -51.99
CA THR A 281 43.35 15.24 -52.25
C THR A 281 44.73 14.68 -52.55
N ASN A 282 45.59 15.54 -53.11
CA ASN A 282 46.93 15.13 -53.50
C ASN A 282 47.84 14.84 -52.32
N PHE A 283 47.54 15.39 -51.14
CA PHE A 283 48.35 15.08 -49.96
C PHE A 283 48.24 13.61 -49.60
N ARG A 284 47.01 13.11 -49.51
CA ARG A 284 46.79 11.69 -49.24
C ARG A 284 47.39 10.83 -50.35
N VAL A 285 47.25 11.26 -51.60
CA VAL A 285 47.82 10.52 -52.72
C VAL A 285 49.33 10.40 -52.57
N LYS A 286 49.98 11.51 -52.23
CA LYS A 286 51.43 11.51 -52.07
C LYS A 286 51.87 10.58 -50.95
N VAL A 287 51.20 10.66 -49.80
CA VAL A 287 51.60 9.82 -48.67
C VAL A 287 51.39 8.35 -49.02
N MET A 288 50.28 8.02 -49.68
CA MET A 288 50.05 6.64 -50.11
C MET A 288 51.13 6.17 -51.08
N ALA A 289 51.54 7.03 -52.01
CA ALA A 289 52.45 6.62 -53.07
C ALA A 289 53.91 6.59 -52.64
N GLU A 290 54.28 7.32 -51.58
CA GLU A 290 55.68 7.41 -51.18
C GLU A 290 56.03 6.60 -49.95
N ALA A 291 55.09 6.39 -49.04
CA ALA A 291 55.35 5.51 -47.91
C ALA A 291 55.53 4.08 -48.38
N ASN A 292 56.33 3.32 -47.63
CA ASN A 292 56.56 1.92 -47.99
C ASN A 292 55.29 1.10 -47.87
N HIS A 293 54.46 1.40 -46.88
CA HIS A 293 53.19 0.73 -46.68
C HIS A 293 52.17 1.73 -46.16
N PHE A 294 51.00 1.78 -46.78
CA PHE A 294 49.88 2.58 -46.30
C PHE A 294 48.79 1.64 -45.81
N ILE A 295 48.29 1.90 -44.61
CA ILE A 295 47.30 1.05 -43.96
C ILE A 295 46.12 1.94 -43.57
N ASP A 296 44.95 1.65 -44.11
CA ASP A 296 43.74 2.43 -43.84
C ASP A 296 43.07 1.85 -42.60
N LEU A 297 43.44 2.37 -41.43
CA LEU A 297 42.82 1.93 -40.19
C LEU A 297 41.41 2.46 -40.02
N SER A 298 40.96 3.39 -40.88
CA SER A 298 39.57 3.81 -40.85
C SER A 298 38.63 2.69 -41.26
N GLN A 299 39.14 1.67 -41.96
CA GLN A 299 38.36 0.48 -42.26
C GLN A 299 38.32 -0.52 -41.10
N ILE A 300 39.06 -0.26 -40.03
CA ILE A 300 39.17 -1.18 -38.91
C ILE A 300 38.79 -0.42 -37.63
N PRO A 301 37.50 -0.18 -37.39
CA PRO A 301 37.10 0.61 -36.22
C PRO A 301 37.48 -0.01 -34.88
N CYS A 302 37.49 -1.34 -34.77
CA CYS A 302 37.82 -1.99 -33.51
C CYS A 302 39.29 -1.73 -33.17
N ASN A 303 39.52 -1.05 -32.04
CA ASN A 303 40.88 -0.73 -31.64
C ASN A 303 41.72 -2.00 -31.44
N GLY A 304 41.10 -3.08 -30.97
CA GLY A 304 41.83 -4.32 -30.79
C GLY A 304 42.40 -4.86 -32.10
N LYS A 305 41.57 -4.89 -33.14
CA LYS A 305 42.01 -5.43 -34.42
C LYS A 305 43.02 -4.50 -35.10
N ALA A 306 42.83 -3.19 -34.98
CA ALA A 306 43.80 -2.25 -35.55
C ALA A 306 45.14 -2.33 -34.84
N ALA A 307 45.13 -2.45 -33.51
CA ALA A 307 46.37 -2.68 -32.78
C ALA A 307 47.00 -4.00 -33.18
N ASP A 308 46.17 -5.03 -33.42
CA ASP A 308 46.68 -6.29 -33.94
C ASP A 308 47.40 -6.09 -35.27
N ARG A 309 46.82 -5.29 -36.15
CA ARG A 309 47.46 -5.03 -37.45
C ARG A 309 48.79 -4.31 -37.27
N ILE A 310 48.82 -3.30 -36.40
CA ILE A 310 50.07 -2.58 -36.13
C ILE A 310 51.13 -3.55 -35.62
N HIS A 311 50.75 -4.42 -34.69
CA HIS A 311 51.69 -5.39 -34.14
C HIS A 311 52.16 -6.39 -35.21
N GLN A 312 51.24 -6.88 -36.03
CA GLN A 312 51.61 -7.84 -37.07
C GLN A 312 52.56 -7.25 -38.08
N ASP A 313 52.41 -5.96 -38.40
CA ASP A 313 53.37 -5.32 -39.28
C ASP A 313 54.77 -5.25 -38.68
N GLY A 314 54.89 -5.43 -37.36
CA GLY A 314 56.20 -5.48 -36.73
C GLY A 314 56.82 -4.14 -36.41
N ILE A 315 55.99 -3.15 -36.06
CA ILE A 315 56.49 -1.79 -35.89
C ILE A 315 57.42 -1.72 -34.69
N HIS A 316 58.60 -1.11 -34.88
CA HIS A 316 59.49 -0.84 -33.77
C HIS A 316 59.19 0.48 -33.10
N ILE A 317 58.94 1.54 -33.86
CA ILE A 317 58.62 2.85 -33.30
C ILE A 317 57.27 3.30 -33.87
N LEU A 318 56.31 3.52 -33.00
CA LEU A 318 54.99 4.03 -33.36
C LEU A 318 54.90 5.50 -32.97
N VAL A 319 54.43 6.33 -33.89
CA VAL A 319 54.49 7.78 -33.77
C VAL A 319 53.08 8.33 -33.74
N ASN A 320 52.70 8.95 -32.62
CA ASN A 320 51.41 9.59 -32.43
C ASN A 320 51.49 11.01 -32.94
N MET A 321 50.81 11.29 -34.05
CA MET A 321 50.74 12.64 -34.60
C MET A 321 49.37 13.28 -34.40
N ASN A 322 48.54 12.71 -33.53
CA ASN A 322 47.21 13.24 -33.26
C ASN A 322 47.03 13.76 -31.85
N GLY A 323 47.63 13.12 -30.85
CA GLY A 323 47.52 13.60 -29.49
C GLY A 323 46.08 13.67 -29.03
N TYR A 324 45.76 14.72 -28.27
CA TYR A 324 44.38 14.97 -27.86
C TYR A 324 43.68 15.93 -28.81
N THR A 325 43.75 15.62 -30.10
CA THR A 325 43.06 16.37 -31.14
C THR A 325 41.96 15.49 -31.73
N LYS A 326 41.35 16.00 -32.80
CA LYS A 326 40.19 15.37 -33.41
C LYS A 326 40.63 14.20 -34.28
N GLY A 327 39.80 13.16 -34.31
CA GLY A 327 40.12 11.96 -35.04
C GLY A 327 41.13 11.06 -34.37
N ALA A 328 41.60 11.41 -33.19
CA ALA A 328 42.60 10.61 -32.49
C ALA A 328 42.01 9.26 -32.07
N ARG A 329 42.88 8.25 -32.02
CA ARG A 329 42.54 6.91 -31.57
C ARG A 329 43.61 6.40 -30.62
N ASN A 330 43.93 7.21 -29.60
CA ASN A 330 44.97 6.87 -28.64
C ASN A 330 44.76 5.51 -27.99
N GLU A 331 43.56 4.93 -28.12
CA GLU A 331 43.34 3.56 -27.67
C GLU A 331 44.30 2.59 -28.33
N LEU A 332 44.68 2.84 -29.59
CA LEU A 332 45.67 2.01 -30.26
C LEU A 332 47.00 2.06 -29.53
N PHE A 333 47.40 3.25 -29.09
CA PHE A 333 48.65 3.40 -28.36
C PHE A 333 48.54 2.89 -26.92
N ALA A 334 47.35 2.97 -26.33
CA ALA A 334 47.15 2.40 -25.00
C ALA A 334 47.28 0.89 -24.99
N LEU A 335 47.07 0.24 -26.13
CA LEU A 335 47.27 -1.20 -26.26
C LEU A 335 48.73 -1.58 -26.47
N ARG A 336 49.62 -0.58 -26.61
CA ARG A 336 51.06 -0.74 -26.75
C ARG A 336 51.43 -1.87 -27.71
N PRO A 337 51.16 -1.71 -29.01
CA PRO A 337 51.61 -2.74 -29.98
C PRO A 337 53.04 -2.57 -30.43
N ALA A 338 53.72 -1.49 -30.03
CA ALA A 338 55.08 -1.23 -30.45
C ALA A 338 55.96 -1.01 -29.22
N PRO A 339 57.22 -1.44 -29.29
CA PRO A 339 58.13 -1.25 -28.13
C PRO A 339 58.35 0.20 -27.77
N ILE A 340 58.41 1.09 -28.75
CA ILE A 340 58.65 2.51 -28.53
C ILE A 340 57.48 3.30 -29.12
N GLN A 341 56.93 4.23 -28.36
CA GLN A 341 55.81 5.05 -28.79
C GLN A 341 56.12 6.50 -28.46
N ALA A 342 56.03 7.37 -29.46
CA ALA A 342 56.52 8.74 -29.34
C ALA A 342 55.52 9.73 -29.91
N MET A 343 55.28 10.82 -29.18
CA MET A 343 54.48 11.94 -29.68
C MET A 343 55.35 12.85 -30.52
N TRP A 344 54.90 13.18 -31.73
CA TRP A 344 55.78 13.94 -32.63
C TRP A 344 55.27 15.33 -33.00
N LEU A 345 54.12 15.45 -33.68
CA LEU A 345 53.99 16.73 -34.36
C LEU A 345 52.65 17.43 -34.17
N GLY A 346 51.55 16.68 -34.13
CA GLY A 346 50.23 17.32 -34.21
C GLY A 346 49.74 17.95 -32.93
N TYR A 347 50.20 17.46 -31.78
CA TYR A 347 49.69 17.92 -30.49
C TYR A 347 50.74 18.74 -29.76
N PRO A 348 50.50 20.02 -29.50
CA PRO A 348 51.50 20.86 -28.81
C PRO A 348 51.37 20.79 -27.29
N GLY A 349 51.51 19.58 -26.75
CA GLY A 349 51.43 19.40 -25.31
C GLY A 349 51.76 17.97 -24.96
N THR A 350 51.84 17.72 -23.65
CA THR A 350 52.15 16.39 -23.17
C THR A 350 50.89 15.51 -23.18
N SER A 351 51.11 14.21 -23.35
CA SER A 351 50.02 13.25 -23.29
C SER A 351 49.64 12.88 -21.86
N GLY A 352 50.57 13.03 -20.92
CA GLY A 352 50.30 12.70 -19.53
C GLY A 352 50.08 11.23 -19.29
N ALA A 353 50.29 10.42 -20.33
CA ALA A 353 49.90 9.02 -20.32
C ALA A 353 51.14 8.12 -20.29
N LEU A 354 51.00 6.97 -19.64
CA LEU A 354 52.12 6.07 -19.47
C LEU A 354 52.46 5.34 -20.77
N PHE A 355 51.50 5.15 -21.66
CA PHE A 355 51.78 4.45 -22.90
C PHE A 355 52.54 5.31 -23.91
N MET A 356 52.86 6.55 -23.57
CA MET A 356 53.73 7.40 -24.37
C MET A 356 55.13 7.42 -23.78
N ASP A 357 56.10 6.89 -24.52
CA ASP A 357 57.47 6.84 -24.02
C ASP A 357 58.19 8.17 -24.25
N TYR A 358 58.00 8.78 -25.41
CA TYR A 358 58.77 9.97 -25.79
C TYR A 358 57.84 11.04 -26.35
N ILE A 359 58.32 12.28 -26.27
CA ILE A 359 57.80 13.40 -27.05
C ILE A 359 58.97 13.99 -27.82
N ILE A 360 58.81 14.10 -29.13
CA ILE A 360 59.88 14.63 -29.99
C ILE A 360 59.76 16.14 -29.99
N THR A 361 60.80 16.81 -29.51
CA THR A 361 60.80 18.26 -29.33
C THR A 361 62.22 18.75 -29.55
N ASP A 362 62.50 19.98 -29.11
CA ASP A 362 63.84 20.52 -29.21
C ASP A 362 64.14 21.34 -27.96
N GLN A 363 65.40 21.74 -27.83
CA GLN A 363 65.85 22.45 -26.63
C GLN A 363 65.15 23.80 -26.47
N GLU A 364 64.81 24.46 -27.58
CA GLU A 364 64.16 25.76 -27.48
C GLU A 364 62.71 25.63 -27.02
N THR A 365 61.98 24.65 -27.56
CA THR A 365 60.58 24.50 -27.19
C THR A 365 60.42 23.91 -25.80
N SER A 366 61.27 22.95 -25.43
CA SER A 366 61.17 22.26 -24.15
C SER A 366 62.55 22.08 -23.54
N PRO A 367 63.11 23.14 -22.94
CA PRO A 367 64.36 22.97 -22.20
C PRO A 367 64.17 22.03 -21.02
N ALA A 368 65.26 21.35 -20.65
CA ALA A 368 65.18 20.34 -19.60
C ALA A 368 64.67 20.91 -18.28
N GLU A 369 64.85 22.21 -18.04
CA GLU A 369 64.37 22.83 -16.81
C GLU A 369 62.89 22.54 -16.59
N VAL A 370 62.08 22.64 -17.63
CA VAL A 370 60.65 22.42 -17.54
C VAL A 370 60.27 21.01 -17.98
N ALA A 371 61.21 20.05 -17.90
CA ALA A 371 60.90 18.66 -18.22
C ALA A 371 59.79 18.09 -17.33
N GLU A 372 59.41 18.80 -16.27
CA GLU A 372 58.31 18.39 -15.42
C GLU A 372 56.94 18.66 -16.02
N GLN A 373 56.86 19.47 -17.08
CA GLN A 373 55.58 19.68 -17.75
C GLN A 373 55.13 18.43 -18.50
N TYR A 374 56.06 17.60 -18.93
CA TYR A 374 55.78 16.47 -19.80
C TYR A 374 55.93 15.16 -19.04
N SER A 375 54.96 14.26 -19.24
CA SER A 375 55.07 12.92 -18.66
C SER A 375 56.08 12.07 -19.42
N GLU A 376 56.21 12.29 -20.72
CA GLU A 376 57.13 11.52 -21.54
C GLU A 376 58.57 11.99 -21.34
N LYS A 377 59.51 11.22 -21.86
CA LYS A 377 60.90 11.62 -21.88
C LYS A 377 61.17 12.49 -23.10
N LEU A 378 62.04 13.47 -22.95
CA LEU A 378 62.33 14.41 -24.02
C LEU A 378 63.25 13.78 -25.06
N ALA A 379 62.88 13.92 -26.34
CA ALA A 379 63.70 13.47 -27.46
C ALA A 379 63.96 14.68 -28.35
N TYR A 380 65.18 15.20 -28.30
CA TYR A 380 65.52 16.48 -28.91
C TYR A 380 65.88 16.32 -30.38
N MET A 381 65.32 17.22 -31.23
CA MET A 381 65.82 17.45 -32.58
C MET A 381 66.93 18.48 -32.54
N PRO A 382 67.91 18.40 -33.46
CA PRO A 382 69.09 19.28 -33.35
C PRO A 382 68.77 20.77 -33.36
N HIS A 383 67.86 21.22 -34.23
CA HIS A 383 67.54 22.64 -34.35
C HIS A 383 66.13 22.96 -33.90
N THR A 384 65.13 22.32 -34.50
CA THR A 384 63.75 22.49 -34.10
C THR A 384 62.99 21.24 -34.52
N PHE A 385 61.94 20.92 -33.76
CA PHE A 385 61.10 19.79 -34.11
C PHE A 385 60.06 20.14 -35.17
N PHE A 386 59.92 21.42 -35.50
CA PHE A 386 58.92 21.85 -36.46
C PHE A 386 59.47 21.81 -37.87
N ILE A 387 58.58 21.50 -38.82
CA ILE A 387 58.93 21.35 -40.22
C ILE A 387 57.74 21.78 -41.06
N GLY A 388 58.02 22.28 -42.25
CA GLY A 388 56.96 22.65 -43.17
C GLY A 388 57.34 22.27 -44.59
N ASP A 389 56.32 21.89 -45.37
CA ASP A 389 56.52 21.47 -46.75
C ASP A 389 56.45 22.63 -47.74
N HIS A 390 56.68 23.86 -47.28
CA HIS A 390 56.46 25.04 -48.11
C HIS A 390 57.34 25.02 -49.36
N ALA A 391 58.59 24.56 -49.22
CA ALA A 391 59.49 24.49 -50.37
C ALA A 391 58.96 23.56 -51.45
N ASN A 392 58.13 22.58 -51.09
CA ASN A 392 57.52 21.69 -52.06
C ASN A 392 56.15 22.19 -52.51
N MET A 393 55.33 22.71 -51.59
CA MET A 393 53.98 23.13 -51.93
C MET A 393 53.98 24.48 -52.66
N PHE A 394 54.83 25.42 -52.25
CA PHE A 394 54.81 26.78 -52.80
C PHE A 394 56.21 27.20 -53.26
N PRO A 395 56.75 26.53 -54.28
CA PRO A 395 58.03 27.00 -54.84
C PRO A 395 57.93 28.31 -55.59
N HIS A 396 56.73 28.73 -55.99
CA HIS A 396 56.55 29.97 -56.72
C HIS A 396 56.77 31.20 -55.84
N LEU A 397 56.86 31.03 -54.52
CA LEU A 397 57.15 32.12 -53.60
C LEU A 397 58.61 32.17 -53.21
N LYS A 398 59.47 31.39 -53.87
CA LYS A 398 60.90 31.46 -53.60
C LYS A 398 61.52 32.73 -54.16
N LYS A 399 60.94 33.28 -55.23
CA LYS A 399 61.38 34.54 -55.81
C LYS A 399 60.16 35.41 -56.10
N LYS A 400 60.38 36.72 -56.11
CA LYS A 400 59.29 37.66 -56.33
C LYS A 400 59.77 38.82 -57.19
N ALA A 401 58.81 39.64 -57.62
CA ALA A 401 59.07 40.89 -58.31
C ALA A 401 57.97 41.88 -57.93
N VAL A 402 58.25 43.17 -58.10
CA VAL A 402 57.32 44.22 -57.70
C VAL A 402 57.18 45.23 -58.83
N ILE A 403 56.11 46.01 -58.74
CA ILE A 403 55.82 47.11 -59.66
C ILE A 403 55.92 48.41 -58.88
N ASP A 404 56.69 49.37 -59.40
CA ASP A 404 56.85 50.67 -58.76
C ASP A 404 55.69 51.57 -59.18
N PHE A 405 54.53 51.30 -58.58
CA PHE A 405 53.33 52.10 -58.84
C PHE A 405 53.56 53.57 -58.50
N LYS A 406 54.09 53.83 -57.31
CA LYS A 406 54.36 55.20 -56.85
C LYS A 406 55.55 55.71 -57.64
N SER A 407 55.26 56.47 -58.72
CA SER A 407 56.24 56.80 -59.75
C SER A 407 57.61 57.15 -59.17
N ASN A 408 57.67 58.18 -58.33
CA ASN A 408 58.87 58.50 -57.57
C ASN A 408 58.68 58.00 -56.14
N GLY A 409 58.80 56.69 -55.97
CA GLY A 409 58.73 56.10 -54.65
C GLY A 409 59.86 55.13 -54.42
N HIS A 410 60.66 55.37 -53.37
CA HIS A 410 61.68 54.42 -52.96
C HIS A 410 61.11 53.02 -52.98
N ILE A 411 61.91 52.05 -53.44
CA ILE A 411 61.35 50.78 -53.86
C ILE A 411 60.66 50.09 -52.69
N TYR A 412 59.40 49.70 -52.90
CA TYR A 412 58.60 48.99 -51.92
C TYR A 412 58.55 47.52 -52.30
N ASP A 413 58.76 46.63 -51.33
CA ASP A 413 58.79 45.20 -51.61
C ASP A 413 57.47 44.50 -51.34
N ASN A 414 56.45 45.22 -50.85
CA ASN A 414 55.24 44.52 -50.39
C ASN A 414 53.95 45.28 -50.70
N ARG A 415 53.89 46.01 -51.82
CA ARG A 415 52.66 46.68 -52.21
C ARG A 415 52.00 46.06 -53.44
N ILE A 416 52.75 45.95 -54.54
CA ILE A 416 52.34 45.17 -55.69
C ILE A 416 53.43 44.14 -55.93
N VAL A 417 53.10 42.86 -55.72
CA VAL A 417 54.07 41.77 -55.77
C VAL A 417 53.63 40.78 -56.84
N LEU A 418 54.61 40.19 -57.52
CA LEU A 418 54.37 39.15 -58.50
C LEU A 418 55.13 37.90 -58.10
N ASN A 419 54.50 36.75 -58.27
CA ASN A 419 55.16 35.46 -58.06
C ASN A 419 54.84 34.57 -59.25
N GLY A 420 55.71 33.59 -59.48
CA GLY A 420 55.48 32.70 -60.59
C GLY A 420 56.69 31.88 -61.00
N ILE A 421 56.44 30.64 -61.41
CA ILE A 421 57.51 29.77 -61.86
C ILE A 421 58.12 30.32 -63.15
N ASP A 422 57.31 30.94 -64.00
CA ASP A 422 57.78 31.52 -65.26
C ASP A 422 58.02 33.03 -65.15
N LEU A 423 58.22 33.55 -63.94
CA LEU A 423 58.37 34.99 -63.77
C LEU A 423 59.62 35.50 -64.49
N LYS A 424 60.72 34.74 -64.45
CA LYS A 424 61.96 35.19 -65.06
C LYS A 424 61.82 35.36 -66.57
N ALA A 425 61.17 34.40 -67.24
CA ALA A 425 60.95 34.52 -68.68
C ALA A 425 60.07 35.72 -68.99
N PHE A 426 59.03 35.94 -68.18
CA PHE A 426 58.15 37.09 -68.36
C PHE A 426 58.93 38.40 -68.25
N LEU A 427 59.80 38.50 -67.25
CA LEU A 427 60.60 39.71 -67.09
C LEU A 427 61.60 39.88 -68.22
N ASP A 428 62.18 38.76 -68.69
CA ASP A 428 63.08 38.83 -69.83
C ASP A 428 62.36 39.28 -71.10
N SER A 429 61.03 39.10 -71.15
CA SER A 429 60.27 39.71 -72.25
C SER A 429 60.01 41.19 -72.02
N LEU A 430 60.29 41.73 -70.78
CA LEU A 430 60.02 43.13 -70.52
C LEU A 430 61.22 44.00 -70.85
N PRO A 431 60.99 45.25 -71.29
CA PRO A 431 62.09 46.09 -71.78
C PRO A 431 63.09 46.52 -70.72
N ASP A 432 62.64 47.13 -69.63
CA ASP A 432 63.51 47.92 -68.75
C ASP A 432 63.33 47.53 -67.28
N VAL A 433 63.38 46.23 -66.99
CA VAL A 433 63.28 45.79 -65.60
C VAL A 433 64.52 46.25 -64.83
N LYS A 434 64.29 46.82 -63.65
CA LYS A 434 65.38 47.26 -62.78
C LYS A 434 65.61 46.23 -61.69
N ILE A 435 66.86 45.94 -61.37
CA ILE A 435 67.18 44.82 -60.49
C ILE A 435 67.80 45.37 -59.22
N VAL A 436 67.06 45.34 -58.11
CA VAL A 436 67.53 45.84 -56.83
C VAL A 436 68.22 44.70 -56.09
N LYS A 437 69.49 44.89 -55.76
CA LYS A 437 70.24 43.88 -55.04
C LYS A 437 69.94 43.97 -53.55
N MET A 438 69.70 42.81 -52.93
CA MET A 438 69.46 42.70 -51.50
C MET A 438 70.67 42.05 -50.85
N LYS A 439 71.27 42.73 -49.88
CA LYS A 439 72.49 42.24 -49.26
C LYS A 439 72.23 41.66 -47.87
N ALA A 453 73.54 37.25 -54.75
CA ALA A 453 72.92 36.25 -55.62
C ALA A 453 71.40 36.32 -55.53
N LEU A 454 70.90 37.10 -54.59
CA LEU A 454 69.48 37.32 -54.41
C LEU A 454 69.13 38.77 -54.77
N ASN A 455 68.02 38.95 -55.45
CA ASN A 455 67.66 40.26 -55.96
C ASN A 455 66.16 40.33 -56.17
N MET A 456 65.65 41.56 -56.20
CA MET A 456 64.24 41.82 -56.48
C MET A 456 64.11 42.61 -57.78
N PRO A 457 63.51 42.04 -58.82
CA PRO A 457 63.19 42.85 -60.00
C PRO A 457 62.06 43.83 -59.72
N VAL A 458 62.08 44.94 -60.45
CA VAL A 458 61.13 46.02 -60.32
C VAL A 458 60.70 46.40 -61.73
N ILE A 459 59.39 46.36 -61.97
CA ILE A 459 58.81 46.77 -63.24
C ILE A 459 58.46 48.26 -63.14
N PRO A 460 59.03 49.13 -63.96
CA PRO A 460 58.65 50.53 -63.93
C PRO A 460 57.24 50.73 -64.46
N MET A 461 56.69 51.91 -64.20
CA MET A 461 55.31 52.18 -64.60
C MET A 461 55.21 52.36 -66.12
N ASN A 462 55.07 51.24 -66.81
CA ASN A 462 54.90 51.17 -68.25
C ASN A 462 53.44 50.91 -68.55
N THR A 463 53.09 50.82 -69.85
CA THR A 463 51.77 50.34 -70.22
C THR A 463 51.53 48.93 -69.69
N ILE A 464 52.60 48.15 -69.52
CA ILE A 464 52.47 46.80 -68.97
C ILE A 464 52.04 46.84 -67.51
N ALA A 465 52.71 47.68 -66.71
CA ALA A 465 52.32 47.84 -65.32
C ALA A 465 50.92 48.41 -65.22
N GLU A 466 50.56 49.32 -66.13
CA GLU A 466 49.21 49.86 -66.17
C GLU A 466 48.19 48.77 -66.46
N ALA A 467 48.51 47.85 -67.38
CA ALA A 467 47.60 46.75 -67.66
C ALA A 467 47.43 45.83 -66.46
N VAL A 468 48.53 45.54 -65.76
CA VAL A 468 48.45 44.70 -64.56
C VAL A 468 47.58 45.37 -63.49
N ILE A 469 47.82 46.66 -63.27
CA ILE A 469 47.06 47.40 -62.26
C ILE A 469 45.59 47.50 -62.68
N GLU A 470 45.31 47.63 -63.98
CA GLU A 470 43.94 47.63 -64.45
C GLU A 470 43.26 46.28 -64.18
N MET A 471 43.98 45.19 -64.41
CA MET A 471 43.43 43.87 -64.08
C MET A 471 43.10 43.78 -62.60
N ILE A 472 44.00 44.29 -61.74
CA ILE A 472 43.75 44.23 -60.31
C ILE A 472 42.55 45.09 -59.93
N ASN A 473 42.53 46.34 -60.41
CA ASN A 473 41.51 47.29 -59.96
C ASN A 473 40.12 46.94 -60.50
N ARG A 474 40.04 46.55 -61.76
CA ARG A 474 38.75 46.18 -62.34
C ARG A 474 38.22 44.86 -61.80
N GLY A 475 39.01 44.13 -61.03
CA GLY A 475 38.59 42.85 -60.50
C GLY A 475 38.45 41.79 -61.57
N GLN A 476 39.36 41.76 -62.54
CA GLN A 476 39.36 40.74 -63.57
C GLN A 476 40.15 39.53 -63.11
N ILE A 477 39.76 38.36 -63.62
CA ILE A 477 40.36 37.11 -63.18
C ILE A 477 41.80 36.98 -63.70
N GLN A 478 41.99 37.23 -64.99
CA GLN A 478 43.29 36.97 -65.60
C GLN A 478 43.44 37.82 -66.86
N ILE A 479 44.70 38.00 -67.26
CA ILE A 479 45.05 38.67 -68.50
C ILE A 479 46.23 37.94 -69.13
N THR A 480 46.56 38.33 -70.36
CA THR A 480 47.69 37.80 -71.09
C THR A 480 48.62 38.94 -71.49
N ILE A 481 49.90 38.82 -71.17
CA ILE A 481 50.90 39.81 -71.57
C ILE A 481 52.07 39.06 -72.20
N ASN A 482 52.34 39.36 -73.48
CA ASN A 482 53.44 38.74 -74.23
C ASN A 482 53.31 37.22 -74.26
N GLY A 483 52.08 36.71 -74.24
CA GLY A 483 51.83 35.29 -74.23
C GLY A 483 51.90 34.65 -72.86
N PHE A 484 52.29 35.40 -71.83
CA PHE A 484 52.32 34.91 -70.46
C PHE A 484 50.99 35.13 -69.79
N SER A 485 50.61 34.19 -68.92
CA SER A 485 49.33 34.24 -68.22
C SER A 485 49.52 34.91 -66.87
N ILE A 486 48.81 36.02 -66.66
CA ILE A 486 48.87 36.79 -65.43
C ILE A 486 47.53 36.64 -64.72
N SER A 487 47.57 36.25 -63.45
CA SER A 487 46.39 35.89 -62.69
C SER A 487 46.20 36.85 -61.52
N ASN A 488 44.94 37.14 -61.22
CA ASN A 488 44.59 37.90 -60.03
C ASN A 488 44.75 37.01 -58.81
N GLY A 489 45.44 37.53 -57.78
CA GLY A 489 45.69 36.72 -56.59
C GLY A 489 44.43 36.27 -55.90
N LEU A 490 43.34 37.00 -56.09
CA LEU A 490 42.06 36.67 -55.47
C LEU A 490 41.26 35.64 -56.26
N ALA A 491 41.74 35.23 -57.44
CA ALA A 491 40.97 34.39 -58.35
C ALA A 491 41.56 32.99 -58.52
N THR A 492 42.45 32.57 -57.61
CA THR A 492 43.15 31.30 -57.80
C THR A 492 42.18 30.14 -57.89
N THR A 493 41.18 30.08 -57.00
CA THR A 493 40.20 29.00 -57.04
C THR A 493 39.46 28.95 -58.36
N GLN A 494 39.31 30.09 -59.03
CA GLN A 494 38.63 30.12 -60.31
C GLN A 494 39.51 29.72 -61.47
N ILE A 495 40.82 29.64 -61.27
CA ILE A 495 41.75 29.28 -62.33
C ILE A 495 42.24 27.84 -62.18
N ASN A 496 42.66 27.46 -60.97
CA ASN A 496 43.08 26.09 -60.69
C ASN A 496 42.87 25.84 -59.19
N ASN A 497 41.79 25.15 -58.85
CA ASN A 497 41.47 24.90 -57.45
C ASN A 497 42.58 24.13 -56.75
N LYS A 498 43.16 23.15 -57.45
CA LYS A 498 44.26 22.38 -56.88
C LYS A 498 45.44 23.28 -56.53
N ALA A 499 45.69 24.30 -57.36
CA ALA A 499 46.74 25.26 -57.05
C ALA A 499 46.39 26.08 -55.81
N ALA A 500 45.12 26.43 -55.65
CA ALA A 500 44.70 27.24 -54.50
C ALA A 500 44.82 26.47 -53.20
N THR A 501 44.50 25.18 -53.22
CA THR A 501 44.60 24.39 -51.99
C THR A 501 46.03 24.06 -51.61
N GLY A 502 46.99 24.26 -52.51
CA GLY A 502 48.34 23.78 -52.32
C GLY A 502 48.58 22.37 -52.83
N GLU A 503 47.58 21.75 -53.44
CA GLU A 503 47.77 20.42 -54.01
C GLU A 503 48.61 20.46 -55.28
N GLU A 504 48.62 21.60 -55.97
CA GLU A 504 49.42 21.79 -57.17
C GLU A 504 50.14 23.12 -57.10
N VAL A 505 51.28 23.18 -57.79
CA VAL A 505 51.99 24.45 -57.95
C VAL A 505 51.30 25.26 -59.04
N PRO A 506 51.04 26.55 -58.82
CA PRO A 506 50.37 27.35 -59.87
C PRO A 506 51.20 27.41 -61.13
N ARG A 507 50.52 27.37 -62.28
CA ARG A 507 51.17 27.40 -63.57
C ARG A 507 51.01 28.75 -64.27
N THR A 508 50.54 29.78 -63.54
CA THR A 508 50.44 31.14 -64.03
C THR A 508 51.21 32.07 -63.09
N ILE A 509 51.39 33.32 -63.52
CA ILE A 509 52.08 34.32 -62.72
C ILE A 509 51.03 35.11 -61.94
N ILE A 510 51.11 35.05 -60.61
CA ILE A 510 50.08 35.57 -59.73
C ILE A 510 50.48 36.95 -59.23
N VAL A 511 49.52 37.89 -59.24
CA VAL A 511 49.71 39.26 -58.77
C VAL A 511 48.98 39.42 -57.45
N THR A 512 49.68 39.97 -56.45
CA THR A 512 49.11 40.23 -55.13
C THR A 512 49.35 41.68 -54.77
N THR A 513 48.28 42.40 -54.42
CA THR A 513 48.40 43.82 -54.10
C THR A 513 47.80 44.09 -52.73
N ARG A 514 48.33 45.14 -52.08
CA ARG A 514 47.74 45.62 -50.84
C ARG A 514 46.32 46.14 -51.08
N SER A 515 46.07 46.71 -52.26
CA SER A 515 44.73 47.22 -52.58
C SER A 515 43.68 46.11 -52.53
N GLN A 516 44.09 44.86 -52.75
CA GLN A 516 43.16 43.75 -52.68
C GLN A 516 42.64 43.54 -51.25
N TYR A 517 43.41 43.94 -50.24
CA TYR A 517 43.04 43.68 -48.85
C TYR A 517 42.90 44.95 -48.03
N GLY A 518 42.86 46.12 -48.68
CA GLY A 518 42.68 47.36 -47.95
C GLY A 518 43.86 47.75 -47.08
N LEU A 519 45.05 47.34 -47.45
CA LEU A 519 46.15 47.73 -46.59
C LEU A 519 46.70 49.09 -47.01
N PRO A 520 47.19 49.87 -46.04
CA PRO A 520 47.71 51.21 -46.37
C PRO A 520 48.86 51.13 -47.35
N GLU A 521 48.74 51.91 -48.43
CA GLU A 521 49.77 52.00 -49.44
C GLU A 521 51.07 52.60 -48.91
N ASP A 522 51.00 53.34 -47.79
CA ASP A 522 52.13 54.13 -47.31
C ASP A 522 52.48 53.87 -45.85
N ALA A 523 52.07 52.74 -45.28
CA ALA A 523 52.22 52.52 -43.85
C ALA A 523 52.73 51.12 -43.56
N ILE A 524 53.15 50.93 -42.30
CA ILE A 524 53.68 49.66 -41.83
C ILE A 524 52.52 48.73 -41.48
N VAL A 525 52.59 47.49 -41.97
CA VAL A 525 51.53 46.51 -41.78
C VAL A 525 52.03 45.43 -40.84
N TYR A 526 51.44 45.35 -39.65
CA TYR A 526 51.66 44.25 -38.73
C TYR A 526 50.56 43.21 -38.94
N CYS A 527 50.93 41.94 -39.03
CA CYS A 527 49.99 40.89 -39.39
C CYS A 527 49.99 39.78 -38.35
N ASN A 528 48.83 39.13 -38.21
CA ASN A 528 48.70 37.91 -37.43
C ASN A 528 47.56 37.11 -38.03
N PHE A 529 47.89 36.00 -38.68
CA PHE A 529 46.91 35.16 -39.37
C PHE A 529 46.48 33.96 -38.54
N ASN A 530 46.71 34.00 -37.22
CA ASN A 530 46.30 32.91 -36.36
C ASN A 530 44.81 33.00 -36.05
N GLN A 531 44.25 31.86 -35.62
CA GLN A 531 42.88 31.87 -35.13
C GLN A 531 42.78 32.78 -33.92
N LEU A 532 41.69 33.54 -33.86
CA LEU A 532 41.58 34.62 -32.87
C LEU A 532 41.64 34.12 -31.44
N TYR A 533 41.38 32.82 -31.20
CA TYR A 533 41.40 32.29 -29.84
C TYR A 533 42.78 32.42 -29.19
N LYS A 534 43.84 32.55 -29.97
CA LYS A 534 45.18 32.68 -29.41
C LYS A 534 45.45 34.07 -28.85
N ILE A 535 44.52 35.01 -29.02
CA ILE A 535 44.68 36.38 -28.53
C ILE A 535 44.00 36.50 -27.17
N ASP A 536 44.70 37.14 -26.23
CA ASP A 536 44.19 37.47 -24.91
C ASP A 536 44.36 38.97 -24.69
N PRO A 537 43.70 39.53 -23.68
CA PRO A 537 43.79 40.99 -23.49
C PRO A 537 45.20 41.52 -23.35
N SER A 538 46.12 40.76 -22.74
CA SER A 538 47.50 41.21 -22.64
C SER A 538 48.15 41.34 -24.01
N THR A 539 47.90 40.38 -24.90
CA THR A 539 48.46 40.43 -26.25
C THR A 539 47.93 41.64 -27.01
N LEU A 540 46.63 41.88 -26.93
CA LEU A 540 46.06 43.06 -27.59
C LEU A 540 46.60 44.34 -26.99
N GLN A 541 46.90 44.35 -25.68
CA GLN A 541 47.50 45.52 -25.06
C GLN A 541 48.88 45.80 -25.63
N MET A 542 49.70 44.75 -25.77
CA MET A 542 51.02 44.94 -26.36
C MET A 542 50.91 45.43 -27.79
N TRP A 543 50.00 44.85 -28.56
CA TRP A 543 49.81 45.29 -29.95
C TRP A 543 49.35 46.74 -30.01
N ALA A 544 48.47 47.14 -29.09
CA ALA A 544 48.02 48.53 -29.03
C ALA A 544 49.18 49.48 -28.73
N ASN A 545 50.06 49.08 -27.81
CA ASN A 545 51.22 49.91 -27.52
C ASN A 545 52.10 50.06 -28.76
N ILE A 546 52.34 48.95 -29.46
CA ILE A 546 53.16 48.99 -30.67
C ILE A 546 52.52 49.89 -31.73
N LEU A 547 51.21 49.77 -31.91
CA LEU A 547 50.51 50.58 -32.89
C LEU A 547 50.58 52.07 -32.53
N LYS A 548 50.49 52.38 -31.24
CA LYS A 548 50.60 53.78 -30.82
C LYS A 548 52.00 54.32 -31.09
N ARG A 549 53.03 53.49 -30.88
CA ARG A 549 54.40 53.98 -31.05
C ARG A 549 54.85 54.05 -32.49
N VAL A 550 54.09 53.52 -33.44
CA VAL A 550 54.44 53.57 -34.86
C VAL A 550 53.34 54.31 -35.60
N PRO A 551 53.63 55.44 -36.25
CA PRO A 551 52.57 56.21 -36.90
C PRO A 551 52.11 55.56 -38.21
N ASN A 552 50.80 55.66 -38.45
CA ASN A 552 50.15 55.17 -39.66
C ASN A 552 50.10 53.65 -39.69
N SER A 553 50.81 52.99 -38.77
CA SER A 553 50.89 51.54 -38.79
C SER A 553 49.54 50.92 -38.47
N VAL A 554 49.26 49.78 -39.11
CA VAL A 554 48.00 49.08 -38.93
C VAL A 554 48.29 47.62 -38.59
N LEU A 555 47.30 46.97 -37.99
CA LEU A 555 47.37 45.56 -37.64
C LEU A 555 46.42 44.77 -38.53
N TRP A 556 46.91 43.69 -39.11
CA TRP A 556 46.18 42.91 -40.11
C TRP A 556 45.77 41.58 -39.49
N LEU A 557 44.46 41.40 -39.29
CA LEU A 557 43.91 40.19 -38.68
C LEU A 557 42.94 39.51 -39.63
N LEU A 558 42.52 38.31 -39.25
CA LEU A 558 41.62 37.49 -40.05
C LEU A 558 40.29 37.29 -39.34
N ARG A 559 39.22 37.20 -40.14
CA ARG A 559 37.90 36.87 -39.63
C ARG A 559 37.89 35.37 -39.30
N PHE A 560 38.45 35.05 -38.13
CA PHE A 560 38.81 33.67 -37.78
C PHE A 560 38.38 33.36 -36.36
N PRO A 561 37.06 33.32 -36.08
CA PRO A 561 35.90 33.54 -36.97
C PRO A 561 35.50 35.01 -37.08
N ALA A 562 34.61 35.33 -38.02
CA ALA A 562 34.22 36.72 -38.25
C ALA A 562 33.51 37.33 -37.06
N VAL A 563 32.78 36.51 -36.29
CA VAL A 563 32.08 37.03 -35.12
C VAL A 563 33.06 37.52 -34.06
N GLY A 564 34.31 37.06 -34.11
CA GLY A 564 35.33 37.61 -33.22
C GLY A 564 35.77 39.01 -33.59
N GLU A 565 35.57 39.40 -34.84
CA GLU A 565 36.04 40.70 -35.30
C GLU A 565 35.45 41.88 -34.53
N PRO A 566 34.13 42.00 -34.34
CA PRO A 566 33.63 43.16 -33.59
C PRO A 566 34.22 43.25 -32.19
N ASN A 567 34.25 42.13 -31.47
CA ASN A 567 34.82 42.09 -30.12
C ASN A 567 36.17 42.77 -30.09
N ILE A 568 37.13 42.24 -30.86
CA ILE A 568 38.46 42.85 -30.96
C ILE A 568 38.34 44.35 -31.14
N GLN A 569 37.60 44.77 -32.17
CA GLN A 569 37.50 46.19 -32.47
C GLN A 569 36.99 46.96 -31.27
N GLN A 570 35.92 46.46 -30.64
CA GLN A 570 35.39 47.11 -29.44
C GLN A 570 36.50 47.30 -28.42
N TYR A 571 37.21 46.22 -28.09
CA TYR A 571 38.29 46.34 -27.12
C TYR A 571 39.35 47.31 -27.63
N ALA A 572 39.69 47.21 -28.92
CA ALA A 572 40.69 48.10 -29.48
C ALA A 572 40.26 49.55 -29.39
N GLN A 573 38.95 49.83 -29.42
CA GLN A 573 38.50 51.20 -29.29
C GLN A 573 38.64 51.71 -27.86
N ASN A 574 38.50 50.83 -26.87
CA ASN A 574 38.65 51.24 -25.48
C ASN A 574 40.10 51.62 -25.18
N MET A 575 41.05 51.08 -25.93
CA MET A 575 42.46 51.34 -25.74
C MET A 575 42.96 52.53 -26.57
N GLY A 576 42.08 53.17 -27.34
CA GLY A 576 42.44 54.36 -28.08
C GLY A 576 42.76 54.18 -29.54
N LEU A 577 42.44 53.02 -30.12
CA LEU A 577 42.72 52.78 -31.54
C LEU A 577 41.46 52.97 -32.35
N PRO A 578 41.47 53.83 -33.36
CA PRO A 578 40.31 53.94 -34.26
C PRO A 578 40.09 52.65 -35.02
N GLN A 579 38.87 52.50 -35.57
CA GLN A 579 38.52 51.30 -36.30
C GLN A 579 39.39 51.10 -37.55
N ASN A 580 40.04 52.16 -38.04
CA ASN A 580 40.88 52.06 -39.22
C ASN A 580 42.29 51.57 -38.91
N ARG A 581 42.65 51.39 -37.64
CA ARG A 581 43.96 50.90 -37.29
C ARG A 581 44.07 49.38 -37.29
N ILE A 582 42.95 48.67 -37.40
CA ILE A 582 42.94 47.22 -37.53
C ILE A 582 42.15 46.85 -38.78
N ILE A 583 42.80 46.16 -39.71
CA ILE A 583 42.20 45.73 -40.96
C ILE A 583 41.97 44.22 -40.87
N PHE A 584 40.73 43.81 -41.07
CA PHE A 584 40.37 42.39 -41.06
C PHE A 584 40.18 41.89 -42.49
N SER A 585 40.60 40.67 -42.74
CA SER A 585 40.40 40.01 -44.03
C SER A 585 39.79 38.64 -43.81
N PRO A 586 39.02 38.14 -44.78
CA PRO A 586 38.48 36.78 -44.66
C PRO A 586 39.57 35.74 -44.85
N VAL A 587 39.30 34.55 -44.31
CA VAL A 587 40.25 33.44 -44.47
C VAL A 587 40.27 33.03 -45.94
N ALA A 588 41.48 32.93 -46.50
CA ALA A 588 41.68 32.64 -47.90
C ALA A 588 42.11 31.19 -48.09
N PRO A 589 42.04 30.67 -49.32
CA PRO A 589 42.66 29.36 -49.59
C PRO A 589 44.13 29.33 -49.18
N LYS A 590 44.68 28.13 -49.01
CA LYS A 590 46.01 27.99 -48.42
C LYS A 590 47.07 28.76 -49.22
N GLU A 591 47.04 28.60 -50.55
CA GLU A 591 48.05 29.26 -51.38
C GLU A 591 47.96 30.77 -51.26
N GLU A 592 46.75 31.31 -51.34
CA GLU A 592 46.57 32.76 -51.24
C GLU A 592 46.96 33.25 -49.85
N HIS A 593 46.66 32.47 -48.81
CA HIS A 593 47.04 32.84 -47.46
C HIS A 593 48.56 32.95 -47.31
N VAL A 594 49.29 31.95 -47.79
CA VAL A 594 50.73 31.98 -47.68
C VAL A 594 51.31 33.09 -48.56
N ARG A 595 50.72 33.30 -49.75
CA ARG A 595 51.25 34.29 -50.68
C ARG A 595 51.07 35.71 -50.16
N ARG A 596 49.87 36.03 -49.63
CA ARG A 596 49.58 37.40 -49.21
C ARG A 596 50.35 37.82 -47.98
N GLY A 597 51.01 36.89 -47.29
CA GLY A 597 51.90 37.26 -46.21
C GLY A 597 53.08 38.10 -46.67
N GLN A 598 53.37 38.08 -47.98
CA GLN A 598 54.42 38.93 -48.52
C GLN A 598 54.07 40.41 -48.39
N LEU A 599 52.79 40.75 -48.37
CA LEU A 599 52.37 42.15 -48.31
C LEU A 599 52.65 42.80 -46.97
N ALA A 600 52.79 42.02 -45.91
CA ALA A 600 53.02 42.58 -44.58
C ALA A 600 54.49 42.94 -44.40
N ASP A 601 54.74 43.78 -43.39
CA ASP A 601 56.11 44.15 -43.02
C ASP A 601 56.64 43.31 -41.87
N VAL A 602 55.86 43.16 -40.79
CA VAL A 602 56.26 42.41 -39.61
C VAL A 602 55.06 41.62 -39.10
N CYS A 603 55.30 40.38 -38.69
CA CYS A 603 54.29 39.56 -38.04
C CYS A 603 54.50 39.57 -36.53
N LEU A 604 53.41 39.70 -35.79
CA LEU A 604 53.45 39.75 -34.33
C LEU A 604 52.83 38.45 -33.79
N ASP A 605 53.69 37.56 -33.30
CA ASP A 605 53.22 36.27 -32.81
C ASP A 605 52.44 36.42 -31.52
N THR A 606 51.42 35.58 -31.36
CA THR A 606 50.64 35.54 -30.12
C THR A 606 51.47 34.88 -29.03
N PRO A 607 51.69 35.55 -27.89
CA PRO A 607 52.47 34.91 -26.82
C PRO A 607 51.74 33.79 -26.09
N LEU A 608 50.41 33.91 -25.92
CA LEU A 608 49.67 32.92 -25.15
C LEU A 608 49.77 31.55 -25.80
N CYS A 609 49.56 31.49 -27.11
CA CYS A 609 49.75 30.27 -27.89
C CYS A 609 50.31 30.68 -29.24
N ASN A 610 51.58 30.32 -29.48
CA ASN A 610 52.25 30.78 -30.69
C ASN A 610 51.58 30.23 -31.94
N GLY A 611 51.77 30.94 -33.04
CA GLY A 611 51.39 30.41 -34.33
C GLY A 611 52.38 29.33 -34.74
N HIS A 612 51.90 28.11 -34.97
CA HIS A 612 52.83 27.03 -35.26
C HIS A 612 52.93 26.74 -36.75
N THR A 613 51.83 26.35 -37.37
CA THR A 613 51.81 26.29 -38.84
C THR A 613 51.80 27.70 -39.42
N THR A 614 51.06 28.60 -38.77
CA THR A 614 51.02 29.99 -39.19
C THR A 614 52.42 30.62 -39.15
N GLY A 615 53.23 30.24 -38.15
CA GLY A 615 54.59 30.73 -38.10
C GLY A 615 55.41 30.29 -39.29
N MET A 616 55.30 29.01 -39.67
CA MET A 616 55.96 28.52 -40.87
C MET A 616 55.48 29.29 -42.09
N ASP A 617 54.17 29.53 -42.17
CA ASP A 617 53.61 30.25 -43.32
C ASP A 617 54.18 31.66 -43.43
N VAL A 618 54.20 32.40 -42.32
CA VAL A 618 54.67 33.78 -42.39
C VAL A 618 56.17 33.82 -42.66
N LEU A 619 56.94 32.91 -42.07
CA LEU A 619 58.37 32.90 -42.33
C LEU A 619 58.68 32.54 -43.77
N TRP A 620 57.87 31.66 -44.38
CA TRP A 620 58.08 31.35 -45.79
C TRP A 620 57.84 32.56 -46.69
N ALA A 621 56.97 33.47 -46.27
CA ALA A 621 56.73 34.69 -47.02
C ALA A 621 57.89 35.67 -46.93
N GLY A 622 58.87 35.41 -46.06
CA GLY A 622 59.96 36.34 -45.86
C GLY A 622 59.62 37.46 -44.90
N THR A 623 58.57 37.32 -44.10
CA THR A 623 58.14 38.36 -43.19
C THR A 623 58.71 38.09 -41.80
N PRO A 624 59.50 38.99 -41.24
CA PRO A 624 60.03 38.78 -39.89
C PRO A 624 58.91 38.68 -38.87
N MET A 625 59.07 37.76 -37.92
CA MET A 625 58.06 37.47 -36.91
C MET A 625 58.64 37.74 -35.53
N VAL A 626 57.93 38.51 -34.73
CA VAL A 626 58.33 38.82 -33.37
C VAL A 626 57.56 37.90 -32.41
N THR A 627 58.30 37.22 -31.54
CA THR A 627 57.71 36.30 -30.59
C THR A 627 58.23 36.59 -29.18
N MET A 628 57.43 36.22 -28.19
CA MET A 628 57.84 36.22 -26.80
C MET A 628 57.57 34.83 -26.24
N PRO A 629 58.59 33.98 -26.12
CA PRO A 629 58.35 32.61 -25.67
C PRO A 629 57.91 32.57 -24.21
N GLY A 630 56.94 31.71 -23.94
CA GLY A 630 56.40 31.52 -22.60
C GLY A 630 56.99 30.30 -21.92
N GLU A 631 56.14 29.58 -21.20
CA GLU A 631 56.54 28.36 -20.51
C GLU A 631 55.97 27.10 -21.13
N THR A 632 54.72 27.12 -21.58
CA THR A 632 54.13 25.97 -22.23
C THR A 632 54.77 25.75 -23.60
N LEU A 633 54.73 24.50 -24.07
CA LEU A 633 55.28 24.16 -25.38
C LEU A 633 54.69 25.05 -26.47
N ALA A 634 53.36 25.22 -26.45
CA ALA A 634 52.69 25.98 -27.49
C ALA A 634 53.11 27.44 -27.52
N SER A 635 53.62 27.96 -26.40
CA SER A 635 54.02 29.36 -26.30
C SER A 635 55.48 29.59 -26.66
N ARG A 636 56.20 28.56 -27.08
CA ARG A 636 57.62 28.68 -27.41
C ARG A 636 57.96 28.20 -28.81
N VAL A 637 56.99 27.71 -29.58
CA VAL A 637 57.28 27.14 -30.90
C VAL A 637 57.79 28.21 -31.86
N ALA A 638 57.19 29.40 -31.82
CA ALA A 638 57.64 30.48 -32.69
C ALA A 638 59.09 30.85 -32.40
N ALA A 639 59.46 30.88 -31.12
CA ALA A 639 60.85 31.16 -30.76
C ALA A 639 61.79 30.11 -31.33
N SER A 640 61.41 28.83 -31.23
CA SER A 640 62.26 27.77 -31.75
C SER A 640 62.41 27.87 -33.27
N GLN A 641 61.32 28.18 -33.97
CA GLN A 641 61.40 28.39 -35.40
C GLN A 641 62.35 29.54 -35.73
N LEU A 642 62.29 30.62 -34.95
CA LEU A 642 63.16 31.76 -35.22
C LEU A 642 64.63 31.45 -34.93
N THR A 643 64.90 30.66 -33.89
CA THR A 643 66.29 30.25 -33.64
C THR A 643 66.81 29.37 -34.77
N CYS A 644 66.01 28.39 -35.20
CA CYS A 644 66.43 27.56 -36.32
C CYS A 644 66.61 28.38 -37.58
N LEU A 645 65.83 29.45 -37.74
CA LEU A 645 66.00 30.34 -38.87
C LEU A 645 67.31 31.12 -38.77
N GLY A 646 67.71 31.49 -37.56
CA GLY A 646 68.87 32.33 -37.37
C GLY A 646 68.50 33.80 -37.28
N CYS A 647 67.48 34.11 -36.48
CA CYS A 647 66.95 35.45 -36.33
C CYS A 647 66.72 35.76 -34.85
N LEU A 648 67.75 35.54 -34.03
CA LEU A 648 67.61 35.67 -32.58
C LEU A 648 67.16 37.06 -32.14
N GLU A 649 67.36 38.07 -32.98
CA GLU A 649 66.93 39.43 -32.62
C GLU A 649 65.42 39.60 -32.64
N LEU A 650 64.67 38.61 -33.12
CA LEU A 650 63.21 38.69 -33.18
C LEU A 650 62.53 38.01 -32.00
N ILE A 651 63.30 37.52 -31.03
CA ILE A 651 62.78 36.83 -29.85
C ILE A 651 62.89 37.79 -28.67
N ALA A 652 61.81 37.91 -27.90
CA ALA A 652 61.72 38.87 -26.80
C ALA A 652 61.67 38.15 -25.46
N LYS A 653 62.42 38.68 -24.49
CA LYS A 653 62.45 38.10 -23.16
C LYS A 653 61.34 38.63 -22.26
N ASN A 654 60.62 39.67 -22.67
CA ASN A 654 59.52 40.20 -21.89
C ASN A 654 58.61 41.01 -22.82
N ARG A 655 57.49 41.49 -22.26
CA ARG A 655 56.54 42.26 -23.04
C ARG A 655 57.16 43.54 -23.58
N GLN A 656 57.93 44.24 -22.73
CA GLN A 656 58.53 45.51 -23.14
C GLN A 656 59.53 45.30 -24.27
N GLU A 657 60.34 44.24 -24.19
CA GLU A 657 61.28 43.95 -25.27
C GLU A 657 60.54 43.65 -26.56
N TYR A 658 59.45 42.89 -26.48
CA TYR A 658 58.61 42.61 -27.64
C TYR A 658 58.16 43.91 -28.30
N GLU A 659 57.60 44.82 -27.51
CA GLU A 659 57.11 46.08 -28.06
C GLU A 659 58.25 46.89 -28.66
N ASP A 660 59.41 46.91 -27.99
CA ASP A 660 60.54 47.68 -28.50
C ASP A 660 61.00 47.16 -29.85
N ILE A 661 61.13 45.83 -29.97
CA ILE A 661 61.56 45.24 -31.24
C ILE A 661 60.54 45.54 -32.34
N ALA A 662 59.25 45.42 -32.02
CA ALA A 662 58.24 45.69 -33.03
C ALA A 662 58.28 47.13 -33.52
N VAL A 663 58.35 48.09 -32.59
CA VAL A 663 58.36 49.49 -33.03
C VAL A 663 59.67 49.84 -33.73
N LYS A 664 60.78 49.19 -33.35
CA LYS A 664 62.02 49.44 -34.08
C LYS A 664 61.92 48.94 -35.51
N LEU A 665 61.35 47.75 -35.71
CA LEU A 665 61.13 47.26 -37.06
C LEU A 665 60.20 48.18 -37.83
N GLY A 666 59.21 48.77 -37.15
CA GLY A 666 58.25 49.62 -37.83
C GLY A 666 58.76 51.00 -38.19
N THR A 667 59.67 51.55 -37.38
CA THR A 667 60.11 52.93 -37.58
C THR A 667 61.47 53.07 -38.25
N ASP A 668 62.39 52.14 -38.00
CA ASP A 668 63.72 52.17 -38.62
C ASP A 668 63.62 51.37 -39.92
N LEU A 669 63.30 52.08 -41.01
CA LEU A 669 63.02 51.40 -42.28
C LEU A 669 64.24 50.69 -42.83
N GLU A 670 65.45 51.21 -42.56
CA GLU A 670 66.66 50.52 -42.99
C GLU A 670 66.84 49.22 -42.22
N TYR A 671 66.64 49.25 -40.91
CA TYR A 671 66.67 48.02 -40.12
C TYR A 671 65.57 47.06 -40.58
N LEU A 672 64.40 47.60 -40.95
CA LEU A 672 63.33 46.75 -41.45
C LEU A 672 63.75 46.05 -42.73
N LYS A 673 64.35 46.78 -43.66
CA LYS A 673 64.83 46.17 -44.90
C LYS A 673 65.88 45.10 -44.60
N LYS A 674 66.80 45.40 -43.70
CA LYS A 674 67.86 44.45 -43.35
C LYS A 674 67.28 43.16 -42.79
N VAL A 675 66.37 43.26 -41.82
CA VAL A 675 65.82 42.06 -41.19
C VAL A 675 64.92 41.30 -42.15
N ARG A 676 64.16 42.01 -42.98
CA ARG A 676 63.32 41.34 -43.97
C ARG A 676 64.17 40.55 -44.95
N GLY A 677 65.26 41.14 -45.44
CA GLY A 677 66.17 40.40 -46.31
C GLY A 677 66.82 39.23 -45.59
N LYS A 678 67.14 39.42 -44.30
CA LYS A 678 67.71 38.32 -43.52
C LYS A 678 66.76 37.13 -43.50
N VAL A 679 65.48 37.37 -43.20
CA VAL A 679 64.51 36.28 -43.18
C VAL A 679 64.35 35.68 -44.57
N TRP A 680 64.27 36.54 -45.59
CA TRP A 680 64.10 36.09 -46.97
C TRP A 680 65.20 35.13 -47.38
N LYS A 681 66.43 35.37 -46.92
CA LYS A 681 67.52 34.44 -47.24
C LYS A 681 67.52 33.24 -46.31
N GLN A 682 67.36 33.45 -45.01
CA GLN A 682 67.50 32.37 -44.04
C GLN A 682 66.42 31.29 -44.22
N ARG A 683 65.26 31.64 -44.77
CA ARG A 683 64.23 30.63 -44.94
C ARG A 683 64.67 29.53 -45.92
N ILE A 684 65.58 29.84 -46.84
CA ILE A 684 66.20 28.79 -47.66
C ILE A 684 67.53 28.32 -47.06
N SER A 685 68.38 29.25 -46.61
CA SER A 685 69.73 28.88 -46.17
C SER A 685 69.72 28.03 -44.90
N SER A 686 68.78 28.29 -43.99
CA SER A 686 68.72 27.56 -42.73
C SER A 686 68.04 26.21 -42.93
N PRO A 687 68.14 25.31 -41.95
CA PRO A 687 67.45 24.02 -42.03
C PRO A 687 65.95 24.08 -41.76
N LEU A 688 65.36 25.27 -41.62
CA LEU A 688 63.99 25.36 -41.13
C LEU A 688 63.00 24.69 -42.07
N PHE A 689 63.13 24.92 -43.38
CA PHE A 689 62.23 24.33 -44.36
C PHE A 689 62.88 23.18 -45.12
N ASN A 690 64.01 22.67 -44.63
CA ASN A 690 64.77 21.61 -45.29
C ASN A 690 64.20 20.26 -44.85
N THR A 691 63.35 19.67 -45.67
CA THR A 691 62.66 18.44 -45.27
C THR A 691 63.58 17.23 -45.33
N LYS A 692 64.53 17.19 -46.26
CA LYS A 692 65.46 16.06 -46.31
C LYS A 692 66.37 16.05 -45.09
N GLN A 693 66.93 17.21 -44.73
CA GLN A 693 67.75 17.30 -43.53
C GLN A 693 66.94 16.96 -42.28
N TYR A 694 65.70 17.45 -42.21
CA TYR A 694 64.85 17.13 -41.06
C TYR A 694 64.58 15.63 -40.98
N THR A 695 64.32 14.99 -42.11
CA THR A 695 64.09 13.55 -42.10
C THR A 695 65.32 12.79 -41.66
N MET A 696 66.51 13.23 -42.12
CA MET A 696 67.74 12.55 -41.72
C MET A 696 68.02 12.70 -40.23
N GLU A 697 67.79 13.89 -39.68
CA GLU A 697 68.00 14.08 -38.25
C GLU A 697 66.95 13.32 -37.44
N LEU A 698 65.72 13.23 -37.95
CA LEU A 698 64.70 12.41 -37.31
C LEU A 698 65.08 10.93 -37.35
N GLU A 699 65.72 10.50 -38.44
CA GLU A 699 66.23 9.14 -38.52
C GLU A 699 67.33 8.88 -37.50
N ARG A 700 68.22 9.86 -37.32
CA ARG A 700 69.24 9.75 -36.28
C ARG A 700 68.60 9.60 -34.91
N LEU A 701 67.58 10.41 -34.62
CA LEU A 701 66.88 10.30 -33.34
C LEU A 701 66.20 8.94 -33.19
N TYR A 702 65.57 8.46 -34.27
CA TYR A 702 64.92 7.15 -34.25
C TYR A 702 65.91 6.05 -33.87
N LEU A 703 67.08 6.07 -34.51
CA LEU A 703 68.08 5.04 -34.22
C LEU A 703 68.63 5.19 -32.80
N GLN A 704 68.76 6.43 -32.31
CA GLN A 704 69.10 6.64 -30.91
C GLN A 704 68.12 5.94 -29.99
N MET A 705 66.81 6.18 -30.19
CA MET A 705 65.79 5.54 -29.36
C MET A 705 65.85 4.03 -29.46
N TRP A 706 65.99 3.51 -30.68
CA TRP A 706 65.98 2.07 -30.87
C TRP A 706 67.18 1.41 -30.20
N GLU A 707 68.37 2.01 -30.31
CA GLU A 707 69.53 1.43 -29.67
C GLU A 707 69.44 1.51 -28.16
N HIS A 708 68.85 2.59 -27.64
CA HIS A 708 68.64 2.68 -26.20
C HIS A 708 67.71 1.57 -25.71
N TYR A 709 66.64 1.30 -26.45
CA TYR A 709 65.72 0.24 -26.04
C TYR A 709 66.34 -1.14 -26.24
N ALA A 710 67.12 -1.32 -27.30
CA ALA A 710 67.66 -2.63 -27.63
C ALA A 710 68.74 -3.06 -26.62
N ALA A 711 69.39 -2.11 -25.98
CA ALA A 711 70.33 -2.40 -24.90
C ALA A 711 69.63 -2.72 -23.58
N GLY A 712 68.32 -2.93 -23.62
CA GLY A 712 67.57 -3.32 -22.43
C GLY A 712 67.14 -2.18 -21.54
N ASN A 713 67.37 -0.94 -21.94
CA ASN A 713 67.07 0.20 -21.08
C ASN A 713 65.62 0.64 -21.21
N LYS A 714 65.08 1.14 -20.10
CA LYS A 714 63.81 1.84 -20.12
C LYS A 714 64.00 3.19 -20.79
N PRO A 715 62.92 3.79 -21.30
CA PRO A 715 63.06 5.08 -21.98
C PRO A 715 63.64 6.15 -21.06
N ASP A 716 64.47 7.01 -21.65
CA ASP A 716 65.12 8.09 -20.92
C ASP A 716 65.26 9.29 -21.86
N HIS A 717 65.55 10.44 -21.27
CA HIS A 717 65.74 11.67 -22.04
C HIS A 717 66.85 11.50 -23.07
N MET A 718 66.58 11.96 -24.28
CA MET A 718 67.55 11.88 -25.38
C MET A 718 67.95 13.30 -25.81
N ILE A 719 69.13 13.72 -25.35
CA ILE A 719 69.71 15.01 -25.71
C ILE A 719 71.16 14.75 -26.10
N LYS A 720 71.72 15.66 -26.91
CA LYS A 720 73.06 15.60 -27.50
C LYS A 720 73.14 14.43 -28.49
N PRO A 721 74.06 14.48 -29.46
CA PRO A 721 74.21 13.37 -30.41
C PRO A 721 74.74 12.09 -29.75
N GLN B 1 30.56 42.72 -53.83
CA GLN B 1 30.15 42.21 -55.13
C GLN B 1 31.01 41.01 -55.55
N ARG B 2 31.76 41.18 -56.63
CA ARG B 2 32.59 40.09 -57.13
C ARG B 2 33.68 39.76 -56.11
N PRO B 3 34.01 38.47 -55.94
CA PRO B 3 35.06 38.11 -54.97
C PRO B 3 36.43 38.64 -55.33
N THR B 4 36.68 38.94 -56.60
CA THR B 4 37.97 39.42 -57.06
C THR B 4 38.11 40.93 -57.00
N GLN B 5 37.04 41.66 -56.71
CA GLN B 5 37.11 43.11 -56.70
C GLN B 5 37.93 43.58 -55.50
N PRO B 6 38.79 44.58 -55.67
CA PRO B 6 39.68 45.00 -54.59
C PRO B 6 38.99 45.96 -53.63
N VAL B 7 39.63 46.16 -52.48
CA VAL B 7 39.08 47.06 -51.48
C VAL B 7 39.16 48.51 -51.96
N TYR B 8 40.31 48.91 -52.51
CA TYR B 8 40.47 50.26 -53.04
C TYR B 8 41.20 50.19 -54.38
N GLN B 9 41.18 51.31 -55.09
CA GLN B 9 41.84 51.43 -56.38
C GLN B 9 43.19 52.12 -56.22
N ILE B 10 44.08 51.85 -57.17
CA ILE B 10 45.42 52.40 -57.17
C ILE B 10 45.43 53.64 -58.06
N GLN B 11 45.99 54.74 -57.54
CA GLN B 11 46.06 56.06 -58.18
C GLN B 11 45.77 56.12 -59.67
N SER C 4 -15.83 34.55 -40.61
CA SER C 4 -16.27 33.20 -40.97
C SER C 4 -17.75 33.05 -40.79
N CYS C 5 -18.53 33.21 -41.85
CA CYS C 5 -19.99 33.13 -41.71
C CYS C 5 -20.44 31.73 -41.27
N PRO C 6 -21.33 31.59 -40.28
CA PRO C 6 -21.79 30.25 -39.90
C PRO C 6 -22.47 29.46 -41.00
N THR C 7 -22.31 28.13 -40.92
CA THR C 7 -22.88 27.17 -41.85
C THR C 7 -23.96 26.37 -41.15
N HIS C 8 -24.49 25.36 -41.85
CA HIS C 8 -25.44 24.45 -41.22
C HIS C 8 -24.73 23.52 -40.24
N ALA C 9 -23.52 23.08 -40.58
CA ALA C 9 -22.74 22.25 -39.67
C ALA C 9 -22.43 22.99 -38.38
N ASP C 10 -22.15 24.29 -38.47
CA ASP C 10 -21.94 25.09 -37.28
C ASP C 10 -23.19 25.11 -36.40
N SER C 11 -24.36 25.22 -37.03
CA SER C 11 -25.61 25.20 -36.28
C SER C 11 -25.78 23.88 -35.53
N LEU C 12 -25.52 22.76 -36.21
CA LEU C 12 -25.63 21.48 -35.54
C LEU C 12 -24.62 21.33 -34.41
N ASN C 13 -23.39 21.80 -34.63
CA ASN C 13 -22.37 21.72 -33.60
C ASN C 13 -22.75 22.55 -32.38
N ASN C 14 -23.29 23.75 -32.60
CA ASN C 14 -23.70 24.59 -31.47
C ASN C 14 -24.87 23.97 -30.73
N LEU C 15 -25.83 23.39 -31.45
CA LEU C 15 -26.96 22.73 -30.78
C LEU C 15 -26.49 21.53 -29.97
N ALA C 16 -25.51 20.79 -30.49
CA ALA C 16 -24.94 19.68 -29.73
C ALA C 16 -24.20 20.16 -28.49
N ASN C 17 -23.49 21.29 -28.60
CA ASN C 17 -22.85 21.88 -27.42
C ASN C 17 -23.91 22.27 -26.38
N ILE C 18 -25.03 22.82 -26.85
CA ILE C 18 -26.12 23.18 -25.95
C ILE C 18 -26.65 21.94 -25.24
N LYS C 19 -26.88 20.86 -25.99
CA LYS C 19 -27.35 19.62 -25.39
C LYS C 19 -26.32 19.04 -24.42
N ARG C 20 -25.04 19.21 -24.71
CA ARG C 20 -23.99 18.79 -23.79
C ARG C 20 -24.07 19.55 -22.48
N GLU C 21 -24.25 20.87 -22.56
CA GLU C 21 -24.37 21.66 -21.34
C GLU C 21 -25.64 21.33 -20.56
N GLN C 22 -26.65 20.76 -21.22
CA GLN C 22 -27.87 20.32 -20.56
C GLN C 22 -27.79 18.87 -20.10
N GLY C 23 -26.66 18.20 -20.26
CA GLY C 23 -26.48 16.84 -19.82
C GLY C 23 -27.05 15.78 -20.74
N ASN C 24 -27.62 16.18 -21.88
CA ASN C 24 -28.21 15.23 -22.83
C ASN C 24 -27.11 14.73 -23.76
N ILE C 25 -26.32 13.78 -23.24
CA ILE C 25 -25.13 13.32 -23.97
C ILE C 25 -25.53 12.55 -25.22
N GLU C 26 -26.62 11.78 -25.16
CA GLU C 26 -27.08 11.05 -26.34
C GLU C 26 -27.50 12.00 -27.46
N GLU C 27 -28.25 13.05 -27.12
CA GLU C 27 -28.57 14.04 -28.14
C GLU C 27 -27.33 14.78 -28.60
N ALA C 28 -26.35 14.96 -27.71
CA ALA C 28 -25.10 15.61 -28.09
C ALA C 28 -24.38 14.81 -29.16
N VAL C 29 -24.22 13.50 -28.97
CA VAL C 29 -23.57 12.69 -29.99
C VAL C 29 -24.40 12.66 -31.26
N ARG C 30 -25.73 12.58 -31.13
CA ARG C 30 -26.59 12.63 -32.31
C ARG C 30 -26.27 13.86 -33.16
N LEU C 31 -26.24 15.04 -32.52
CA LEU C 31 -26.08 16.28 -33.27
C LEU C 31 -24.65 16.44 -33.78
N TYR C 32 -23.65 15.98 -33.00
CA TYR C 32 -22.28 16.02 -33.50
C TYR C 32 -22.12 15.15 -34.75
N ARG C 33 -22.74 13.97 -34.74
CA ARG C 33 -22.67 13.09 -35.90
C ARG C 33 -23.40 13.70 -37.10
N LYS C 34 -24.55 14.34 -36.86
CA LYS C 34 -25.23 15.04 -37.95
C LYS C 34 -24.35 16.14 -38.53
N ALA C 35 -23.69 16.91 -37.67
CA ALA C 35 -22.80 17.97 -38.13
C ALA C 35 -21.66 17.41 -38.95
N LEU C 36 -21.05 16.32 -38.50
CA LEU C 36 -19.98 15.68 -39.26
C LEU C 36 -20.49 15.06 -40.55
N GLU C 37 -21.77 14.70 -40.63
CA GLU C 37 -22.31 14.18 -41.88
C GLU C 37 -22.49 15.29 -42.90
N VAL C 38 -23.00 16.46 -42.48
CA VAL C 38 -23.20 17.53 -43.45
C VAL C 38 -21.88 18.23 -43.81
N PHE C 39 -20.83 18.06 -43.01
CA PHE C 39 -19.53 18.67 -43.31
C PHE C 39 -18.46 17.82 -42.66
N PRO C 40 -17.96 16.79 -43.37
CA PRO C 40 -17.00 15.86 -42.75
C PRO C 40 -15.69 16.48 -42.33
N GLU C 41 -15.32 17.64 -42.88
CA GLU C 41 -14.06 18.28 -42.54
C GLU C 41 -14.22 19.34 -41.44
N PHE C 42 -15.14 19.09 -40.51
CA PHE C 42 -15.40 19.98 -39.38
C PHE C 42 -14.50 19.56 -38.24
N ALA C 43 -13.40 20.29 -38.04
CA ALA C 43 -12.44 19.93 -36.99
C ALA C 43 -13.06 20.07 -35.61
N ALA C 44 -13.79 21.16 -35.36
CA ALA C 44 -14.36 21.39 -34.04
C ALA C 44 -15.39 20.32 -33.69
N ALA C 45 -16.21 19.92 -34.66
CA ALA C 45 -17.17 18.85 -34.42
C ALA C 45 -16.46 17.54 -34.12
N HIS C 46 -15.36 17.25 -34.83
CA HIS C 46 -14.57 16.06 -34.53
C HIS C 46 -14.06 16.10 -33.10
N SER C 47 -13.52 17.26 -32.69
CA SER C 47 -12.98 17.39 -31.33
C SER C 47 -14.06 17.25 -30.27
N ASN C 48 -15.24 17.84 -30.51
CA ASN C 48 -16.31 17.76 -29.52
C ASN C 48 -16.86 16.34 -29.40
N LEU C 49 -17.05 15.67 -30.55
CA LEU C 49 -17.47 14.27 -30.51
C LEU C 49 -16.44 13.42 -29.80
N ALA C 50 -15.15 13.67 -30.06
CA ALA C 50 -14.10 12.93 -29.38
C ALA C 50 -14.12 13.19 -27.88
N SER C 51 -14.37 14.42 -27.46
CA SER C 51 -14.44 14.73 -26.04
C SER C 51 -15.58 13.96 -25.38
N VAL C 52 -16.75 13.94 -26.01
CA VAL C 52 -17.86 13.20 -25.44
C VAL C 52 -17.54 11.71 -25.39
N LEU C 53 -16.96 11.18 -26.46
CA LEU C 53 -16.63 9.75 -26.51
C LEU C 53 -15.63 9.38 -25.42
N GLN C 54 -14.64 10.25 -25.18
CA GLN C 54 -13.70 10.02 -24.11
C GLN C 54 -14.39 10.05 -22.76
N GLN C 55 -15.37 10.95 -22.59
CA GLN C 55 -16.16 10.93 -21.35
C GLN C 55 -16.93 9.63 -21.22
N GLN C 56 -17.48 9.12 -22.32
CA GLN C 56 -18.20 7.85 -22.31
C GLN C 56 -17.27 6.64 -22.12
N GLY C 57 -15.96 6.84 -22.19
CA GLY C 57 -15.02 5.74 -22.06
C GLY C 57 -14.68 5.01 -23.33
N LYS C 58 -15.18 5.46 -24.47
CA LYS C 58 -14.84 4.86 -25.76
C LYS C 58 -13.58 5.52 -26.32
N LEU C 59 -12.46 5.23 -25.65
CA LEU C 59 -11.21 5.91 -25.93
C LEU C 59 -10.70 5.66 -27.34
N GLN C 60 -11.01 4.49 -27.92
CA GLN C 60 -10.54 4.19 -29.26
C GLN C 60 -11.15 5.15 -30.30
N GLU C 61 -12.47 5.29 -30.27
CA GLU C 61 -13.15 6.18 -31.20
C GLU C 61 -12.81 7.64 -30.92
N ALA C 62 -12.67 8.00 -29.64
CA ALA C 62 -12.28 9.35 -29.28
C ALA C 62 -10.90 9.69 -29.83
N LEU C 63 -9.95 8.76 -29.73
CA LEU C 63 -8.62 8.97 -30.29
C LEU C 63 -8.68 9.12 -31.80
N MET C 64 -9.50 8.29 -32.46
CA MET C 64 -9.68 8.42 -33.90
C MET C 64 -10.16 9.81 -34.27
N HIS C 65 -11.18 10.32 -33.57
CA HIS C 65 -11.73 11.62 -33.93
C HIS C 65 -10.77 12.76 -33.57
N TYR C 66 -10.00 12.61 -32.49
CA TYR C 66 -8.99 13.62 -32.18
C TYR C 66 -7.92 13.69 -33.26
N LYS C 67 -7.46 12.52 -33.74
CA LYS C 67 -6.50 12.50 -34.83
C LYS C 67 -7.07 13.15 -36.08
N GLU C 68 -8.34 12.86 -36.38
CA GLU C 68 -8.99 13.52 -37.50
C GLU C 68 -8.98 15.03 -37.34
N ALA C 69 -9.42 15.53 -36.18
CA ALA C 69 -9.51 16.96 -35.95
C ALA C 69 -8.13 17.62 -36.10
N ILE C 70 -7.08 16.98 -35.58
CA ILE C 70 -5.74 17.53 -35.73
C ILE C 70 -5.34 17.54 -37.20
N ARG C 71 -5.74 16.51 -37.96
CA ARG C 71 -5.42 16.51 -39.39
C ARG C 71 -6.10 17.67 -40.10
N ILE C 72 -7.35 17.98 -39.76
CA ILE C 72 -8.04 19.08 -40.42
C ILE C 72 -7.41 20.42 -40.07
N SER C 73 -7.16 20.65 -38.77
CA SER C 73 -6.60 21.91 -38.28
C SER C 73 -5.32 21.63 -37.52
N PRO C 74 -4.17 21.64 -38.20
CA PRO C 74 -2.91 21.28 -37.52
C PRO C 74 -2.52 22.20 -36.39
N THR C 75 -3.07 23.41 -36.31
CA THR C 75 -2.78 24.33 -35.22
C THR C 75 -3.72 24.16 -34.03
N PHE C 76 -4.43 23.03 -33.96
CA PHE C 76 -5.42 22.76 -32.93
C PHE C 76 -4.71 22.23 -31.68
N ALA C 77 -4.16 23.16 -30.90
CA ALA C 77 -3.48 22.79 -29.67
C ALA C 77 -4.42 22.16 -28.65
N ASP C 78 -5.68 22.61 -28.63
CA ASP C 78 -6.66 22.02 -27.73
C ASP C 78 -6.89 20.55 -28.05
N ALA C 79 -7.02 20.23 -29.35
CA ALA C 79 -7.17 18.84 -29.75
C ALA C 79 -5.93 18.04 -29.40
N TYR C 80 -4.75 18.65 -29.51
CA TYR C 80 -3.52 17.97 -29.10
C TYR C 80 -3.56 17.63 -27.62
N SER C 81 -3.96 18.59 -26.78
CA SER C 81 -4.01 18.36 -25.33
C SER C 81 -5.01 17.27 -24.99
N ASN C 82 -6.21 17.33 -25.59
CA ASN C 82 -7.24 16.34 -25.28
C ASN C 82 -6.88 14.97 -25.80
N MET C 83 -6.22 14.89 -26.97
CA MET C 83 -5.75 13.61 -27.48
C MET C 83 -4.66 13.04 -26.58
N GLY C 84 -3.80 13.90 -26.03
CA GLY C 84 -2.86 13.44 -25.03
C GLY C 84 -3.56 12.88 -23.80
N ASN C 85 -4.63 13.54 -23.36
CA ASN C 85 -5.41 13.02 -22.24
C ASN C 85 -5.96 11.63 -22.56
N THR C 86 -6.52 11.47 -23.76
CA THR C 86 -7.07 10.18 -24.16
C THR C 86 -5.99 9.10 -24.19
N LEU C 87 -4.82 9.43 -24.75
CA LEU C 87 -3.72 8.47 -24.78
C LEU C 87 -3.26 8.11 -23.38
N LYS C 88 -3.27 9.10 -22.47
CA LYS C 88 -2.90 8.83 -21.08
C LYS C 88 -3.87 7.84 -20.44
N GLU C 89 -5.17 8.03 -20.66
CA GLU C 89 -6.13 7.07 -20.11
C GLU C 89 -5.94 5.68 -20.72
N MET C 90 -5.45 5.60 -21.95
CA MET C 90 -5.08 4.33 -22.56
C MET C 90 -3.71 3.83 -22.09
N GLN C 91 -3.13 4.48 -21.09
CA GLN C 91 -1.82 4.13 -20.53
C GLN C 91 -0.71 4.20 -21.58
N ASP C 92 -0.88 5.08 -22.57
CA ASP C 92 0.19 5.44 -23.51
C ASP C 92 0.78 6.76 -23.05
N VAL C 93 1.59 6.68 -21.99
CA VAL C 93 2.13 7.89 -21.38
C VAL C 93 3.11 8.59 -22.32
N GLN C 94 3.89 7.81 -23.08
CA GLN C 94 4.83 8.40 -24.04
C GLN C 94 4.08 9.19 -25.10
N GLY C 95 2.99 8.63 -25.64
CA GLY C 95 2.20 9.35 -26.61
C GLY C 95 1.57 10.60 -26.04
N ALA C 96 1.04 10.52 -24.82
CA ALA C 96 0.45 11.68 -24.18
C ALA C 96 1.48 12.79 -23.99
N LEU C 97 2.68 12.42 -23.55
CA LEU C 97 3.75 13.39 -23.40
C LEU C 97 4.10 14.04 -24.73
N GLN C 98 4.16 13.24 -25.80
CA GLN C 98 4.38 13.80 -27.13
C GLN C 98 3.31 14.84 -27.45
N CYS C 99 2.05 14.50 -27.20
CA CYS C 99 0.95 15.41 -27.51
C CYS C 99 1.09 16.72 -26.76
N TYR C 100 1.37 16.63 -25.45
CA TYR C 100 1.48 17.83 -24.65
C TYR C 100 2.63 18.72 -25.11
N THR C 101 3.78 18.10 -25.43
CA THR C 101 4.93 18.90 -25.88
C THR C 101 4.67 19.55 -27.23
N ARG C 102 4.09 18.80 -28.18
CA ARG C 102 3.80 19.40 -29.48
C ARG C 102 2.78 20.53 -29.36
N ALA C 103 1.80 20.36 -28.46
CA ALA C 103 0.83 21.43 -28.22
C ALA C 103 1.52 22.67 -27.66
N ILE C 104 2.43 22.48 -26.68
CA ILE C 104 3.15 23.61 -26.10
C ILE C 104 3.98 24.30 -27.17
N GLN C 105 4.45 23.54 -28.15
CA GLN C 105 5.25 24.13 -29.21
C GLN C 105 4.45 24.90 -30.23
N ILE C 106 3.28 24.39 -30.60
CA ILE C 106 2.45 25.09 -31.55
C ILE C 106 2.00 26.42 -30.97
N ASN C 107 1.58 26.41 -29.70
CA ASN C 107 1.08 27.61 -29.02
C ASN C 107 1.77 27.69 -27.66
N PRO C 108 2.86 28.47 -27.54
CA PRO C 108 3.56 28.55 -26.25
C PRO C 108 2.72 29.11 -25.12
N ALA C 109 1.62 29.80 -25.42
CA ALA C 109 0.77 30.39 -24.40
C ALA C 109 -0.40 29.49 -23.99
N PHE C 110 -0.49 28.29 -24.54
CA PHE C 110 -1.59 27.38 -24.22
C PHE C 110 -1.35 26.76 -22.85
N ALA C 111 -2.16 27.15 -21.87
CA ALA C 111 -1.92 26.78 -20.48
C ALA C 111 -2.28 25.32 -20.19
N ASP C 112 -3.32 24.79 -20.84
CA ASP C 112 -3.80 23.45 -20.51
C ASP C 112 -2.76 22.39 -20.83
N ALA C 113 -1.99 22.58 -21.91
CA ALA C 113 -0.93 21.64 -22.23
C ALA C 113 0.13 21.61 -21.14
N HIS C 114 0.50 22.79 -20.61
CA HIS C 114 1.45 22.83 -19.50
C HIS C 114 0.88 22.15 -18.26
N SER C 115 -0.41 22.36 -17.99
CA SER C 115 -1.04 21.70 -16.84
C SER C 115 -1.01 20.19 -16.99
N ASN C 116 -1.29 19.68 -18.20
CA ASN C 116 -1.29 18.24 -18.42
C ASN C 116 0.11 17.65 -18.35
N LEU C 117 1.11 18.38 -18.86
CA LEU C 117 2.49 17.95 -18.69
C LEU C 117 2.87 17.84 -17.22
N ALA C 118 2.45 18.84 -16.43
CA ALA C 118 2.65 18.77 -14.98
C ALA C 118 1.93 17.57 -14.38
N SER C 119 0.73 17.26 -14.89
CA SER C 119 -0.01 16.10 -14.38
C SER C 119 0.77 14.82 -14.62
N ILE C 120 1.35 14.66 -15.81
CA ILE C 120 2.16 13.47 -16.07
C ILE C 120 3.38 13.44 -15.15
N HIS C 121 4.03 14.58 -14.97
CA HIS C 121 5.18 14.64 -14.07
C HIS C 121 4.79 14.22 -12.65
N LYS C 122 3.64 14.70 -12.17
CA LYS C 122 3.17 14.38 -10.83
C LYS C 122 2.84 12.89 -10.71
N ASP C 123 2.16 12.33 -11.72
CA ASP C 123 1.84 10.91 -11.69
C ASP C 123 3.10 10.05 -11.67
N SER C 124 4.20 10.56 -12.23
CA SER C 124 5.47 9.84 -12.26
C SER C 124 6.33 10.13 -11.03
N GLY C 125 5.84 10.92 -10.08
CA GLY C 125 6.59 11.23 -8.89
C GLY C 125 7.56 12.38 -9.00
N ASN C 126 7.69 12.97 -10.19
CA ASN C 126 8.58 14.12 -10.39
C ASN C 126 7.85 15.37 -9.93
N ILE C 127 7.93 15.62 -8.62
CA ILE C 127 7.12 16.65 -7.97
C ILE C 127 7.64 18.06 -8.28
N PRO C 128 8.94 18.34 -8.20
CA PRO C 128 9.40 19.68 -8.62
C PRO C 128 9.05 20.01 -10.07
N GLU C 129 9.15 19.02 -10.97
CA GLU C 129 8.80 19.25 -12.36
C GLU C 129 7.32 19.56 -12.50
N ALA C 130 6.47 18.82 -11.78
CA ALA C 130 5.04 19.09 -11.80
C ALA C 130 4.73 20.49 -11.29
N ILE C 131 5.40 20.88 -10.19
CA ILE C 131 5.19 22.22 -9.63
C ILE C 131 5.58 23.28 -10.64
N ALA C 132 6.73 23.10 -11.30
CA ALA C 132 7.18 24.08 -12.29
C ALA C 132 6.17 24.23 -13.42
N SER C 133 5.72 23.11 -13.98
CA SER C 133 4.80 23.21 -15.11
C SER C 133 3.43 23.74 -14.68
N TYR C 134 2.97 23.41 -13.47
CA TYR C 134 1.72 23.97 -12.97
C TYR C 134 1.84 25.48 -12.78
N ARG C 135 2.98 25.95 -12.26
CA ARG C 135 3.19 27.38 -12.13
C ARG C 135 3.18 28.06 -13.48
N THR C 136 3.80 27.43 -14.49
CA THR C 136 3.77 27.99 -15.84
C THR C 136 2.33 28.08 -16.35
N ALA C 137 1.55 27.01 -16.17
CA ALA C 137 0.18 27.00 -16.65
C ALA C 137 -0.65 28.08 -15.96
N LEU C 138 -0.45 28.27 -14.65
CA LEU C 138 -1.20 29.30 -13.93
C LEU C 138 -0.75 30.70 -14.31
N LYS C 139 0.53 30.86 -14.66
CA LYS C 139 0.99 32.13 -15.22
C LYS C 139 0.27 32.43 -16.53
N LEU C 140 0.12 31.42 -17.38
CA LEU C 140 -0.58 31.64 -18.65
C LEU C 140 -2.08 31.78 -18.47
N LYS C 141 -2.63 31.19 -17.41
CA LYS C 141 -4.08 31.19 -17.17
C LYS C 141 -4.31 31.30 -15.67
N PRO C 142 -4.38 32.53 -15.14
CA PRO C 142 -4.50 32.70 -13.68
C PRO C 142 -5.74 32.09 -13.08
N ASP C 143 -6.84 31.95 -13.84
CA ASP C 143 -8.03 31.25 -13.35
C ASP C 143 -8.05 29.86 -13.97
N PHE C 144 -7.30 28.95 -13.36
CA PHE C 144 -7.15 27.57 -13.81
C PHE C 144 -7.36 26.66 -12.62
N PRO C 145 -8.62 26.32 -12.32
CA PRO C 145 -8.89 25.54 -11.09
C PRO C 145 -8.15 24.20 -11.04
N ASP C 146 -8.07 23.49 -12.16
CA ASP C 146 -7.39 22.18 -12.17
C ASP C 146 -5.92 22.34 -11.80
N ALA C 147 -5.23 23.25 -12.48
CA ALA C 147 -3.81 23.46 -12.20
C ALA C 147 -3.61 23.93 -10.77
N TYR C 148 -4.47 24.84 -10.29
CA TYR C 148 -4.31 25.34 -8.94
C TYR C 148 -4.46 24.23 -7.91
N CYS C 149 -5.48 23.39 -8.07
CA CYS C 149 -5.72 22.35 -7.07
C CYS C 149 -4.64 21.27 -7.11
N ASN C 150 -4.21 20.87 -8.30
CA ASN C 150 -3.13 19.89 -8.38
C ASN C 150 -1.83 20.46 -7.83
N LEU C 151 -1.55 21.75 -8.07
CA LEU C 151 -0.38 22.39 -7.50
C LEU C 151 -0.48 22.46 -5.98
N ALA C 152 -1.67 22.77 -5.46
CA ALA C 152 -1.86 22.78 -4.01
C ALA C 152 -1.59 21.40 -3.41
N HIS C 153 -2.09 20.34 -4.05
CA HIS C 153 -1.75 19.01 -3.59
C HIS C 153 -0.23 18.82 -3.56
N CYS C 154 0.43 19.10 -4.70
CA CYS C 154 1.88 18.93 -4.79
C CYS C 154 2.60 19.60 -3.62
N LEU C 155 2.22 20.86 -3.34
CA LEU C 155 2.81 21.57 -2.22
C LEU C 155 2.54 20.86 -0.90
N GLN C 156 1.34 20.27 -0.75
CA GLN C 156 1.08 19.44 0.42
C GLN C 156 2.01 18.24 0.48
N ILE C 157 2.24 17.56 -0.65
CA ILE C 157 3.16 16.41 -0.65
C ILE C 157 4.53 16.84 -0.15
N VAL C 158 5.06 17.97 -0.64
CA VAL C 158 6.41 18.37 -0.25
C VAL C 158 6.44 19.24 1.00
N CYS C 159 5.29 19.46 1.65
CA CYS C 159 5.20 20.28 2.86
C CYS C 159 5.65 21.72 2.60
N ASP C 160 5.20 22.28 1.48
CA ASP C 160 5.37 23.70 1.20
C ASP C 160 4.12 24.43 1.69
N TRP C 161 4.27 25.21 2.76
CA TRP C 161 3.14 25.84 3.44
C TRP C 161 3.14 27.37 3.28
N THR C 162 3.82 27.88 2.26
CA THR C 162 3.83 29.33 2.03
C THR C 162 2.45 29.80 1.60
N ASP C 163 1.95 30.84 2.26
CA ASP C 163 0.58 31.35 2.05
C ASP C 163 -0.45 30.22 2.23
N TYR C 164 -0.23 29.40 3.26
CA TYR C 164 -1.05 28.21 3.48
C TYR C 164 -2.52 28.56 3.64
N ASP C 165 -2.83 29.51 4.53
CA ASP C 165 -4.23 29.80 4.85
C ASP C 165 -4.97 30.37 3.64
N GLU C 166 -4.34 31.29 2.91
CA GLU C 166 -4.99 31.85 1.72
C GLU C 166 -5.20 30.78 0.65
N ARG C 167 -4.21 29.88 0.51
CA ARG C 167 -4.35 28.78 -0.44
C ARG C 167 -5.53 27.87 -0.05
N MET C 168 -5.71 27.62 1.24
CA MET C 168 -6.84 26.81 1.69
C MET C 168 -8.16 27.52 1.45
N LYS C 169 -8.23 28.82 1.74
CA LYS C 169 -9.44 29.57 1.44
C LYS C 169 -9.78 29.52 -0.04
N LYS C 170 -8.76 29.64 -0.90
CA LYS C 170 -9.00 29.58 -2.34
C LYS C 170 -9.46 28.21 -2.77
N LEU C 171 -8.89 27.15 -2.18
CA LEU C 171 -9.37 25.79 -2.48
C LEU C 171 -10.84 25.65 -2.12
N VAL C 172 -11.23 26.14 -0.95
CA VAL C 172 -12.63 26.06 -0.52
C VAL C 172 -13.52 26.82 -1.49
N SER C 173 -13.12 28.05 -1.86
CA SER C 173 -13.93 28.85 -2.75
C SER C 173 -14.04 28.22 -4.14
N ILE C 174 -12.94 27.63 -4.63
CA ILE C 174 -12.97 26.96 -5.92
C ILE C 174 -13.98 25.83 -5.90
N VAL C 175 -13.91 24.97 -4.86
CA VAL C 175 -14.84 23.84 -4.80
C VAL C 175 -16.28 24.33 -4.68
N ALA C 176 -16.51 25.38 -3.89
CA ALA C 176 -17.86 25.93 -3.75
C ALA C 176 -18.37 26.41 -5.09
N ASP C 177 -17.54 27.13 -5.84
CA ASP C 177 -17.94 27.62 -7.15
C ASP C 177 -18.27 26.46 -8.08
N GLN C 178 -17.38 25.47 -8.16
CA GLN C 178 -17.57 24.38 -9.11
C GLN C 178 -18.79 23.53 -8.77
N LEU C 179 -19.06 23.30 -7.48
CA LEU C 179 -20.29 22.64 -7.10
C LEU C 179 -21.50 23.48 -7.45
N GLU C 180 -21.40 24.80 -7.30
CA GLU C 180 -22.49 25.69 -7.70
C GLU C 180 -22.74 25.59 -9.21
N LYS C 181 -21.68 25.61 -10.02
CA LYS C 181 -21.83 25.60 -11.46
C LYS C 181 -22.09 24.22 -12.04
N ASN C 182 -22.34 23.21 -11.20
CA ASN C 182 -22.56 21.83 -11.64
C ASN C 182 -21.40 21.35 -12.53
N ARG C 183 -20.19 21.63 -12.08
CA ARG C 183 -18.97 21.18 -12.73
C ARG C 183 -18.25 20.19 -11.82
N LEU C 184 -17.44 19.33 -12.42
CA LEU C 184 -16.71 18.33 -11.65
C LEU C 184 -15.61 19.02 -10.84
N PRO C 185 -15.61 18.91 -9.51
CA PRO C 185 -14.67 19.68 -8.70
C PRO C 185 -13.22 19.32 -9.01
N SER C 186 -12.37 20.35 -9.01
CA SER C 186 -10.94 20.17 -9.28
C SER C 186 -10.20 19.47 -8.16
N VAL C 187 -10.82 19.31 -6.99
CA VAL C 187 -10.20 18.60 -5.87
C VAL C 187 -10.60 17.13 -5.94
N HIS C 188 -9.61 16.24 -5.85
CA HIS C 188 -9.90 14.82 -5.87
C HIS C 188 -10.51 14.40 -4.54
N PRO C 189 -11.45 13.43 -4.57
CA PRO C 189 -12.08 13.00 -3.31
C PRO C 189 -11.07 12.50 -2.27
N HIS C 190 -10.04 11.79 -2.71
CA HIS C 190 -9.02 11.30 -1.78
C HIS C 190 -8.24 12.42 -1.13
N HIS C 191 -8.20 13.60 -1.76
CA HIS C 191 -7.46 14.73 -1.21
C HIS C 191 -8.31 15.63 -0.33
N SER C 192 -9.65 15.62 -0.50
CA SER C 192 -10.51 16.56 0.20
C SER C 192 -10.40 16.43 1.72
N MET C 193 -9.93 15.29 2.21
CA MET C 193 -9.71 15.11 3.64
C MET C 193 -8.58 15.99 4.18
N LEU C 194 -7.74 16.54 3.30
CA LEU C 194 -6.62 17.38 3.71
C LEU C 194 -6.96 18.87 3.73
N TYR C 195 -8.14 19.26 3.26
CA TYR C 195 -8.47 20.66 3.15
C TYR C 195 -9.69 20.99 4.01
N PRO C 196 -9.78 22.22 4.53
CA PRO C 196 -10.94 22.57 5.38
C PRO C 196 -12.22 22.78 4.60
N LEU C 197 -12.64 21.74 3.87
CA LEU C 197 -13.94 21.75 3.22
C LEU C 197 -15.01 21.25 4.19
N SER C 198 -16.25 21.55 3.86
CA SER C 198 -17.35 21.00 4.65
C SER C 198 -17.54 19.52 4.33
N HIS C 199 -18.15 18.81 5.27
CA HIS C 199 -18.46 17.40 5.04
C HIS C 199 -19.40 17.23 3.85
N GLY C 200 -20.35 18.16 3.71
CA GLY C 200 -21.19 18.15 2.52
C GLY C 200 -20.39 18.34 1.24
N PHE C 201 -19.38 19.22 1.28
CA PHE C 201 -18.55 19.43 0.10
C PHE C 201 -17.76 18.18 -0.26
N ARG C 202 -17.20 17.50 0.73
CA ARG C 202 -16.45 16.27 0.46
C ARG C 202 -17.36 15.20 -0.11
N LYS C 203 -18.57 15.07 0.46
CA LYS C 203 -19.52 14.09 -0.06
C LYS C 203 -19.94 14.45 -1.48
N ALA C 204 -20.09 15.74 -1.78
CA ALA C 204 -20.47 16.14 -3.13
C ALA C 204 -19.36 15.86 -4.14
N ILE C 205 -18.11 16.14 -3.77
CA ILE C 205 -16.98 15.79 -4.63
C ILE C 205 -16.99 14.29 -4.93
N ALA C 206 -17.18 13.48 -3.90
CA ALA C 206 -17.24 12.02 -4.09
C ALA C 206 -18.40 11.65 -5.01
N GLU C 207 -19.55 12.29 -4.84
CA GLU C 207 -20.72 11.95 -5.66
C GLU C 207 -20.47 12.24 -7.12
N ARG C 208 -19.87 13.39 -7.43
CA ARG C 208 -19.56 13.69 -8.84
C ARG C 208 -18.55 12.70 -9.40
N HIS C 209 -17.52 12.35 -8.61
CA HIS C 209 -16.53 11.41 -9.10
C HIS C 209 -17.10 10.00 -9.29
N GLY C 210 -18.20 9.66 -8.62
CA GLY C 210 -18.91 8.42 -8.92
C GLY C 210 -19.86 8.53 -10.10
N ASN C 211 -20.45 9.71 -10.29
CA ASN C 211 -21.27 9.92 -11.48
C ASN C 211 -20.43 9.83 -12.74
N LEU C 212 -19.12 10.05 -12.63
CA LEU C 212 -18.23 9.72 -13.76
C LEU C 212 -18.36 8.24 -14.15
N CYS C 213 -18.31 7.34 -13.16
CA CYS C 213 -18.50 5.93 -13.45
C CYS C 213 -19.88 5.66 -14.04
N LEU C 214 -20.88 6.37 -13.52
CA LEU C 214 -22.23 6.27 -14.11
C LEU C 214 -22.20 6.57 -15.61
N ASP C 215 -21.54 7.68 -15.97
CA ASP C 215 -21.44 8.06 -17.38
C ASP C 215 -20.74 6.99 -18.19
N LYS C 216 -19.67 6.40 -17.62
CA LYS C 216 -18.91 5.42 -18.39
C LYS C 216 -19.68 4.12 -18.59
N ILE C 217 -20.55 3.73 -17.63
CA ILE C 217 -21.27 2.47 -17.78
C ILE C 217 -22.65 2.62 -18.42
N ASN C 218 -23.15 3.84 -18.57
CA ASN C 218 -24.48 3.98 -19.18
C ASN C 218 -24.49 3.63 -20.66
N VAL C 219 -23.35 3.78 -21.35
CA VAL C 219 -23.30 3.48 -22.77
C VAL C 219 -23.43 1.98 -23.04
N LEU C 220 -23.22 1.14 -22.02
CA LEU C 220 -23.34 -0.29 -22.19
C LEU C 220 -24.79 -0.76 -22.27
N HIS C 221 -25.73 0.04 -21.76
CA HIS C 221 -27.16 -0.26 -21.83
C HIS C 221 -27.47 -1.64 -21.28
N LYS C 222 -26.92 -1.91 -20.10
CA LYS C 222 -27.10 -3.20 -19.43
C LYS C 222 -28.32 -3.15 -18.52
N PRO C 223 -29.23 -4.12 -18.61
CA PRO C 223 -30.40 -4.15 -17.72
C PRO C 223 -29.97 -4.42 -16.28
N PRO C 224 -30.83 -4.11 -15.31
CA PRO C 224 -30.51 -4.42 -13.92
C PRO C 224 -30.35 -5.93 -13.71
N TYR C 225 -29.41 -6.29 -12.84
CA TYR C 225 -29.16 -7.69 -12.54
C TYR C 225 -30.20 -8.24 -11.57
N GLU C 226 -30.63 -9.47 -11.82
CA GLU C 226 -31.49 -10.18 -10.87
C GLU C 226 -30.62 -10.80 -9.79
N HIS C 227 -30.83 -10.38 -8.56
CA HIS C 227 -29.97 -10.78 -7.45
C HIS C 227 -30.56 -11.96 -6.71
N PRO C 228 -29.71 -12.74 -6.03
CA PRO C 228 -30.23 -13.82 -5.19
C PRO C 228 -31.16 -13.27 -4.11
N LYS C 229 -32.22 -14.02 -3.82
CA LYS C 229 -33.14 -13.68 -2.76
C LYS C 229 -33.00 -14.57 -1.53
N ASP C 230 -32.25 -15.67 -1.65
CA ASP C 230 -31.97 -16.56 -0.53
C ASP C 230 -30.58 -17.14 -0.71
N LEU C 231 -30.21 -18.05 0.18
CA LEU C 231 -28.91 -18.71 0.13
C LEU C 231 -28.99 -20.14 -0.39
N LYS C 232 -30.13 -20.54 -0.96
CA LYS C 232 -30.35 -21.94 -1.32
C LYS C 232 -29.38 -22.41 -2.40
N LEU C 233 -29.11 -21.58 -3.40
CA LEU C 233 -28.22 -21.99 -4.49
C LEU C 233 -26.76 -22.09 -4.03
N SER C 234 -26.41 -21.52 -2.89
CA SER C 234 -25.05 -21.56 -2.37
C SER C 234 -24.92 -22.41 -1.11
N ASP C 235 -25.86 -23.35 -0.89
CA ASP C 235 -25.83 -24.27 0.24
C ASP C 235 -25.77 -23.51 1.57
N GLY C 236 -26.63 -22.51 1.71
CA GLY C 236 -26.69 -21.75 2.93
C GLY C 236 -25.48 -20.90 3.21
N ARG C 237 -24.53 -20.83 2.28
CA ARG C 237 -23.34 -20.02 2.45
C ARG C 237 -23.55 -18.64 1.82
N LEU C 238 -23.02 -17.63 2.48
CA LEU C 238 -23.07 -16.26 1.97
C LEU C 238 -21.90 -16.05 1.01
N ARG C 239 -22.20 -15.62 -0.21
CA ARG C 239 -21.17 -15.41 -1.22
C ARG C 239 -20.67 -13.96 -1.10
N VAL C 240 -19.41 -13.83 -0.67
CA VAL C 240 -18.80 -12.54 -0.40
C VAL C 240 -17.65 -12.36 -1.37
N GLY C 241 -17.69 -11.27 -2.14
CA GLY C 241 -16.63 -10.99 -3.09
C GLY C 241 -15.85 -9.74 -2.76
N TYR C 242 -14.58 -9.89 -2.42
CA TYR C 242 -13.70 -8.75 -2.17
C TYR C 242 -13.04 -8.32 -3.48
N VAL C 243 -13.28 -7.08 -3.89
CA VAL C 243 -12.74 -6.57 -5.15
C VAL C 243 -11.63 -5.60 -4.82
N SER C 244 -10.44 -5.84 -5.37
CA SER C 244 -9.33 -4.95 -5.06
C SER C 244 -8.24 -5.05 -6.13
N SER C 245 -7.60 -3.91 -6.39
CA SER C 245 -6.38 -3.85 -7.18
C SER C 245 -5.13 -4.08 -6.35
N ASP C 246 -5.29 -4.50 -5.09
CA ASP C 246 -4.19 -4.52 -4.13
C ASP C 246 -3.91 -5.92 -3.60
N PHE C 247 -4.25 -6.96 -4.36
CA PHE C 247 -3.85 -8.32 -4.00
C PHE C 247 -2.42 -8.52 -4.48
N GLY C 248 -1.47 -8.10 -3.64
CA GLY C 248 -0.08 -8.07 -4.01
C GLY C 248 0.71 -7.32 -2.94
N ASN C 249 1.90 -6.86 -3.32
CA ASN C 249 2.73 -6.10 -2.37
C ASN C 249 2.17 -4.69 -2.25
N HIS C 250 1.16 -4.56 -1.39
CA HIS C 250 0.42 -3.33 -1.18
C HIS C 250 -0.06 -3.31 0.27
N PRO C 251 -0.06 -2.14 0.92
CA PRO C 251 -0.57 -2.06 2.31
C PRO C 251 -1.88 -2.79 2.57
N THR C 252 -2.83 -2.76 1.62
CA THR C 252 -4.10 -3.44 1.85
C THR C 252 -3.88 -4.93 2.10
N SER C 253 -3.02 -5.56 1.31
CA SER C 253 -2.66 -6.95 1.55
C SER C 253 -1.93 -7.11 2.88
N HIS C 254 -1.07 -6.14 3.24
CA HIS C 254 -0.40 -6.17 4.52
C HIS C 254 -1.38 -6.06 5.68
N LEU C 255 -2.61 -5.65 5.40
CA LEU C 255 -3.65 -5.54 6.42
C LEU C 255 -4.58 -6.74 6.48
N MET C 256 -5.02 -7.27 5.33
CA MET C 256 -6.12 -8.24 5.33
C MET C 256 -5.80 -9.58 4.69
N GLN C 257 -4.53 -9.86 4.35
CA GLN C 257 -4.24 -11.06 3.55
C GLN C 257 -4.69 -12.34 4.25
N SER C 258 -4.81 -12.34 5.57
CA SER C 258 -5.26 -13.53 6.30
C SER C 258 -6.77 -13.64 6.42
N ILE C 259 -7.52 -12.57 6.11
CA ILE C 259 -8.97 -12.60 6.29
C ILE C 259 -9.65 -13.66 5.41
N PRO C 260 -9.41 -13.71 4.10
CA PRO C 260 -10.13 -14.72 3.28
C PRO C 260 -9.88 -16.14 3.74
N GLY C 261 -8.66 -16.46 4.17
CA GLY C 261 -8.39 -17.80 4.65
C GLY C 261 -9.11 -18.13 5.94
N MET C 262 -9.45 -17.11 6.74
CA MET C 262 -10.02 -17.32 8.06
C MET C 262 -11.54 -17.32 8.07
N HIS C 263 -12.19 -17.18 6.92
CA HIS C 263 -13.64 -17.25 6.87
C HIS C 263 -14.11 -18.67 7.13
N ASN C 264 -15.34 -18.78 7.65
CA ASN C 264 -15.90 -20.06 8.05
C ASN C 264 -16.53 -20.75 6.84
N PRO C 265 -15.98 -21.88 6.39
CA PRO C 265 -16.53 -22.51 5.16
C PRO C 265 -17.98 -22.93 5.28
N ASP C 266 -18.47 -23.25 6.48
CA ASP C 266 -19.84 -23.69 6.62
C ASP C 266 -20.84 -22.59 6.28
N LYS C 267 -20.44 -21.34 6.45
CA LYS C 267 -21.37 -20.22 6.31
C LYS C 267 -20.99 -19.21 5.24
N PHE C 268 -19.77 -19.26 4.70
CA PHE C 268 -19.33 -18.24 3.76
C PHE C 268 -18.53 -18.88 2.63
N GLU C 269 -18.68 -18.28 1.44
CA GLU C 269 -17.93 -18.64 0.25
C GLU C 269 -17.24 -17.37 -0.26
N VAL C 270 -15.92 -17.36 -0.25
CA VAL C 270 -15.13 -16.16 -0.44
C VAL C 270 -14.60 -16.13 -1.87
N PHE C 271 -15.01 -15.11 -2.63
CA PHE C 271 -14.49 -14.83 -3.95
C PHE C 271 -13.61 -13.60 -3.87
N CYS C 272 -12.45 -13.65 -4.51
CA CYS C 272 -11.53 -12.51 -4.57
C CYS C 272 -11.38 -12.09 -6.02
N TYR C 273 -11.67 -10.82 -6.30
CA TYR C 273 -11.61 -10.26 -7.65
C TYR C 273 -10.45 -9.28 -7.70
N ALA C 274 -9.34 -9.73 -8.28
CA ALA C 274 -8.16 -8.89 -8.43
C ALA C 274 -8.32 -7.97 -9.63
N LEU C 275 -8.18 -6.68 -9.40
CA LEU C 275 -8.13 -5.69 -10.47
C LEU C 275 -6.72 -5.51 -11.01
N SER C 276 -5.75 -6.21 -10.45
CA SER C 276 -4.36 -6.11 -10.84
C SER C 276 -3.82 -7.48 -11.20
N PRO C 277 -2.88 -7.55 -12.14
CA PRO C 277 -2.29 -8.85 -12.48
C PRO C 277 -1.42 -9.37 -11.35
N ASP C 278 -0.99 -10.62 -11.50
CA ASP C 278 -0.12 -11.25 -10.52
C ASP C 278 1.24 -10.56 -10.52
N ASP C 279 1.62 -9.97 -9.38
CA ASP C 279 2.92 -9.35 -9.22
C ASP C 279 3.97 -10.30 -8.66
N GLY C 280 3.62 -11.57 -8.46
CA GLY C 280 4.56 -12.58 -8.04
C GLY C 280 4.90 -12.58 -6.57
N THR C 281 4.27 -11.72 -5.77
CA THR C 281 4.60 -11.63 -4.34
C THR C 281 3.82 -12.66 -3.54
N ASN C 282 4.31 -12.92 -2.32
CA ASN C 282 3.68 -13.90 -1.46
C ASN C 282 2.29 -13.47 -1.01
N PHE C 283 2.00 -12.18 -0.99
CA PHE C 283 0.66 -11.72 -0.65
C PHE C 283 -0.36 -12.22 -1.67
N ARG C 284 -0.02 -12.09 -2.96
CA ARG C 284 -0.91 -12.56 -4.02
C ARG C 284 -1.12 -14.06 -3.91
N VAL C 285 -0.05 -14.83 -3.74
CA VAL C 285 -0.19 -16.29 -3.73
C VAL C 285 -0.96 -16.74 -2.49
N LYS C 286 -0.75 -16.07 -1.35
CA LYS C 286 -1.52 -16.40 -0.16
C LYS C 286 -3.01 -16.20 -0.38
N VAL C 287 -3.38 -15.05 -0.94
CA VAL C 287 -4.81 -14.77 -1.14
C VAL C 287 -5.39 -15.74 -2.16
N MET C 288 -4.65 -16.05 -3.24
CA MET C 288 -5.16 -16.98 -4.24
C MET C 288 -5.32 -18.38 -3.67
N ALA C 289 -4.41 -18.79 -2.78
CA ALA C 289 -4.49 -20.14 -2.21
C ALA C 289 -5.62 -20.25 -1.19
N GLU C 290 -5.82 -19.20 -0.38
CA GLU C 290 -6.74 -19.32 0.75
C GLU C 290 -8.15 -18.87 0.45
N ALA C 291 -8.36 -18.11 -0.63
CA ALA C 291 -9.72 -17.77 -1.03
C ALA C 291 -10.41 -19.01 -1.61
N ASN C 292 -11.73 -19.07 -1.44
CA ASN C 292 -12.50 -20.12 -2.10
C ASN C 292 -12.41 -19.96 -3.62
N HIS C 293 -12.44 -18.72 -4.10
CA HIS C 293 -12.31 -18.46 -5.53
C HIS C 293 -11.52 -17.18 -5.74
N PHE C 294 -10.56 -17.22 -6.64
CA PHE C 294 -9.80 -16.05 -7.06
C PHE C 294 -10.06 -15.81 -8.53
N ILE C 295 -10.48 -14.59 -8.87
CA ILE C 295 -10.87 -14.24 -10.23
C ILE C 295 -10.04 -13.03 -10.65
N ASP C 296 -9.24 -13.19 -11.70
CA ASP C 296 -8.37 -12.13 -12.20
C ASP C 296 -9.16 -11.29 -13.19
N LEU C 297 -9.80 -10.23 -12.67
CA LEU C 297 -10.56 -9.33 -13.52
C LEU C 297 -9.68 -8.41 -14.35
N SER C 298 -8.37 -8.35 -14.06
CA SER C 298 -7.47 -7.59 -14.92
C SER C 298 -7.39 -8.18 -16.31
N GLN C 299 -7.75 -9.45 -16.48
CA GLN C 299 -7.86 -10.06 -17.79
C GLN C 299 -9.21 -9.81 -18.45
N ILE C 300 -10.14 -9.18 -17.74
CA ILE C 300 -11.45 -8.80 -18.30
C ILE C 300 -11.51 -7.28 -18.34
N PRO C 301 -10.92 -6.63 -19.33
CA PRO C 301 -10.90 -5.15 -19.34
C PRO C 301 -12.27 -4.51 -19.40
N CYS C 302 -13.22 -5.12 -20.12
CA CYS C 302 -14.55 -4.54 -20.23
C CYS C 302 -15.30 -4.66 -18.91
N ASN C 303 -15.88 -3.55 -18.46
CA ASN C 303 -16.58 -3.55 -17.18
C ASN C 303 -17.91 -4.30 -17.26
N GLY C 304 -18.57 -4.27 -18.41
CA GLY C 304 -19.80 -5.04 -18.55
C GLY C 304 -19.55 -6.54 -18.40
N LYS C 305 -18.51 -7.05 -19.05
CA LYS C 305 -18.22 -8.47 -18.97
C LYS C 305 -17.73 -8.86 -17.58
N ALA C 306 -16.96 -8.01 -16.92
CA ALA C 306 -16.50 -8.32 -15.57
C ALA C 306 -17.64 -8.28 -14.56
N ALA C 307 -18.56 -7.31 -14.70
CA ALA C 307 -19.75 -7.30 -13.87
C ALA C 307 -20.61 -8.53 -14.13
N ASP C 308 -20.68 -8.97 -15.38
CA ASP C 308 -21.36 -10.21 -15.71
C ASP C 308 -20.71 -11.39 -15.00
N ARG C 309 -19.39 -11.43 -14.96
CA ARG C 309 -18.69 -12.50 -14.26
C ARG C 309 -19.00 -12.49 -12.77
N ILE C 310 -19.04 -11.29 -12.17
CA ILE C 310 -19.40 -11.20 -10.74
C ILE C 310 -20.83 -11.70 -10.52
N HIS C 311 -21.75 -11.32 -11.42
CA HIS C 311 -23.14 -11.72 -11.27
C HIS C 311 -23.30 -13.23 -11.45
N GLN C 312 -22.56 -13.82 -12.39
CA GLN C 312 -22.64 -15.27 -12.59
C GLN C 312 -22.21 -16.03 -11.36
N ASP C 313 -21.18 -15.53 -10.67
CA ASP C 313 -20.71 -16.16 -9.44
C ASP C 313 -21.73 -16.09 -8.32
N GLY C 314 -22.79 -15.29 -8.47
CA GLY C 314 -23.85 -15.24 -7.48
C GLY C 314 -23.48 -14.49 -6.21
N ILE C 315 -22.67 -13.44 -6.32
CA ILE C 315 -22.18 -12.74 -5.14
C ILE C 315 -23.36 -12.11 -4.40
N HIS C 316 -23.40 -12.33 -3.09
CA HIS C 316 -24.39 -11.69 -2.24
C HIS C 316 -23.89 -10.34 -1.73
N ILE C 317 -22.66 -10.28 -1.26
CA ILE C 317 -22.09 -9.02 -0.76
C ILE C 317 -20.79 -8.74 -1.50
N LEU C 318 -20.78 -7.64 -2.25
CA LEU C 318 -19.60 -7.19 -2.98
C LEU C 318 -18.93 -6.07 -2.20
N VAL C 319 -17.61 -6.18 -2.03
CA VAL C 319 -16.86 -5.35 -1.11
C VAL C 319 -15.85 -4.52 -1.88
N ASN C 320 -16.03 -3.20 -1.82
CA ASN C 320 -15.17 -2.22 -2.49
C ASN C 320 -13.98 -1.92 -1.59
N MET C 321 -12.80 -2.39 -1.99
CA MET C 321 -11.57 -2.14 -1.26
C MET C 321 -10.73 -1.04 -1.88
N ASN C 322 -11.27 -0.32 -2.85
CA ASN C 322 -10.51 0.71 -3.55
C ASN C 322 -11.03 2.11 -3.33
N GLY C 323 -12.35 2.30 -3.40
CA GLY C 323 -12.87 3.66 -3.36
C GLY C 323 -12.28 4.47 -4.49
N TYR C 324 -11.87 5.70 -4.18
CA TYR C 324 -11.19 6.55 -5.15
C TYR C 324 -9.68 6.53 -4.94
N THR C 325 -9.11 5.33 -5.03
CA THR C 325 -7.66 5.14 -5.00
C THR C 325 -7.20 4.64 -6.36
N LYS C 326 -5.87 4.60 -6.51
CA LYS C 326 -5.27 4.15 -7.77
C LYS C 326 -5.69 2.72 -8.08
N GLY C 327 -6.07 2.48 -9.33
CA GLY C 327 -6.43 1.15 -9.78
C GLY C 327 -7.89 0.77 -9.57
N ALA C 328 -8.71 1.64 -9.02
CA ALA C 328 -10.11 1.31 -8.80
C ALA C 328 -10.84 1.10 -10.12
N ARG C 329 -11.81 0.19 -10.10
CA ARG C 329 -12.79 0.05 -11.17
C ARG C 329 -14.16 0.07 -10.50
N ASN C 330 -14.63 1.27 -10.19
CA ASN C 330 -15.93 1.41 -9.54
C ASN C 330 -17.08 1.31 -10.52
N GLU C 331 -16.77 1.26 -11.81
CA GLU C 331 -17.77 0.94 -12.82
C GLU C 331 -18.39 -0.42 -12.56
N LEU C 332 -17.59 -1.37 -12.08
CA LEU C 332 -18.10 -2.68 -11.68
C LEU C 332 -19.22 -2.53 -10.66
N PHE C 333 -19.02 -1.67 -9.67
CA PHE C 333 -20.00 -1.48 -8.62
C PHE C 333 -21.20 -0.67 -9.11
N ALA C 334 -20.98 0.29 -10.01
CA ALA C 334 -22.08 1.06 -10.55
C ALA C 334 -23.07 0.17 -11.30
N LEU C 335 -22.58 -0.92 -11.90
CA LEU C 335 -23.45 -1.85 -12.59
C LEU C 335 -24.27 -2.72 -11.64
N ARG C 336 -23.94 -2.70 -10.34
CA ARG C 336 -24.70 -3.39 -9.30
C ARG C 336 -24.94 -4.88 -9.62
N PRO C 337 -23.87 -5.69 -9.67
CA PRO C 337 -24.07 -7.13 -9.86
C PRO C 337 -24.47 -7.88 -8.60
N ALA C 338 -24.39 -7.25 -7.43
CA ALA C 338 -24.70 -7.91 -6.17
C ALA C 338 -25.74 -7.10 -5.41
N PRO C 339 -26.63 -7.76 -4.67
CA PRO C 339 -27.69 -7.04 -3.96
C PRO C 339 -27.19 -6.14 -2.83
N ILE C 340 -26.02 -6.42 -2.27
CA ILE C 340 -25.43 -5.60 -1.21
C ILE C 340 -24.00 -5.26 -1.61
N GLN C 341 -23.65 -3.98 -1.54
CA GLN C 341 -22.31 -3.51 -1.89
C GLN C 341 -21.82 -2.58 -0.80
N ALA C 342 -20.62 -2.84 -0.28
CA ALA C 342 -20.12 -2.16 0.91
C ALA C 342 -18.68 -1.73 0.75
N MET C 343 -18.37 -0.51 1.18
CA MET C 343 -17.00 -0.01 1.23
C MET C 343 -16.28 -0.59 2.45
N TRP C 344 -15.00 -0.93 2.29
CA TRP C 344 -14.28 -1.56 3.40
C TRP C 344 -12.77 -1.37 3.27
N LEU C 345 -12.20 -0.60 4.18
CA LEU C 345 -10.79 -0.64 4.58
C LEU C 345 -9.80 -0.10 3.54
N GLY C 346 -10.27 0.15 2.32
CA GLY C 346 -9.34 0.57 1.30
C GLY C 346 -9.25 2.08 1.21
N TYR C 347 -10.40 2.72 1.34
CA TYR C 347 -10.55 4.16 1.14
C TYR C 347 -11.07 4.79 2.43
N PRO C 348 -10.36 5.76 3.00
CA PRO C 348 -10.80 6.37 4.27
C PRO C 348 -11.76 7.54 4.05
N GLY C 349 -12.88 7.26 3.42
CA GLY C 349 -13.88 8.30 3.18
C GLY C 349 -15.07 7.74 2.46
N THR C 350 -16.09 8.58 2.32
CA THR C 350 -17.32 8.18 1.65
C THR C 350 -17.13 8.11 0.15
N SER C 351 -17.85 7.16 -0.47
CA SER C 351 -17.90 7.11 -1.92
C SER C 351 -18.82 8.17 -2.51
N GLY C 352 -19.74 8.72 -1.71
CA GLY C 352 -20.70 9.68 -2.20
C GLY C 352 -21.70 9.13 -3.20
N ALA C 353 -21.60 7.85 -3.54
CA ALA C 353 -22.32 7.28 -4.67
C ALA C 353 -23.50 6.43 -4.23
N LEU C 354 -24.52 6.37 -5.08
CA LEU C 354 -25.73 5.64 -4.75
C LEU C 354 -25.54 4.13 -4.84
N PHE C 355 -24.60 3.66 -5.67
CA PHE C 355 -24.42 2.23 -5.84
C PHE C 355 -23.67 1.59 -4.67
N MET C 356 -23.11 2.39 -3.76
CA MET C 356 -22.59 1.90 -2.50
C MET C 356 -23.72 1.90 -1.46
N ASP C 357 -23.85 0.79 -0.71
CA ASP C 357 -24.90 0.66 0.29
C ASP C 357 -24.41 0.94 1.70
N TYR C 358 -23.34 0.26 2.12
CA TYR C 358 -22.82 0.35 3.47
C TYR C 358 -21.37 0.81 3.44
N ILE C 359 -20.93 1.42 4.53
CA ILE C 359 -19.52 1.64 4.80
C ILE C 359 -19.17 0.91 6.10
N ILE C 360 -18.20 0.02 6.04
CA ILE C 360 -17.81 -0.77 7.20
C ILE C 360 -16.89 0.09 8.06
N THR C 361 -17.39 0.49 9.23
CA THR C 361 -16.64 1.34 10.14
C THR C 361 -16.98 0.89 11.56
N ASP C 362 -16.66 1.72 12.55
CA ASP C 362 -17.00 1.44 13.94
C ASP C 362 -17.56 2.71 14.57
N GLN C 363 -17.99 2.60 15.83
CA GLN C 363 -18.53 3.76 16.52
C GLN C 363 -17.46 4.81 16.79
N GLU C 364 -16.21 4.39 16.99
CA GLU C 364 -15.15 5.33 17.33
C GLU C 364 -14.67 6.14 16.12
N THR C 365 -14.65 5.54 14.93
CA THR C 365 -14.25 6.30 13.74
C THR C 365 -15.41 7.13 13.19
N SER C 366 -16.61 6.58 13.18
CA SER C 366 -17.77 7.22 12.55
C SER C 366 -18.95 7.18 13.50
N PRO C 367 -18.94 7.99 14.56
CA PRO C 367 -20.09 8.05 15.47
C PRO C 367 -21.32 8.60 14.74
N ALA C 368 -22.48 8.41 15.37
CA ALA C 368 -23.74 8.79 14.75
C ALA C 368 -23.77 10.27 14.40
N GLU C 369 -23.12 11.11 15.21
CA GLU C 369 -23.13 12.55 14.96
C GLU C 369 -22.62 12.89 13.56
N VAL C 370 -21.71 12.10 13.03
CA VAL C 370 -21.10 12.38 11.73
C VAL C 370 -21.67 11.49 10.63
N ALA C 371 -22.83 10.87 10.87
CA ALA C 371 -23.43 10.01 9.85
C ALA C 371 -23.73 10.78 8.55
N GLU C 372 -23.86 12.11 8.63
CA GLU C 372 -24.10 12.91 7.44
C GLU C 372 -22.88 12.97 6.52
N GLN C 373 -21.69 12.66 7.03
CA GLN C 373 -20.49 12.72 6.19
C GLN C 373 -20.54 11.70 5.06
N TYR C 374 -21.25 10.60 5.25
CA TYR C 374 -21.24 9.48 4.32
C TYR C 374 -22.54 9.39 3.54
N SER C 375 -22.42 9.04 2.26
CA SER C 375 -23.61 8.68 1.49
C SER C 375 -24.13 7.30 1.87
N GLU C 376 -23.24 6.40 2.27
CA GLU C 376 -23.61 5.05 2.63
C GLU C 376 -24.21 5.01 4.03
N LYS C 377 -24.98 3.95 4.28
CA LYS C 377 -25.40 3.66 5.63
C LYS C 377 -24.24 3.10 6.43
N LEU C 378 -24.20 3.43 7.72
CA LEU C 378 -23.13 2.93 8.58
C LEU C 378 -23.32 1.44 8.87
N ALA C 379 -22.22 0.71 8.89
CA ALA C 379 -22.19 -0.69 9.31
C ALA C 379 -21.09 -0.83 10.36
N TYR C 380 -21.48 -0.95 11.62
CA TYR C 380 -20.52 -0.90 12.71
C TYR C 380 -19.87 -2.25 12.95
N MET C 381 -18.56 -2.23 13.13
CA MET C 381 -17.85 -3.37 13.66
C MET C 381 -17.63 -3.19 15.15
N PRO C 382 -17.68 -4.25 15.94
CA PRO C 382 -17.26 -4.15 17.34
C PRO C 382 -15.81 -3.72 17.42
N HIS C 383 -15.49 -2.91 18.42
CA HIS C 383 -14.15 -2.35 18.59
C HIS C 383 -13.77 -1.46 17.42
N THR C 384 -12.87 -1.92 16.55
CA THR C 384 -12.41 -1.10 15.43
C THR C 384 -12.55 -1.86 14.11
N PHE C 385 -12.78 -1.10 13.05
CA PHE C 385 -12.86 -1.66 11.70
C PHE C 385 -11.48 -1.90 11.09
N PHE C 386 -10.42 -1.35 11.68
CA PHE C 386 -9.09 -1.51 11.12
C PHE C 386 -8.47 -2.82 11.58
N ILE C 387 -7.77 -3.48 10.65
CA ILE C 387 -7.11 -4.75 10.92
C ILE C 387 -5.72 -4.70 10.33
N GLY C 388 -4.85 -5.56 10.84
CA GLY C 388 -3.49 -5.68 10.32
C GLY C 388 -3.03 -7.11 10.43
N ASP C 389 -2.09 -7.48 9.55
CA ASP C 389 -1.54 -8.83 9.52
C ASP C 389 -0.20 -8.91 10.23
N HIS C 390 0.08 -7.99 11.15
CA HIS C 390 1.39 -7.90 11.77
C HIS C 390 1.72 -9.16 12.57
N ALA C 391 0.73 -9.73 13.26
CA ALA C 391 0.96 -10.95 14.03
C ALA C 391 1.45 -12.08 13.15
N ASN C 392 0.93 -12.15 11.91
CA ASN C 392 1.37 -13.17 10.97
C ASN C 392 2.64 -12.75 10.24
N MET C 393 2.72 -11.47 9.84
CA MET C 393 3.84 -11.01 9.02
C MET C 393 5.12 -10.88 9.83
N PHE C 394 5.04 -10.35 11.05
CA PHE C 394 6.22 -10.03 11.85
C PHE C 394 6.11 -10.67 13.23
N PRO C 395 6.06 -12.01 13.31
CA PRO C 395 6.04 -12.67 14.63
C PRO C 395 7.35 -12.55 15.37
N HIS C 396 8.45 -12.27 14.67
CA HIS C 396 9.75 -12.13 15.30
C HIS C 396 9.85 -10.89 16.19
N LEU C 397 8.87 -9.99 16.11
CA LEU C 397 8.80 -8.82 16.99
C LEU C 397 7.89 -9.03 18.19
N LYS C 398 7.40 -10.26 18.40
CA LYS C 398 6.60 -10.55 19.59
C LYS C 398 7.44 -10.49 20.85
N LYS C 399 8.68 -10.97 20.79
CA LYS C 399 9.62 -10.89 21.90
C LYS C 399 10.87 -10.16 21.45
N LYS C 400 11.49 -9.45 22.40
CA LYS C 400 12.73 -8.73 22.13
C LYS C 400 13.67 -8.86 23.32
N ALA C 401 14.96 -8.73 23.04
CA ALA C 401 15.98 -8.59 24.06
C ALA C 401 16.74 -7.29 23.80
N VAL C 402 17.59 -6.89 24.74
CA VAL C 402 18.43 -5.71 24.54
C VAL C 402 19.84 -6.01 25.02
N ILE C 403 20.77 -5.13 24.64
CA ILE C 403 22.15 -5.16 25.13
C ILE C 403 22.35 -3.96 26.05
N ASP C 404 22.89 -4.22 27.24
CA ASP C 404 23.21 -3.16 28.19
C ASP C 404 24.62 -2.65 27.91
N PHE C 405 24.70 -1.72 26.94
CA PHE C 405 25.97 -1.17 26.50
C PHE C 405 26.51 -0.09 27.44
N LYS C 406 25.66 0.49 28.29
CA LYS C 406 26.11 1.49 29.24
C LYS C 406 27.02 0.85 30.29
N SER C 407 27.89 1.67 30.88
CA SER C 407 28.78 1.22 31.95
C SER C 407 27.98 0.58 33.08
N ASN C 408 26.96 1.28 33.58
CA ASN C 408 26.06 0.73 34.60
C ASN C 408 24.79 1.57 34.73
N GLY C 409 23.62 0.93 34.63
CA GLY C 409 22.35 1.59 34.74
C GLY C 409 21.66 1.70 33.39
N HIS C 410 20.48 2.34 33.41
CA HIS C 410 19.71 2.66 32.20
C HIS C 410 19.33 1.39 31.44
N ILE C 411 18.35 0.67 32.02
CA ILE C 411 17.79 -0.57 31.46
C ILE C 411 17.63 -0.49 29.95
N TYR C 412 17.03 0.60 29.45
CA TYR C 412 17.11 1.00 28.05
C TYR C 412 16.56 -0.08 27.10
N ASP C 413 15.23 -0.20 27.12
CA ASP C 413 14.54 -1.15 26.27
C ASP C 413 14.63 -0.82 24.77
N ASN C 414 15.11 0.37 24.39
CA ASN C 414 15.02 0.77 22.99
C ASN C 414 16.31 1.42 22.47
N ARG C 415 17.47 0.98 22.95
CA ARG C 415 18.74 1.52 22.47
C ARG C 415 19.49 0.53 21.58
N ILE C 416 19.68 -0.70 22.04
CA ILE C 416 20.24 -1.79 21.24
C ILE C 416 19.34 -3.00 21.43
N VAL C 417 18.56 -3.34 20.40
CA VAL C 417 17.47 -4.30 20.49
C VAL C 417 17.78 -5.50 19.60
N LEU C 418 17.40 -6.68 20.07
CA LEU C 418 17.54 -7.94 19.34
C LEU C 418 16.16 -8.54 19.16
N ASN C 419 15.85 -8.97 17.93
CA ASN C 419 14.63 -9.70 17.66
C ASN C 419 14.97 -10.98 16.90
N GLY C 420 14.11 -11.99 17.04
CA GLY C 420 14.35 -13.24 16.34
C GLY C 420 13.46 -14.39 16.75
N ILE C 421 13.19 -15.29 15.81
CA ILE C 421 12.41 -16.49 16.12
C ILE C 421 13.17 -17.38 17.10
N ASP C 422 14.48 -17.55 16.87
CA ASP C 422 15.32 -18.39 17.72
C ASP C 422 16.06 -17.58 18.79
N LEU C 423 15.47 -16.47 19.24
CA LEU C 423 16.17 -15.60 20.18
C LEU C 423 16.30 -16.25 21.55
N LYS C 424 15.28 -16.98 22.00
CA LYS C 424 15.35 -17.63 23.30
C LYS C 424 16.50 -18.62 23.35
N ALA C 425 16.71 -19.38 22.27
CA ALA C 425 17.84 -20.31 22.22
C ALA C 425 19.17 -19.56 22.31
N PHE C 426 19.30 -18.47 21.55
CA PHE C 426 20.55 -17.71 21.57
C PHE C 426 20.85 -17.15 22.95
N LEU C 427 19.83 -16.60 23.61
CA LEU C 427 20.01 -16.11 24.98
C LEU C 427 20.38 -17.25 25.92
N ASP C 428 19.75 -18.41 25.75
CA ASP C 428 20.09 -19.56 26.60
C ASP C 428 21.53 -20.01 26.38
N SER C 429 22.09 -19.75 25.20
CA SER C 429 23.48 -20.10 24.97
C SER C 429 24.46 -19.14 25.63
N LEU C 430 23.97 -18.00 26.21
CA LEU C 430 24.81 -16.96 26.79
C LEU C 430 24.89 -17.12 28.31
N PRO C 431 26.03 -16.72 28.91
CA PRO C 431 26.27 -17.06 30.32
C PRO C 431 25.36 -16.38 31.34
N ASP C 432 25.23 -15.06 31.26
CA ASP C 432 24.72 -14.25 32.38
C ASP C 432 23.65 -13.27 31.91
N VAL C 433 22.66 -13.77 31.19
CA VAL C 433 21.56 -12.92 30.72
C VAL C 433 20.66 -12.55 31.90
N LYS C 434 20.47 -11.25 32.10
CA LYS C 434 19.50 -10.75 33.07
C LYS C 434 18.10 -10.75 32.48
N ILE C 435 17.09 -10.76 33.34
CA ILE C 435 15.70 -10.78 32.91
C ILE C 435 14.93 -9.70 33.68
N VAL C 436 14.49 -8.65 32.98
CA VAL C 436 13.71 -7.58 33.59
C VAL C 436 12.23 -7.98 33.53
N LYS C 437 11.59 -8.04 34.69
CA LYS C 437 10.17 -8.35 34.75
C LYS C 437 9.35 -7.10 34.45
N MET C 438 8.25 -7.28 33.73
CA MET C 438 7.40 -6.19 33.26
C MET C 438 6.15 -6.13 34.12
N LYS C 439 6.22 -5.37 35.21
CA LYS C 439 5.08 -5.22 36.11
C LYS C 439 4.00 -4.35 35.48
N ALA C 453 3.92 -12.38 33.12
CA ALA C 453 3.88 -13.32 32.02
C ALA C 453 4.89 -12.95 30.94
N LEU C 454 5.21 -11.66 30.86
CA LEU C 454 6.12 -11.14 29.85
C LEU C 454 7.35 -10.53 30.53
N ASN C 455 8.50 -10.69 29.87
CA ASN C 455 9.76 -10.27 30.44
C ASN C 455 10.69 -9.83 29.31
N MET C 456 11.74 -9.09 29.68
CA MET C 456 12.67 -8.52 28.72
C MET C 456 14.10 -8.93 29.06
N PRO C 457 14.74 -9.77 28.26
CA PRO C 457 16.12 -10.16 28.55
C PRO C 457 17.11 -9.03 28.24
N VAL C 458 18.15 -8.96 29.07
CA VAL C 458 19.20 -7.95 28.99
C VAL C 458 20.54 -8.67 28.95
N ILE C 459 21.31 -8.44 27.90
CA ILE C 459 22.65 -9.01 27.74
C ILE C 459 23.65 -8.05 28.36
N PRO C 460 24.51 -8.51 29.27
CA PRO C 460 25.53 -7.62 29.83
C PRO C 460 26.60 -7.31 28.81
N MET C 461 27.35 -6.24 29.09
CA MET C 461 28.46 -5.84 28.24
C MET C 461 29.61 -6.82 28.45
N ASN C 462 29.52 -7.95 27.76
CA ASN C 462 30.58 -8.95 27.74
C ASN C 462 31.09 -9.10 26.31
N THR C 463 31.95 -10.09 26.10
CA THR C 463 32.60 -10.26 24.81
C THR C 463 31.57 -10.49 23.69
N ILE C 464 30.46 -11.16 23.99
CA ILE C 464 29.43 -11.38 22.99
C ILE C 464 28.77 -10.06 22.61
N ALA C 465 28.42 -9.26 23.61
CA ALA C 465 27.87 -7.93 23.34
C ALA C 465 28.88 -7.08 22.57
N GLU C 466 30.16 -7.22 22.88
CA GLU C 466 31.19 -6.49 22.14
C GLU C 466 31.23 -6.92 20.67
N ALA C 467 31.09 -8.22 20.41
CA ALA C 467 31.05 -8.68 19.02
C ALA C 467 29.86 -8.09 18.29
N VAL C 468 28.69 -8.06 18.93
CA VAL C 468 27.51 -7.49 18.29
C VAL C 468 27.70 -6.00 18.01
N ILE C 469 28.24 -5.27 19.00
CA ILE C 469 28.49 -3.84 18.84
C ILE C 469 29.46 -3.60 17.69
N GLU C 470 30.50 -4.45 17.60
CA GLU C 470 31.46 -4.32 16.51
C GLU C 470 30.80 -4.55 15.16
N MET C 471 29.91 -5.54 15.06
CA MET C 471 29.20 -5.74 13.80
C MET C 471 28.38 -4.52 13.43
N ILE C 472 27.70 -3.91 14.40
CA ILE C 472 26.90 -2.73 14.10
C ILE C 472 27.79 -1.56 13.66
N ASN C 473 28.88 -1.31 14.40
CA ASN C 473 29.71 -0.15 14.14
C ASN C 473 30.51 -0.32 12.85
N ARG C 474 31.03 -1.51 12.59
CA ARG C 474 31.79 -1.76 11.37
C ARG C 474 30.93 -1.80 10.13
N GLY C 475 29.60 -1.79 10.29
CA GLY C 475 28.72 -1.92 9.14
C GLY C 475 28.81 -3.27 8.47
N GLN C 476 29.08 -4.33 9.24
CA GLN C 476 29.17 -5.66 8.69
C GLN C 476 27.77 -6.25 8.51
N ILE C 477 27.64 -7.15 7.54
CA ILE C 477 26.34 -7.69 7.18
C ILE C 477 25.81 -8.61 8.28
N GLN C 478 26.63 -9.56 8.71
CA GLN C 478 26.19 -10.59 9.64
C GLN C 478 27.40 -11.19 10.33
N ILE C 479 27.13 -11.87 11.44
CA ILE C 479 28.13 -12.58 12.23
C ILE C 479 27.51 -13.86 12.75
N THR C 480 28.36 -14.69 13.34
CA THR C 480 27.93 -15.95 13.95
C THR C 480 28.39 -15.98 15.40
N ILE C 481 27.46 -16.21 16.32
CA ILE C 481 27.79 -16.35 17.73
C ILE C 481 27.21 -17.65 18.23
N ASN C 482 28.07 -18.56 18.68
CA ASN C 482 27.67 -19.87 19.19
C ASN C 482 26.83 -20.64 18.17
N GLY C 483 27.13 -20.44 16.89
CA GLY C 483 26.40 -21.08 15.82
C GLY C 483 25.14 -20.38 15.39
N PHE C 484 24.74 -19.33 16.08
CA PHE C 484 23.54 -18.57 15.74
C PHE C 484 23.88 -17.43 14.78
N SER C 485 22.96 -17.16 13.87
CA SER C 485 23.13 -16.13 12.85
C SER C 485 22.64 -14.79 13.39
N ILE C 486 23.53 -13.81 13.41
CA ILE C 486 23.23 -12.48 13.93
C ILE C 486 23.34 -11.51 12.76
N SER C 487 22.22 -10.93 12.36
CA SER C 487 22.13 -10.10 11.16
C SER C 487 22.02 -8.63 11.53
N ASN C 488 22.67 -7.80 10.72
CA ASN C 488 22.55 -6.35 10.85
C ASN C 488 21.17 -5.91 10.38
N GLY C 489 20.51 -5.09 11.20
CA GLY C 489 19.16 -4.66 10.87
C GLY C 489 19.07 -3.84 9.59
N LEU C 490 20.15 -3.21 9.17
CA LEU C 490 20.16 -2.42 7.95
C LEU C 490 20.42 -3.25 6.71
N ALA C 491 20.82 -4.51 6.85
CA ALA C 491 21.25 -5.33 5.72
C ALA C 491 20.27 -6.47 5.41
N THR C 492 19.04 -6.40 5.91
CA THR C 492 18.11 -7.51 5.77
C THR C 492 17.88 -7.86 4.30
N THR C 493 17.72 -6.84 3.44
CA THR C 493 17.46 -7.11 2.03
C THR C 493 18.61 -7.85 1.37
N GLN C 494 19.83 -7.71 1.89
CA GLN C 494 20.96 -8.44 1.32
C GLN C 494 21.04 -9.86 1.85
N ILE C 495 20.35 -10.19 2.93
CA ILE C 495 20.41 -11.52 3.53
C ILE C 495 19.24 -12.38 3.08
N ASN C 496 18.03 -11.83 3.06
CA ASN C 496 16.87 -12.54 2.54
C ASN C 496 15.88 -11.47 2.08
N ASN C 497 15.81 -11.26 0.76
CA ASN C 497 14.98 -10.19 0.22
C ASN C 497 13.51 -10.39 0.53
N LYS C 498 13.03 -11.64 0.55
CA LYS C 498 11.63 -11.89 0.83
C LYS C 498 11.27 -11.56 2.27
N ALA C 499 12.21 -11.76 3.20
CA ALA C 499 11.93 -11.41 4.59
C ALA C 499 11.93 -9.91 4.81
N ALA C 500 12.67 -9.16 3.99
CA ALA C 500 12.74 -7.71 4.16
C ALA C 500 11.44 -7.02 3.74
N THR C 501 10.68 -7.63 2.84
CA THR C 501 9.43 -7.06 2.37
C THR C 501 8.21 -7.56 3.15
N GLY C 502 8.41 -8.41 4.14
CA GLY C 502 7.30 -8.99 4.86
C GLY C 502 6.72 -10.23 4.23
N GLU C 503 7.21 -10.63 3.05
CA GLU C 503 6.75 -11.87 2.42
C GLU C 503 7.19 -13.10 3.21
N GLU C 504 8.26 -13.00 3.99
CA GLU C 504 8.73 -14.11 4.81
C GLU C 504 9.10 -13.60 6.19
N VAL C 505 9.04 -14.50 7.16
CA VAL C 505 9.52 -14.21 8.51
C VAL C 505 11.04 -14.41 8.51
N PRO C 506 11.82 -13.45 9.03
CA PRO C 506 13.28 -13.64 9.05
C PRO C 506 13.66 -14.88 9.87
N ARG C 507 14.66 -15.61 9.37
CA ARG C 507 15.16 -16.80 10.02
C ARG C 507 16.49 -16.58 10.72
N THR C 508 16.95 -15.33 10.82
CA THR C 508 18.13 -14.96 11.57
C THR C 508 17.74 -14.01 12.70
N ILE C 509 18.71 -13.68 13.55
CA ILE C 509 18.48 -12.82 14.70
C ILE C 509 18.93 -11.41 14.33
N ILE C 510 17.98 -10.48 14.26
CA ILE C 510 18.23 -9.16 13.71
C ILE C 510 18.50 -8.16 14.83
N VAL C 511 19.54 -7.33 14.65
CA VAL C 511 19.94 -6.30 15.61
C VAL C 511 19.51 -4.94 15.09
N THR C 512 18.86 -4.15 15.94
CA THR C 512 18.42 -2.80 15.61
C THR C 512 18.94 -1.84 16.67
N THR C 513 19.72 -0.84 16.26
CA THR C 513 20.31 0.11 17.19
C THR C 513 19.93 1.53 16.82
N ARG C 514 19.91 2.40 17.83
CA ARG C 514 19.71 3.83 17.59
C ARG C 514 20.88 4.44 16.84
N SER C 515 22.09 3.90 17.05
CA SER C 515 23.25 4.38 16.30
C SER C 515 23.14 4.11 14.82
N GLN C 516 22.30 3.15 14.41
CA GLN C 516 22.08 2.91 12.99
C GLN C 516 21.41 4.10 12.32
N TYR C 517 20.44 4.72 12.98
CA TYR C 517 19.64 5.78 12.39
C TYR C 517 19.98 7.16 12.95
N GLY C 518 21.04 7.28 13.73
CA GLY C 518 21.44 8.58 14.25
C GLY C 518 20.60 9.10 15.38
N LEU C 519 19.81 8.25 16.03
CA LEU C 519 19.02 8.69 17.17
C LEU C 519 19.90 8.82 18.41
N PRO C 520 19.81 9.92 19.15
CA PRO C 520 20.62 10.06 20.36
C PRO C 520 20.30 8.96 21.37
N GLU C 521 21.36 8.40 21.97
CA GLU C 521 21.19 7.26 22.86
C GLU C 521 20.45 7.62 24.13
N ASP C 522 20.58 8.87 24.59
CA ASP C 522 20.11 9.28 25.91
C ASP C 522 18.91 10.24 25.84
N ALA C 523 18.15 10.22 24.76
CA ALA C 523 17.11 11.22 24.55
C ALA C 523 15.80 10.58 24.16
N ILE C 524 14.70 11.22 24.58
CA ILE C 524 13.38 10.78 24.17
C ILE C 524 13.24 10.99 22.66
N VAL C 525 12.67 10.00 21.98
CA VAL C 525 12.49 10.03 20.54
C VAL C 525 11.00 9.95 20.24
N TYR C 526 10.42 11.07 19.83
CA TYR C 526 9.08 11.07 19.25
C TYR C 526 9.20 10.75 17.77
N CYS C 527 8.28 9.96 17.25
CA CYS C 527 8.38 9.50 15.87
C CYS C 527 7.09 9.73 15.13
N ASN C 528 7.20 9.79 13.80
CA ASN C 528 6.05 9.73 12.90
C ASN C 528 6.56 9.27 11.55
N PHE C 529 6.19 8.05 11.15
CA PHE C 529 6.68 7.43 9.93
C PHE C 529 5.69 7.56 8.78
N ASN C 530 4.75 8.49 8.86
CA ASN C 530 3.79 8.69 7.79
C ASN C 530 4.44 9.40 6.60
N GLN C 531 3.74 9.38 5.48
CA GLN C 531 4.09 10.27 4.38
C GLN C 531 3.93 11.71 4.85
N LEU C 532 4.84 12.58 4.42
CA LEU C 532 4.90 13.92 4.98
C LEU C 532 3.69 14.78 4.63
N TYR C 533 2.91 14.39 3.63
CA TYR C 533 1.76 15.20 3.22
C TYR C 533 0.69 15.27 4.29
N LYS C 534 0.76 14.44 5.33
CA LYS C 534 -0.21 14.49 6.42
C LYS C 534 0.10 15.58 7.44
N ILE C 535 1.25 16.23 7.35
CA ILE C 535 1.62 17.29 8.28
C ILE C 535 1.19 18.64 7.72
N ASP C 536 0.63 19.47 8.59
CA ASP C 536 0.26 20.84 8.29
C ASP C 536 0.89 21.73 9.34
N PRO C 537 0.85 23.06 9.15
CA PRO C 537 1.52 23.94 10.13
C PRO C 537 1.06 23.75 11.57
N SER C 538 -0.22 23.48 11.81
CA SER C 538 -0.68 23.28 13.18
C SER C 538 -0.01 22.07 13.83
N THR C 539 0.10 20.97 13.07
CA THR C 539 0.72 19.76 13.60
C THR C 539 2.19 20.00 13.93
N LEU C 540 2.92 20.65 13.03
CA LEU C 540 4.31 20.97 13.31
C LEU C 540 4.43 21.92 14.51
N GLN C 541 3.43 22.79 14.71
CA GLN C 541 3.46 23.66 15.88
C GLN C 541 3.29 22.88 17.17
N MET C 542 2.36 21.92 17.19
CA MET C 542 2.21 21.09 18.39
C MET C 542 3.47 20.28 18.65
N TRP C 543 4.08 19.74 17.60
CA TRP C 543 5.31 18.99 17.77
C TRP C 543 6.44 19.89 18.29
N ALA C 544 6.50 21.13 17.80
CA ALA C 544 7.51 22.07 18.29
C ALA C 544 7.30 22.39 19.76
N ASN C 545 6.04 22.60 20.16
CA ASN C 545 5.75 22.84 21.58
C ASN C 545 6.19 21.67 22.43
N ILE C 546 5.86 20.45 22.00
CA ILE C 546 6.23 19.25 22.75
C ILE C 546 7.75 19.15 22.86
N LEU C 547 8.45 19.37 21.75
CA LEU C 547 9.90 19.23 21.73
C LEU C 547 10.55 20.27 22.64
N LYS C 548 10.02 21.49 22.67
CA LYS C 548 10.60 22.52 23.52
C LYS C 548 10.28 22.29 24.99
N ARG C 549 9.11 21.72 25.29
CA ARG C 549 8.76 21.43 26.68
C ARG C 549 9.49 20.23 27.25
N VAL C 550 9.92 19.29 26.41
CA VAL C 550 10.66 18.11 26.87
C VAL C 550 12.13 18.33 26.50
N PRO C 551 12.99 18.63 27.47
CA PRO C 551 14.41 18.84 27.15
C PRO C 551 15.06 17.57 26.65
N ASN C 552 16.04 17.74 25.76
CA ASN C 552 16.82 16.64 25.20
C ASN C 552 15.90 15.57 24.60
N SER C 553 15.13 16.01 23.61
CA SER C 553 14.26 15.12 22.84
C SER C 553 14.41 15.43 21.36
N VAL C 554 14.10 14.43 20.54
CA VAL C 554 14.17 14.59 19.10
C VAL C 554 12.87 14.09 18.47
N LEU C 555 12.60 14.60 17.27
CA LEU C 555 11.49 14.15 16.45
C LEU C 555 12.06 13.42 15.24
N TRP C 556 11.46 12.29 14.90
CA TRP C 556 11.99 11.33 13.93
C TRP C 556 11.01 11.26 12.77
N LEU C 557 11.43 11.75 11.61
CA LEU C 557 10.59 11.76 10.42
C LEU C 557 11.30 11.03 9.28
N LEU C 558 10.58 10.83 8.19
CA LEU C 558 11.07 10.09 7.05
C LEU C 558 11.19 10.99 5.82
N ARG C 559 12.16 10.68 4.97
CA ARG C 559 12.31 11.33 3.67
C ARG C 559 11.21 10.80 2.77
N PHE C 560 10.00 11.33 2.98
CA PHE C 560 8.77 10.77 2.42
C PHE C 560 7.92 11.87 1.79
N PRO C 561 8.40 12.52 0.71
CA PRO C 561 9.66 12.35 -0.01
C PRO C 561 10.80 13.16 0.59
N ALA C 562 12.04 12.93 0.12
CA ALA C 562 13.20 13.62 0.69
C ALA C 562 13.13 15.12 0.46
N VAL C 563 12.57 15.56 -0.67
CA VAL C 563 12.47 16.98 -0.97
C VAL C 563 11.54 17.69 0.01
N GLY C 564 10.67 16.95 0.70
CA GLY C 564 9.89 17.55 1.77
C GLY C 564 10.67 17.83 3.03
N GLU C 565 11.84 17.21 3.18
CA GLU C 565 12.66 17.42 4.39
C GLU C 565 13.09 18.86 4.58
N PRO C 566 13.69 19.55 3.59
CA PRO C 566 14.14 20.93 3.85
C PRO C 566 13.01 21.86 4.26
N ASN C 567 11.92 21.89 3.48
CA ASN C 567 10.77 22.71 3.83
C ASN C 567 10.39 22.52 5.29
N ILE C 568 10.09 21.28 5.67
CA ILE C 568 9.79 20.95 7.07
C ILE C 568 10.81 21.60 7.99
N GLN C 569 12.10 21.29 7.76
CA GLN C 569 13.15 21.84 8.60
C GLN C 569 13.01 23.35 8.71
N GLN C 570 12.88 24.02 7.58
CA GLN C 570 12.83 25.48 7.61
C GLN C 570 11.70 25.97 8.51
N TYR C 571 10.51 25.39 8.35
CA TYR C 571 9.40 25.81 9.21
C TYR C 571 9.73 25.53 10.67
N ALA C 572 10.28 24.35 10.96
CA ALA C 572 10.71 24.05 12.32
C ALA C 572 11.79 25.01 12.78
N GLN C 573 12.66 25.46 11.88
CA GLN C 573 13.68 26.43 12.25
C GLN C 573 13.06 27.75 12.68
N ASN C 574 11.91 28.11 12.10
CA ASN C 574 11.29 29.39 12.43
C ASN C 574 10.58 29.36 13.78
N MET C 575 10.28 28.18 14.31
CA MET C 575 9.65 28.04 15.61
C MET C 575 10.65 27.85 16.73
N GLY C 576 11.94 28.02 16.45
CA GLY C 576 12.97 27.96 17.46
C GLY C 576 13.64 26.61 17.64
N LEU C 577 13.41 25.66 16.73
CA LEU C 577 14.02 24.34 16.84
C LEU C 577 15.28 24.29 15.98
N PRO C 578 16.44 24.02 16.57
CA PRO C 578 17.66 23.85 15.75
C PRO C 578 17.55 22.69 14.77
N GLN C 579 18.58 22.53 13.93
CA GLN C 579 18.55 21.49 12.92
C GLN C 579 18.46 20.10 13.54
N ASN C 580 19.23 19.85 14.59
CA ASN C 580 19.36 18.51 15.15
C ASN C 580 18.22 18.13 16.09
N ARG C 581 17.19 18.96 16.22
CA ARG C 581 16.01 18.55 16.97
C ARG C 581 15.07 17.68 16.15
N ILE C 582 15.26 17.63 14.83
CA ILE C 582 14.50 16.74 13.96
C ILE C 582 15.50 15.89 13.16
N ILE C 583 15.31 14.59 13.19
CA ILE C 583 16.17 13.61 12.53
C ILE C 583 15.36 12.94 11.44
N PHE C 584 15.86 13.00 10.22
CA PHE C 584 15.20 12.38 9.07
C PHE C 584 15.90 11.08 8.70
N SER C 585 15.11 10.09 8.33
CA SER C 585 15.60 8.79 7.91
C SER C 585 14.99 8.42 6.57
N PRO C 586 15.69 7.66 5.74
CA PRO C 586 15.11 7.20 4.48
C PRO C 586 14.00 6.19 4.72
N VAL C 587 13.11 6.08 3.73
CA VAL C 587 12.10 5.03 3.75
C VAL C 587 12.82 3.68 3.69
N ALA C 588 12.27 2.70 4.39
CA ALA C 588 12.89 1.40 4.59
C ALA C 588 11.97 0.30 4.09
N PRO C 589 12.49 -0.91 3.85
CA PRO C 589 11.61 -2.04 3.54
C PRO C 589 10.67 -2.32 4.71
N LYS C 590 9.51 -2.89 4.37
CA LYS C 590 8.43 -3.11 5.33
C LYS C 590 8.91 -3.62 6.69
N GLU C 591 9.63 -4.74 6.68
CA GLU C 591 10.05 -5.36 7.93
C GLU C 591 10.96 -4.42 8.73
N GLU C 592 11.92 -3.78 8.07
CA GLU C 592 12.80 -2.85 8.76
C GLU C 592 12.02 -1.65 9.29
N HIS C 593 11.06 -1.16 8.52
CA HIS C 593 10.27 -0.01 8.96
C HIS C 593 9.47 -0.34 10.22
N VAL C 594 8.86 -1.53 10.26
CA VAL C 594 8.11 -1.92 11.45
C VAL C 594 9.05 -2.19 12.62
N ARG C 595 10.18 -2.84 12.35
CA ARG C 595 11.11 -3.22 13.41
C ARG C 595 11.75 -2.00 14.07
N ARG C 596 12.13 -1.00 13.29
CA ARG C 596 12.84 0.14 13.85
C ARG C 596 11.96 1.04 14.69
N GLY C 597 10.63 0.88 14.64
CA GLY C 597 9.77 1.60 15.54
C GLY C 597 10.01 1.26 17.00
N GLN C 598 10.67 0.13 17.27
CA GLN C 598 11.02 -0.22 18.64
C GLN C 598 11.96 0.80 19.25
N LEU C 599 12.76 1.49 18.43
CA LEU C 599 13.74 2.45 18.95
C LEU C 599 13.10 3.73 19.45
N ALA C 600 11.89 4.05 19.00
CA ALA C 600 11.23 5.26 19.44
C ALA C 600 10.61 5.07 20.82
N ASP C 601 10.38 6.19 21.51
CA ASP C 601 9.73 6.17 22.81
C ASP C 601 8.23 6.38 22.69
N VAL C 602 7.82 7.47 22.01
CA VAL C 602 6.43 7.78 21.76
C VAL C 602 6.27 8.12 20.28
N CYS C 603 5.08 7.87 19.74
CA CYS C 603 4.74 8.24 18.38
C CYS C 603 3.74 9.38 18.40
N LEU C 604 4.02 10.43 17.63
CA LEU C 604 3.16 11.61 17.56
C LEU C 604 2.34 11.51 16.27
N ASP C 605 1.08 11.10 16.40
CA ASP C 605 0.22 10.91 15.24
C ASP C 605 -0.20 12.25 14.65
N THR C 606 -0.33 12.27 13.32
CA THR C 606 -0.71 13.48 12.60
C THR C 606 -2.22 13.67 12.67
N PRO C 607 -2.72 14.77 13.25
CA PRO C 607 -4.17 14.92 13.46
C PRO C 607 -4.95 15.24 12.20
N LEU C 608 -4.32 15.87 11.20
CA LEU C 608 -5.03 16.17 9.95
C LEU C 608 -5.49 14.90 9.27
N CYS C 609 -4.57 13.96 9.07
CA CYS C 609 -4.89 12.64 8.56
C CYS C 609 -4.07 11.64 9.35
N ASN C 610 -4.75 10.77 10.09
CA ASN C 610 -4.06 9.84 10.97
C ASN C 610 -3.25 8.83 10.17
N GLY C 611 -2.22 8.29 10.81
CA GLY C 611 -1.58 7.11 10.28
C GLY C 611 -2.52 5.92 10.40
N HIS C 612 -2.79 5.26 9.28
CA HIS C 612 -3.72 4.13 9.28
C HIS C 612 -2.99 2.79 9.27
N THR C 613 -2.22 2.49 8.23
CA THR C 613 -1.32 1.36 8.29
C THR C 613 -0.13 1.68 9.19
N THR C 614 0.34 2.92 9.12
CA THR C 614 1.46 3.37 9.95
C THR C 614 1.12 3.30 11.43
N GLY C 615 -0.14 3.55 11.78
CA GLY C 615 -0.54 3.43 13.18
C GLY C 615 -0.40 2.00 13.69
N MET C 616 -0.87 1.04 12.90
CA MET C 616 -0.71 -0.37 13.28
C MET C 616 0.76 -0.75 13.30
N ASP C 617 1.55 -0.25 12.35
CA ASP C 617 2.98 -0.54 12.33
C ASP C 617 3.65 -0.04 13.60
N VAL C 618 3.28 1.14 14.07
CA VAL C 618 3.95 1.70 15.24
C VAL C 618 3.43 1.05 16.52
N LEU C 619 2.15 0.65 16.56
CA LEU C 619 1.64 -0.03 17.75
C LEU C 619 2.24 -1.43 17.88
N TRP C 620 2.45 -2.12 16.75
CA TRP C 620 2.96 -3.48 16.81
C TRP C 620 4.37 -3.53 17.40
N ALA C 621 5.12 -2.43 17.30
CA ALA C 621 6.42 -2.36 17.94
C ALA C 621 6.34 -2.08 19.43
N GLY C 622 5.14 -1.89 19.97
CA GLY C 622 4.97 -1.55 21.36
C GLY C 622 5.15 -0.09 21.69
N THR C 623 5.19 0.77 20.68
CA THR C 623 5.40 2.20 20.89
C THR C 623 4.06 2.88 21.15
N PRO C 624 3.88 3.57 22.28
CA PRO C 624 2.65 4.33 22.49
C PRO C 624 2.51 5.44 21.47
N MET C 625 1.27 5.70 21.05
CA MET C 625 0.98 6.67 20.00
C MET C 625 -0.04 7.68 20.50
N VAL C 626 0.30 8.96 20.43
CA VAL C 626 -0.57 10.04 20.86
C VAL C 626 -1.38 10.52 19.66
N THR C 627 -2.71 10.51 19.79
CA THR C 627 -3.60 10.93 18.72
C THR C 627 -4.58 11.96 19.24
N MET C 628 -5.06 12.81 18.33
CA MET C 628 -6.13 13.76 18.62
C MET C 628 -7.17 13.61 17.52
N PRO C 629 -8.19 12.78 17.75
CA PRO C 629 -9.17 12.50 16.69
C PRO C 629 -9.89 13.76 16.25
N GLY C 630 -10.04 13.91 14.92
CA GLY C 630 -10.74 15.04 14.37
C GLY C 630 -12.20 14.73 14.08
N GLU C 631 -12.66 15.13 12.90
CA GLU C 631 -14.04 14.92 12.48
C GLU C 631 -14.17 13.93 11.33
N THR C 632 -13.30 14.02 10.32
CA THR C 632 -13.36 13.10 9.20
C THR C 632 -12.98 11.69 9.63
N LEU C 633 -13.40 10.72 8.82
CA LEU C 633 -13.02 9.32 9.05
C LEU C 633 -11.50 9.19 9.15
N ALA C 634 -10.78 9.81 8.21
CA ALA C 634 -9.33 9.67 8.15
C ALA C 634 -8.62 10.27 9.34
N SER C 635 -9.29 11.12 10.11
CA SER C 635 -8.68 11.78 11.26
C SER C 635 -9.01 11.12 12.58
N ARG C 636 -9.78 10.03 12.58
CA ARG C 636 -10.19 9.36 13.80
C ARG C 636 -9.78 7.90 13.85
N VAL C 637 -9.12 7.39 12.81
CA VAL C 637 -8.74 5.97 12.77
C VAL C 637 -7.72 5.65 13.86
N ALA C 638 -6.77 6.56 14.10
CA ALA C 638 -5.81 6.33 15.16
C ALA C 638 -6.49 6.20 16.52
N ALA C 639 -7.43 7.10 16.81
CA ALA C 639 -8.16 7.03 18.07
C ALA C 639 -8.93 5.73 18.19
N SER C 640 -9.51 5.26 17.08
CA SER C 640 -10.21 3.98 17.08
C SER C 640 -9.25 2.83 17.39
N GLN C 641 -8.05 2.86 16.80
CA GLN C 641 -7.06 1.83 17.08
C GLN C 641 -6.64 1.85 18.55
N LEU C 642 -6.41 3.04 19.10
CA LEU C 642 -6.05 3.14 20.52
C LEU C 642 -7.19 2.66 21.41
N THR C 643 -8.43 2.97 21.04
CA THR C 643 -9.58 2.49 21.81
C THR C 643 -9.64 0.98 21.83
N CYS C 644 -9.55 0.35 20.66
CA CYS C 644 -9.57 -1.11 20.60
C CYS C 644 -8.40 -1.71 21.37
N LEU C 645 -7.24 -1.04 21.30
CA LEU C 645 -6.08 -1.49 22.07
C LEU C 645 -6.34 -1.43 23.56
N GLY C 646 -7.12 -0.45 24.02
CA GLY C 646 -7.37 -0.24 25.43
C GLY C 646 -6.51 0.81 26.08
N CYS C 647 -6.12 1.86 25.35
CA CYS C 647 -5.13 2.84 25.77
C CYS C 647 -5.69 4.25 25.66
N LEU C 648 -6.86 4.46 26.27
CA LEU C 648 -7.59 5.72 26.12
C LEU C 648 -6.80 6.92 26.64
N GLU C 649 -5.78 6.70 27.47
CA GLU C 649 -4.98 7.82 27.97
C GLU C 649 -4.12 8.47 26.89
N LEU C 650 -4.03 7.88 25.71
CA LEU C 650 -3.25 8.44 24.62
C LEU C 650 -4.13 9.17 23.59
N ILE C 651 -5.41 9.34 23.87
CA ILE C 651 -6.35 9.98 22.95
C ILE C 651 -6.68 11.36 23.49
N ALA C 652 -6.34 12.39 22.71
CA ALA C 652 -6.44 13.77 23.16
C ALA C 652 -7.67 14.44 22.58
N LYS C 653 -8.33 15.27 23.39
CA LYS C 653 -9.52 15.98 22.98
C LYS C 653 -9.22 17.32 22.31
N ASN C 654 -7.99 17.82 22.41
CA ASN C 654 -7.61 19.07 21.76
C ASN C 654 -6.09 19.11 21.65
N ARG C 655 -5.58 20.19 21.07
CA ARG C 655 -4.13 20.31 20.87
C ARG C 655 -3.39 20.38 22.20
N GLN C 656 -3.93 21.13 23.17
CA GLN C 656 -3.24 21.28 24.44
C GLN C 656 -3.12 19.95 25.18
N GLU C 657 -4.19 19.15 25.17
CA GLU C 657 -4.13 17.84 25.82
C GLU C 657 -3.16 16.91 25.11
N TYR C 658 -3.11 16.98 23.78
CA TYR C 658 -2.12 16.22 23.01
C TYR C 658 -0.70 16.56 23.45
N GLU C 659 -0.41 17.86 23.52
CA GLU C 659 0.92 18.30 23.94
C GLU C 659 1.21 17.88 25.37
N ASP C 660 0.22 17.97 26.26
CA ASP C 660 0.41 17.57 27.64
C ASP C 660 0.70 16.08 27.75
N ILE C 661 -0.03 15.26 27.01
CA ILE C 661 0.20 13.81 27.03
C ILE C 661 1.61 13.49 26.55
N ALA C 662 2.01 14.12 25.44
CA ALA C 662 3.34 13.88 24.90
C ALA C 662 4.43 14.31 25.89
N VAL C 663 4.25 15.47 26.53
CA VAL C 663 5.25 15.97 27.46
C VAL C 663 5.33 15.09 28.70
N LYS C 664 4.18 14.63 29.21
CA LYS C 664 4.18 13.72 30.34
C LYS C 664 4.90 12.42 30.00
N LEU C 665 4.65 11.89 28.80
CA LEU C 665 5.36 10.68 28.38
C LEU C 665 6.86 10.93 28.27
N GLY C 666 7.25 12.11 27.76
CA GLY C 666 8.66 12.39 27.56
C GLY C 666 9.43 12.75 28.81
N THR C 667 8.75 13.19 29.86
CA THR C 667 9.40 13.63 31.09
C THR C 667 9.29 12.64 32.23
N ASP C 668 8.15 11.97 32.38
CA ASP C 668 7.92 11.03 33.48
C ASP C 668 8.30 9.64 33.00
N LEU C 669 9.58 9.29 33.18
CA LEU C 669 10.10 8.04 32.63
C LEU C 669 9.39 6.82 33.21
N GLU C 670 8.92 6.93 34.46
CA GLU C 670 8.11 5.85 35.02
C GLU C 670 6.78 5.72 34.29
N TYR C 671 6.11 6.85 34.01
CA TYR C 671 4.90 6.82 33.22
C TYR C 671 5.16 6.27 31.83
N LEU C 672 6.32 6.63 31.24
CA LEU C 672 6.71 6.05 29.97
C LEU C 672 6.76 4.53 30.07
N LYS C 673 7.66 4.01 30.92
CA LYS C 673 7.75 2.57 31.18
C LYS C 673 6.38 1.91 31.29
N LYS C 674 5.49 2.52 32.08
CA LYS C 674 4.16 1.95 32.29
C LYS C 674 3.37 1.88 30.98
N VAL C 675 3.30 2.98 30.24
CA VAL C 675 2.47 3.02 29.04
C VAL C 675 3.06 2.14 27.94
N ARG C 676 4.39 2.14 27.81
CA ARG C 676 5.05 1.28 26.84
C ARG C 676 4.79 -0.19 27.14
N GLY C 677 4.86 -0.58 28.41
CA GLY C 677 4.52 -1.95 28.76
C GLY C 677 3.06 -2.28 28.50
N LYS C 678 2.17 -1.33 28.78
CA LYS C 678 0.75 -1.54 28.51
C LYS C 678 0.51 -1.79 27.03
N VAL C 679 1.10 -0.96 26.17
CA VAL C 679 0.96 -1.17 24.73
C VAL C 679 1.57 -2.49 24.31
N TRP C 680 2.75 -2.83 24.87
CA TRP C 680 3.45 -4.05 24.50
C TRP C 680 2.60 -5.29 24.80
N LYS C 681 1.94 -5.32 25.96
CA LYS C 681 1.09 -6.46 26.28
C LYS C 681 -0.22 -6.42 25.49
N GLN C 682 -0.85 -5.25 25.39
CA GLN C 682 -2.19 -5.18 24.85
C GLN C 682 -2.22 -5.35 23.34
N ARG C 683 -1.11 -5.09 22.64
CA ARG C 683 -1.08 -5.39 21.21
C ARG C 683 -1.36 -6.86 20.95
N ILE C 684 -1.09 -7.72 21.93
CA ILE C 684 -1.40 -9.15 21.83
C ILE C 684 -2.70 -9.49 22.54
N SER C 685 -2.93 -8.93 23.73
CA SER C 685 -4.13 -9.29 24.49
C SER C 685 -5.40 -8.67 23.91
N SER C 686 -5.32 -7.48 23.33
CA SER C 686 -6.48 -6.77 22.81
C SER C 686 -6.90 -7.35 21.46
N PRO C 687 -8.11 -7.02 20.98
CA PRO C 687 -8.55 -7.55 19.67
C PRO C 687 -7.83 -6.93 18.48
N LEU C 688 -6.97 -5.93 18.69
CA LEU C 688 -6.53 -5.06 17.59
C LEU C 688 -5.90 -5.86 16.46
N PHE C 689 -4.93 -6.74 16.77
CA PHE C 689 -4.22 -7.50 15.76
C PHE C 689 -4.75 -8.92 15.61
N ASN C 690 -5.94 -9.20 16.16
CA ASN C 690 -6.49 -10.56 16.20
C ASN C 690 -7.30 -10.80 14.93
N THR C 691 -6.69 -11.43 13.94
CA THR C 691 -7.31 -11.55 12.63
C THR C 691 -8.50 -12.51 12.65
N LYS C 692 -8.41 -13.60 13.43
CA LYS C 692 -9.54 -14.53 13.48
C LYS C 692 -10.76 -13.89 14.12
N GLN C 693 -10.55 -13.20 15.25
CA GLN C 693 -11.66 -12.49 15.90
C GLN C 693 -12.24 -11.42 15.00
N TYR C 694 -11.38 -10.68 14.30
CA TYR C 694 -11.86 -9.67 13.37
C TYR C 694 -12.70 -10.31 12.28
N THR C 695 -12.25 -11.43 11.73
CA THR C 695 -12.98 -12.09 10.66
C THR C 695 -14.34 -12.57 11.14
N MET C 696 -14.39 -13.10 12.37
CA MET C 696 -15.68 -13.54 12.92
C MET C 696 -16.63 -12.37 13.13
N GLU C 697 -16.12 -11.24 13.63
CA GLU C 697 -16.96 -10.06 13.79
C GLU C 697 -17.45 -9.56 12.43
N LEU C 698 -16.56 -9.56 11.43
CA LEU C 698 -16.94 -9.20 10.07
C LEU C 698 -18.02 -10.13 9.54
N GLU C 699 -17.92 -11.41 9.84
CA GLU C 699 -18.93 -12.38 9.42
C GLU C 699 -20.27 -12.10 10.07
N ARG C 700 -20.26 -11.75 11.36
CA ARG C 700 -21.49 -11.36 12.04
C ARG C 700 -22.13 -10.14 11.37
N LEU C 701 -21.31 -9.14 11.03
CA LEU C 701 -21.83 -7.96 10.35
C LEU C 701 -22.38 -8.31 8.96
N TYR C 702 -21.68 -9.17 8.22
CA TYR C 702 -22.15 -9.61 6.93
C TYR C 702 -23.52 -10.27 7.04
N LEU C 703 -23.69 -11.12 8.05
CA LEU C 703 -24.96 -11.81 8.22
C LEU C 703 -26.06 -10.86 8.66
N GLN C 704 -25.72 -9.84 9.45
CA GLN C 704 -26.69 -8.78 9.74
C GLN C 704 -27.19 -8.14 8.45
N MET C 705 -26.25 -7.74 7.57
CA MET C 705 -26.64 -7.11 6.31
C MET C 705 -27.49 -8.04 5.46
N TRP C 706 -27.07 -9.30 5.35
CA TRP C 706 -27.79 -10.23 4.49
C TRP C 706 -29.19 -10.51 5.02
N GLU C 707 -29.34 -10.72 6.33
CA GLU C 707 -30.66 -10.95 6.88
C GLU C 707 -31.55 -9.74 6.70
N HIS C 708 -30.98 -8.53 6.80
CA HIS C 708 -31.76 -7.33 6.53
C HIS C 708 -32.26 -7.31 5.09
N TYR C 709 -31.39 -7.63 4.13
CA TYR C 709 -31.82 -7.65 2.74
C TYR C 709 -32.85 -8.74 2.48
N ALA C 710 -32.64 -9.93 3.04
CA ALA C 710 -33.52 -11.06 2.79
C ALA C 710 -34.88 -10.89 3.42
N ALA C 711 -35.00 -10.03 4.43
CA ALA C 711 -36.32 -9.66 4.95
C ALA C 711 -37.06 -8.73 4.01
N GLY C 712 -36.43 -8.25 2.95
CA GLY C 712 -37.05 -7.37 1.99
C GLY C 712 -36.78 -5.90 2.18
N ASN C 713 -35.74 -5.54 2.94
CA ASN C 713 -35.48 -4.16 3.30
C ASN C 713 -34.31 -3.60 2.50
N LYS C 714 -34.41 -2.32 2.14
CA LYS C 714 -33.29 -1.58 1.60
C LYS C 714 -32.25 -1.36 2.71
N PRO C 715 -31.00 -1.06 2.35
CA PRO C 715 -29.96 -0.93 3.37
C PRO C 715 -30.31 0.12 4.41
N ASP C 716 -29.97 -0.19 5.67
CA ASP C 716 -30.20 0.70 6.80
C ASP C 716 -29.02 0.59 7.75
N HIS C 717 -28.92 1.57 8.65
CA HIS C 717 -27.78 1.63 9.57
C HIS C 717 -27.72 0.37 10.43
N MET C 718 -26.50 -0.08 10.71
CA MET C 718 -26.25 -1.30 11.47
C MET C 718 -25.41 -0.96 12.70
N ILE C 719 -26.08 -0.76 13.84
CA ILE C 719 -25.43 -0.32 15.06
C ILE C 719 -25.68 -1.29 16.23
N LYS C 720 -26.48 -2.33 16.01
CA LYS C 720 -26.83 -3.23 17.11
C LYS C 720 -25.57 -3.86 17.70
N PRO C 721 -25.38 -3.79 19.04
CA PRO C 721 -24.22 -4.37 19.72
C PRO C 721 -24.49 -5.81 20.19
N GLN D 1 27.56 4.93 0.58
CA GLN D 1 28.77 4.24 0.99
C GLN D 1 28.47 3.16 2.02
N ARG D 2 28.48 1.89 1.58
CA ARG D 2 28.20 0.76 2.44
C ARG D 2 26.87 0.96 3.17
N PRO D 3 25.72 0.78 2.48
CA PRO D 3 24.42 1.15 3.06
C PRO D 3 24.12 0.55 4.43
N THR D 4 24.99 -0.36 4.89
CA THR D 4 24.85 -0.99 6.20
C THR D 4 25.58 -0.23 7.31
N GLN D 5 26.24 0.87 6.98
CA GLN D 5 27.09 1.60 7.92
C GLN D 5 26.26 2.53 8.80
N PRO D 6 26.52 2.56 10.11
CA PRO D 6 25.69 3.37 11.01
C PRO D 6 25.99 4.85 10.89
N VAL D 7 25.08 5.66 11.44
CA VAL D 7 25.28 7.10 11.47
C VAL D 7 26.41 7.47 12.41
N TYR D 8 26.47 6.84 13.58
CA TYR D 8 27.55 7.08 14.52
C TYR D 8 27.91 5.78 15.24
N GLN D 9 29.01 5.83 15.99
CA GLN D 9 29.54 4.66 16.67
C GLN D 9 28.97 4.52 18.07
N ILE D 10 28.89 3.28 18.54
CA ILE D 10 28.40 2.97 19.89
C ILE D 10 29.59 2.82 20.81
N GLN D 11 29.57 3.53 21.93
CA GLN D 11 30.59 3.43 22.97
C GLN D 11 32.01 3.64 22.42
N SER E 4 22.66 -76.41 -37.28
CA SER E 4 23.61 -76.06 -38.33
C SER E 4 25.05 -76.24 -37.89
N CYS E 5 25.97 -75.55 -38.55
CA CYS E 5 27.39 -75.65 -38.26
C CYS E 5 27.99 -74.28 -38.02
N PRO E 6 29.06 -74.20 -37.22
CA PRO E 6 29.66 -72.90 -36.91
C PRO E 6 30.22 -72.22 -38.13
N THR E 7 30.21 -70.89 -38.10
CA THR E 7 30.78 -70.01 -39.11
C THR E 7 31.76 -69.05 -38.43
N HIS E 8 32.40 -68.19 -39.23
CA HIS E 8 33.34 -67.23 -38.65
C HIS E 8 32.63 -66.25 -37.72
N ALA E 9 31.44 -65.79 -38.12
CA ALA E 9 30.67 -64.88 -37.28
C ALA E 9 30.26 -65.57 -35.98
N ASP E 10 29.90 -66.85 -36.05
CA ASP E 10 29.57 -67.60 -34.84
C ASP E 10 30.75 -67.65 -33.89
N SER E 11 31.94 -67.91 -34.43
CA SER E 11 33.16 -67.83 -33.62
C SER E 11 33.25 -66.47 -32.94
N LEU E 12 33.32 -65.40 -33.75
CA LEU E 12 33.49 -64.06 -33.20
C LEU E 12 32.46 -63.75 -32.11
N ASN E 13 31.20 -64.17 -32.32
CA ASN E 13 30.18 -63.98 -31.30
C ASN E 13 30.51 -64.73 -30.03
N ASN E 14 31.00 -65.97 -30.15
CA ASN E 14 31.37 -66.73 -28.95
C ASN E 14 32.54 -66.09 -28.22
N LEU E 15 33.56 -65.64 -28.96
CA LEU E 15 34.68 -64.95 -28.34
C LEU E 15 34.23 -63.69 -27.62
N ALA E 16 33.27 -62.97 -28.22
CA ALA E 16 32.70 -61.80 -27.56
C ALA E 16 31.96 -62.18 -26.28
N ASN E 17 31.21 -63.28 -26.32
CA ASN E 17 30.52 -63.75 -25.12
C ASN E 17 31.51 -64.05 -24.01
N ILE E 18 32.63 -64.70 -24.36
CA ILE E 18 33.65 -65.01 -23.37
C ILE E 18 34.25 -63.73 -22.79
N LYS E 19 34.60 -62.77 -23.67
CA LYS E 19 35.19 -61.52 -23.22
C LYS E 19 34.23 -60.74 -22.31
N ARG E 20 32.93 -60.77 -22.63
CA ARG E 20 31.94 -60.15 -21.76
C ARG E 20 31.86 -60.87 -20.42
N GLU E 21 31.93 -62.20 -20.42
CA GLU E 21 31.90 -62.94 -19.17
C GLU E 21 33.08 -62.60 -18.29
N GLN E 22 34.24 -62.37 -18.89
CA GLN E 22 35.43 -61.98 -18.15
C GLN E 22 35.39 -60.53 -17.66
N GLY E 23 34.32 -59.79 -17.95
CA GLY E 23 34.22 -58.40 -17.57
C GLY E 23 34.76 -57.43 -18.58
N ASN E 24 35.38 -57.92 -19.65
CA ASN E 24 35.95 -57.09 -20.70
C ASN E 24 34.80 -56.72 -21.63
N ILE E 25 34.11 -55.63 -21.30
CA ILE E 25 32.92 -55.23 -22.05
C ILE E 25 33.30 -54.53 -23.36
N GLU E 26 34.38 -53.74 -23.34
CA GLU E 26 34.77 -53.01 -24.54
C GLU E 26 35.16 -53.96 -25.68
N GLU E 27 35.97 -54.98 -25.37
CA GLU E 27 36.33 -55.92 -26.41
C GLU E 27 35.16 -56.81 -26.79
N ALA E 28 34.25 -57.08 -25.85
CA ALA E 28 33.02 -57.78 -26.19
C ALA E 28 32.24 -57.01 -27.24
N VAL E 29 32.11 -55.69 -27.06
CA VAL E 29 31.44 -54.86 -28.06
C VAL E 29 32.19 -54.92 -29.38
N ARG E 30 33.52 -54.83 -29.33
CA ARG E 30 34.32 -54.87 -30.56
C ARG E 30 34.11 -56.17 -31.32
N LEU E 31 34.08 -57.31 -30.60
CA LEU E 31 33.91 -58.59 -31.28
C LEU E 31 32.48 -58.80 -31.76
N TYR E 32 31.49 -58.29 -31.01
CA TYR E 32 30.13 -58.31 -31.54
C TYR E 32 30.03 -57.52 -32.83
N ARG E 33 30.67 -56.36 -32.89
CA ARG E 33 30.65 -55.55 -34.10
C ARG E 33 31.40 -56.24 -35.24
N LYS E 34 32.50 -56.92 -34.93
CA LYS E 34 33.19 -57.69 -35.96
C LYS E 34 32.31 -58.81 -36.49
N ALA E 35 31.60 -59.51 -35.60
CA ALA E 35 30.70 -60.59 -36.01
C ALA E 35 29.57 -60.06 -36.88
N LEU E 36 29.04 -58.89 -36.54
CA LEU E 36 28.03 -58.27 -37.39
C LEU E 36 28.62 -57.82 -38.73
N GLU E 37 29.89 -57.41 -38.72
CA GLU E 37 30.54 -56.97 -39.95
C GLU E 37 30.76 -58.14 -40.91
N VAL E 38 31.14 -59.30 -40.39
CA VAL E 38 31.29 -60.47 -41.25
C VAL E 38 29.94 -61.08 -41.63
N PHE E 39 28.91 -60.88 -40.80
CA PHE E 39 27.58 -61.45 -41.07
C PHE E 39 26.53 -60.49 -40.57
N PRO E 40 26.06 -59.57 -41.43
CA PRO E 40 25.12 -58.53 -40.98
C PRO E 40 23.80 -59.06 -40.45
N GLU E 41 23.33 -60.20 -40.93
CA GLU E 41 22.04 -60.74 -40.53
C GLU E 41 22.15 -61.72 -39.36
N PHE E 42 23.11 -61.51 -38.46
CA PHE E 42 23.34 -62.35 -37.30
C PHE E 42 22.44 -61.84 -36.17
N ALA E 43 21.31 -62.50 -35.96
CA ALA E 43 20.34 -62.05 -34.97
C ALA E 43 20.91 -62.14 -33.56
N ALA E 44 21.64 -63.21 -33.24
CA ALA E 44 22.18 -63.38 -31.90
C ALA E 44 23.19 -62.28 -31.58
N ALA E 45 24.04 -61.94 -32.54
CA ALA E 45 24.99 -60.84 -32.34
C ALA E 45 24.25 -59.52 -32.14
N HIS E 46 23.18 -59.29 -32.89
CA HIS E 46 22.36 -58.10 -32.68
C HIS E 46 21.84 -58.04 -31.25
N SER E 47 21.29 -59.16 -30.77
CA SER E 47 20.72 -59.20 -29.43
C SER E 47 21.80 -58.98 -28.36
N ASN E 48 22.96 -59.60 -28.53
CA ASN E 48 24.02 -59.46 -27.52
C ASN E 48 24.60 -58.05 -27.51
N LEU E 49 24.84 -57.47 -28.69
CA LEU E 49 25.28 -56.09 -28.75
C LEU E 49 24.26 -55.16 -28.12
N ALA E 50 22.97 -55.39 -28.38
CA ALA E 50 21.92 -54.59 -27.76
C ALA E 50 21.97 -54.73 -26.24
N SER E 51 22.21 -55.94 -25.74
CA SER E 51 22.22 -56.14 -24.30
C SER E 51 23.39 -55.40 -23.64
N VAL E 52 24.59 -55.47 -24.24
CA VAL E 52 25.70 -54.74 -23.63
C VAL E 52 25.48 -53.24 -23.74
N LEU E 53 24.92 -52.78 -24.85
CA LEU E 53 24.64 -51.35 -25.01
C LEU E 53 23.64 -50.86 -23.96
N GLN E 54 22.59 -51.65 -23.72
CA GLN E 54 21.61 -51.25 -22.70
C GLN E 54 22.20 -51.36 -21.30
N GLN E 55 23.16 -52.26 -21.10
CA GLN E 55 23.91 -52.26 -19.84
C GLN E 55 24.67 -50.96 -19.66
N GLN E 56 25.32 -50.48 -20.72
CA GLN E 56 26.06 -49.23 -20.64
C GLN E 56 25.16 -48.01 -20.52
N GLY E 57 23.89 -48.12 -20.93
CA GLY E 57 22.99 -46.99 -20.96
C GLY E 57 22.70 -46.43 -22.33
N LYS E 58 23.23 -47.03 -23.39
CA LYS E 58 22.95 -46.61 -24.76
C LYS E 58 21.63 -47.24 -25.22
N LEU E 59 20.54 -46.70 -24.66
CA LEU E 59 19.24 -47.36 -24.77
C LEU E 59 18.71 -47.32 -26.21
N GLN E 60 18.88 -46.19 -26.89
CA GLN E 60 18.37 -46.04 -28.25
C GLN E 60 19.06 -47.02 -29.21
N GLU E 61 20.38 -47.11 -29.13
CA GLU E 61 21.14 -48.05 -29.96
C GLU E 61 20.75 -49.49 -29.64
N ALA E 62 20.60 -49.79 -28.35
CA ALA E 62 20.18 -51.13 -27.95
C ALA E 62 18.83 -51.49 -28.53
N LEU E 63 17.88 -50.54 -28.51
CA LEU E 63 16.58 -50.79 -29.10
C LEU E 63 16.67 -51.05 -30.60
N MET E 64 17.51 -50.28 -31.29
CA MET E 64 17.71 -50.51 -32.72
C MET E 64 18.19 -51.93 -32.98
N HIS E 65 19.19 -52.38 -32.20
CA HIS E 65 19.74 -53.71 -32.43
C HIS E 65 18.75 -54.81 -32.05
N TYR E 66 17.94 -54.59 -31.01
CA TYR E 66 16.90 -55.56 -30.67
C TYR E 66 15.87 -55.69 -31.78
N LYS E 67 15.45 -54.56 -32.34
CA LYS E 67 14.52 -54.59 -33.46
C LYS E 67 15.12 -55.33 -34.64
N GLU E 68 16.41 -55.11 -34.91
CA GLU E 68 17.07 -55.83 -36.00
C GLU E 68 17.06 -57.34 -35.74
N ALA E 69 17.39 -57.75 -34.52
CA ALA E 69 17.42 -59.17 -34.19
C ALA E 69 16.04 -59.80 -34.37
N ILE E 70 14.99 -59.09 -33.96
CA ILE E 70 13.65 -59.66 -34.06
C ILE E 70 13.19 -59.70 -35.51
N ARG E 71 13.54 -58.69 -36.30
CA ARG E 71 13.24 -58.75 -37.73
C ARG E 71 13.91 -59.95 -38.38
N ILE E 72 15.16 -60.22 -38.01
CA ILE E 72 15.84 -61.40 -38.56
C ILE E 72 15.18 -62.69 -38.09
N SER E 73 14.89 -62.80 -36.79
CA SER E 73 14.34 -64.01 -36.19
C SER E 73 13.03 -63.66 -35.47
N PRO E 74 11.88 -63.83 -36.13
CA PRO E 74 10.60 -63.50 -35.48
C PRO E 74 10.29 -64.32 -34.23
N THR E 75 10.84 -65.52 -34.09
CA THR E 75 10.58 -66.36 -32.92
C THR E 75 11.60 -66.13 -31.80
N PHE E 76 12.41 -65.08 -31.89
CA PHE E 76 13.43 -64.75 -30.89
C PHE E 76 12.72 -64.16 -29.67
N ALA E 77 12.22 -65.03 -28.81
CA ALA E 77 11.48 -64.58 -27.63
C ALA E 77 12.38 -63.84 -26.65
N ASP E 78 13.64 -64.28 -26.51
CA ASP E 78 14.56 -63.59 -25.62
C ASP E 78 14.80 -62.16 -26.08
N ALA E 79 14.91 -61.95 -27.39
CA ALA E 79 15.08 -60.61 -27.92
C ALA E 79 13.86 -59.74 -27.63
N TYR E 80 12.65 -60.29 -27.76
CA TYR E 80 11.44 -59.56 -27.40
C TYR E 80 11.47 -59.15 -25.93
N SER E 81 11.85 -60.09 -25.05
CA SER E 81 11.89 -59.80 -23.62
C SER E 81 12.90 -58.68 -23.31
N ASN E 82 14.09 -58.79 -23.90
CA ASN E 82 15.12 -57.78 -23.61
C ASN E 82 14.78 -56.42 -24.22
N MET E 83 14.13 -56.40 -25.39
CA MET E 83 13.67 -55.11 -25.92
C MET E 83 12.60 -54.51 -25.02
N GLY E 84 11.72 -55.35 -24.46
CA GLY E 84 10.79 -54.85 -23.47
C GLY E 84 11.50 -54.23 -22.28
N ASN E 85 12.57 -54.87 -21.82
CA ASN E 85 13.34 -54.30 -20.71
C ASN E 85 13.92 -52.93 -21.10
N THR E 86 14.49 -52.84 -22.31
CA THR E 86 15.05 -51.57 -22.77
C THR E 86 13.98 -50.49 -22.82
N LEU E 87 12.82 -50.80 -23.41
CA LEU E 87 11.72 -49.84 -23.48
C LEU E 87 11.26 -49.43 -22.09
N LYS E 88 11.22 -50.38 -21.16
CA LYS E 88 10.85 -50.05 -19.78
C LYS E 88 11.82 -49.05 -19.18
N GLU E 89 13.12 -49.23 -19.43
CA GLU E 89 14.09 -48.24 -18.97
C GLU E 89 13.84 -46.88 -19.61
N MET E 90 13.42 -46.87 -20.88
CA MET E 90 13.14 -45.63 -21.61
C MET E 90 11.77 -45.05 -21.29
N GLN E 91 11.14 -45.49 -20.20
CA GLN E 91 9.84 -45.01 -19.73
C GLN E 91 8.70 -45.33 -20.67
N ASP E 92 8.89 -46.29 -21.60
CA ASP E 92 7.82 -46.75 -22.47
C ASP E 92 7.23 -48.02 -21.87
N VAL E 93 6.43 -47.85 -20.83
CA VAL E 93 5.86 -48.99 -20.11
C VAL E 93 4.94 -49.78 -21.03
N GLN E 94 4.14 -49.09 -21.85
CA GLN E 94 3.25 -49.78 -22.77
C GLN E 94 4.02 -50.61 -23.79
N GLY E 95 5.11 -50.05 -24.34
CA GLY E 95 5.92 -50.80 -25.28
C GLY E 95 6.57 -52.01 -24.64
N ALA E 96 7.06 -51.86 -23.41
CA ALA E 96 7.61 -53.00 -22.67
C ALA E 96 6.56 -54.07 -22.46
N LEU E 97 5.36 -53.66 -22.08
CA LEU E 97 4.24 -54.58 -21.89
C LEU E 97 3.96 -55.36 -23.17
N GLN E 98 3.90 -54.65 -24.30
CA GLN E 98 3.64 -55.32 -25.57
C GLN E 98 4.74 -56.31 -25.91
N CYS E 99 6.00 -55.93 -25.68
CA CYS E 99 7.11 -56.84 -25.94
C CYS E 99 6.98 -58.11 -25.11
N TYR E 100 6.72 -57.96 -23.81
CA TYR E 100 6.62 -59.13 -22.94
C TYR E 100 5.47 -60.03 -23.36
N THR E 101 4.30 -59.45 -23.61
CA THR E 101 3.13 -60.25 -23.97
C THR E 101 3.33 -60.95 -25.30
N ARG E 102 3.93 -60.28 -26.29
CA ARG E 102 4.21 -60.94 -27.56
C ARG E 102 5.21 -62.08 -27.37
N ALA E 103 6.24 -61.87 -26.54
CA ALA E 103 7.19 -62.94 -26.27
C ALA E 103 6.49 -64.15 -25.68
N ILE E 104 5.57 -63.92 -24.73
CA ILE E 104 4.79 -65.02 -24.16
C ILE E 104 3.95 -65.68 -25.24
N GLN E 105 3.43 -64.90 -26.18
CA GLN E 105 2.63 -65.45 -27.28
C GLN E 105 3.44 -66.42 -28.12
N ILE E 106 4.62 -65.99 -28.57
CA ILE E 106 5.41 -66.83 -29.47
C ILE E 106 5.86 -68.10 -28.77
N ASN E 107 6.32 -67.98 -27.52
CA ASN E 107 6.85 -69.11 -26.75
C ASN E 107 6.22 -69.10 -25.37
N PRO E 108 5.13 -69.84 -25.17
CA PRO E 108 4.48 -69.86 -23.85
C PRO E 108 5.33 -70.41 -22.72
N ALA E 109 6.38 -71.18 -23.03
CA ALA E 109 7.23 -71.79 -22.01
C ALA E 109 8.40 -70.88 -21.61
N PHE E 110 8.44 -69.65 -22.12
CA PHE E 110 9.55 -68.74 -21.87
C PHE E 110 9.34 -68.03 -20.53
N ALA E 111 10.16 -68.36 -19.54
CA ALA E 111 9.93 -67.88 -18.19
C ALA E 111 10.28 -66.40 -18.03
N ASP E 112 11.34 -65.95 -18.70
CA ASP E 112 11.84 -64.60 -18.47
C ASP E 112 10.80 -63.55 -18.82
N ALA E 113 10.03 -63.77 -19.89
CA ALA E 113 8.98 -62.83 -20.25
C ALA E 113 7.90 -62.76 -19.18
N HIS E 114 7.53 -63.92 -18.62
CA HIS E 114 6.57 -63.93 -17.52
C HIS E 114 7.09 -63.16 -16.32
N SER E 115 8.37 -63.35 -16.00
CA SER E 115 8.97 -62.62 -14.88
C SER E 115 8.98 -61.12 -15.12
N ASN E 116 9.30 -60.70 -16.35
CA ASN E 116 9.34 -59.28 -16.65
C ASN E 116 7.93 -58.65 -16.64
N LEU E 117 6.93 -59.42 -17.12
CA LEU E 117 5.55 -58.97 -16.98
C LEU E 117 5.18 -58.80 -15.52
N ALA E 118 5.61 -59.75 -14.67
CA ALA E 118 5.39 -59.62 -13.24
C ALA E 118 6.09 -58.38 -12.67
N SER E 119 7.28 -58.07 -13.19
CA SER E 119 7.99 -56.88 -12.74
C SER E 119 7.21 -55.61 -13.08
N ILE E 120 6.64 -55.56 -14.28
CA ILE E 120 5.80 -54.42 -14.66
C ILE E 120 4.60 -54.32 -13.73
N HIS E 121 3.96 -55.46 -13.44
CA HIS E 121 2.81 -55.45 -12.54
C HIS E 121 3.18 -54.98 -11.14
N LYS E 122 4.31 -55.47 -10.62
CA LYS E 122 4.75 -55.08 -9.29
C LYS E 122 5.09 -53.61 -9.23
N ASP E 123 5.74 -53.08 -10.27
CA ASP E 123 6.00 -51.65 -10.34
C ASP E 123 4.71 -50.85 -10.41
N SER E 124 3.68 -51.39 -11.06
CA SER E 124 2.40 -50.71 -11.17
C SER E 124 1.58 -50.76 -9.89
N GLY E 125 1.95 -51.60 -8.92
CA GLY E 125 1.19 -51.77 -7.70
C GLY E 125 0.22 -52.92 -7.70
N ASN E 126 0.14 -53.68 -8.79
CA ASN E 126 -0.74 -54.85 -8.88
C ASN E 126 0.03 -56.06 -8.37
N ILE E 127 0.05 -56.21 -7.05
CA ILE E 127 0.85 -57.24 -6.39
C ILE E 127 0.27 -58.64 -6.62
N PRO E 128 -1.05 -58.86 -6.57
CA PRO E 128 -1.56 -60.19 -6.94
C PRO E 128 -1.16 -60.63 -8.34
N GLU E 129 -1.23 -59.71 -9.31
CA GLU E 129 -0.86 -60.05 -10.69
C GLU E 129 0.62 -60.35 -10.81
N ALA E 130 1.46 -59.56 -10.12
CA ALA E 130 2.89 -59.81 -10.10
C ALA E 130 3.18 -61.17 -9.48
N ILE E 131 2.50 -61.51 -8.39
CA ILE E 131 2.69 -62.81 -7.76
C ILE E 131 2.31 -63.93 -8.72
N ALA E 132 1.19 -63.77 -9.42
CA ALA E 132 0.74 -64.80 -10.35
C ALA E 132 1.76 -65.02 -11.47
N SER E 133 2.26 -63.92 -12.05
CA SER E 133 3.21 -64.05 -13.16
C SER E 133 4.56 -64.60 -12.68
N TYR E 134 5.00 -64.20 -11.49
CA TYR E 134 6.22 -64.77 -10.92
C TYR E 134 6.06 -66.25 -10.66
N ARG E 135 4.87 -66.67 -10.21
CA ARG E 135 4.60 -68.10 -10.02
C ARG E 135 4.67 -68.85 -11.35
N THR E 136 4.11 -68.26 -12.41
CA THR E 136 4.21 -68.88 -13.73
C THR E 136 5.66 -69.02 -14.16
N ALA E 137 6.45 -67.96 -13.98
CA ALA E 137 7.86 -67.99 -14.36
C ALA E 137 8.63 -69.04 -13.58
N LEU E 138 8.35 -69.16 -12.28
CA LEU E 138 9.09 -70.13 -11.47
C LEU E 138 8.63 -71.56 -11.75
N LYS E 139 7.37 -71.74 -12.15
CA LYS E 139 6.95 -73.05 -12.64
C LYS E 139 7.64 -73.41 -13.95
N LEU E 140 7.89 -72.41 -14.81
CA LEU E 140 8.56 -72.68 -16.07
C LEU E 140 10.08 -72.79 -15.92
N LYS E 141 10.66 -72.14 -14.92
CA LYS E 141 12.12 -72.15 -14.72
C LYS E 141 12.40 -72.10 -13.23
N PRO E 142 12.37 -73.26 -12.57
CA PRO E 142 12.47 -73.29 -11.10
C PRO E 142 13.74 -72.66 -10.54
N ASP E 143 14.87 -72.75 -11.26
CA ASP E 143 16.08 -72.02 -10.85
C ASP E 143 16.03 -70.66 -11.53
N PHE E 144 15.42 -69.69 -10.87
CA PHE E 144 15.23 -68.34 -11.40
C PHE E 144 15.40 -67.37 -10.25
N PRO E 145 16.64 -67.01 -9.92
CA PRO E 145 16.86 -66.16 -8.72
C PRO E 145 16.13 -64.83 -8.75
N ASP E 146 16.08 -64.15 -9.91
CA ASP E 146 15.43 -62.86 -9.98
C ASP E 146 13.94 -62.98 -9.66
N ALA E 147 13.26 -63.93 -10.32
CA ALA E 147 11.84 -64.13 -10.09
C ALA E 147 11.57 -64.56 -8.66
N TYR E 148 12.40 -65.43 -8.11
CA TYR E 148 12.20 -65.89 -6.74
C TYR E 148 12.31 -64.73 -5.75
N CYS E 149 13.34 -63.90 -5.89
CA CYS E 149 13.52 -62.80 -4.94
C CYS E 149 12.44 -61.74 -5.09
N ASN E 150 12.03 -61.44 -6.32
CA ASN E 150 10.94 -60.48 -6.51
C ASN E 150 9.63 -61.01 -5.94
N LEU E 151 9.36 -62.31 -6.14
CA LEU E 151 8.17 -62.91 -5.54
C LEU E 151 8.25 -62.87 -4.02
N ALA E 152 9.44 -63.10 -3.47
CA ALA E 152 9.61 -63.02 -2.03
C ALA E 152 9.28 -61.64 -1.51
N HIS E 153 9.73 -60.60 -2.22
CA HIS E 153 9.39 -59.24 -1.79
C HIS E 153 7.90 -58.97 -1.92
N CYS E 154 7.26 -59.49 -2.97
CA CYS E 154 5.81 -59.34 -3.10
C CYS E 154 5.09 -59.96 -1.91
N LEU E 155 5.46 -61.20 -1.55
CA LEU E 155 4.83 -61.89 -0.44
C LEU E 155 5.07 -61.15 0.88
N GLN E 156 6.29 -60.61 1.06
CA GLN E 156 6.55 -59.78 2.22
C GLN E 156 5.64 -58.56 2.24
N ILE E 157 5.43 -57.95 1.06
CA ILE E 157 4.59 -56.76 0.97
C ILE E 157 3.17 -57.08 1.42
N VAL E 158 2.64 -58.23 1.01
CA VAL E 158 1.25 -58.58 1.32
C VAL E 158 1.13 -59.43 2.58
N CYS E 159 2.22 -59.65 3.30
CA CYS E 159 2.23 -60.45 4.53
C CYS E 159 1.76 -61.89 4.28
N ASP E 160 2.22 -62.47 3.18
CA ASP E 160 2.12 -63.91 2.95
C ASP E 160 3.37 -64.55 3.53
N TRP E 161 3.20 -65.34 4.59
CA TRP E 161 4.32 -65.96 5.28
C TRP E 161 4.34 -67.47 5.10
N THR E 162 3.77 -67.96 4.00
CA THR E 162 3.82 -69.38 3.68
C THR E 162 5.27 -69.82 3.50
N ASP E 163 5.68 -70.81 4.29
CA ASP E 163 7.04 -71.34 4.26
C ASP E 163 8.07 -70.23 4.45
N TYR E 164 7.78 -69.30 5.38
CA TYR E 164 8.62 -68.13 5.59
C TYR E 164 10.04 -68.53 5.96
N ASP E 165 10.20 -69.53 6.81
CA ASP E 165 11.54 -69.93 7.27
C ASP E 165 12.37 -70.50 6.12
N GLU E 166 11.81 -71.47 5.39
CA GLU E 166 12.52 -72.02 4.25
C GLU E 166 12.74 -70.97 3.16
N ARG E 167 11.80 -70.02 3.03
CA ARG E 167 11.97 -68.94 2.07
C ARG E 167 13.17 -68.05 2.44
N MET E 168 13.29 -67.72 3.72
CA MET E 168 14.46 -66.93 4.16
C MET E 168 15.75 -67.71 3.94
N LYS E 169 15.73 -69.01 4.25
CA LYS E 169 16.90 -69.85 3.99
C LYS E 169 17.30 -69.79 2.53
N LYS E 170 16.31 -69.92 1.63
CA LYS E 170 16.59 -69.92 0.20
C LYS E 170 17.10 -68.57 -0.28
N LEU E 171 16.52 -67.47 0.24
CA LEU E 171 17.00 -66.14 -0.15
C LEU E 171 18.46 -65.96 0.25
N VAL E 172 18.80 -66.35 1.47
CA VAL E 172 20.19 -66.26 1.92
C VAL E 172 21.09 -67.11 1.04
N SER E 173 20.63 -68.32 0.70
CA SER E 173 21.42 -69.20 -0.16
C SER E 173 21.66 -68.57 -1.54
N ILE E 174 20.63 -67.96 -2.11
CA ILE E 174 20.76 -67.35 -3.43
C ILE E 174 21.75 -66.20 -3.39
N VAL E 175 21.65 -65.35 -2.36
CA VAL E 175 22.59 -64.23 -2.25
C VAL E 175 24.01 -64.74 -2.08
N ALA E 176 24.20 -65.77 -1.25
CA ALA E 176 25.55 -66.33 -1.07
C ALA E 176 26.10 -66.87 -2.39
N ASP E 177 25.28 -67.63 -3.12
CA ASP E 177 25.75 -68.19 -4.38
C ASP E 177 26.11 -67.10 -5.39
N GLN E 178 25.27 -66.06 -5.48
CA GLN E 178 25.53 -65.01 -6.45
C GLN E 178 26.73 -64.16 -6.05
N LEU E 179 26.99 -64.02 -4.75
CA LEU E 179 28.21 -63.33 -4.32
C LEU E 179 29.44 -64.17 -4.61
N GLU E 180 29.32 -65.49 -4.53
CA GLU E 180 30.45 -66.35 -4.89
C GLU E 180 30.75 -66.27 -6.38
N LYS E 181 29.71 -66.32 -7.22
CA LYS E 181 29.87 -66.44 -8.67
C LYS E 181 30.03 -65.10 -9.37
N ASN E 182 30.13 -64.01 -8.62
CA ASN E 182 30.27 -62.66 -9.18
C ASN E 182 29.16 -62.34 -10.18
N ARG E 183 27.94 -62.77 -9.84
CA ARG E 183 26.72 -62.33 -10.49
C ARG E 183 25.97 -61.39 -9.56
N LEU E 184 25.32 -60.38 -10.14
CA LEU E 184 24.68 -59.35 -9.34
C LEU E 184 23.59 -59.96 -8.45
N PRO E 185 23.61 -59.71 -7.14
CA PRO E 185 22.63 -60.35 -6.25
C PRO E 185 21.20 -59.98 -6.63
N SER E 186 20.32 -60.99 -6.55
CA SER E 186 18.92 -60.78 -6.91
C SER E 186 18.15 -60.01 -5.85
N VAL E 187 18.65 -59.98 -4.62
CA VAL E 187 18.01 -59.19 -3.57
C VAL E 187 18.43 -57.74 -3.71
N HIS E 188 17.45 -56.85 -3.74
CA HIS E 188 17.74 -55.42 -3.82
C HIS E 188 18.33 -54.94 -2.49
N PRO E 189 19.30 -54.02 -2.52
CA PRO E 189 19.91 -53.57 -1.26
C PRO E 189 18.91 -52.99 -0.27
N HIS E 190 17.89 -52.29 -0.77
CA HIS E 190 16.84 -51.78 0.12
C HIS E 190 16.11 -52.92 0.81
N HIS E 191 15.82 -54.00 0.07
CA HIS E 191 15.10 -55.14 0.62
C HIS E 191 15.97 -56.01 1.51
N SER E 192 17.30 -55.91 1.40
CA SER E 192 18.19 -56.80 2.13
C SER E 192 18.06 -56.64 3.64
N MET E 193 17.57 -55.49 4.11
CA MET E 193 17.37 -55.30 5.54
C MET E 193 16.24 -56.16 6.09
N LEU E 194 15.35 -56.65 5.23
CA LEU E 194 14.18 -57.41 5.67
C LEU E 194 14.45 -58.90 5.84
N TYR E 195 15.54 -59.40 5.27
CA TYR E 195 15.83 -60.83 5.30
C TYR E 195 17.01 -61.11 6.23
N PRO E 196 17.07 -62.31 6.82
CA PRO E 196 18.14 -62.60 7.80
C PRO E 196 19.48 -62.85 7.16
N LEU E 197 19.96 -61.92 6.35
CA LEU E 197 21.30 -62.04 5.81
C LEU E 197 22.33 -61.55 6.83
N SER E 198 23.58 -61.91 6.60
CA SER E 198 24.65 -61.35 7.40
C SER E 198 24.87 -59.89 7.04
N HIS E 199 25.56 -59.16 7.93
CA HIS E 199 25.90 -57.78 7.63
C HIS E 199 26.83 -57.70 6.42
N GLY E 200 27.76 -58.65 6.31
CA GLY E 200 28.63 -58.68 5.16
C GLY E 200 27.87 -58.87 3.85
N PHE E 201 26.84 -59.71 3.86
CA PHE E 201 26.05 -59.91 2.64
C PHE E 201 25.32 -58.64 2.23
N ARG E 202 24.73 -57.93 3.20
CA ARG E 202 24.04 -56.68 2.88
C ARG E 202 25.01 -55.65 2.33
N LYS E 203 26.19 -55.54 2.95
CA LYS E 203 27.21 -54.63 2.45
C LYS E 203 27.65 -55.00 1.04
N ALA E 204 27.79 -56.31 0.77
CA ALA E 204 28.20 -56.75 -0.55
C ALA E 204 27.14 -56.42 -1.60
N ILE E 205 25.86 -56.61 -1.27
CA ILE E 205 24.79 -56.27 -2.21
C ILE E 205 24.81 -54.78 -2.54
N ALA E 206 24.93 -53.95 -1.50
CA ALA E 206 25.01 -52.52 -1.72
C ALA E 206 26.22 -52.15 -2.57
N GLU E 207 27.36 -52.79 -2.31
CA GLU E 207 28.57 -52.53 -3.08
C GLU E 207 28.39 -52.90 -4.54
N ARG E 208 27.69 -54.01 -4.81
CA ARG E 208 27.48 -54.44 -6.18
C ARG E 208 26.62 -53.44 -6.94
N HIS E 209 25.57 -52.92 -6.30
CA HIS E 209 24.76 -51.93 -7.02
C HIS E 209 25.52 -50.61 -7.20
N GLY E 210 26.37 -50.24 -6.23
CA GLY E 210 27.26 -49.11 -6.45
C GLY E 210 28.19 -49.33 -7.63
N ASN E 211 28.71 -50.55 -7.78
CA ASN E 211 29.55 -50.88 -8.93
C ASN E 211 28.76 -50.83 -10.23
N LEU E 212 27.46 -51.14 -10.18
CA LEU E 212 26.60 -50.91 -11.33
C LEU E 212 26.62 -49.44 -11.74
N CYS E 213 26.49 -48.55 -10.76
CA CYS E 213 26.57 -47.12 -11.06
C CYS E 213 27.93 -46.74 -11.65
N LEU E 214 29.00 -47.32 -11.10
CA LEU E 214 30.35 -47.06 -11.62
C LEU E 214 30.48 -47.49 -13.08
N ASP E 215 29.98 -48.69 -13.40
CA ASP E 215 30.03 -49.16 -14.77
C ASP E 215 29.22 -48.27 -15.70
N LYS E 216 28.11 -47.71 -15.20
CA LYS E 216 27.33 -46.81 -16.05
C LYS E 216 28.07 -45.50 -16.30
N ILE E 217 28.79 -44.98 -15.31
CA ILE E 217 29.52 -43.73 -15.55
C ILE E 217 30.79 -43.93 -16.37
N ASN E 218 31.33 -45.15 -16.42
CA ASN E 218 32.61 -45.34 -17.09
C ASN E 218 32.55 -45.05 -18.59
N VAL E 219 31.38 -45.17 -19.21
CA VAL E 219 31.27 -44.89 -20.63
C VAL E 219 31.47 -43.41 -20.94
N LEU E 220 31.21 -42.52 -19.96
CA LEU E 220 31.45 -41.10 -20.18
C LEU E 220 32.92 -40.79 -20.32
N HIS E 221 33.79 -41.58 -19.68
CA HIS E 221 35.24 -41.40 -19.71
C HIS E 221 35.64 -39.99 -19.27
N LYS E 222 35.00 -39.52 -18.20
CA LYS E 222 35.36 -38.25 -17.59
C LYS E 222 36.58 -38.42 -16.69
N PRO E 223 37.41 -37.39 -16.55
CA PRO E 223 38.55 -37.47 -15.64
C PRO E 223 38.15 -37.06 -14.23
N PRO E 224 38.99 -37.34 -13.24
CA PRO E 224 38.66 -36.91 -11.87
C PRO E 224 38.49 -35.40 -11.78
N TYR E 225 37.57 -34.98 -10.93
CA TYR E 225 37.31 -33.56 -10.73
C TYR E 225 38.34 -32.96 -9.79
N GLU E 226 38.55 -31.65 -9.94
CA GLU E 226 39.46 -30.91 -9.07
C GLU E 226 38.64 -30.33 -7.92
N HIS E 227 39.03 -30.68 -6.70
CA HIS E 227 38.11 -30.28 -5.65
C HIS E 227 38.66 -29.07 -4.89
N PRO E 228 37.77 -28.23 -4.36
CA PRO E 228 38.23 -27.08 -3.58
C PRO E 228 39.06 -27.52 -2.39
N LYS E 229 40.14 -26.77 -2.13
CA LYS E 229 41.01 -27.04 -1.00
C LYS E 229 40.87 -26.04 0.13
N ASP E 230 40.07 -24.99 -0.07
CA ASP E 230 39.82 -23.99 0.96
C ASP E 230 38.40 -23.46 0.78
N LEU E 231 38.02 -22.54 1.66
CA LEU E 231 36.74 -21.84 1.57
C LEU E 231 36.89 -20.46 0.95
N LYS E 232 38.03 -20.18 0.32
CA LYS E 232 38.36 -18.82 -0.08
C LYS E 232 37.42 -18.30 -1.17
N LEU E 233 37.20 -19.10 -2.22
CA LEU E 233 36.32 -18.65 -3.31
C LEU E 233 34.88 -18.53 -2.86
N SER E 234 34.48 -19.22 -1.79
CA SER E 234 33.11 -19.19 -1.28
C SER E 234 32.99 -18.32 -0.03
N ASP E 235 33.85 -17.31 0.11
CA ASP E 235 33.74 -16.31 1.18
C ASP E 235 33.74 -16.95 2.56
N GLY E 236 34.55 -17.98 2.74
CA GLY E 236 34.58 -18.68 4.02
C GLY E 236 33.36 -19.50 4.32
N ARG E 237 32.49 -19.72 3.34
CA ARG E 237 31.26 -20.49 3.54
C ARG E 237 31.46 -21.91 3.03
N LEU E 238 31.01 -22.88 3.82
CA LEU E 238 30.97 -24.26 3.36
C LEU E 238 29.84 -24.42 2.35
N ARG E 239 30.15 -24.99 1.19
CA ARG E 239 29.15 -25.22 0.15
C ARG E 239 28.61 -26.64 0.32
N VAL E 240 27.33 -26.74 0.64
CA VAL E 240 26.68 -28.01 0.94
C VAL E 240 25.56 -28.22 -0.06
N GLY E 241 25.62 -29.34 -0.79
CA GLY E 241 24.62 -29.64 -1.80
C GLY E 241 23.82 -30.90 -1.51
N TYR E 242 22.53 -30.72 -1.27
CA TYR E 242 21.62 -31.84 -0.99
C TYR E 242 21.05 -32.35 -2.31
N VAL E 243 21.41 -33.57 -2.69
CA VAL E 243 20.91 -34.18 -3.91
C VAL E 243 19.75 -35.09 -3.54
N SER E 244 18.57 -34.80 -4.05
CA SER E 244 17.40 -35.61 -3.71
C SER E 244 16.40 -35.62 -4.86
N SER E 245 15.80 -36.78 -5.09
CA SER E 245 14.65 -36.92 -5.97
C SER E 245 13.35 -36.65 -5.25
N ASP E 246 13.41 -36.11 -4.03
CA ASP E 246 12.28 -36.11 -3.11
C ASP E 246 11.91 -34.71 -2.65
N PHE E 247 12.29 -33.68 -3.40
CA PHE E 247 11.90 -32.31 -3.09
C PHE E 247 10.48 -32.12 -3.59
N GLY E 248 9.52 -32.48 -2.76
CA GLY E 248 8.13 -32.49 -3.15
C GLY E 248 7.31 -33.23 -2.11
N ASN E 249 6.12 -33.67 -2.51
CA ASN E 249 5.23 -34.40 -1.60
C ASN E 249 5.77 -35.81 -1.41
N HIS E 250 6.77 -35.93 -0.56
CA HIS E 250 7.40 -37.20 -0.23
C HIS E 250 7.82 -37.14 1.23
N PRO E 251 7.86 -38.28 1.93
CA PRO E 251 8.22 -38.26 3.37
C PRO E 251 9.52 -37.54 3.68
N THR E 252 10.52 -37.62 2.80
CA THR E 252 11.80 -36.96 3.08
C THR E 252 11.61 -35.46 3.24
N SER E 253 10.84 -34.84 2.35
CA SER E 253 10.51 -33.43 2.51
C SER E 253 9.69 -33.19 3.78
N HIS E 254 8.82 -34.15 4.14
CA HIS E 254 8.10 -34.04 5.40
C HIS E 254 9.03 -34.09 6.59
N LEU E 255 10.26 -34.59 6.41
CA LEU E 255 11.21 -34.63 7.51
C LEU E 255 12.14 -33.42 7.55
N MET E 256 12.58 -32.92 6.39
CA MET E 256 13.69 -31.96 6.39
C MET E 256 13.42 -30.69 5.60
N GLN E 257 12.18 -30.40 5.23
CA GLN E 257 11.93 -29.25 4.34
C GLN E 257 12.35 -27.93 4.95
N SER E 258 12.44 -27.84 6.28
CA SER E 258 12.87 -26.62 6.94
C SER E 258 14.38 -26.52 7.13
N ILE E 259 15.11 -27.64 6.96
CA ILE E 259 16.55 -27.62 7.21
C ILE E 259 17.29 -26.66 6.29
N PRO E 260 17.08 -26.66 4.96
CA PRO E 260 17.82 -25.69 4.13
C PRO E 260 17.59 -24.26 4.54
N GLY E 261 16.38 -23.90 4.95
CA GLY E 261 16.10 -22.54 5.36
C GLY E 261 16.75 -22.13 6.66
N MET E 262 17.14 -23.09 7.49
CA MET E 262 17.68 -22.80 8.82
C MET E 262 19.21 -22.83 8.86
N HIS E 263 19.88 -23.01 7.73
CA HIS E 263 21.33 -22.97 7.71
C HIS E 263 21.82 -21.56 7.95
N ASN E 264 23.03 -21.44 8.50
CA ASN E 264 23.60 -20.15 8.81
C ASN E 264 24.20 -19.54 7.54
N PRO E 265 23.63 -18.44 7.03
CA PRO E 265 24.17 -17.84 5.81
C PRO E 265 25.57 -17.27 5.97
N ASP E 266 26.01 -17.02 7.21
CA ASP E 266 27.35 -16.50 7.42
C ASP E 266 28.41 -17.56 7.10
N LYS E 267 28.12 -18.83 7.40
CA LYS E 267 29.11 -19.89 7.26
C LYS E 267 28.74 -20.97 6.25
N PHE E 268 27.53 -20.97 5.70
CA PHE E 268 27.11 -22.05 4.82
C PHE E 268 26.33 -21.51 3.63
N GLU E 269 26.58 -22.10 2.46
CA GLU E 269 25.85 -21.83 1.24
C GLU E 269 25.21 -23.13 0.77
N VAL E 270 23.88 -23.12 0.65
CA VAL E 270 23.09 -24.33 0.49
C VAL E 270 22.63 -24.44 -0.96
N PHE E 271 23.02 -25.52 -1.61
CA PHE E 271 22.56 -25.87 -2.94
C PHE E 271 21.65 -27.08 -2.83
N CYS E 272 20.49 -27.03 -3.48
CA CYS E 272 19.54 -28.14 -3.48
C CYS E 272 19.41 -28.64 -4.91
N TYR E 273 19.95 -29.84 -5.16
CA TYR E 273 19.90 -30.46 -6.47
C TYR E 273 18.72 -31.42 -6.50
N ALA E 274 17.67 -31.03 -7.20
CA ALA E 274 16.46 -31.83 -7.32
C ALA E 274 16.59 -32.76 -8.50
N LEU E 275 16.44 -34.06 -8.26
CA LEU E 275 16.37 -35.04 -9.34
C LEU E 275 14.97 -35.20 -9.88
N SER E 276 13.97 -34.58 -9.26
CA SER E 276 12.57 -34.68 -9.61
C SER E 276 12.04 -33.34 -10.11
N PRO E 277 11.11 -33.36 -11.06
CA PRO E 277 10.46 -32.11 -11.48
C PRO E 277 9.54 -31.58 -10.39
N ASP E 278 9.26 -30.27 -10.49
CA ASP E 278 8.33 -29.61 -9.58
C ASP E 278 6.97 -30.28 -9.65
N ASP E 279 6.53 -30.90 -8.55
CA ASP E 279 5.23 -31.53 -8.47
C ASP E 279 4.13 -30.56 -8.05
N GLY E 280 4.46 -29.27 -7.91
CA GLY E 280 3.47 -28.26 -7.58
C GLY E 280 3.12 -28.15 -6.11
N THR E 281 3.71 -28.98 -5.26
CA THR E 281 3.38 -28.98 -3.85
C THR E 281 4.20 -27.93 -3.09
N ASN E 282 3.66 -27.52 -1.93
CA ASN E 282 4.31 -26.48 -1.15
C ASN E 282 5.66 -26.91 -0.59
N PHE E 283 5.92 -28.21 -0.45
CA PHE E 283 7.23 -28.66 -0.01
C PHE E 283 8.31 -28.24 -1.00
N ARG E 284 8.08 -28.53 -2.28
CA ARG E 284 9.00 -28.10 -3.33
C ARG E 284 9.15 -26.58 -3.33
N VAL E 285 8.03 -25.87 -3.19
CA VAL E 285 8.05 -24.40 -3.21
C VAL E 285 8.91 -23.88 -2.06
N LYS E 286 8.73 -24.44 -0.86
CA LYS E 286 9.49 -24.00 0.30
C LYS E 286 10.98 -24.24 0.12
N VAL E 287 11.35 -25.43 -0.37
CA VAL E 287 12.77 -25.72 -0.55
C VAL E 287 13.37 -24.79 -1.59
N MET E 288 12.66 -24.56 -2.70
CA MET E 288 13.17 -23.63 -3.71
C MET E 288 13.30 -22.21 -3.15
N ALA E 289 12.34 -21.78 -2.34
CA ALA E 289 12.34 -20.43 -1.81
C ALA E 289 13.37 -20.21 -0.70
N GLU E 290 13.78 -21.26 0.00
CA GLU E 290 14.64 -21.11 1.17
C GLU E 290 16.08 -21.54 0.94
N ALA E 291 16.33 -22.47 0.01
CA ALA E 291 17.69 -22.79 -0.34
C ALA E 291 18.37 -21.60 -1.01
N ASN E 292 19.68 -21.46 -0.77
CA ASN E 292 20.42 -20.39 -1.42
C ASN E 292 20.42 -20.58 -2.93
N HIS E 293 20.49 -21.83 -3.39
CA HIS E 293 20.41 -22.14 -4.82
C HIS E 293 19.64 -23.43 -4.98
N PHE E 294 18.70 -23.45 -5.93
CA PHE E 294 17.94 -24.65 -6.27
C PHE E 294 18.21 -25.00 -7.72
N ILE E 295 18.73 -26.20 -7.96
CA ILE E 295 19.13 -26.64 -9.29
C ILE E 295 18.29 -27.86 -9.65
N ASP E 296 17.56 -27.77 -10.76
CA ASP E 296 16.67 -28.84 -11.21
C ASP E 296 17.46 -29.77 -12.12
N LEU E 297 18.11 -30.77 -11.52
CA LEU E 297 18.86 -31.76 -12.29
C LEU E 297 17.98 -32.69 -13.10
N SER E 298 16.66 -32.69 -12.86
CA SER E 298 15.76 -33.44 -13.72
C SER E 298 15.77 -32.91 -15.15
N GLN E 299 16.21 -31.66 -15.34
CA GLN E 299 16.38 -31.08 -16.67
C GLN E 299 17.72 -31.44 -17.30
N ILE E 300 18.58 -32.16 -16.59
CA ILE E 300 19.89 -32.55 -17.11
C ILE E 300 20.01 -34.07 -17.01
N PRO E 301 19.40 -34.82 -17.92
CA PRO E 301 19.45 -36.30 -17.83
C PRO E 301 20.86 -36.87 -17.84
N CYS E 302 21.77 -36.27 -18.60
CA CYS E 302 23.13 -36.80 -18.67
C CYS E 302 23.81 -36.65 -17.31
N ASN E 303 24.29 -37.77 -16.76
CA ASN E 303 24.97 -37.72 -15.48
C ASN E 303 26.30 -36.98 -15.57
N GLY E 304 26.97 -37.05 -16.73
CA GLY E 304 28.19 -36.28 -16.91
C GLY E 304 27.96 -34.79 -16.79
N LYS E 305 26.94 -34.28 -17.50
CA LYS E 305 26.65 -32.84 -17.46
C LYS E 305 26.15 -32.41 -16.09
N ALA E 306 25.33 -33.25 -15.44
CA ALA E 306 24.83 -32.89 -14.11
C ALA E 306 25.95 -32.86 -13.08
N ALA E 307 26.85 -33.86 -13.11
CA ALA E 307 28.00 -33.85 -12.22
C ALA E 307 28.91 -32.67 -12.52
N ASP E 308 29.03 -32.31 -13.80
CA ASP E 308 29.77 -31.11 -14.18
C ASP E 308 29.18 -29.87 -13.53
N ARG E 309 27.85 -29.75 -13.56
CA ARG E 309 27.19 -28.60 -12.94
C ARG E 309 27.42 -28.58 -11.44
N ILE E 310 27.32 -29.75 -10.79
CA ILE E 310 27.59 -29.82 -9.36
C ILE E 310 29.00 -29.33 -9.06
N HIS E 311 29.98 -29.81 -9.83
CA HIS E 311 31.36 -29.39 -9.64
C HIS E 311 31.52 -27.90 -9.88
N GLN E 312 30.85 -27.36 -10.90
CA GLN E 312 30.95 -25.94 -11.21
C GLN E 312 30.45 -25.08 -10.06
N ASP E 313 29.38 -25.52 -9.40
CA ASP E 313 28.90 -24.78 -8.24
C ASP E 313 29.87 -24.80 -7.07
N GLY E 314 30.90 -25.66 -7.12
CA GLY E 314 31.93 -25.65 -6.11
C GLY E 314 31.58 -26.35 -4.81
N ILE E 315 30.78 -27.41 -4.89
CA ILE E 315 30.29 -28.05 -3.68
C ILE E 315 31.43 -28.66 -2.89
N HIS E 316 31.47 -28.38 -1.58
CA HIS E 316 32.43 -29.01 -0.68
C HIS E 316 31.88 -30.31 -0.11
N ILE E 317 30.65 -30.30 0.39
CA ILE E 317 30.02 -31.52 0.91
C ILE E 317 28.76 -31.79 0.11
N LEU E 318 28.72 -32.95 -0.54
CA LEU E 318 27.57 -33.40 -1.31
C LEU E 318 26.85 -34.50 -0.53
N VAL E 319 25.54 -34.36 -0.40
CA VAL E 319 24.74 -35.18 0.50
C VAL E 319 23.77 -36.01 -0.32
N ASN E 320 23.90 -37.34 -0.21
CA ASN E 320 23.03 -38.29 -0.88
C ASN E 320 21.83 -38.57 0.00
N MET E 321 20.65 -38.18 -0.48
CA MET E 321 19.42 -38.36 0.27
C MET E 321 18.53 -39.44 -0.32
N ASN E 322 19.07 -40.25 -1.23
CA ASN E 322 18.31 -41.29 -1.91
C ASN E 322 18.79 -42.70 -1.57
N GLY E 323 20.11 -42.93 -1.61
CA GLY E 323 20.58 -44.29 -1.49
C GLY E 323 20.07 -45.12 -2.64
N TYR E 324 19.71 -46.36 -2.35
CA TYR E 324 19.12 -47.24 -3.35
C TYR E 324 17.60 -47.22 -3.29
N THR E 325 17.02 -46.04 -3.37
CA THR E 325 15.58 -45.86 -3.46
C THR E 325 15.21 -45.37 -4.85
N LYS E 326 13.90 -45.35 -5.12
CA LYS E 326 13.42 -44.88 -6.42
C LYS E 326 13.83 -43.43 -6.64
N GLY E 327 14.25 -43.13 -7.87
CA GLY E 327 14.68 -41.80 -8.22
C GLY E 327 16.15 -41.50 -7.98
N ALA E 328 16.90 -42.46 -7.43
CA ALA E 328 18.31 -42.23 -7.16
C ALA E 328 19.09 -42.02 -8.46
N ARG E 329 20.09 -41.16 -8.39
CA ARG E 329 21.04 -40.91 -9.47
C ARG E 329 22.46 -40.98 -8.94
N ASN E 330 22.75 -42.07 -8.22
CA ASN E 330 24.03 -42.25 -7.57
C ASN E 330 25.22 -42.16 -8.53
N GLU E 331 24.96 -42.25 -9.84
CA GLU E 331 26.00 -42.01 -10.83
C GLU E 331 26.63 -40.63 -10.62
N LEU E 332 25.83 -39.64 -10.21
CA LEU E 332 26.37 -38.33 -9.92
C LEU E 332 27.41 -38.38 -8.81
N PHE E 333 27.18 -39.22 -7.80
CA PHE E 333 28.12 -39.36 -6.71
C PHE E 333 29.34 -40.19 -7.12
N ALA E 334 29.13 -41.21 -7.97
CA ALA E 334 30.25 -42.02 -8.44
C ALA E 334 31.26 -41.20 -9.22
N LEU E 335 30.79 -40.17 -9.94
CA LEU E 335 31.69 -39.28 -10.66
C LEU E 335 32.50 -38.38 -9.74
N ARG E 336 32.16 -38.35 -8.45
CA ARG E 336 32.93 -37.63 -7.44
C ARG E 336 33.15 -36.15 -7.78
N PRO E 337 32.08 -35.36 -7.89
CA PRO E 337 32.24 -33.92 -8.17
C PRO E 337 32.51 -33.10 -6.93
N ALA E 338 32.48 -33.69 -5.73
CA ALA E 338 32.71 -32.99 -4.49
C ALA E 338 33.76 -33.74 -3.67
N PRO E 339 34.53 -33.02 -2.85
CA PRO E 339 35.57 -33.70 -2.06
C PRO E 339 35.02 -34.58 -0.96
N ILE E 340 33.89 -34.23 -0.36
CA ILE E 340 33.27 -35.01 0.70
C ILE E 340 31.85 -35.35 0.25
N GLN E 341 31.47 -36.63 0.39
CA GLN E 341 30.14 -37.09 0.02
C GLN E 341 29.61 -37.96 1.15
N ALA E 342 28.36 -37.72 1.56
CA ALA E 342 27.81 -38.34 2.75
C ALA E 342 26.36 -38.76 2.56
N MET E 343 26.03 -39.97 3.03
CA MET E 343 24.64 -40.42 3.14
C MET E 343 23.98 -39.74 4.34
N TRP E 344 22.77 -39.21 4.17
CA TRP E 344 22.14 -38.53 5.30
C TRP E 344 20.84 -39.19 5.79
N LEU E 345 19.76 -39.17 5.03
CA LEU E 345 18.47 -39.44 5.66
C LEU E 345 17.50 -40.31 4.89
N GLY E 346 17.57 -40.36 3.55
CA GLY E 346 16.54 -41.07 2.81
C GLY E 346 16.69 -42.57 2.81
N TYR E 347 17.90 -43.08 3.01
CA TYR E 347 18.18 -44.50 2.88
C TYR E 347 18.67 -45.06 4.20
N PRO E 348 18.00 -46.05 4.78
CA PRO E 348 18.40 -46.60 6.09
C PRO E 348 19.40 -47.75 5.95
N GLY E 349 20.59 -47.44 5.47
CA GLY E 349 21.62 -48.44 5.33
C GLY E 349 22.84 -47.88 4.62
N THR E 350 23.84 -48.74 4.46
CA THR E 350 25.08 -48.35 3.81
C THR E 350 24.95 -48.46 2.28
N SER E 351 25.61 -47.54 1.59
CA SER E 351 25.68 -47.61 0.14
C SER E 351 26.61 -48.73 -0.32
N GLY E 352 27.51 -49.18 0.55
CA GLY E 352 28.48 -50.19 0.18
C GLY E 352 29.52 -49.74 -0.83
N ALA E 353 29.52 -48.47 -1.19
CA ALA E 353 30.28 -47.97 -2.32
C ALA E 353 31.45 -47.10 -1.85
N LEU E 354 32.55 -47.17 -2.61
CA LEU E 354 33.73 -46.39 -2.29
C LEU E 354 33.52 -44.90 -2.53
N PHE E 355 32.58 -44.52 -3.38
CA PHE E 355 32.41 -43.11 -3.71
C PHE E 355 31.62 -42.34 -2.64
N MET E 356 31.16 -43.00 -1.59
CA MET E 356 30.55 -42.34 -0.45
C MET E 356 31.50 -42.42 0.74
N ASP E 357 31.79 -41.26 1.34
CA ASP E 357 32.81 -41.17 2.38
C ASP E 357 32.23 -41.31 3.78
N TYR E 358 31.08 -40.70 4.04
CA TYR E 358 30.48 -40.71 5.37
C TYR E 358 29.03 -41.18 5.30
N ILE E 359 28.56 -41.68 6.43
CA ILE E 359 27.14 -41.88 6.67
C ILE E 359 26.78 -41.12 7.93
N ILE E 360 25.78 -40.24 7.83
CA ILE E 360 25.36 -39.42 8.95
C ILE E 360 24.37 -40.22 9.79
N THR E 361 24.76 -40.49 11.04
CA THR E 361 23.99 -41.35 11.92
C THR E 361 24.21 -40.86 13.36
N ASP E 362 23.91 -41.71 14.33
CA ASP E 362 24.18 -41.41 15.73
C ASP E 362 24.60 -42.69 16.44
N GLN E 363 25.04 -42.52 17.68
CA GLN E 363 25.57 -43.64 18.46
C GLN E 363 24.51 -44.69 18.71
N GLU E 364 23.27 -44.27 18.95
CA GLU E 364 22.19 -45.24 19.16
C GLU E 364 21.90 -46.02 17.89
N THR E 365 21.71 -45.32 16.77
CA THR E 365 21.37 -46.00 15.52
C THR E 365 22.49 -46.89 15.04
N SER E 366 23.73 -46.41 15.10
CA SER E 366 24.89 -47.15 14.61
C SER E 366 26.00 -47.10 15.66
N PRO E 367 25.91 -47.92 16.70
CA PRO E 367 27.01 -48.02 17.66
C PRO E 367 28.27 -48.53 16.97
N ALA E 368 29.43 -48.11 17.49
CA ALA E 368 30.69 -48.40 16.82
C ALA E 368 30.91 -49.89 16.63
N GLU E 369 30.29 -50.73 17.47
CA GLU E 369 30.51 -52.17 17.41
C GLU E 369 30.17 -52.73 16.03
N VAL E 370 29.07 -52.26 15.44
CA VAL E 370 28.61 -52.78 14.16
C VAL E 370 29.05 -51.82 13.06
N ALA E 371 30.14 -51.10 13.29
CA ALA E 371 30.67 -50.19 12.27
C ALA E 371 31.07 -50.94 11.00
N GLU E 372 31.47 -52.20 11.11
CA GLU E 372 31.76 -53.01 9.93
C GLU E 372 30.53 -53.26 9.08
N GLN E 373 29.35 -52.99 9.63
CA GLN E 373 28.09 -53.11 8.88
C GLN E 373 28.01 -52.10 7.75
N TYR E 374 28.70 -50.97 7.87
CA TYR E 374 28.68 -49.91 6.87
C TYR E 374 30.03 -49.79 6.19
N SER E 375 30.02 -49.55 4.88
CA SER E 375 31.24 -49.26 4.15
C SER E 375 31.75 -47.85 4.39
N GLU E 376 30.85 -46.93 4.75
CA GLU E 376 31.25 -45.55 5.02
C GLU E 376 31.75 -45.40 6.45
N LYS E 377 32.42 -44.29 6.70
CA LYS E 377 32.82 -43.93 8.06
C LYS E 377 31.66 -43.27 8.78
N LEU E 378 31.50 -43.61 10.06
CA LEU E 378 30.40 -43.06 10.83
C LEU E 378 30.62 -41.59 11.14
N ALA E 379 29.54 -40.81 11.05
CA ALA E 379 29.53 -39.41 11.44
C ALA E 379 28.33 -39.18 12.34
N TYR E 380 28.59 -38.82 13.59
CA TYR E 380 27.58 -38.88 14.64
C TYR E 380 26.92 -37.51 14.84
N MET E 381 25.60 -37.47 14.71
CA MET E 381 24.82 -36.41 15.30
C MET E 381 24.79 -36.56 16.82
N PRO E 382 24.68 -35.45 17.57
CA PRO E 382 24.73 -35.58 19.04
C PRO E 382 23.64 -36.46 19.65
N HIS E 383 22.39 -36.31 19.22
CA HIS E 383 21.29 -37.06 19.81
C HIS E 383 20.75 -38.13 18.87
N THR E 384 20.30 -37.74 17.68
CA THR E 384 19.81 -38.68 16.69
C THR E 384 19.91 -38.02 15.32
N PHE E 385 20.23 -38.82 14.31
CA PHE E 385 20.27 -38.29 12.95
C PHE E 385 18.87 -38.04 12.41
N PHE E 386 17.85 -38.65 12.98
CA PHE E 386 16.50 -38.47 12.47
C PHE E 386 15.90 -37.16 12.94
N ILE E 387 14.98 -36.64 12.12
CA ILE E 387 14.40 -35.33 12.35
C ILE E 387 13.06 -35.30 11.60
N GLY E 388 12.13 -34.50 12.11
CA GLY E 388 10.85 -34.33 11.46
C GLY E 388 10.41 -32.89 11.49
N ASP E 389 9.65 -32.50 10.46
CA ASP E 389 9.09 -31.17 10.36
C ASP E 389 7.72 -31.06 11.01
N HIS E 390 7.42 -31.94 11.96
CA HIS E 390 6.08 -31.97 12.56
C HIS E 390 5.77 -30.67 13.29
N ALA E 391 6.77 -30.09 13.95
CA ALA E 391 6.54 -28.83 14.67
C ALA E 391 6.09 -27.72 13.73
N ASN E 392 6.47 -27.79 12.46
CA ASN E 392 6.07 -26.80 11.47
C ASN E 392 4.84 -27.22 10.69
N MET E 393 4.77 -28.49 10.28
CA MET E 393 3.68 -28.96 9.43
C MET E 393 2.36 -29.05 10.19
N PHE E 394 2.38 -29.59 11.41
CA PHE E 394 1.17 -29.83 12.19
C PHE E 394 1.25 -29.15 13.55
N PRO E 395 1.37 -27.82 13.60
CA PRO E 395 1.39 -27.14 14.90
C PRO E 395 0.04 -27.12 15.60
N HIS E 396 -1.05 -27.42 14.89
CA HIS E 396 -2.37 -27.50 15.52
C HIS E 396 -2.49 -28.68 16.47
N LEU E 397 -1.54 -29.60 16.45
CA LEU E 397 -1.51 -30.73 17.36
C LEU E 397 -0.66 -30.50 18.60
N LYS E 398 -0.10 -29.29 18.77
CA LYS E 398 0.70 -29.01 19.96
C LYS E 398 -0.17 -29.01 21.21
N LYS E 399 -1.45 -28.64 21.08
CA LYS E 399 -2.40 -28.69 22.18
C LYS E 399 -3.63 -29.47 21.73
N LYS E 400 -4.34 -30.04 22.70
CA LYS E 400 -5.56 -30.77 22.41
C LYS E 400 -6.57 -30.54 23.51
N ALA E 401 -7.83 -30.84 23.20
CA ALA E 401 -8.92 -30.84 24.16
C ALA E 401 -9.77 -32.07 23.90
N VAL E 402 -10.63 -32.41 24.87
CA VAL E 402 -11.45 -33.61 24.79
C VAL E 402 -12.88 -33.30 25.22
N ILE E 403 -13.79 -34.19 24.86
CA ILE E 403 -15.20 -34.10 25.23
C ILE E 403 -15.51 -35.25 26.16
N ASP E 404 -16.00 -34.94 27.36
CA ASP E 404 -16.44 -35.96 28.30
C ASP E 404 -17.83 -36.43 27.87
N PHE E 405 -17.88 -37.51 27.10
CA PHE E 405 -19.16 -37.97 26.58
C PHE E 405 -19.85 -38.97 27.48
N LYS E 406 -19.09 -39.70 28.30
CA LYS E 406 -19.71 -40.58 29.30
C LYS E 406 -20.20 -39.75 30.48
N SER E 407 -20.89 -40.42 31.41
CA SER E 407 -21.36 -39.77 32.63
C SER E 407 -20.27 -39.74 33.70
N ASN E 408 -19.66 -40.89 33.98
CA ASN E 408 -18.59 -41.01 34.97
C ASN E 408 -17.39 -41.72 34.36
N GLY E 409 -17.13 -41.47 33.08
CA GLY E 409 -15.98 -42.06 32.42
C GLY E 409 -14.65 -41.44 32.78
N HIS E 410 -14.62 -40.59 33.82
CA HIS E 410 -13.44 -39.84 34.21
C HIS E 410 -12.92 -39.02 33.03
N ILE E 411 -11.60 -38.91 32.91
CA ILE E 411 -10.99 -38.09 31.87
C ILE E 411 -10.39 -39.03 30.82
N TYR E 412 -10.88 -38.89 29.58
CA TYR E 412 -10.44 -39.70 28.45
C TYR E 412 -9.72 -38.79 27.47
N ASP E 413 -8.41 -39.00 27.30
CA ASP E 413 -7.61 -38.13 26.45
C ASP E 413 -7.59 -38.57 24.98
N ASN E 414 -8.21 -39.71 24.64
CA ASN E 414 -8.04 -40.27 23.31
C ASN E 414 -9.33 -40.86 22.75
N ARG E 415 -10.50 -40.38 23.18
CA ARG E 415 -11.76 -40.89 22.68
C ARG E 415 -12.54 -39.89 21.84
N ILE E 416 -12.61 -38.63 22.26
CA ILE E 416 -13.11 -37.54 21.42
C ILE E 416 -12.16 -36.38 21.61
N VAL E 417 -11.30 -36.13 20.62
CA VAL E 417 -10.24 -35.13 20.71
C VAL E 417 -10.58 -33.99 19.77
N LEU E 418 -10.24 -32.77 20.19
CA LEU E 418 -10.38 -31.58 19.36
C LEU E 418 -9.04 -30.91 19.23
N ASN E 419 -8.67 -30.56 18.00
CA ASN E 419 -7.44 -29.82 17.75
C ASN E 419 -7.76 -28.57 16.97
N GLY E 420 -6.93 -27.55 17.11
CA GLY E 420 -7.15 -26.33 16.36
C GLY E 420 -6.26 -25.18 16.74
N ILE E 421 -5.92 -24.34 15.75
CA ILE E 421 -5.16 -23.14 16.03
C ILE E 421 -5.99 -22.18 16.88
N ASP E 422 -7.28 -22.08 16.61
CA ASP E 422 -8.19 -21.24 17.37
C ASP E 422 -8.94 -22.01 18.46
N LEU E 423 -8.37 -23.12 18.94
CA LEU E 423 -9.07 -23.94 19.93
C LEU E 423 -9.26 -23.17 21.24
N LYS E 424 -8.26 -22.37 21.64
CA LYS E 424 -8.36 -21.65 22.89
C LYS E 424 -9.53 -20.65 22.87
N ALA E 425 -9.68 -19.91 21.77
CA ALA E 425 -10.79 -18.96 21.67
C ALA E 425 -12.14 -19.68 21.69
N PHE E 426 -12.25 -20.79 20.95
CA PHE E 426 -13.48 -21.57 20.96
C PHE E 426 -13.82 -22.03 22.36
N LEU E 427 -12.85 -22.61 23.07
CA LEU E 427 -13.09 -23.08 24.43
C LEU E 427 -13.47 -21.92 25.36
N ASP E 428 -12.81 -20.77 25.18
CA ASP E 428 -13.14 -19.59 25.98
C ASP E 428 -14.55 -19.08 25.69
N SER E 429 -15.10 -19.40 24.53
CA SER E 429 -16.50 -19.09 24.28
C SER E 429 -17.45 -20.06 24.97
N LEU E 430 -16.96 -21.22 25.44
CA LEU E 430 -17.79 -22.21 26.08
C LEU E 430 -18.01 -21.88 27.56
N PRO E 431 -19.18 -22.21 28.12
CA PRO E 431 -19.46 -21.80 29.50
C PRO E 431 -18.57 -22.45 30.55
N ASP E 432 -18.47 -23.77 30.56
CA ASP E 432 -17.98 -24.53 31.72
C ASP E 432 -16.89 -25.52 31.32
N VAL E 433 -15.89 -25.05 30.58
CA VAL E 433 -14.76 -25.91 30.25
C VAL E 433 -13.98 -26.24 31.53
N LYS E 434 -13.67 -27.52 31.72
CA LYS E 434 -12.96 -27.98 32.92
C LYS E 434 -11.53 -28.32 32.54
N ILE E 435 -10.57 -27.66 33.17
CA ILE E 435 -9.16 -27.81 32.80
C ILE E 435 -8.54 -28.87 33.69
N VAL E 436 -7.98 -29.92 33.08
CA VAL E 436 -7.36 -31.02 33.79
C VAL E 436 -5.84 -30.85 33.71
N LYS E 437 -5.17 -30.92 34.85
CA LYS E 437 -3.73 -30.73 34.91
C LYS E 437 -3.02 -32.01 34.48
N MET E 438 -2.02 -31.87 33.62
CA MET E 438 -1.26 -33.00 33.12
C MET E 438 -0.08 -33.26 34.04
N LYS E 439 -0.01 -34.47 34.59
CA LYS E 439 1.07 -34.83 35.51
C LYS E 439 2.12 -35.69 34.82
N ALA E 453 3.00 -26.23 33.15
CA ALA E 453 1.92 -25.42 32.59
C ALA E 453 1.30 -26.12 31.38
N LEU E 454 1.02 -27.41 31.53
CA LEU E 454 0.41 -28.22 30.49
C LEU E 454 -0.95 -28.70 30.97
N ASN E 455 -1.98 -28.48 30.16
CA ASN E 455 -3.34 -28.81 30.56
C ASN E 455 -4.07 -29.49 29.41
N MET E 456 -5.13 -30.20 29.77
CA MET E 456 -6.09 -30.75 28.80
C MET E 456 -7.47 -30.20 29.16
N PRO E 457 -8.04 -29.31 28.35
CA PRO E 457 -9.43 -28.92 28.58
C PRO E 457 -10.38 -30.07 28.29
N VAL E 458 -11.47 -30.10 29.05
CA VAL E 458 -12.51 -31.12 28.92
C VAL E 458 -13.84 -30.40 28.80
N ILE E 459 -14.53 -30.62 27.69
CA ILE E 459 -15.86 -30.06 27.47
C ILE E 459 -16.87 -31.02 28.07
N PRO E 460 -17.67 -30.60 29.04
CA PRO E 460 -18.69 -31.48 29.60
C PRO E 460 -19.76 -31.79 28.57
N MET E 461 -20.50 -32.87 28.81
CA MET E 461 -21.57 -33.25 27.92
C MET E 461 -22.73 -32.26 28.04
N ASN E 462 -22.71 -31.25 27.18
CA ASN E 462 -23.74 -30.22 27.14
C ASN E 462 -24.29 -30.11 25.73
N THR E 463 -25.04 -29.04 25.45
CA THR E 463 -25.60 -28.86 24.11
C THR E 463 -24.51 -28.76 23.05
N ILE E 464 -23.39 -28.12 23.37
CA ILE E 464 -22.30 -27.97 22.41
C ILE E 464 -21.66 -29.33 22.11
N ALA E 465 -21.39 -30.11 23.16
CA ALA E 465 -20.84 -31.44 22.97
C ALA E 465 -21.83 -32.31 22.20
N GLU E 466 -23.12 -32.15 22.48
CA GLU E 466 -24.13 -32.88 21.73
C GLU E 466 -24.10 -32.52 20.25
N ALA E 467 -23.93 -31.23 19.93
CA ALA E 467 -23.85 -30.82 18.53
C ALA E 467 -22.61 -31.41 17.85
N VAL E 468 -21.47 -31.39 18.54
CA VAL E 468 -20.25 -31.96 17.96
C VAL E 468 -20.43 -33.45 17.70
N ILE E 469 -20.98 -34.17 18.68
CA ILE E 469 -21.18 -35.61 18.53
C ILE E 469 -22.21 -35.88 17.43
N GLU E 470 -23.23 -35.02 17.31
CA GLU E 470 -24.20 -35.17 16.23
C GLU E 470 -23.55 -35.02 14.87
N MET E 471 -22.65 -34.05 14.74
CA MET E 471 -21.91 -33.90 13.48
C MET E 471 -21.09 -35.15 13.19
N ILE E 472 -20.43 -35.69 14.20
CA ILE E 472 -19.61 -36.89 14.00
C ILE E 472 -20.49 -38.08 13.61
N ASN E 473 -21.63 -38.24 14.28
CA ASN E 473 -22.47 -39.42 14.07
C ASN E 473 -23.20 -39.38 12.73
N ARG E 474 -23.69 -38.21 12.34
CA ARG E 474 -24.43 -38.09 11.08
C ARG E 474 -23.51 -38.08 9.86
N GLY E 475 -22.19 -38.04 10.06
CA GLY E 475 -21.28 -37.94 8.95
C GLY E 475 -21.25 -36.58 8.28
N GLN E 476 -21.61 -35.53 9.00
CA GLN E 476 -21.59 -34.19 8.44
C GLN E 476 -20.16 -33.69 8.30
N ILE E 477 -19.94 -32.91 7.24
CA ILE E 477 -18.59 -32.41 6.95
C ILE E 477 -18.16 -31.38 7.99
N GLN E 478 -19.06 -30.45 8.34
CA GLN E 478 -18.70 -29.39 9.27
C GLN E 478 -19.96 -28.79 9.87
N ILE E 479 -19.77 -28.09 11.00
CA ILE E 479 -20.80 -27.31 11.66
C ILE E 479 -20.19 -26.00 12.13
N THR E 480 -21.05 -25.11 12.60
CA THR E 480 -20.62 -23.84 13.17
C THR E 480 -21.11 -23.75 14.61
N ILE E 481 -20.20 -23.42 15.52
CA ILE E 481 -20.54 -23.25 16.93
C ILE E 481 -19.93 -21.94 17.40
N ASN E 482 -20.78 -20.99 17.80
CA ASN E 482 -20.36 -19.67 18.26
C ASN E 482 -19.48 -18.98 17.23
N GLY E 483 -19.84 -19.14 15.96
CA GLY E 483 -19.08 -18.58 14.87
C GLY E 483 -17.78 -19.29 14.55
N PHE E 484 -17.45 -20.35 15.28
CA PHE E 484 -16.24 -21.13 15.02
C PHE E 484 -16.56 -22.30 14.10
N SER E 485 -15.64 -22.57 13.17
CA SER E 485 -15.79 -23.65 12.21
C SER E 485 -15.30 -24.95 12.83
N ILE E 486 -16.21 -25.91 13.01
CA ILE E 486 -15.89 -27.21 13.57
C ILE E 486 -15.98 -28.22 12.42
N SER E 487 -14.86 -28.89 12.16
CA SER E 487 -14.69 -29.75 11.01
C SER E 487 -14.63 -31.22 11.43
N ASN E 488 -15.24 -32.06 10.62
CA ASN E 488 -15.15 -33.51 10.79
C ASN E 488 -13.76 -33.97 10.37
N GLY E 489 -13.11 -34.74 11.25
CA GLY E 489 -11.75 -35.18 10.97
C GLY E 489 -11.63 -36.02 9.72
N LEU E 490 -12.71 -36.69 9.33
CA LEU E 490 -12.70 -37.50 8.12
C LEU E 490 -12.97 -36.71 6.86
N ALA E 491 -13.43 -35.46 6.98
CA ALA E 491 -13.79 -34.64 5.82
C ALA E 491 -12.71 -33.62 5.47
N THR E 492 -11.48 -33.82 5.97
CA THR E 492 -10.45 -32.79 5.85
C THR E 492 -10.18 -32.43 4.39
N THR E 493 -10.05 -33.43 3.52
CA THR E 493 -9.77 -33.16 2.12
C THR E 493 -10.89 -32.35 1.48
N GLN E 494 -12.13 -32.50 1.95
CA GLN E 494 -13.24 -31.76 1.38
C GLN E 494 -13.33 -30.33 1.90
N ILE E 495 -12.53 -29.96 2.89
CA ILE E 495 -12.56 -28.61 3.46
C ILE E 495 -11.37 -27.79 3.00
N ASN E 496 -10.17 -28.36 3.11
CA ASN E 496 -8.96 -27.69 2.64
C ASN E 496 -7.98 -28.79 2.23
N ASN E 497 -7.94 -29.09 0.93
CA ASN E 497 -7.11 -30.18 0.45
C ASN E 497 -5.64 -29.95 0.80
N LYS E 498 -5.19 -28.70 0.77
CA LYS E 498 -3.81 -28.40 1.15
C LYS E 498 -3.55 -28.70 2.62
N ALA E 499 -4.56 -28.49 3.48
CA ALA E 499 -4.41 -28.86 4.88
C ALA E 499 -4.35 -30.37 5.06
N ALA E 500 -5.09 -31.11 4.22
CA ALA E 500 -5.12 -32.57 4.34
C ALA E 500 -3.77 -33.19 4.03
N THR E 501 -3.01 -32.62 3.11
CA THR E 501 -1.72 -33.15 2.72
C THR E 501 -0.57 -32.65 3.59
N GLY E 502 -0.82 -31.69 4.48
CA GLY E 502 0.24 -31.08 5.24
C GLY E 502 0.92 -29.90 4.57
N GLU E 503 0.52 -29.55 3.35
CA GLU E 503 1.04 -28.35 2.71
C GLU E 503 0.60 -27.08 3.41
N GLU E 504 -0.53 -27.13 4.13
CA GLU E 504 -1.03 -26.01 4.89
C GLU E 504 -1.43 -26.46 6.28
N VAL E 505 -1.40 -25.53 7.22
CA VAL E 505 -1.94 -25.78 8.55
C VAL E 505 -3.46 -25.60 8.49
N PRO E 506 -4.25 -26.53 9.04
CA PRO E 506 -5.71 -26.36 9.01
C PRO E 506 -6.12 -25.08 9.72
N ARG E 507 -7.15 -24.42 9.17
CA ARG E 507 -7.65 -23.17 9.71
C ARG E 507 -9.00 -23.33 10.39
N THR E 508 -9.47 -24.55 10.59
CA THR E 508 -10.69 -24.85 11.32
C THR E 508 -10.33 -25.72 12.52
N ILE E 509 -11.33 -26.04 13.35
CA ILE E 509 -11.13 -26.85 14.55
C ILE E 509 -11.63 -28.26 14.26
N ILE E 510 -10.73 -29.23 14.30
CA ILE E 510 -10.97 -30.57 13.79
C ILE E 510 -11.27 -31.53 14.93
N VAL E 511 -12.33 -32.32 14.77
CA VAL E 511 -12.79 -33.28 15.78
C VAL E 511 -12.44 -34.69 15.31
N THR E 512 -11.74 -35.44 16.15
CA THR E 512 -11.30 -36.81 15.85
C THR E 512 -11.79 -37.73 16.96
N THR E 513 -12.55 -38.75 16.59
CA THR E 513 -13.13 -39.66 17.57
C THR E 513 -12.79 -41.10 17.23
N ARG E 514 -12.75 -41.95 18.28
CA ARG E 514 -12.56 -43.38 18.06
C ARG E 514 -13.70 -43.98 17.25
N SER E 515 -14.92 -43.49 17.48
CA SER E 515 -16.08 -43.99 16.74
C SER E 515 -15.90 -43.85 15.24
N GLN E 516 -15.09 -42.88 14.80
CA GLN E 516 -14.86 -42.70 13.37
C GLN E 516 -14.15 -43.91 12.76
N TYR E 517 -13.26 -44.56 13.52
CA TYR E 517 -12.39 -45.59 12.95
C TYR E 517 -12.69 -46.99 13.48
N GLY E 518 -13.78 -47.15 14.23
CA GLY E 518 -14.11 -48.46 14.77
C GLY E 518 -13.35 -48.84 16.02
N LEU E 519 -12.47 -47.99 16.51
CA LEU E 519 -11.82 -48.25 17.78
C LEU E 519 -12.85 -48.16 18.91
N PRO E 520 -12.84 -49.11 19.85
CA PRO E 520 -13.81 -49.07 20.94
C PRO E 520 -13.34 -48.24 22.12
N GLU E 521 -14.28 -47.54 22.74
CA GLU E 521 -14.00 -46.95 24.03
C GLU E 521 -13.92 -48.05 25.08
N ASP E 522 -13.28 -47.71 26.22
CA ASP E 522 -12.98 -48.69 27.27
C ASP E 522 -12.11 -49.82 26.73
N ALA E 523 -11.08 -49.45 25.97
CA ALA E 523 -10.18 -50.44 25.38
C ALA E 523 -8.82 -49.83 25.14
N ILE E 524 -7.78 -50.63 25.34
CA ILE E 524 -6.40 -50.22 25.07
C ILE E 524 -6.13 -50.41 23.59
N VAL E 525 -5.74 -49.34 22.91
CA VAL E 525 -5.51 -49.35 21.47
C VAL E 525 -4.01 -49.33 21.24
N TYR E 526 -3.44 -50.48 20.88
CA TYR E 526 -2.06 -50.55 20.42
C TYR E 526 -2.05 -50.36 18.91
N CYS E 527 -1.28 -49.38 18.44
CA CYS E 527 -1.29 -49.07 17.01
C CYS E 527 0.06 -49.35 16.37
N ASN E 528 0.02 -49.50 15.05
CA ASN E 528 1.23 -49.48 14.22
C ASN E 528 0.81 -49.10 12.81
N PHE E 529 1.16 -47.89 12.39
CA PHE E 529 0.73 -47.35 11.11
C PHE E 529 1.76 -47.55 10.00
N ASN E 530 2.70 -48.47 10.19
CA ASN E 530 3.71 -48.74 9.18
C ASN E 530 3.13 -49.57 8.04
N GLN E 531 3.82 -49.53 6.90
CA GLN E 531 3.50 -50.45 5.81
C GLN E 531 3.66 -51.89 6.30
N LEU E 532 2.73 -52.75 5.89
CA LEU E 532 2.65 -54.09 6.45
C LEU E 532 3.85 -54.95 6.13
N TYR E 533 4.68 -54.56 5.15
CA TYR E 533 5.86 -55.36 4.83
C TYR E 533 6.82 -55.45 6.00
N LYS E 534 6.79 -54.48 6.92
CA LYS E 534 7.68 -54.48 8.07
C LYS E 534 7.33 -55.55 9.10
N ILE E 535 6.16 -56.18 9.00
CA ILE E 535 5.76 -57.24 9.93
C ILE E 535 6.28 -58.57 9.42
N ASP E 536 6.76 -59.40 10.34
CA ASP E 536 7.11 -60.79 10.09
C ASP E 536 6.37 -61.66 11.10
N PRO E 537 6.38 -62.98 10.94
CA PRO E 537 5.64 -63.84 11.89
C PRO E 537 6.03 -63.64 13.34
N SER E 538 7.32 -63.40 13.63
CA SER E 538 7.74 -63.19 15.00
C SER E 538 7.07 -61.96 15.61
N THR E 539 7.01 -60.88 14.85
CA THR E 539 6.39 -59.65 15.35
C THR E 539 4.92 -59.84 15.64
N LEU E 540 4.20 -60.51 14.73
CA LEU E 540 2.78 -60.75 14.95
C LEU E 540 2.55 -61.68 16.13
N GLN E 541 3.45 -62.65 16.34
CA GLN E 541 3.36 -63.50 17.52
C GLN E 541 3.55 -62.69 18.80
N MET E 542 4.53 -61.78 18.81
CA MET E 542 4.73 -60.89 19.95
C MET E 542 3.46 -60.11 20.25
N TRP E 543 2.88 -59.51 19.22
CA TRP E 543 1.68 -58.71 19.39
C TRP E 543 0.51 -59.56 19.90
N ALA E 544 0.41 -60.79 19.42
CA ALA E 544 -0.63 -61.70 19.90
C ALA E 544 -0.44 -62.02 21.38
N ASN E 545 0.80 -62.24 21.80
CA ASN E 545 1.05 -62.46 23.23
C ASN E 545 0.59 -61.26 24.05
N ILE E 546 0.96 -60.05 23.59
CA ILE E 546 0.54 -58.84 24.29
C ILE E 546 -0.98 -58.76 24.36
N LEU E 547 -1.66 -59.04 23.25
CA LEU E 547 -3.11 -58.95 23.20
C LEU E 547 -3.76 -59.96 24.14
N LYS E 548 -3.23 -61.18 24.20
CA LYS E 548 -3.78 -62.17 25.10
C LYS E 548 -3.60 -61.77 26.55
N ARG E 549 -2.48 -61.13 26.88
CA ARG E 549 -2.28 -60.72 28.27
C ARG E 549 -3.05 -59.45 28.64
N VAL E 550 -3.56 -58.69 27.67
CA VAL E 550 -4.36 -57.51 27.95
C VAL E 550 -5.75 -57.72 27.35
N PRO E 551 -6.73 -58.18 28.14
CA PRO E 551 -7.97 -58.71 27.55
C PRO E 551 -8.76 -57.71 26.72
N ASN E 552 -8.99 -56.50 27.22
CA ASN E 552 -9.79 -55.51 26.50
C ASN E 552 -8.88 -54.57 25.73
N SER E 553 -8.22 -55.13 24.71
CA SER E 553 -7.27 -54.38 23.90
C SER E 553 -7.43 -54.78 22.44
N VAL E 554 -7.13 -53.82 21.56
CA VAL E 554 -7.16 -54.03 20.12
C VAL E 554 -5.83 -53.58 19.53
N LEU E 555 -5.52 -54.14 18.37
CA LEU E 555 -4.36 -53.73 17.57
C LEU E 555 -4.84 -53.06 16.30
N TRP E 556 -4.36 -51.85 16.06
CA TRP E 556 -4.84 -50.96 15.02
C TRP E 556 -3.80 -50.94 13.90
N LEU E 557 -4.19 -51.46 12.74
CA LEU E 557 -3.32 -51.52 11.58
C LEU E 557 -3.99 -50.82 10.40
N LEU E 558 -3.22 -50.62 9.35
CA LEU E 558 -3.70 -49.96 8.14
C LEU E 558 -3.70 -50.94 6.97
N ARG E 559 -4.65 -50.71 6.05
CA ARG E 559 -4.73 -51.46 4.80
C ARG E 559 -3.63 -50.95 3.89
N PHE E 560 -2.41 -51.42 4.14
CA PHE E 560 -1.18 -50.82 3.63
C PHE E 560 -0.23 -51.89 3.12
N PRO E 561 -0.61 -52.61 2.04
CA PRO E 561 -1.82 -52.53 1.20
C PRO E 561 -2.98 -53.33 1.77
N ALA E 562 -4.18 -53.17 1.20
CA ALA E 562 -5.37 -53.81 1.76
C ALA E 562 -5.31 -55.33 1.63
N VAL E 563 -4.66 -55.85 0.59
CA VAL E 563 -4.61 -57.29 0.39
C VAL E 563 -3.89 -58.00 1.52
N GLY E 564 -3.10 -57.27 2.32
CA GLY E 564 -2.48 -57.87 3.48
C GLY E 564 -3.40 -58.08 4.66
N GLU E 565 -4.53 -57.36 4.69
CA GLU E 565 -5.45 -57.49 5.82
C GLU E 565 -5.98 -58.90 6.00
N PRO E 566 -6.50 -59.61 4.98
CA PRO E 566 -6.94 -60.99 5.22
C PRO E 566 -5.81 -61.87 5.73
N ASN E 567 -4.67 -61.87 5.03
CA ASN E 567 -3.51 -62.65 5.43
C ASN E 567 -3.24 -62.51 6.92
N ILE E 568 -3.02 -61.28 7.39
CA ILE E 568 -2.72 -61.04 8.79
C ILE E 568 -3.81 -61.64 9.67
N GLN E 569 -5.07 -61.33 9.36
CA GLN E 569 -6.17 -61.84 10.17
C GLN E 569 -6.15 -63.36 10.20
N GLN E 570 -5.87 -64.00 9.06
CA GLN E 570 -5.77 -65.44 9.02
C GLN E 570 -4.76 -65.94 10.06
N TYR E 571 -3.56 -65.37 10.05
CA TYR E 571 -2.56 -65.78 11.01
C TYR E 571 -3.03 -65.49 12.44
N ALA E 572 -3.71 -64.35 12.63
CA ALA E 572 -4.27 -64.06 13.94
C ALA E 572 -5.26 -65.15 14.36
N GLN E 573 -6.11 -65.57 13.41
CA GLN E 573 -7.04 -66.66 13.71
C GLN E 573 -6.28 -67.93 14.07
N ASN E 574 -5.13 -68.16 13.43
CA ASN E 574 -4.32 -69.33 13.74
C ASN E 574 -3.72 -69.26 15.14
N MET E 575 -3.63 -68.09 15.74
CA MET E 575 -3.11 -67.96 17.09
C MET E 575 -4.21 -67.84 18.14
N GLY E 576 -5.46 -68.06 17.76
CA GLY E 576 -6.55 -68.07 18.70
C GLY E 576 -7.14 -66.72 19.05
N LEU E 577 -6.76 -65.67 18.34
CA LEU E 577 -7.31 -64.34 18.61
C LEU E 577 -8.67 -64.18 17.95
N PRO E 578 -9.68 -63.67 18.64
CA PRO E 578 -10.95 -63.36 17.98
C PRO E 578 -10.73 -62.34 16.87
N GLN E 579 -11.60 -62.41 15.85
CA GLN E 579 -11.38 -61.66 14.62
C GLN E 579 -11.35 -60.16 14.86
N ASN E 580 -12.04 -59.68 15.89
CA ASN E 580 -12.17 -58.25 16.15
C ASN E 580 -11.02 -57.68 16.98
N ARG E 581 -10.01 -58.50 17.29
CA ARG E 581 -8.86 -58.02 18.05
C ARG E 581 -7.89 -57.22 17.21
N ILE E 582 -8.02 -57.24 15.88
CA ILE E 582 -7.22 -56.39 15.00
C ILE E 582 -8.19 -55.56 14.17
N ILE E 583 -8.13 -54.24 14.36
CA ILE E 583 -8.95 -53.28 13.63
C ILE E 583 -8.10 -52.69 12.52
N PHE E 584 -8.61 -52.74 11.29
CA PHE E 584 -7.92 -52.18 10.13
C PHE E 584 -8.61 -50.90 9.68
N SER E 585 -7.80 -49.90 9.36
CA SER E 585 -8.28 -48.64 8.81
C SER E 585 -7.57 -48.36 7.49
N PRO E 586 -8.20 -47.61 6.58
CA PRO E 586 -7.52 -47.25 5.34
C PRO E 586 -6.42 -46.24 5.59
N VAL E 587 -5.45 -46.23 4.67
CA VAL E 587 -4.43 -45.18 4.68
C VAL E 587 -5.11 -43.84 4.51
N ALA E 588 -4.67 -42.85 5.26
CA ALA E 588 -5.31 -41.54 5.32
C ALA E 588 -4.39 -40.46 4.76
N PRO E 589 -4.95 -39.28 4.46
CA PRO E 589 -4.09 -38.13 4.16
C PRO E 589 -3.15 -37.85 5.32
N LYS E 590 -1.95 -37.40 4.99
CA LYS E 590 -0.88 -37.19 5.97
C LYS E 590 -1.38 -36.57 7.28
N GLU E 591 -2.14 -35.47 7.17
CA GLU E 591 -2.62 -34.78 8.37
C GLU E 591 -3.53 -35.67 9.19
N GLU E 592 -4.47 -36.35 8.54
CA GLU E 592 -5.36 -37.25 9.27
C GLU E 592 -4.59 -38.41 9.88
N HIS E 593 -3.61 -38.94 9.15
CA HIS E 593 -2.79 -40.03 9.66
C HIS E 593 -2.06 -39.63 10.94
N VAL E 594 -1.48 -38.42 10.96
CA VAL E 594 -0.78 -37.97 12.16
C VAL E 594 -1.77 -37.66 13.28
N ARG E 595 -2.87 -36.98 12.94
CA ARG E 595 -3.82 -36.53 13.95
C ARG E 595 -4.51 -37.69 14.66
N ARG E 596 -4.91 -38.73 13.90
CA ARG E 596 -5.66 -39.83 14.49
C ARG E 596 -4.79 -40.74 15.36
N GLY E 597 -3.47 -40.57 15.32
CA GLY E 597 -2.62 -41.25 16.29
C GLY E 597 -2.89 -40.82 17.71
N GLN E 598 -3.54 -39.66 17.90
CA GLN E 598 -3.95 -39.23 19.22
C GLN E 598 -4.99 -40.17 19.83
N LEU E 599 -5.65 -41.00 19.01
CA LEU E 599 -6.66 -41.91 19.49
C LEU E 599 -6.08 -43.19 20.11
N ALA E 600 -4.80 -43.46 19.89
CA ALA E 600 -4.19 -44.67 20.42
C ALA E 600 -3.72 -44.45 21.85
N ASP E 601 -3.43 -45.56 22.54
CA ASP E 601 -2.79 -45.53 23.85
C ASP E 601 -1.29 -45.79 23.74
N VAL E 602 -0.91 -46.87 23.07
CA VAL E 602 0.49 -47.23 22.87
C VAL E 602 0.68 -47.58 21.39
N CYS E 603 1.89 -47.37 20.90
CA CYS E 603 2.27 -47.80 19.55
C CYS E 603 3.30 -48.93 19.67
N LEU E 604 3.04 -50.03 18.98
CA LEU E 604 3.91 -51.19 19.00
C LEU E 604 4.78 -51.18 17.74
N ASP E 605 6.05 -50.83 17.90
CA ASP E 605 6.96 -50.70 16.76
C ASP E 605 7.38 -52.05 16.24
N THR E 606 7.57 -52.12 14.92
CA THR E 606 7.96 -53.36 14.26
C THR E 606 9.46 -53.58 14.43
N PRO E 607 9.89 -54.67 15.07
CA PRO E 607 11.35 -54.87 15.27
C PRO E 607 12.11 -55.16 13.99
N LEU E 608 11.49 -55.83 13.00
CA LEU E 608 12.22 -56.18 11.77
C LEU E 608 12.71 -54.92 11.07
N CYS E 609 11.80 -53.98 10.83
CA CYS E 609 12.16 -52.67 10.30
C CYS E 609 11.34 -51.64 11.07
N ASN E 610 12.03 -50.77 11.80
CA ASN E 610 11.34 -49.80 12.64
C ASN E 610 10.55 -48.81 11.79
N GLY E 611 9.53 -48.23 12.42
CA GLY E 611 8.90 -47.05 11.85
C GLY E 611 9.86 -45.88 11.92
N HIS E 612 10.17 -45.27 10.78
CA HIS E 612 11.11 -44.17 10.79
C HIS E 612 10.40 -42.82 10.72
N THR E 613 9.69 -42.55 9.62
CA THR E 613 8.81 -41.40 9.58
C THR E 613 7.56 -41.69 10.39
N THR E 614 7.10 -42.94 10.36
CA THR E 614 5.94 -43.35 11.15
C THR E 614 6.20 -43.16 12.64
N GLY E 615 7.43 -43.41 13.09
CA GLY E 615 7.76 -43.20 14.48
C GLY E 615 7.64 -41.75 14.90
N MET E 616 8.18 -40.84 14.08
CA MET E 616 8.02 -39.42 14.35
C MET E 616 6.56 -39.01 14.33
N ASP E 617 5.80 -39.55 13.37
CA ASP E 617 4.37 -39.26 13.30
C ASP E 617 3.66 -39.66 14.58
N VAL E 618 3.91 -40.87 15.06
CA VAL E 618 3.20 -41.36 16.24
C VAL E 618 3.66 -40.63 17.50
N LEU E 619 4.94 -40.25 17.58
CA LEU E 619 5.40 -39.53 18.75
C LEU E 619 4.87 -38.10 18.79
N TRP E 620 4.71 -37.46 17.64
CA TRP E 620 4.15 -36.11 17.63
C TRP E 620 2.75 -36.07 18.20
N ALA E 621 2.02 -37.18 18.12
CA ALA E 621 0.68 -37.27 18.69
C ALA E 621 0.69 -37.48 20.20
N GLY E 622 1.86 -37.55 20.82
CA GLY E 622 1.95 -37.85 22.24
C GLY E 622 1.70 -39.30 22.58
N THR E 623 1.95 -40.21 21.63
CA THR E 623 1.63 -41.63 21.82
C THR E 623 2.92 -42.40 22.10
N PRO E 624 3.06 -43.00 23.28
CA PRO E 624 4.28 -43.76 23.58
C PRO E 624 4.46 -44.92 22.62
N MET E 625 5.71 -45.19 22.28
CA MET E 625 6.08 -46.20 21.31
C MET E 625 7.02 -47.21 21.96
N VAL E 626 6.67 -48.49 21.87
CA VAL E 626 7.49 -49.58 22.40
C VAL E 626 8.29 -50.16 21.24
N THR E 627 9.61 -50.18 21.38
CA THR E 627 10.49 -50.65 20.32
C THR E 627 11.48 -51.66 20.88
N MET E 628 11.99 -52.51 19.99
CA MET E 628 13.04 -53.47 20.30
C MET E 628 14.14 -53.31 19.27
N PRO E 629 15.17 -52.51 19.57
CA PRO E 629 16.23 -52.29 18.58
C PRO E 629 16.95 -53.58 18.22
N GLY E 630 17.15 -53.78 16.93
CA GLY E 630 17.84 -54.93 16.39
C GLY E 630 19.28 -54.62 16.05
N GLU E 631 19.81 -55.34 15.06
CA GLU E 631 21.19 -55.15 14.65
C GLU E 631 21.34 -54.21 13.46
N THR E 632 20.43 -54.28 12.51
CA THR E 632 20.49 -53.41 11.34
C THR E 632 20.11 -51.98 11.69
N LEU E 633 20.55 -51.03 10.86
CA LEU E 633 20.22 -49.63 11.08
C LEU E 633 18.71 -49.41 11.09
N ALA E 634 18.01 -50.01 10.13
CA ALA E 634 16.57 -49.83 10.04
C ALA E 634 15.84 -50.37 11.26
N SER E 635 16.44 -51.31 11.99
CA SER E 635 15.83 -51.90 13.17
C SER E 635 16.18 -51.16 14.45
N ARG E 636 16.93 -50.06 14.37
CA ARG E 636 17.36 -49.33 15.55
C ARG E 636 16.92 -47.87 15.58
N VAL E 637 16.26 -47.39 14.52
CA VAL E 637 15.94 -45.97 14.43
C VAL E 637 14.93 -45.56 15.52
N ALA E 638 13.91 -46.39 15.74
CA ALA E 638 12.90 -46.05 16.73
C ALA E 638 13.50 -45.91 18.12
N ALA E 639 14.45 -46.80 18.46
CA ALA E 639 15.13 -46.69 19.74
C ALA E 639 15.92 -45.39 19.86
N SER E 640 16.56 -44.97 18.77
CA SER E 640 17.29 -43.70 18.79
C SER E 640 16.35 -42.53 18.98
N GLN E 641 15.19 -42.55 18.30
CA GLN E 641 14.19 -41.51 18.48
C GLN E 641 13.74 -41.45 19.94
N LEU E 642 13.44 -42.61 20.52
CA LEU E 642 12.97 -42.64 21.90
C LEU E 642 14.06 -42.23 22.89
N THR E 643 15.32 -42.53 22.58
CA THR E 643 16.41 -42.07 23.42
C THR E 643 16.53 -40.55 23.40
N CYS E 644 16.52 -39.96 22.19
CA CYS E 644 16.58 -38.51 22.08
C CYS E 644 15.38 -37.86 22.76
N LEU E 645 14.22 -38.53 22.68
CA LEU E 645 13.01 -38.01 23.32
C LEU E 645 13.17 -37.98 24.84
N GLY E 646 13.84 -38.98 25.41
CA GLY E 646 14.02 -39.08 26.84
C GLY E 646 13.03 -40.04 27.47
N CYS E 647 12.82 -41.18 26.81
CA CYS E 647 11.81 -42.17 27.18
C CYS E 647 12.41 -43.57 27.14
N LEU E 648 13.53 -43.76 27.85
CA LEU E 648 14.27 -45.02 27.82
C LEU E 648 13.43 -46.21 28.31
N GLU E 649 12.35 -45.97 29.05
CA GLU E 649 11.56 -47.07 29.58
C GLU E 649 10.77 -47.81 28.50
N LEU E 650 10.75 -47.30 27.27
CA LEU E 650 10.03 -47.94 26.17
C LEU E 650 10.94 -48.73 25.23
N ILE E 651 12.20 -48.89 25.59
CA ILE E 651 13.16 -49.64 24.79
C ILE E 651 13.37 -51.01 25.42
N ALA E 652 13.20 -52.07 24.63
CA ALA E 652 13.27 -53.43 25.11
C ALA E 652 14.53 -54.12 24.59
N LYS E 653 15.20 -54.86 25.48
CA LYS E 653 16.39 -55.61 25.10
C LYS E 653 16.08 -56.97 24.50
N ASN E 654 14.85 -57.46 24.65
CA ASN E 654 14.47 -58.74 24.06
C ASN E 654 12.95 -58.78 23.91
N ARG E 655 12.48 -59.85 23.28
CA ARG E 655 11.06 -59.99 22.95
C ARG E 655 10.20 -60.00 24.22
N GLN E 656 10.66 -60.70 25.26
CA GLN E 656 9.92 -60.74 26.51
C GLN E 656 9.81 -59.36 27.14
N GLU E 657 10.89 -58.59 27.12
CA GLU E 657 10.85 -57.23 27.67
C GLU E 657 9.87 -56.36 26.88
N TYR E 658 9.85 -56.52 25.56
CA TYR E 658 8.88 -55.80 24.72
C TYR E 658 7.45 -56.13 25.14
N GLU E 659 7.15 -57.42 25.25
CA GLU E 659 5.80 -57.83 25.64
C GLU E 659 5.45 -57.31 27.02
N ASP E 660 6.41 -57.33 27.95
CA ASP E 660 6.14 -56.89 29.31
C ASP E 660 5.89 -55.38 29.36
N ILE E 661 6.67 -54.59 28.62
CA ILE E 661 6.44 -53.15 28.57
C ILE E 661 5.04 -52.86 28.02
N ALA E 662 4.68 -53.54 26.93
CA ALA E 662 3.37 -53.31 26.33
C ALA E 662 2.24 -53.69 27.30
N VAL E 663 2.38 -54.83 27.98
CA VAL E 663 1.32 -55.29 28.87
C VAL E 663 1.20 -54.38 30.10
N LYS E 664 2.34 -53.91 30.63
CA LYS E 664 2.27 -52.96 31.73
C LYS E 664 1.59 -51.67 31.31
N LEU E 665 1.92 -51.17 30.12
CA LEU E 665 1.24 -49.97 29.64
C LEU E 665 -0.25 -50.21 29.43
N GLY E 666 -0.63 -51.43 29.05
CA GLY E 666 -2.04 -51.71 28.82
C GLY E 666 -2.85 -51.96 30.08
N THR E 667 -2.21 -52.43 31.15
CA THR E 667 -2.94 -52.83 32.35
C THR E 667 -2.84 -51.82 33.49
N ASP E 668 -1.69 -51.17 33.65
CA ASP E 668 -1.49 -50.18 34.71
C ASP E 668 -1.82 -48.81 34.14
N LEU E 669 -3.04 -48.33 34.40
CA LEU E 669 -3.52 -47.11 33.74
C LEU E 669 -2.83 -45.86 34.26
N GLU E 670 -2.44 -45.82 35.54
CA GLU E 670 -1.72 -44.65 36.03
C GLU E 670 -0.31 -44.59 35.42
N TYR E 671 0.35 -45.73 35.29
CA TYR E 671 1.61 -45.77 34.58
C TYR E 671 1.43 -45.32 33.13
N LEU E 672 0.34 -45.75 32.50
CA LEU E 672 0.05 -45.32 31.14
C LEU E 672 -0.09 -43.80 31.07
N LYS E 673 -0.86 -43.22 32.00
CA LYS E 673 -1.01 -41.77 32.03
C LYS E 673 0.35 -41.09 32.20
N LYS E 674 1.19 -41.63 33.09
CA LYS E 674 2.50 -41.03 33.33
C LYS E 674 3.36 -41.03 32.06
N VAL E 675 3.45 -42.17 31.39
CA VAL E 675 4.30 -42.25 30.20
C VAL E 675 3.72 -41.42 29.06
N ARG E 676 2.39 -41.39 28.92
CA ARG E 676 1.79 -40.55 27.89
C ARG E 676 2.08 -39.08 28.14
N GLY E 677 2.01 -38.65 29.41
CA GLY E 677 2.39 -37.28 29.73
C GLY E 677 3.85 -37.00 29.43
N LYS E 678 4.72 -37.97 29.75
CA LYS E 678 6.14 -37.83 29.43
C LYS E 678 6.34 -37.58 27.94
N VAL E 679 5.71 -38.41 27.10
CA VAL E 679 5.84 -38.24 25.65
C VAL E 679 5.26 -36.89 25.22
N TRP E 680 4.08 -36.55 25.75
CA TRP E 680 3.39 -35.33 25.33
C TRP E 680 4.22 -34.09 25.62
N LYS E 681 4.88 -34.04 26.79
CA LYS E 681 5.70 -32.88 27.11
C LYS E 681 7.04 -32.91 26.38
N GLN E 682 7.71 -34.07 26.37
CA GLN E 682 9.06 -34.11 25.87
C GLN E 682 9.15 -34.09 24.35
N ARG E 683 8.05 -34.35 23.64
CA ARG E 683 8.09 -34.13 22.19
C ARG E 683 8.34 -32.66 21.86
N ILE E 684 8.03 -31.76 22.79
CA ILE E 684 8.36 -30.35 22.66
C ILE E 684 9.67 -30.03 23.38
N SER E 685 9.82 -30.49 24.62
CA SER E 685 10.98 -30.08 25.41
C SER E 685 12.28 -30.71 24.90
N SER E 686 12.23 -31.93 24.37
CA SER E 686 13.42 -32.59 23.86
C SER E 686 13.81 -32.04 22.49
N PRO E 687 15.04 -32.27 22.05
CA PRO E 687 15.48 -31.78 20.74
C PRO E 687 14.95 -32.57 19.55
N LEU E 688 14.11 -33.58 19.78
CA LEU E 688 13.76 -34.52 18.72
C LEU E 688 13.08 -33.82 17.54
N PHE E 689 12.14 -32.91 17.82
CA PHE E 689 11.43 -32.20 16.77
C PHE E 689 11.94 -30.78 16.58
N ASN E 690 13.03 -30.42 17.25
CA ASN E 690 13.61 -29.07 17.15
C ASN E 690 14.49 -29.02 15.91
N THR E 691 13.96 -28.44 14.83
CA THR E 691 14.68 -28.42 13.56
C THR E 691 15.86 -27.45 13.58
N LYS E 692 15.74 -26.33 14.30
CA LYS E 692 16.85 -25.37 14.36
C LYS E 692 18.06 -25.98 15.04
N GLN E 693 17.86 -26.64 16.18
CA GLN E 693 18.96 -27.30 16.88
C GLN E 693 19.56 -28.41 16.02
N TYR E 694 18.71 -29.17 15.32
CA TYR E 694 19.22 -30.21 14.44
C TYR E 694 20.10 -29.61 13.35
N THR E 695 19.65 -28.49 12.76
CA THR E 695 20.43 -27.87 11.70
C THR E 695 21.77 -27.37 12.23
N MET E 696 21.78 -26.77 13.42
CA MET E 696 23.05 -26.29 13.97
C MET E 696 24.00 -27.43 14.29
N GLU E 697 23.50 -28.53 14.86
CA GLU E 697 24.35 -29.68 15.13
C GLU E 697 24.87 -30.31 13.83
N LEU E 698 24.02 -30.36 12.80
CA LEU E 698 24.45 -30.82 11.48
C LEU E 698 25.54 -29.91 10.92
N GLU E 699 25.41 -28.60 11.14
CA GLU E 699 26.44 -27.67 10.70
C GLU E 699 27.76 -27.92 11.42
N ARG E 700 27.69 -28.20 12.72
CA ARG E 700 28.89 -28.55 13.47
C ARG E 700 29.56 -29.79 12.87
N LEU E 701 28.77 -30.82 12.55
CA LEU E 701 29.33 -32.02 11.96
C LEU E 701 29.92 -31.74 10.57
N TYR E 702 29.24 -30.90 9.78
CA TYR E 702 29.77 -30.50 8.48
C TYR E 702 31.14 -29.84 8.63
N LEU E 703 31.25 -28.93 9.58
CA LEU E 703 32.52 -28.23 9.79
C LEU E 703 33.60 -29.20 10.25
N GLN E 704 33.22 -30.17 11.08
CA GLN E 704 34.18 -31.21 11.48
C GLN E 704 34.70 -31.97 10.26
N MET E 705 33.80 -32.40 9.38
CA MET E 705 34.20 -33.11 8.17
C MET E 705 35.14 -32.25 7.32
N TRP E 706 34.77 -30.99 7.12
CA TRP E 706 35.57 -30.14 6.25
C TRP E 706 36.94 -29.85 6.84
N GLU E 707 37.01 -29.60 8.15
CA GLU E 707 38.31 -29.36 8.78
C GLU E 707 39.18 -30.61 8.70
N HIS E 708 38.57 -31.79 8.82
CA HIS E 708 39.33 -33.02 8.65
C HIS E 708 39.88 -33.14 7.24
N TYR E 709 39.09 -32.76 6.23
CA TYR E 709 39.58 -32.88 4.85
C TYR E 709 40.62 -31.81 4.53
N ALA E 710 40.41 -30.58 5.00
CA ALA E 710 41.30 -29.48 4.67
C ALA E 710 42.66 -29.60 5.37
N ALA E 711 42.71 -30.32 6.48
CA ALA E 711 43.99 -30.67 7.08
C ALA E 711 44.70 -31.79 6.33
N GLY E 712 44.19 -32.16 5.16
CA GLY E 712 44.83 -33.13 4.29
C GLY E 712 44.56 -34.58 4.61
N ASN E 713 43.57 -34.87 5.43
CA ASN E 713 43.31 -36.24 5.88
C ASN E 713 42.20 -36.89 5.06
N LYS E 714 42.28 -38.20 4.94
CA LYS E 714 41.22 -39.01 4.36
C LYS E 714 40.11 -39.21 5.38
N PRO E 715 38.89 -39.57 4.94
CA PRO E 715 37.77 -39.69 5.87
C PRO E 715 38.04 -40.72 6.97
N ASP E 716 37.54 -40.41 8.17
CA ASP E 716 37.64 -41.29 9.32
C ASP E 716 36.42 -41.07 10.21
N HIS E 717 36.22 -42.00 11.14
CA HIS E 717 35.04 -41.96 12.01
C HIS E 717 34.99 -40.67 12.82
N MET E 718 33.79 -40.14 13.01
CA MET E 718 33.56 -38.84 13.64
C MET E 718 32.66 -39.03 14.86
N ILE E 719 33.26 -39.12 16.04
CA ILE E 719 32.53 -39.26 17.30
C ILE E 719 33.09 -38.19 18.24
N LYS E 720 32.46 -37.02 18.25
CA LYS E 720 33.02 -35.87 18.96
C LYS E 720 31.91 -34.90 19.33
N PRO E 721 31.92 -34.33 20.54
CA PRO E 721 30.96 -33.30 20.95
C PRO E 721 31.08 -32.03 20.12
N GLN F 1 -22.44 -45.05 0.70
CA GLN F 1 -22.10 -44.56 2.04
C GLN F 1 -21.11 -43.41 1.99
N ARG F 2 -21.40 -42.36 2.76
CA ARG F 2 -20.53 -41.20 2.79
C ARG F 2 -19.14 -41.59 3.26
N PRO F 3 -18.08 -41.01 2.68
CA PRO F 3 -16.73 -41.30 3.18
C PRO F 3 -16.46 -40.73 4.56
N THR F 4 -17.44 -40.07 5.17
CA THR F 4 -17.28 -39.41 6.46
C THR F 4 -18.14 -40.04 7.56
N GLN F 5 -18.96 -41.04 7.22
CA GLN F 5 -19.82 -41.65 8.23
C GLN F 5 -18.98 -42.52 9.16
N PRO F 6 -19.21 -42.44 10.47
CA PRO F 6 -18.37 -43.19 11.41
C PRO F 6 -18.73 -44.67 11.40
N VAL F 7 -17.79 -45.48 11.90
CA VAL F 7 -18.01 -46.91 11.97
C VAL F 7 -19.18 -47.23 12.89
N TYR F 8 -19.24 -46.58 14.05
CA TYR F 8 -20.36 -46.76 14.96
C TYR F 8 -20.79 -45.41 15.52
N GLN F 9 -21.94 -45.42 16.20
CA GLN F 9 -22.53 -44.22 16.78
C GLN F 9 -22.08 -44.03 18.22
N ILE F 10 -22.34 -42.84 18.76
CA ILE F 10 -21.88 -42.46 20.09
C ILE F 10 -23.09 -42.17 20.95
N GLN F 11 -23.19 -42.86 22.09
CA GLN F 11 -24.21 -42.57 23.08
C GLN F 11 -23.66 -42.79 24.49
N SER G 4 -34.31 54.73 63.89
CA SER G 4 -33.29 53.70 63.76
C SER G 4 -33.38 52.68 64.88
N CYS G 5 -34.29 52.92 65.83
CA CYS G 5 -34.48 52.07 66.98
C CYS G 5 -35.93 51.65 67.10
N PRO G 6 -36.20 50.52 67.75
CA PRO G 6 -37.57 49.97 67.76
C PRO G 6 -38.60 50.94 68.30
N THR G 7 -39.79 50.91 67.72
CA THR G 7 -40.94 51.70 68.13
C THR G 7 -42.06 50.77 68.57
N HIS G 8 -43.13 51.36 69.11
CA HIS G 8 -44.30 50.58 69.48
C HIS G 8 -44.86 49.86 68.25
N ALA G 9 -44.90 50.56 67.11
CA ALA G 9 -45.36 49.95 65.87
C ALA G 9 -44.43 48.83 65.41
N ASP G 10 -43.11 49.02 65.58
CA ASP G 10 -42.17 47.94 65.24
C ASP G 10 -42.44 46.70 66.09
N SER G 11 -42.68 46.92 67.39
CA SER G 11 -43.04 45.79 68.25
C SER G 11 -44.30 45.10 67.75
N LEU G 12 -45.34 45.88 67.45
CA LEU G 12 -46.60 45.28 66.98
C LEU G 12 -46.38 44.50 65.68
N ASN G 13 -45.54 45.03 64.79
CA ASN G 13 -45.22 44.32 63.56
C ASN G 13 -44.54 42.98 63.86
N ASN G 14 -43.60 42.98 64.82
CA ASN G 14 -42.94 41.73 65.19
C ASN G 14 -43.92 40.73 65.80
N LEU G 15 -44.83 41.20 66.64
CA LEU G 15 -45.82 40.31 67.23
C LEU G 15 -46.76 39.75 66.17
N ALA G 16 -47.15 40.57 65.20
CA ALA G 16 -47.95 40.06 64.09
C ALA G 16 -47.18 39.02 63.29
N ASN G 17 -45.87 39.24 63.09
CA ASN G 17 -45.06 38.25 62.39
C ASN G 17 -45.06 36.91 63.13
N ILE G 18 -44.81 36.95 64.45
CA ILE G 18 -44.72 35.70 65.20
C ILE G 18 -46.08 35.00 65.22
N LYS G 19 -47.18 35.76 65.31
CA LYS G 19 -48.49 35.13 65.25
C LYS G 19 -48.77 34.55 63.87
N ARG G 20 -48.25 35.18 62.82
CA ARG G 20 -48.48 34.68 61.47
C ARG G 20 -47.72 33.38 61.22
N GLU G 21 -46.49 33.27 61.73
CA GLU G 21 -45.76 32.02 61.54
C GLU G 21 -46.36 30.89 62.36
N GLN G 22 -47.03 31.21 63.48
CA GLN G 22 -47.77 30.20 64.22
C GLN G 22 -49.06 29.79 63.50
N GLY G 23 -49.42 30.46 62.41
CA GLY G 23 -50.60 30.12 61.66
C GLY G 23 -51.86 30.84 62.07
N ASN G 24 -51.78 31.77 63.03
CA ASN G 24 -52.95 32.49 63.53
C ASN G 24 -53.10 33.76 62.69
N ILE G 25 -53.72 33.59 61.53
CA ILE G 25 -53.69 34.61 60.49
C ILE G 25 -54.54 35.83 60.88
N GLU G 26 -55.69 35.60 61.51
CA GLU G 26 -56.57 36.71 61.88
C GLU G 26 -55.92 37.61 62.92
N GLU G 27 -55.24 37.01 63.91
CA GLU G 27 -54.51 37.81 64.89
C GLU G 27 -53.37 38.56 64.22
N ALA G 28 -52.72 37.95 63.23
CA ALA G 28 -51.68 38.64 62.49
C ALA G 28 -52.24 39.91 61.83
N VAL G 29 -53.38 39.78 61.16
CA VAL G 29 -54.00 40.95 60.52
C VAL G 29 -54.36 42.00 61.56
N ARG G 30 -54.93 41.56 62.69
CA ARG G 30 -55.29 42.49 63.76
C ARG G 30 -54.07 43.27 64.25
N LEU G 31 -52.94 42.58 64.46
CA LEU G 31 -51.76 43.24 64.98
C LEU G 31 -51.11 44.15 63.94
N TYR G 32 -51.14 43.76 62.67
CA TYR G 32 -50.66 44.66 61.62
C TYR G 32 -51.50 45.93 61.58
N ARG G 33 -52.82 45.80 61.72
CA ARG G 33 -53.68 46.96 61.74
C ARG G 33 -53.42 47.83 62.97
N LYS G 34 -53.18 47.21 64.12
CA LYS G 34 -52.80 47.99 65.29
C LYS G 34 -51.51 48.76 65.04
N ALA G 35 -50.51 48.10 64.45
CA ALA G 35 -49.24 48.76 64.16
C ALA G 35 -49.44 49.95 63.22
N LEU G 36 -50.27 49.77 62.20
CA LEU G 36 -50.54 50.88 61.27
C LEU G 36 -51.33 51.99 61.94
N GLU G 37 -52.17 51.66 62.92
CA GLU G 37 -52.82 52.69 63.71
C GLU G 37 -51.82 53.50 64.52
N VAL G 38 -50.84 52.82 65.11
CA VAL G 38 -49.81 53.53 65.88
C VAL G 38 -48.92 54.36 64.96
N PHE G 39 -48.62 53.84 63.77
CA PHE G 39 -47.66 54.46 62.85
C PHE G 39 -48.15 54.27 61.42
N PRO G 40 -48.94 55.22 60.90
CA PRO G 40 -49.55 55.01 59.58
C PRO G 40 -48.57 55.02 58.42
N GLU G 41 -47.38 55.60 58.57
CA GLU G 41 -46.38 55.58 57.51
C GLU G 41 -45.39 54.43 57.67
N PHE G 42 -45.85 53.30 58.21
CA PHE G 42 -45.05 52.11 58.40
C PHE G 42 -45.10 51.29 57.12
N ALA G 43 -44.04 51.40 56.30
CA ALA G 43 -44.03 50.69 55.03
C ALA G 43 -44.02 49.17 55.22
N ALA G 44 -43.22 48.69 56.17
CA ALA G 44 -43.12 47.25 56.39
C ALA G 44 -44.45 46.67 56.87
N ALA G 45 -45.15 47.39 57.75
CA ALA G 45 -46.47 46.93 58.18
C ALA G 45 -47.43 46.87 56.99
N HIS G 46 -47.39 47.88 56.12
CA HIS G 46 -48.23 47.87 54.93
C HIS G 46 -47.95 46.64 54.07
N SER G 47 -46.67 46.38 53.79
CA SER G 47 -46.31 45.25 52.92
C SER G 47 -46.69 43.92 53.55
N ASN G 48 -46.44 43.76 54.84
CA ASN G 48 -46.77 42.50 55.52
C ASN G 48 -48.27 42.28 55.53
N LEU G 49 -49.04 43.30 55.91
CA LEU G 49 -50.49 43.18 55.89
C LEU G 49 -51.01 42.87 54.50
N ALA G 50 -50.40 43.48 53.48
CA ALA G 50 -50.79 43.19 52.10
C ALA G 50 -50.52 41.74 51.74
N SER G 51 -49.39 41.19 52.18
CA SER G 51 -49.11 39.79 51.90
C SER G 51 -50.13 38.88 52.58
N VAL G 52 -50.48 39.19 53.83
CA VAL G 52 -51.49 38.39 54.53
C VAL G 52 -52.83 38.48 53.81
N LEU G 53 -53.23 39.69 53.39
CA LEU G 53 -54.49 39.86 52.67
C LEU G 53 -54.47 39.11 51.34
N GLN G 54 -53.33 39.12 50.66
CA GLN G 54 -53.19 38.38 49.41
C GLN G 54 -53.36 36.88 49.63
N GLN G 55 -52.82 36.37 50.74
CA GLN G 55 -53.06 34.97 51.11
C GLN G 55 -54.55 34.67 51.17
N GLN G 56 -55.34 35.62 51.68
CA GLN G 56 -56.76 35.44 51.93
C GLN G 56 -57.63 35.67 50.70
N GLY G 57 -57.03 36.02 49.56
CA GLY G 57 -57.80 36.38 48.39
C GLY G 57 -58.31 37.80 48.36
N LYS G 58 -57.95 38.62 49.36
CA LYS G 58 -58.30 40.04 49.38
C LYS G 58 -57.27 40.80 48.54
N LEU G 59 -57.35 40.58 47.23
CA LEU G 59 -56.30 41.07 46.33
C LEU G 59 -56.36 42.57 46.15
N GLN G 60 -57.57 43.15 46.09
CA GLN G 60 -57.72 44.58 45.92
C GLN G 60 -57.09 45.35 47.10
N GLU G 61 -57.40 44.92 48.32
CA GLU G 61 -56.86 45.55 49.51
C GLU G 61 -55.36 45.33 49.61
N ALA G 62 -54.89 44.14 49.26
CA ALA G 62 -53.46 43.87 49.25
C ALA G 62 -52.73 44.78 48.28
N LEU G 63 -53.32 45.00 47.10
CA LEU G 63 -52.74 45.92 46.13
C LEU G 63 -52.68 47.34 46.68
N MET G 64 -53.75 47.77 47.35
CA MET G 64 -53.76 49.09 47.97
C MET G 64 -52.60 49.23 48.97
N HIS G 65 -52.43 48.24 49.84
CA HIS G 65 -51.39 48.34 50.86
C HIS G 65 -50.00 48.24 50.26
N TYR G 66 -49.82 47.45 49.19
CA TYR G 66 -48.53 47.43 48.51
C TYR G 66 -48.21 48.78 47.89
N LYS G 67 -49.21 49.44 47.29
CA LYS G 67 -49.00 50.78 46.78
C LYS G 67 -48.58 51.73 47.89
N GLU G 68 -49.23 51.62 49.05
CA GLU G 68 -48.83 52.44 50.20
C GLU G 68 -47.37 52.19 50.57
N ALA G 69 -46.97 50.91 50.60
CA ALA G 69 -45.60 50.58 50.96
C ALA G 69 -44.61 51.18 49.97
N ILE G 70 -44.92 51.11 48.68
CA ILE G 70 -44.02 51.70 47.68
C ILE G 70 -43.93 53.20 47.88
N ARG G 71 -45.07 53.85 48.10
CA ARG G 71 -45.04 55.31 48.28
C ARG G 71 -44.21 55.71 49.49
N ILE G 72 -44.32 54.95 50.59
CA ILE G 72 -43.52 55.25 51.77
C ILE G 72 -42.05 54.96 51.53
N SER G 73 -41.75 53.82 50.91
CA SER G 73 -40.37 53.36 50.73
C SER G 73 -40.12 53.06 49.25
N PRO G 74 -39.70 54.05 48.48
CA PRO G 74 -39.54 53.85 47.03
C PRO G 74 -38.50 52.80 46.65
N THR G 75 -37.52 52.50 47.51
CA THR G 75 -36.50 51.52 47.20
C THR G 75 -36.88 50.11 47.68
N PHE G 76 -38.11 49.93 48.15
CA PHE G 76 -38.60 48.65 48.67
C PHE G 76 -38.89 47.72 47.50
N ALA G 77 -37.84 47.06 47.02
CA ALA G 77 -37.99 46.15 45.88
C ALA G 77 -38.83 44.93 46.23
N ASP G 78 -38.78 44.47 47.48
CA ASP G 78 -39.59 43.33 47.88
C ASP G 78 -41.08 43.62 47.74
N ALA G 79 -41.51 44.81 48.16
CA ALA G 79 -42.91 45.16 48.00
C ALA G 79 -43.28 45.32 46.53
N TYR G 80 -42.34 45.77 45.69
CA TYR G 80 -42.57 45.78 44.26
C TYR G 80 -42.84 44.36 43.75
N SER G 81 -42.00 43.41 44.14
CA SER G 81 -42.17 42.03 43.68
C SER G 81 -43.48 41.44 44.16
N ASN G 82 -43.85 41.71 45.41
CA ASN G 82 -45.10 41.15 45.93
C ASN G 82 -46.33 41.82 45.32
N MET G 83 -46.25 43.12 45.04
CA MET G 83 -47.34 43.78 44.31
C MET G 83 -47.47 43.20 42.92
N GLY G 84 -46.35 42.88 42.27
CA GLY G 84 -46.40 42.20 41.00
C GLY G 84 -47.07 40.84 41.09
N ASN G 85 -46.75 40.09 42.15
CA ASN G 85 -47.43 38.81 42.39
C ASN G 85 -48.94 39.01 42.49
N THR G 86 -49.36 39.99 43.30
CA THR G 86 -50.79 40.27 43.45
C THR G 86 -51.43 40.60 42.11
N LEU G 87 -50.81 41.51 41.34
CA LEU G 87 -51.36 41.89 40.04
C LEU G 87 -51.44 40.69 39.10
N LYS G 88 -50.44 39.81 39.16
CA LYS G 88 -50.50 38.58 38.38
C LYS G 88 -51.72 37.76 38.76
N GLU G 89 -52.02 37.65 40.06
CA GLU G 89 -53.23 36.95 40.47
C GLU G 89 -54.51 37.68 40.01
N MET G 90 -54.45 39.00 39.78
CA MET G 90 -55.59 39.75 39.29
C MET G 90 -55.70 39.77 37.77
N GLN G 91 -54.94 38.92 37.09
CA GLN G 91 -54.87 38.80 35.63
C GLN G 91 -54.29 40.05 34.96
N ASP G 92 -53.68 40.95 35.73
CA ASP G 92 -53.02 42.13 35.17
C ASP G 92 -51.54 41.81 34.95
N VAL G 93 -51.29 40.99 33.92
CA VAL G 93 -49.94 40.53 33.63
C VAL G 93 -49.01 41.70 33.33
N GLN G 94 -49.53 42.71 32.62
CA GLN G 94 -48.72 43.86 32.24
C GLN G 94 -48.17 44.59 33.47
N GLY G 95 -49.04 44.88 34.43
CA GLY G 95 -48.59 45.56 35.64
C GLY G 95 -47.64 44.73 36.47
N ALA G 96 -47.86 43.41 36.51
CA ALA G 96 -46.95 42.52 37.22
C ALA G 96 -45.56 42.55 36.60
N LEU G 97 -45.50 42.50 35.26
CA LEU G 97 -44.23 42.64 34.56
C LEU G 97 -43.56 43.96 34.91
N GLN G 98 -44.34 45.04 34.93
CA GLN G 98 -43.81 46.35 35.29
C GLN G 98 -43.20 46.33 36.69
N CYS G 99 -43.90 45.73 37.64
CA CYS G 99 -43.41 45.67 39.02
C CYS G 99 -42.10 44.90 39.09
N TYR G 100 -42.04 43.74 38.44
CA TYR G 100 -40.82 42.93 38.48
C TYR G 100 -39.64 43.69 37.89
N THR G 101 -39.84 44.30 36.71
CA THR G 101 -38.72 44.97 36.04
C THR G 101 -38.30 46.23 36.80
N ARG G 102 -39.24 46.97 37.38
CA ARG G 102 -38.88 48.13 38.19
C ARG G 102 -38.07 47.70 39.41
N ALA G 103 -38.47 46.59 40.05
CA ALA G 103 -37.70 46.08 41.18
C ALA G 103 -36.28 45.71 40.77
N ILE G 104 -36.14 45.02 39.64
CA ILE G 104 -34.81 44.64 39.16
C ILE G 104 -33.98 45.89 38.86
N GLN G 105 -34.61 46.93 38.30
CA GLN G 105 -33.94 48.23 38.14
C GLN G 105 -33.41 48.75 39.46
N ILE G 106 -34.24 48.76 40.50
CA ILE G 106 -33.86 49.39 41.76
C ILE G 106 -32.75 48.58 42.43
N ASN G 107 -32.92 47.27 42.51
CA ASN G 107 -31.93 46.38 43.12
C ASN G 107 -31.65 45.23 42.16
N PRO G 108 -30.59 45.33 41.34
CA PRO G 108 -30.28 44.24 40.39
C PRO G 108 -29.90 42.93 41.07
N ALA G 109 -29.65 42.93 42.38
CA ALA G 109 -29.28 41.72 43.10
C ALA G 109 -30.48 41.01 43.71
N PHE G 110 -31.69 41.54 43.53
CA PHE G 110 -32.90 41.00 44.15
C PHE G 110 -33.36 39.77 43.37
N ALA G 111 -33.09 38.58 43.91
CA ALA G 111 -33.32 37.34 43.16
C ALA G 111 -34.80 37.02 43.01
N ASP G 112 -35.63 37.39 43.98
CA ASP G 112 -37.05 37.04 43.93
C ASP G 112 -37.74 37.68 42.74
N ALA G 113 -37.37 38.93 42.43
CA ALA G 113 -37.94 39.60 41.27
C ALA G 113 -37.57 38.88 39.97
N HIS G 114 -36.32 38.42 39.88
CA HIS G 114 -35.90 37.65 38.70
C HIS G 114 -36.69 36.37 38.59
N SER G 115 -36.91 35.67 39.71
CA SER G 115 -37.70 34.45 39.69
C SER G 115 -39.14 34.73 39.24
N ASN G 116 -39.73 35.83 39.72
CA ASN G 116 -41.10 36.16 39.35
C ASN G 116 -41.20 36.54 37.87
N LEU G 117 -40.21 37.27 37.36
CA LEU G 117 -40.18 37.58 35.93
C LEU G 117 -40.07 36.30 35.10
N ALA G 118 -39.23 35.36 35.54
CA ALA G 118 -39.14 34.07 34.87
C ALA G 118 -40.48 33.34 34.92
N SER G 119 -41.19 33.46 36.04
CA SER G 119 -42.51 32.84 36.13
C SER G 119 -43.47 33.44 35.12
N ILE G 120 -43.44 34.76 34.96
CA ILE G 120 -44.28 35.41 33.97
C ILE G 120 -43.94 34.91 32.57
N HIS G 121 -42.64 34.77 32.27
CA HIS G 121 -42.22 34.24 30.97
C HIS G 121 -42.71 32.80 30.77
N LYS G 122 -42.56 31.97 31.81
CA LYS G 122 -42.95 30.57 31.71
C LYS G 122 -44.45 30.42 31.49
N ASP G 123 -45.25 31.21 32.20
CA ASP G 123 -46.69 31.17 32.01
C ASP G 123 -47.09 31.55 30.59
N SER G 124 -46.31 32.43 29.95
CA SER G 124 -46.59 32.91 28.61
C SER G 124 -46.01 31.99 27.54
N GLY G 125 -45.50 30.82 27.91
CA GLY G 125 -44.95 29.87 26.96
C GLY G 125 -43.53 30.13 26.53
N ASN G 126 -42.88 31.18 27.05
CA ASN G 126 -41.54 31.57 26.62
C ASN G 126 -40.51 30.88 27.51
N ILE G 127 -40.31 29.59 27.23
CA ILE G 127 -39.49 28.75 28.12
C ILE G 127 -38.03 29.19 28.17
N PRO G 128 -37.35 29.48 27.05
CA PRO G 128 -35.94 29.91 27.16
C PRO G 128 -35.74 31.16 28.01
N GLU G 129 -36.63 32.15 27.87
CA GLU G 129 -36.52 33.35 28.69
C GLU G 129 -36.74 33.03 30.16
N ALA G 130 -37.69 32.15 30.44
CA ALA G 130 -37.93 31.72 31.82
C ALA G 130 -36.70 31.04 32.40
N ILE G 131 -36.08 30.16 31.62
CA ILE G 131 -34.87 29.47 32.08
C ILE G 131 -33.77 30.47 32.36
N ALA G 132 -33.59 31.45 31.47
CA ALA G 132 -32.54 32.45 31.68
C ALA G 132 -32.76 33.23 32.98
N SER G 133 -33.99 33.70 33.19
CA SER G 133 -34.25 34.49 34.39
C SER G 133 -34.17 33.64 35.66
N TYR G 134 -34.58 32.36 35.58
CA TYR G 134 -34.44 31.47 36.73
C TYR G 134 -32.97 31.23 37.07
N ARG G 135 -32.13 31.05 36.04
CA ARG G 135 -30.71 30.87 36.28
C ARG G 135 -30.11 32.12 36.91
N THR G 136 -30.51 33.30 36.46
CA THR G 136 -30.04 34.53 37.08
C THR G 136 -30.47 34.60 38.54
N ALA G 137 -31.73 34.27 38.83
CA ALA G 137 -32.22 34.28 40.20
C ALA G 137 -31.42 33.33 41.08
N LEU G 138 -31.13 32.13 40.57
CA LEU G 138 -30.37 31.16 41.35
C LEU G 138 -28.92 31.57 41.53
N LYS G 139 -28.33 32.23 40.53
CA LYS G 139 -26.99 32.79 40.71
C LYS G 139 -26.99 33.83 41.82
N LEU G 140 -28.07 34.61 41.92
CA LEU G 140 -28.17 35.59 43.00
C LEU G 140 -28.45 34.90 44.34
N LYS G 141 -29.39 33.97 44.36
CA LYS G 141 -29.82 33.28 45.58
C LYS G 141 -29.73 31.78 45.34
N PRO G 142 -28.56 31.18 45.57
CA PRO G 142 -28.41 29.74 45.27
C PRO G 142 -29.35 28.85 46.07
N ASP G 143 -29.79 29.28 47.25
CA ASP G 143 -30.79 28.55 48.02
C ASP G 143 -32.15 29.18 47.73
N PHE G 144 -32.71 28.81 46.58
CA PHE G 144 -33.98 29.34 46.09
C PHE G 144 -34.82 28.17 45.61
N PRO G 145 -35.50 27.47 46.53
CA PRO G 145 -36.25 26.27 46.13
C PRO G 145 -37.31 26.52 45.07
N ASP G 146 -38.02 27.63 45.14
CA ASP G 146 -39.04 27.93 44.14
C ASP G 146 -38.42 28.10 42.76
N ALA G 147 -37.36 28.91 42.67
CA ALA G 147 -36.67 29.10 41.40
C ALA G 147 -36.11 27.80 40.88
N TYR G 148 -35.50 27.00 41.76
CA TYR G 148 -34.90 25.74 41.34
C TYR G 148 -35.96 24.79 40.78
N CYS G 149 -37.09 24.65 41.48
CA CYS G 149 -38.10 23.69 41.04
C CYS G 149 -38.79 24.15 39.75
N ASN G 150 -39.07 25.44 39.64
CA ASN G 150 -39.66 25.96 38.40
C ASN G 150 -38.70 25.80 37.24
N LEU G 151 -37.42 26.06 37.46
CA LEU G 151 -36.42 25.85 36.42
C LEU G 151 -36.34 24.38 36.04
N ALA G 152 -36.41 23.48 37.02
CA ALA G 152 -36.39 22.05 36.73
C ALA G 152 -37.57 21.66 35.85
N HIS G 153 -38.76 22.21 36.14
CA HIS G 153 -39.90 21.91 35.29
C HIS G 153 -39.72 22.47 33.89
N CYS G 154 -39.12 23.66 33.75
CA CYS G 154 -38.86 24.20 32.42
C CYS G 154 -37.93 23.29 31.63
N LEU G 155 -36.82 22.87 32.26
CA LEU G 155 -35.89 21.96 31.61
C LEU G 155 -36.58 20.65 31.24
N GLN G 156 -37.52 20.21 32.08
CA GLN G 156 -38.33 19.04 31.72
C GLN G 156 -39.16 19.31 30.47
N ILE G 157 -39.75 20.52 30.39
CA ILE G 157 -40.60 20.86 29.25
C ILE G 157 -39.81 20.80 27.96
N VAL G 158 -38.55 21.25 27.99
CA VAL G 158 -37.75 21.29 26.77
C VAL G 158 -36.76 20.12 26.66
N CYS G 159 -36.87 19.12 27.54
CA CYS G 159 -36.03 17.92 27.49
C CYS G 159 -34.55 18.26 27.64
N ASP G 160 -34.23 19.24 28.48
CA ASP G 160 -32.85 19.53 28.87
C ASP G 160 -32.54 18.62 30.05
N TRP G 161 -31.78 17.55 29.79
CA TRP G 161 -31.49 16.55 30.80
C TRP G 161 -30.08 16.69 31.37
N THR G 162 -29.49 17.88 31.29
CA THR G 162 -28.18 18.12 31.88
C THR G 162 -28.23 17.87 33.39
N ASP G 163 -27.38 16.95 33.86
CA ASP G 163 -27.32 16.58 35.28
C ASP G 163 -28.70 16.14 35.78
N TYR G 164 -29.37 15.29 34.99
CA TYR G 164 -30.74 14.89 35.28
C TYR G 164 -30.83 14.17 36.63
N ASP G 165 -29.95 13.20 36.86
CA ASP G 165 -29.99 12.45 38.12
C ASP G 165 -29.69 13.34 39.31
N GLU G 166 -28.66 14.19 39.18
CA GLU G 166 -28.36 15.19 40.19
C GLU G 166 -29.59 16.05 40.47
N ARG G 167 -30.28 16.47 39.41
CA ARG G 167 -31.45 17.32 39.54
C ARG G 167 -32.57 16.63 40.31
N MET G 168 -32.83 15.36 39.97
CA MET G 168 -33.90 14.63 40.65
C MET G 168 -33.59 14.43 42.13
N LYS G 169 -32.33 14.11 42.43
CA LYS G 169 -31.96 13.92 43.84
C LYS G 169 -32.07 15.23 44.61
N LYS G 170 -31.66 16.36 44.00
CA LYS G 170 -31.82 17.64 44.67
C LYS G 170 -33.30 17.99 44.84
N LEU G 171 -34.14 17.64 43.86
CA LEU G 171 -35.57 17.92 43.98
C LEU G 171 -36.20 17.18 45.14
N VAL G 172 -35.91 15.87 45.24
CA VAL G 172 -36.47 15.11 46.37
C VAL G 172 -35.90 15.64 47.67
N SER G 173 -34.64 16.10 47.67
CA SER G 173 -34.06 16.70 48.87
C SER G 173 -34.84 17.95 49.29
N ILE G 174 -35.15 18.82 48.33
CA ILE G 174 -35.85 20.07 48.65
C ILE G 174 -37.24 19.77 49.18
N VAL G 175 -37.97 18.86 48.52
CA VAL G 175 -39.32 18.53 48.97
C VAL G 175 -39.28 17.91 50.35
N ALA G 176 -38.32 17.01 50.59
CA ALA G 176 -38.20 16.37 51.90
C ALA G 176 -37.91 17.41 52.99
N ASP G 177 -37.01 18.34 52.73
CA ASP G 177 -36.71 19.37 53.72
C ASP G 177 -37.93 20.22 54.01
N GLN G 178 -38.66 20.64 52.97
CA GLN G 178 -39.82 21.49 53.19
C GLN G 178 -40.93 20.77 53.94
N LEU G 179 -41.17 19.50 53.61
CA LEU G 179 -42.17 18.72 54.33
C LEU G 179 -41.77 18.51 55.78
N GLU G 180 -40.49 18.21 56.03
CA GLU G 180 -40.03 17.96 57.39
C GLU G 180 -40.15 19.20 58.26
N LYS G 181 -40.05 20.39 57.67
CA LYS G 181 -40.16 21.64 58.41
C LYS G 181 -41.52 22.30 58.26
N ASN G 182 -42.52 21.56 57.78
CA ASN G 182 -43.90 22.02 57.68
C ASN G 182 -44.02 23.24 56.77
N ARG G 183 -43.24 23.24 55.69
CA ARG G 183 -43.29 24.31 54.69
C ARG G 183 -44.09 23.85 53.47
N LEU G 184 -44.42 24.81 52.61
CA LEU G 184 -45.13 24.50 51.38
C LEU G 184 -44.13 24.04 50.32
N PRO G 185 -44.22 22.80 49.84
CA PRO G 185 -43.21 22.30 48.89
C PRO G 185 -43.20 23.12 47.60
N SER G 186 -42.01 23.28 47.03
CA SER G 186 -41.83 24.07 45.83
C SER G 186 -42.21 23.33 44.56
N VAL G 187 -42.55 22.04 44.66
CA VAL G 187 -42.97 21.26 43.50
C VAL G 187 -44.49 21.31 43.42
N HIS G 188 -45.02 21.63 42.25
CA HIS G 188 -46.46 21.66 42.06
C HIS G 188 -47.01 20.23 42.05
N PRO G 189 -48.20 20.02 42.60
CA PRO G 189 -48.77 18.65 42.61
C PRO G 189 -48.91 18.04 41.22
N HIS G 190 -49.27 18.85 40.23
CA HIS G 190 -49.37 18.35 38.85
C HIS G 190 -48.01 17.91 38.31
N HIS G 191 -46.92 18.44 38.87
CA HIS G 191 -45.58 18.07 38.42
C HIS G 191 -44.96 16.94 39.22
N SER G 192 -45.49 16.63 40.40
CA SER G 192 -44.86 15.64 41.26
C SER G 192 -44.86 14.25 40.61
N MET G 193 -45.80 13.98 39.71
CA MET G 193 -45.83 12.70 39.03
C MET G 193 -44.64 12.49 38.11
N LEU G 194 -43.90 13.56 37.77
CA LEU G 194 -42.77 13.46 36.88
C LEU G 194 -41.46 13.16 37.60
N TYR G 195 -41.39 13.40 38.92
CA TYR G 195 -40.13 13.27 39.64
C TYR G 195 -40.16 12.06 40.57
N PRO G 196 -39.01 11.45 40.85
CA PRO G 196 -38.97 10.23 41.69
C PRO G 196 -39.17 10.52 43.17
N LEU G 197 -40.29 11.15 43.50
CA LEU G 197 -40.68 11.32 44.89
C LEU G 197 -41.41 10.06 45.37
N SER G 198 -41.52 9.95 46.70
CA SER G 198 -42.33 8.88 47.25
C SER G 198 -43.81 9.20 47.09
N HIS G 199 -44.64 8.15 47.12
CA HIS G 199 -46.08 8.34 47.04
C HIS G 199 -46.58 9.20 48.19
N GLY G 200 -46.05 8.97 49.38
CA GLY G 200 -46.38 9.84 50.51
C GLY G 200 -46.00 11.28 50.27
N PHE G 201 -44.84 11.52 49.64
CA PHE G 201 -44.41 12.87 49.35
C PHE G 201 -45.38 13.56 48.39
N ARG G 202 -45.78 12.86 47.32
CA ARG G 202 -46.72 13.44 46.36
C ARG G 202 -48.05 13.75 47.00
N LYS G 203 -48.56 12.81 47.82
CA LYS G 203 -49.82 13.05 48.52
C LYS G 203 -49.70 14.24 49.46
N ALA G 204 -48.55 14.38 50.13
CA ALA G 204 -48.36 15.51 51.04
C ALA G 204 -48.38 16.83 50.28
N ILE G 205 -47.73 16.88 49.12
CA ILE G 205 -47.73 18.10 48.31
C ILE G 205 -49.16 18.46 47.93
N ALA G 206 -49.94 17.46 47.49
CA ALA G 206 -51.34 17.69 47.17
C ALA G 206 -52.10 18.24 48.37
N GLU G 207 -51.83 17.69 49.56
CA GLU G 207 -52.55 18.11 50.76
C GLU G 207 -52.27 19.58 51.10
N ARG G 208 -51.00 19.99 51.06
CA ARG G 208 -50.69 21.39 51.36
C ARG G 208 -51.32 22.33 50.35
N HIS G 209 -51.24 21.97 49.06
CA HIS G 209 -51.84 22.84 48.05
C HIS G 209 -53.35 22.92 48.24
N GLY G 210 -53.98 21.83 48.70
CA GLY G 210 -55.39 21.91 49.04
C GLY G 210 -55.66 22.85 50.21
N ASN G 211 -54.81 22.78 51.25
CA ASN G 211 -55.03 23.63 52.43
C ASN G 211 -54.92 25.11 52.10
N LEU G 212 -54.20 25.46 51.03
CA LEU G 212 -54.26 26.84 50.54
C LEU G 212 -55.70 27.29 50.31
N CYS G 213 -56.54 26.40 49.77
CA CYS G 213 -57.95 26.73 49.55
C CYS G 213 -58.66 27.01 50.88
N LEU G 214 -58.34 26.23 51.91
CA LEU G 214 -58.94 26.48 53.22
C LEU G 214 -58.58 27.86 53.73
N ASP G 215 -57.31 28.25 53.58
CA ASP G 215 -56.94 29.61 53.98
C ASP G 215 -57.73 30.65 53.21
N LYS G 216 -57.98 30.40 51.92
CA LYS G 216 -58.72 31.39 51.13
C LYS G 216 -60.20 31.43 51.48
N ILE G 217 -60.79 30.31 51.90
CA ILE G 217 -62.23 30.28 52.15
C ILE G 217 -62.63 30.57 53.59
N ASN G 218 -61.69 30.46 54.55
CA ASN G 218 -62.05 30.77 55.93
C ASN G 218 -62.44 32.24 56.11
N VAL G 219 -61.96 33.11 55.22
CA VAL G 219 -62.28 34.53 55.31
C VAL G 219 -63.76 34.78 55.06
N LEU G 220 -64.41 33.90 54.29
CA LEU G 220 -65.84 34.08 54.01
C LEU G 220 -66.69 33.82 55.24
N HIS G 221 -66.19 33.01 56.19
CA HIS G 221 -66.91 32.68 57.41
C HIS G 221 -68.26 32.04 57.10
N LYS G 222 -68.24 31.09 56.17
CA LYS G 222 -69.54 30.52 55.84
C LYS G 222 -69.86 29.35 56.77
N PRO G 223 -71.13 29.22 57.17
CA PRO G 223 -71.54 28.04 57.94
C PRO G 223 -71.54 26.80 57.05
N PRO G 224 -71.47 25.61 57.64
CA PRO G 224 -71.57 24.40 56.83
C PRO G 224 -72.93 24.34 56.12
N TYR G 225 -72.91 23.87 54.88
CA TYR G 225 -74.14 23.70 54.13
C TYR G 225 -74.87 22.46 54.60
N GLU G 226 -76.20 22.54 54.63
CA GLU G 226 -77.03 21.40 54.99
C GLU G 226 -77.43 20.66 53.71
N HIS G 227 -76.97 19.43 53.59
CA HIS G 227 -77.06 18.67 52.34
C HIS G 227 -78.31 17.82 52.30
N PRO G 228 -78.80 17.48 51.11
CA PRO G 228 -79.95 16.58 51.01
C PRO G 228 -79.66 15.23 51.63
N LYS G 229 -80.66 14.67 52.30
CA LYS G 229 -80.58 13.32 52.85
C LYS G 229 -81.45 12.34 52.07
N ASP G 230 -82.02 12.78 50.95
CA ASP G 230 -83.01 12.01 50.21
C ASP G 230 -83.15 12.65 48.83
N LEU G 231 -84.10 12.15 48.03
CA LEU G 231 -84.35 12.66 46.69
C LEU G 231 -85.77 13.17 46.51
N LYS G 232 -86.47 13.54 47.59
CA LYS G 232 -87.84 14.02 47.44
C LYS G 232 -87.87 15.32 46.62
N LEU G 233 -86.99 16.26 46.95
CA LEU G 233 -87.04 17.57 46.30
C LEU G 233 -86.59 17.50 44.84
N SER G 234 -85.76 16.51 44.50
CA SER G 234 -85.28 16.33 43.13
C SER G 234 -86.09 15.29 42.36
N ASP G 235 -87.28 14.93 42.87
CA ASP G 235 -88.19 14.01 42.19
C ASP G 235 -87.53 12.65 41.94
N GLY G 236 -86.89 12.13 42.99
CA GLY G 236 -86.26 10.83 42.88
C GLY G 236 -85.06 10.77 41.96
N ARG G 237 -84.55 11.91 41.53
CA ARG G 237 -83.42 11.98 40.61
C ARG G 237 -82.18 12.45 41.34
N LEU G 238 -81.04 11.85 41.01
CA LEU G 238 -79.77 12.25 41.61
C LEU G 238 -79.23 13.49 40.90
N ARG G 239 -78.95 14.54 41.67
CA ARG G 239 -78.44 15.78 41.11
C ARG G 239 -76.92 15.72 41.08
N VAL G 240 -76.37 15.69 39.87
CA VAL G 240 -74.93 15.56 39.66
C VAL G 240 -74.44 16.83 39.00
N GLY G 241 -73.54 17.53 39.68
CA GLY G 241 -72.91 18.72 39.14
C GLY G 241 -71.51 18.39 38.66
N TYR G 242 -71.19 18.84 37.44
CA TYR G 242 -69.88 18.67 36.83
C TYR G 242 -69.22 20.05 36.80
N VAL G 243 -68.19 20.25 37.61
CA VAL G 243 -67.53 21.54 37.72
C VAL G 243 -66.27 21.50 36.87
N SER G 244 -66.25 22.30 35.80
CA SER G 244 -65.10 22.28 34.91
C SER G 244 -64.87 23.66 34.32
N SER G 245 -63.60 23.97 34.07
CA SER G 245 -63.20 25.13 33.30
C SER G 245 -62.97 24.82 31.83
N ASP G 246 -63.26 23.59 31.41
CA ASP G 246 -62.88 23.10 30.09
C ASP G 246 -64.10 22.72 29.24
N PHE G 247 -65.24 23.36 29.48
CA PHE G 247 -66.38 23.21 28.58
C PHE G 247 -66.12 24.12 27.38
N GLY G 248 -65.46 23.54 26.38
CA GLY G 248 -64.98 24.30 25.24
C GLY G 248 -64.01 23.45 24.44
N ASN G 249 -63.23 24.10 23.58
CA ASN G 249 -62.24 23.38 22.78
C ASN G 249 -61.03 23.06 23.68
N HIS G 250 -61.21 22.03 24.49
CA HIS G 250 -60.19 21.56 25.43
C HIS G 250 -60.27 20.04 25.48
N PRO G 251 -59.14 19.36 25.74
CA PRO G 251 -59.14 17.89 25.72
C PRO G 251 -60.24 17.24 26.56
N THR G 252 -60.57 17.84 27.72
CA THR G 252 -61.61 17.28 28.58
C THR G 252 -62.93 17.17 27.82
N SER G 253 -63.32 18.24 27.13
CA SER G 253 -64.52 18.18 26.31
C SER G 253 -64.37 17.18 25.17
N HIS G 254 -63.17 17.06 24.61
CA HIS G 254 -62.94 16.04 23.59
C HIS G 254 -63.12 14.63 24.15
N LEU G 255 -63.05 14.48 25.48
CA LEU G 255 -63.25 13.18 26.10
C LEU G 255 -64.70 12.92 26.49
N MET G 256 -65.36 13.87 27.14
CA MET G 256 -66.63 13.58 27.80
C MET G 256 -67.83 14.39 27.31
N GLN G 257 -67.70 15.15 26.21
CA GLN G 257 -68.76 16.08 25.83
C GLN G 257 -70.10 15.39 25.59
N SER G 258 -70.10 14.09 25.27
CA SER G 258 -71.36 13.38 25.06
C SER G 258 -71.99 12.88 26.36
N ILE G 259 -71.21 12.79 27.44
CA ILE G 259 -71.70 12.14 28.66
C ILE G 259 -72.93 12.83 29.23
N PRO G 260 -72.98 14.17 29.38
CA PRO G 260 -74.19 14.78 29.95
C PRO G 260 -75.46 14.49 29.18
N GLY G 261 -75.38 14.39 27.85
CA GLY G 261 -76.55 14.10 27.05
C GLY G 261 -77.03 12.67 27.18
N MET G 262 -76.17 11.75 27.59
CA MET G 262 -76.51 10.34 27.68
C MET G 262 -76.96 9.91 29.07
N HIS G 263 -76.99 10.81 30.03
CA HIS G 263 -77.51 10.47 31.35
C HIS G 263 -79.01 10.16 31.27
N ASN G 264 -79.44 9.24 32.12
CA ASN G 264 -80.83 8.81 32.11
C ASN G 264 -81.69 9.81 32.87
N PRO G 265 -82.59 10.52 32.20
CA PRO G 265 -83.36 11.59 32.87
C PRO G 265 -84.31 11.07 33.94
N ASP G 266 -84.70 9.80 33.89
CA ASP G 266 -85.58 9.24 34.90
C ASP G 266 -84.91 9.22 36.27
N LYS G 267 -83.59 9.08 36.30
CA LYS G 267 -82.86 8.94 37.56
C LYS G 267 -81.82 10.04 37.80
N PHE G 268 -81.52 10.88 36.82
CA PHE G 268 -80.41 11.81 36.96
C PHE G 268 -80.77 13.19 36.43
N GLU G 269 -80.43 14.22 37.22
CA GLU G 269 -80.52 15.61 36.81
C GLU G 269 -79.10 16.16 36.76
N VAL G 270 -78.68 16.58 35.56
CA VAL G 270 -77.29 16.91 35.29
C VAL G 270 -77.14 18.42 35.24
N PHE G 271 -76.28 18.94 36.12
CA PHE G 271 -75.91 20.35 36.15
C PHE G 271 -74.46 20.45 35.72
N CYS G 272 -74.16 21.38 34.82
CA CYS G 272 -72.79 21.66 34.42
C CYS G 272 -72.43 23.06 34.88
N TYR G 273 -71.37 23.18 35.66
CA TYR G 273 -70.89 24.45 36.20
C TYR G 273 -69.60 24.79 35.48
N ALA G 274 -69.67 25.77 34.58
CA ALA G 274 -68.52 26.22 33.80
C ALA G 274 -67.75 27.27 34.59
N LEU G 275 -66.46 27.03 34.77
CA LEU G 275 -65.57 28.02 35.36
C LEU G 275 -64.95 28.92 34.31
N SER G 276 -65.15 28.64 33.03
CA SER G 276 -64.67 29.43 31.92
C SER G 276 -65.83 30.07 31.17
N PRO G 277 -65.62 31.23 30.56
CA PRO G 277 -66.66 31.83 29.73
C PRO G 277 -66.78 31.09 28.39
N ASP G 278 -67.90 31.36 27.71
CA ASP G 278 -68.17 30.72 26.44
C ASP G 278 -67.09 31.08 25.42
N ASP G 279 -66.41 30.05 24.90
CA ASP G 279 -65.41 30.27 23.86
C ASP G 279 -65.99 30.12 22.46
N GLY G 280 -67.29 29.91 22.33
CA GLY G 280 -67.95 29.88 21.05
C GLY G 280 -67.78 28.60 20.26
N THR G 281 -67.11 27.59 20.81
CA THR G 281 -66.89 26.35 20.08
C THR G 281 -68.09 25.43 20.23
N ASN G 282 -68.18 24.45 19.32
CA ASN G 282 -69.30 23.51 19.34
C ASN G 282 -69.30 22.62 20.57
N PHE G 283 -68.15 22.41 21.21
CA PHE G 283 -68.11 21.63 22.45
C PHE G 283 -68.92 22.30 23.55
N ARG G 284 -68.68 23.60 23.76
CA ARG G 284 -69.47 24.37 24.71
C ARG G 284 -70.95 24.33 24.34
N VAL G 285 -71.25 24.48 23.06
CA VAL G 285 -72.64 24.48 22.59
C VAL G 285 -73.31 23.16 22.95
N LYS G 286 -72.63 22.05 22.68
CA LYS G 286 -73.20 20.74 22.96
C LYS G 286 -73.46 20.56 24.45
N VAL G 287 -72.50 20.93 25.29
CA VAL G 287 -72.68 20.71 26.72
C VAL G 287 -73.82 21.58 27.26
N MET G 288 -73.93 22.83 26.81
CA MET G 288 -75.08 23.64 27.23
C MET G 288 -76.39 23.08 26.68
N ALA G 289 -76.37 22.50 25.48
CA ALA G 289 -77.60 22.03 24.87
C ALA G 289 -78.12 20.75 25.52
N GLU G 290 -77.23 19.88 25.98
CA GLU G 290 -77.64 18.55 26.41
C GLU G 290 -77.70 18.38 27.93
N ALA G 291 -76.97 19.19 28.69
CA ALA G 291 -77.13 19.18 30.13
C ALA G 291 -78.53 19.65 30.50
N ASN G 292 -79.09 19.07 31.56
CA ASN G 292 -80.36 19.56 32.08
C ASN G 292 -80.24 21.01 32.51
N HIS G 293 -79.07 21.40 33.02
CA HIS G 293 -78.82 22.78 33.44
C HIS G 293 -77.37 23.12 33.17
N PHE G 294 -77.14 24.28 32.55
CA PHE G 294 -75.80 24.83 32.39
C PHE G 294 -75.72 26.13 33.17
N ILE G 295 -74.67 26.25 33.98
CA ILE G 295 -74.48 27.40 34.87
C ILE G 295 -73.11 27.98 34.61
N ASP G 296 -73.06 29.28 34.33
CA ASP G 296 -71.81 29.96 34.01
C ASP G 296 -71.28 30.59 35.29
N LEU G 297 -70.52 29.80 36.05
CA LEU G 297 -69.90 30.29 37.28
C LEU G 297 -68.75 31.25 37.01
N SER G 298 -68.28 31.35 35.76
CA SER G 298 -67.29 32.36 35.42
C SER G 298 -67.82 33.77 35.65
N GLN G 299 -69.14 33.94 35.60
CA GLN G 299 -69.77 35.21 35.92
C GLN G 299 -69.93 35.43 37.42
N ILE G 300 -69.49 34.48 38.24
CA ILE G 300 -69.60 34.58 39.70
C ILE G 300 -68.20 34.42 40.28
N PRO G 301 -67.38 35.48 40.27
CA PRO G 301 -66.00 35.34 40.77
C PRO G 301 -65.90 34.96 42.24
N CYS G 302 -66.79 35.47 43.09
CA CYS G 302 -66.71 35.19 44.52
C CYS G 302 -67.07 33.73 44.78
N ASN G 303 -66.14 33.00 45.39
CA ASN G 303 -66.36 31.57 45.61
C ASN G 303 -67.52 31.31 46.55
N GLY G 304 -67.78 32.23 47.48
CA GLY G 304 -68.92 32.07 48.38
C GLY G 304 -70.24 32.07 47.62
N LYS G 305 -70.40 33.02 46.70
CA LYS G 305 -71.64 33.11 45.94
C LYS G 305 -71.82 31.89 45.03
N ALA G 306 -70.74 31.45 44.37
CA ALA G 306 -70.85 30.29 43.48
C ALA G 306 -71.14 29.01 44.25
N ALA G 307 -70.50 28.84 45.41
CA ALA G 307 -70.82 27.69 46.25
C ALA G 307 -72.27 27.74 46.73
N ASP G 308 -72.74 28.95 47.06
CA ASP G 308 -74.14 29.13 47.41
C ASP G 308 -75.05 28.65 46.28
N ARG G 309 -74.74 29.06 45.04
CA ARG G 309 -75.55 28.66 43.90
C ARG G 309 -75.56 27.14 43.74
N ILE G 310 -74.40 26.51 43.85
CA ILE G 310 -74.33 25.05 43.77
C ILE G 310 -75.23 24.43 44.84
N HIS G 311 -75.22 24.99 46.05
CA HIS G 311 -76.07 24.47 47.11
C HIS G 311 -77.56 24.65 46.78
N GLN G 312 -77.94 25.82 46.26
CA GLN G 312 -79.35 26.04 45.94
C GLN G 312 -79.83 25.09 44.86
N ASP G 313 -78.96 24.71 43.93
CA ASP G 313 -79.36 23.73 42.94
C ASP G 313 -79.64 22.36 43.56
N GLY G 314 -79.22 22.14 44.81
CA GLY G 314 -79.50 20.89 45.48
C GLY G 314 -78.62 19.73 45.06
N ILE G 315 -77.37 20.01 44.68
CA ILE G 315 -76.50 18.96 44.14
C ILE G 315 -76.27 17.89 45.19
N HIS G 316 -76.45 16.63 44.79
CA HIS G 316 -76.08 15.50 45.63
C HIS G 316 -74.63 15.11 45.42
N ILE G 317 -74.18 15.02 44.17
CA ILE G 317 -72.81 14.62 43.88
C ILE G 317 -72.15 15.70 43.04
N LEU G 318 -71.11 16.32 43.58
CA LEU G 318 -70.31 17.33 42.88
C LEU G 318 -69.03 16.68 42.39
N VAL G 319 -68.67 16.98 41.15
CA VAL G 319 -67.62 16.29 40.43
C VAL G 319 -66.55 17.29 40.03
N ASN G 320 -65.33 17.07 40.50
CA ASN G 320 -64.19 17.96 40.28
C ASN G 320 -63.43 17.46 39.06
N MET G 321 -63.56 18.18 37.94
CA MET G 321 -62.91 17.83 36.69
C MET G 321 -61.60 18.58 36.48
N ASN G 322 -61.22 19.45 37.39
CA ASN G 322 -59.99 20.23 37.26
C ASN G 322 -58.86 19.74 38.13
N GLY G 323 -59.13 19.44 39.40
CA GLY G 323 -58.04 19.10 40.31
C GLY G 323 -57.09 20.27 40.43
N TYR G 324 -55.80 19.98 40.32
CA TYR G 324 -54.78 21.02 40.33
C TYR G 324 -54.31 21.35 38.90
N THR G 325 -55.25 21.77 38.08
CA THR G 325 -54.96 22.23 36.72
C THR G 325 -55.31 23.70 36.59
N LYS G 326 -54.90 24.28 35.46
CA LYS G 326 -55.21 25.67 35.19
C LYS G 326 -56.72 25.89 35.15
N GLY G 327 -57.17 26.97 35.78
CA GLY G 327 -58.58 27.29 35.83
C GLY G 327 -59.36 26.59 36.91
N ALA G 328 -58.71 25.86 37.81
CA ALA G 328 -59.41 25.22 38.90
C ALA G 328 -59.91 26.24 39.91
N ARG G 329 -61.01 25.90 40.58
CA ARG G 329 -61.60 26.72 41.63
C ARG G 329 -61.97 25.85 42.82
N ASN G 330 -61.01 25.02 43.27
CA ASN G 330 -61.25 24.04 44.32
C ASN G 330 -61.79 24.65 45.61
N GLU G 331 -61.71 25.98 45.77
CA GLU G 331 -62.36 26.64 46.90
C GLU G 331 -63.85 26.31 46.95
N LEU G 332 -64.47 26.10 45.78
CA LEU G 332 -65.87 25.68 45.75
C LEU G 332 -66.06 24.36 46.49
N PHE G 333 -65.17 23.39 46.25
CA PHE G 333 -65.26 22.11 46.94
C PHE G 333 -64.83 22.25 48.40
N ALA G 334 -63.88 23.15 48.68
CA ALA G 334 -63.50 23.39 50.06
C ALA G 334 -64.68 23.87 50.90
N LEU G 335 -65.60 24.60 50.29
CA LEU G 335 -66.80 25.07 50.97
C LEU G 335 -67.85 23.98 51.15
N ARG G 336 -67.72 22.86 50.43
CA ARG G 336 -68.55 21.67 50.60
C ARG G 336 -70.04 21.95 50.45
N PRO G 337 -70.52 22.37 49.28
CA PRO G 337 -71.97 22.53 49.09
C PRO G 337 -72.69 21.23 48.79
N ALA G 338 -71.98 20.15 48.48
CA ALA G 338 -72.59 18.86 48.18
C ALA G 338 -72.21 17.82 49.22
N PRO G 339 -73.06 16.82 49.45
CA PRO G 339 -72.70 15.78 50.43
C PRO G 339 -71.63 14.83 49.93
N ILE G 340 -71.55 14.58 48.63
CA ILE G 340 -70.56 13.68 48.04
C ILE G 340 -69.82 14.45 46.95
N GLN G 341 -68.48 14.48 47.03
CA GLN G 341 -67.65 15.20 46.08
C GLN G 341 -66.53 14.29 45.60
N ALA G 342 -66.39 14.18 44.28
CA ALA G 342 -65.52 13.16 43.69
C ALA G 342 -64.61 13.77 42.63
N MET G 343 -63.32 13.44 42.70
CA MET G 343 -62.41 13.65 41.59
C MET G 343 -62.78 12.71 40.45
N TRP G 344 -62.89 13.22 39.21
CA TRP G 344 -63.27 12.33 38.11
C TRP G 344 -62.19 12.18 37.03
N LEU G 345 -61.91 13.21 36.23
CA LEU G 345 -61.27 12.89 34.96
C LEU G 345 -60.09 13.78 34.56
N GLY G 346 -60.14 15.07 34.90
CA GLY G 346 -59.17 15.98 34.35
C GLY G 346 -57.81 15.95 35.00
N TYR G 347 -57.73 15.50 36.25
CA TYR G 347 -56.49 15.51 37.00
C TYR G 347 -56.02 14.09 37.28
N PRO G 348 -54.84 13.69 36.81
CA PRO G 348 -54.33 12.32 37.03
C PRO G 348 -53.59 12.17 38.36
N GLY G 349 -54.24 12.54 39.45
CA GLY G 349 -53.62 12.40 40.75
C GLY G 349 -54.64 12.60 41.85
N THR G 350 -54.17 12.48 43.08
CA THR G 350 -55.01 12.72 44.25
C THR G 350 -55.02 14.20 44.59
N SER G 351 -56.17 14.67 45.07
CA SER G 351 -56.24 16.02 45.61
C SER G 351 -55.58 16.11 46.98
N GLY G 352 -55.46 14.98 47.68
CA GLY G 352 -54.82 14.96 48.98
C GLY G 352 -55.59 15.73 50.03
N ALA G 353 -56.82 16.11 49.71
CA ALA G 353 -57.57 17.08 50.49
C ALA G 353 -58.75 16.43 51.18
N LEU G 354 -59.12 17.02 52.33
CA LEU G 354 -60.23 16.49 53.12
C LEU G 354 -61.57 16.66 52.41
N PHE G 355 -61.71 17.70 51.58
CA PHE G 355 -63.02 17.99 51.00
C PHE G 355 -63.35 17.15 49.78
N MET G 356 -62.45 16.27 49.35
CA MET G 356 -62.72 15.34 48.26
C MET G 356 -62.90 13.94 48.84
N ASP G 357 -64.08 13.36 48.61
CA ASP G 357 -64.45 12.07 49.19
C ASP G 357 -63.94 10.89 48.35
N TYR G 358 -64.25 10.90 47.06
CA TYR G 358 -63.89 9.80 46.18
C TYR G 358 -63.01 10.29 45.04
N ILE G 359 -62.28 9.35 44.44
CA ILE G 359 -61.64 9.54 43.15
C ILE G 359 -62.14 8.44 42.23
N ILE G 360 -62.75 8.82 41.12
CA ILE G 360 -63.30 7.83 40.18
C ILE G 360 -62.18 7.31 39.31
N THR G 361 -61.89 6.02 39.43
CA THR G 361 -60.77 5.39 38.76
C THR G 361 -61.19 3.94 38.44
N ASP G 362 -60.22 3.10 38.14
CA ASP G 362 -60.49 1.68 37.90
C ASP G 362 -59.40 0.85 38.56
N GLN G 363 -59.63 -0.46 38.60
CA GLN G 363 -58.69 -1.37 39.26
C GLN G 363 -57.34 -1.39 38.55
N GLU G 364 -57.34 -1.28 37.22
CA GLU G 364 -56.09 -1.24 36.48
C GLU G 364 -55.27 0.01 36.81
N THR G 365 -55.93 1.16 36.84
CA THR G 365 -55.20 2.42 37.06
C THR G 365 -54.76 2.56 38.51
N SER G 366 -55.63 2.21 39.45
CA SER G 366 -55.36 2.34 40.88
C SER G 366 -55.72 1.04 41.57
N PRO G 367 -54.86 0.03 41.48
CA PRO G 367 -55.11 -1.20 42.24
C PRO G 367 -55.12 -0.91 43.73
N ALA G 368 -55.92 -1.68 44.46
CA ALA G 368 -56.11 -1.41 45.89
C ALA G 368 -54.79 -1.40 46.64
N GLU G 369 -53.80 -2.17 46.15
CA GLU G 369 -52.50 -2.23 46.80
C GLU G 369 -51.89 -0.85 47.00
N VAL G 370 -52.07 0.04 46.03
CA VAL G 370 -51.48 1.37 46.09
C VAL G 370 -52.48 2.43 46.57
N ALA G 371 -53.57 2.00 47.22
CA ALA G 371 -54.60 2.96 47.63
C ALA G 371 -54.06 4.00 48.61
N GLU G 372 -52.78 3.88 48.98
CA GLU G 372 -52.15 4.83 49.88
C GLU G 372 -51.63 6.08 49.18
N GLN G 373 -51.51 6.08 47.86
CA GLN G 373 -51.11 7.34 47.21
C GLN G 373 -52.29 8.28 47.00
N TYR G 374 -53.49 7.88 47.39
CA TYR G 374 -54.69 8.70 47.28
C TYR G 374 -55.23 9.01 48.66
N SER G 375 -55.70 10.25 48.84
CA SER G 375 -56.39 10.59 50.08
C SER G 375 -57.87 10.22 50.01
N GLU G 376 -58.45 10.21 48.82
CA GLU G 376 -59.85 9.88 48.64
C GLU G 376 -60.03 8.37 48.56
N LYS G 377 -61.25 7.94 48.86
CA LYS G 377 -61.60 6.54 48.66
C LYS G 377 -61.73 6.24 47.18
N LEU G 378 -61.29 5.04 46.77
CA LEU G 378 -61.34 4.66 45.37
C LEU G 378 -62.77 4.31 44.96
N ALA G 379 -63.18 4.80 43.80
CA ALA G 379 -64.47 4.47 43.21
C ALA G 379 -64.21 3.87 41.83
N TYR G 380 -64.43 2.56 41.71
CA TYR G 380 -63.98 1.81 40.55
C TYR G 380 -65.03 1.80 39.44
N MET G 381 -64.60 2.15 38.24
CA MET G 381 -65.37 1.81 37.05
C MET G 381 -65.04 0.39 36.61
N PRO G 382 -65.98 -0.29 35.96
CA PRO G 382 -65.77 -1.72 35.66
C PRO G 382 -64.53 -2.02 34.81
N HIS G 383 -64.27 -1.22 33.77
CA HIS G 383 -63.15 -1.49 32.87
C HIS G 383 -62.09 -0.41 32.93
N THR G 384 -62.44 0.85 32.68
CA THR G 384 -61.49 1.94 32.79
C THR G 384 -62.27 3.22 33.06
N PHE G 385 -61.72 4.07 33.91
CA PHE G 385 -62.32 5.37 34.15
C PHE G 385 -62.16 6.30 32.96
N PHE G 386 -61.29 5.98 32.02
CA PHE G 386 -61.06 6.85 30.88
C PHE G 386 -62.10 6.62 29.79
N ILE G 387 -62.37 7.69 29.03
CA ILE G 387 -63.37 7.67 27.97
C ILE G 387 -62.93 8.68 26.92
N GLY G 388 -63.40 8.47 25.69
CA GLY G 388 -63.14 9.41 24.62
C GLY G 388 -64.33 9.53 23.69
N ASP G 389 -64.58 10.74 23.19
CA ASP G 389 -65.69 10.98 22.28
C ASP G 389 -65.32 10.74 20.81
N HIS G 390 -64.30 9.92 20.57
CA HIS G 390 -63.79 9.74 19.22
C HIS G 390 -64.83 9.13 18.29
N ALA G 391 -65.66 8.23 18.81
CA ALA G 391 -66.72 7.64 18.00
C ALA G 391 -67.66 8.71 17.45
N ASN G 392 -67.86 9.80 18.20
CA ASN G 392 -68.72 10.89 17.77
C ASN G 392 -67.96 11.95 16.99
N MET G 393 -66.74 12.29 17.42
CA MET G 393 -66.00 13.38 16.81
C MET G 393 -65.40 13.00 15.45
N PHE G 394 -64.92 11.76 15.31
CA PHE G 394 -64.26 11.31 14.08
C PHE G 394 -64.84 10.00 13.58
N PRO G 395 -66.14 9.98 13.23
CA PRO G 395 -66.70 8.76 12.64
C PRO G 395 -66.14 8.43 11.27
N HIS G 396 -65.57 9.42 10.57
CA HIS G 396 -64.98 9.17 9.26
C HIS G 396 -63.74 8.30 9.32
N LEU G 397 -63.20 8.07 10.51
CA LEU G 397 -62.05 7.19 10.70
C LEU G 397 -62.44 5.77 11.10
N LYS G 398 -63.74 5.46 11.09
CA LYS G 398 -64.17 4.11 11.38
C LYS G 398 -63.78 3.13 10.28
N LYS G 399 -63.77 3.60 9.02
CA LYS G 399 -63.36 2.79 7.88
C LYS G 399 -62.30 3.55 7.10
N LYS G 400 -61.42 2.81 6.45
CA LYS G 400 -60.34 3.42 5.67
C LYS G 400 -60.14 2.66 4.38
N ALA G 401 -59.40 3.29 3.47
CA ALA G 401 -58.99 2.68 2.21
C ALA G 401 -57.54 3.10 1.94
N VAL G 402 -56.89 2.38 1.03
CA VAL G 402 -55.49 2.63 0.71
C VAL G 402 -55.33 2.66 -0.80
N ILE G 403 -54.19 3.18 -1.24
CA ILE G 403 -53.78 3.18 -2.63
C ILE G 403 -52.51 2.36 -2.75
N ASP G 404 -52.49 1.41 -3.68
CA ASP G 404 -51.37 0.48 -3.78
C ASP G 404 -50.05 1.21 -3.98
N PHE G 405 -50.06 2.27 -4.80
CA PHE G 405 -48.98 3.24 -4.95
C PHE G 405 -47.62 2.57 -5.24
N LYS G 406 -47.64 1.29 -5.63
CA LYS G 406 -46.43 0.60 -6.01
C LYS G 406 -46.76 -0.45 -7.06
N SER G 407 -45.71 -1.01 -7.67
CA SER G 407 -45.90 -2.11 -8.62
C SER G 407 -46.21 -3.41 -7.89
N ASN G 408 -45.48 -3.70 -6.80
CA ASN G 408 -45.70 -4.93 -6.05
C ASN G 408 -46.73 -4.72 -4.94
N GLY G 409 -46.42 -3.85 -3.98
CA GLY G 409 -47.38 -3.41 -2.99
C GLY G 409 -48.18 -4.48 -2.27
N HIS G 410 -47.53 -5.26 -1.38
CA HIS G 410 -48.22 -6.33 -0.68
C HIS G 410 -49.18 -5.77 0.37
N ILE G 411 -50.23 -5.07 -0.08
CA ILE G 411 -51.33 -4.53 0.73
C ILE G 411 -50.82 -3.83 2.00
N TYR G 412 -50.51 -2.54 1.86
CA TYR G 412 -49.95 -1.74 2.94
C TYR G 412 -51.01 -0.80 3.46
N ASP G 413 -51.24 -0.80 4.78
CA ASP G 413 -52.39 -0.15 5.37
C ASP G 413 -52.11 1.24 5.92
N ASN G 414 -50.88 1.76 5.79
CA ASN G 414 -50.57 3.05 6.40
C ASN G 414 -49.70 3.94 5.53
N ARG G 415 -49.65 3.73 4.22
CA ARG G 415 -48.82 4.53 3.33
C ARG G 415 -49.61 5.68 2.70
N ILE G 416 -50.67 5.36 1.98
CA ILE G 416 -51.60 6.33 1.44
C ILE G 416 -53.00 5.91 1.86
N VAL G 417 -53.67 6.75 2.63
CA VAL G 417 -54.92 6.40 3.28
C VAL G 417 -56.00 7.38 2.85
N LEU G 418 -57.21 6.86 2.67
CA LEU G 418 -58.38 7.67 2.38
C LEU G 418 -59.40 7.45 3.48
N ASN G 419 -59.95 8.54 4.01
CA ASN G 419 -61.06 8.44 4.96
C ASN G 419 -62.20 9.30 4.48
N GLY G 420 -63.42 8.90 4.81
CA GLY G 420 -64.57 9.65 4.36
C GLY G 420 -65.90 9.05 4.73
N ILE G 421 -66.87 9.91 5.04
CA ILE G 421 -68.24 9.46 5.30
C ILE G 421 -68.82 8.84 4.03
N ASP G 422 -68.47 9.40 2.87
CA ASP G 422 -68.91 8.87 1.58
C ASP G 422 -67.77 8.16 0.84
N LEU G 423 -66.87 7.51 1.58
CA LEU G 423 -65.79 6.78 0.93
C LEU G 423 -66.31 5.61 0.11
N LYS G 424 -67.32 4.90 0.62
CA LYS G 424 -67.82 3.72 -0.06
C LYS G 424 -68.42 4.06 -1.42
N ALA G 425 -69.16 5.16 -1.51
CA ALA G 425 -69.72 5.57 -2.79
C ALA G 425 -68.62 5.93 -3.78
N PHE G 426 -67.61 6.67 -3.33
CA PHE G 426 -66.49 7.02 -4.19
C PHE G 426 -65.79 5.77 -4.70
N LEU G 427 -65.60 4.78 -3.84
CA LEU G 427 -64.99 3.53 -4.25
C LEU G 427 -65.87 2.79 -5.26
N ASP G 428 -67.19 2.80 -5.04
CA ASP G 428 -68.10 2.15 -5.97
C ASP G 428 -68.11 2.82 -7.33
N SER G 429 -67.70 4.09 -7.41
CA SER G 429 -67.59 4.75 -8.71
C SER G 429 -66.34 4.35 -9.48
N LEU G 430 -65.42 3.49 -8.86
CA LEU G 430 -64.08 3.17 -9.33
C LEU G 430 -64.04 1.77 -10.00
N PRO G 431 -63.11 1.54 -10.96
CA PRO G 431 -63.22 0.34 -11.80
C PRO G 431 -62.98 -0.98 -11.10
N ASP G 432 -61.81 -1.12 -10.48
CA ASP G 432 -61.26 -2.40 -10.06
C ASP G 432 -60.67 -2.26 -8.66
N VAL G 433 -61.44 -1.68 -7.75
CA VAL G 433 -61.02 -1.60 -6.35
C VAL G 433 -61.05 -3.00 -5.74
N LYS G 434 -59.97 -3.37 -5.06
CA LYS G 434 -59.86 -4.69 -4.46
C LYS G 434 -60.23 -4.61 -2.98
N ILE G 435 -60.65 -5.74 -2.42
CA ILE G 435 -60.94 -5.83 -1.00
C ILE G 435 -59.88 -6.72 -0.35
N VAL G 436 -59.48 -6.36 0.87
CA VAL G 436 -58.58 -7.16 1.69
C VAL G 436 -59.27 -7.46 3.01
N LYS G 437 -59.36 -8.74 3.35
CA LYS G 437 -60.09 -9.15 4.55
C LYS G 437 -59.24 -8.93 5.79
N MET G 438 -59.89 -8.45 6.86
CA MET G 438 -59.27 -8.24 8.16
C MET G 438 -59.93 -9.15 9.19
N LYS G 439 -59.50 -9.01 10.44
CA LYS G 439 -60.14 -9.71 11.56
C LYS G 439 -59.66 -9.14 12.89
N ALA G 453 -66.44 -9.40 8.58
CA ALA G 453 -67.34 -8.26 8.49
C ALA G 453 -66.56 -6.96 8.34
N LEU G 454 -65.24 -7.08 8.25
CA LEU G 454 -64.34 -5.93 8.16
C LEU G 454 -63.46 -6.08 6.92
N ASN G 455 -63.43 -5.04 6.09
CA ASN G 455 -62.63 -5.06 4.87
C ASN G 455 -61.84 -3.76 4.74
N MET G 456 -60.73 -3.85 4.02
CA MET G 456 -59.95 -2.67 3.62
C MET G 456 -59.94 -2.61 2.11
N PRO G 457 -60.61 -1.64 1.49
CA PRO G 457 -60.49 -1.46 0.05
C PRO G 457 -59.13 -0.90 -0.33
N VAL G 458 -58.61 -1.38 -1.45
CA VAL G 458 -57.32 -0.96 -1.99
C VAL G 458 -57.56 -0.48 -3.42
N ILE G 459 -57.12 0.75 -3.70
CA ILE G 459 -57.17 1.33 -5.04
C ILE G 459 -55.85 1.01 -5.74
N PRO G 460 -55.89 0.40 -6.92
CA PRO G 460 -54.65 0.13 -7.67
C PRO G 460 -54.16 1.40 -8.33
N MET G 461 -52.94 1.34 -8.86
CA MET G 461 -52.41 2.48 -9.60
C MET G 461 -53.08 2.54 -10.97
N ASN G 462 -54.11 3.36 -11.07
CA ASN G 462 -54.64 3.74 -12.37
C ASN G 462 -54.68 5.26 -12.42
N THR G 463 -55.33 5.83 -13.45
CA THR G 463 -55.31 7.27 -13.64
C THR G 463 -55.91 8.01 -12.44
N ILE G 464 -56.93 7.43 -11.80
CA ILE G 464 -57.56 8.07 -10.64
C ILE G 464 -56.59 8.13 -9.47
N ALA G 465 -55.90 7.02 -9.19
CA ALA G 465 -54.84 7.03 -8.20
C ALA G 465 -53.83 8.12 -8.54
N GLU G 466 -53.33 8.10 -9.78
CA GLU G 466 -52.33 9.07 -10.21
C GLU G 466 -52.79 10.50 -9.97
N ALA G 467 -54.08 10.78 -10.18
CA ALA G 467 -54.60 12.10 -9.86
C ALA G 467 -54.51 12.39 -8.36
N VAL G 468 -54.85 11.40 -7.53
CA VAL G 468 -54.78 11.62 -6.08
C VAL G 468 -53.35 11.90 -5.63
N ILE G 469 -52.41 11.09 -6.13
CA ILE G 469 -51.01 11.29 -5.76
C ILE G 469 -50.49 12.61 -6.31
N GLU G 470 -50.98 13.02 -7.48
CA GLU G 470 -50.61 14.33 -8.02
C GLU G 470 -51.06 15.43 -7.08
N MET G 471 -52.32 15.38 -6.63
CA MET G 471 -52.80 16.40 -5.70
C MET G 471 -51.95 16.43 -4.44
N ILE G 472 -51.59 15.26 -3.91
CA ILE G 472 -50.76 15.21 -2.72
C ILE G 472 -49.39 15.84 -3.00
N ASN G 473 -48.78 15.52 -4.14
CA ASN G 473 -47.41 15.93 -4.41
C ASN G 473 -47.31 17.43 -4.68
N ARG G 474 -48.24 17.99 -5.45
CA ARG G 474 -48.18 19.41 -5.77
C ARG G 474 -48.62 20.29 -4.61
N GLY G 475 -49.18 19.73 -3.54
CA GLY G 475 -49.70 20.53 -2.46
C GLY G 475 -51.02 21.19 -2.75
N GLN G 476 -51.79 20.66 -3.70
CA GLN G 476 -53.10 21.22 -3.99
C GLN G 476 -54.06 20.99 -2.85
N ILE G 477 -55.00 21.93 -2.67
CA ILE G 477 -55.93 21.85 -1.55
C ILE G 477 -56.90 20.70 -1.75
N GLN G 478 -57.47 20.57 -2.95
CA GLN G 478 -58.52 19.59 -3.19
C GLN G 478 -58.64 19.32 -4.69
N ILE G 479 -59.30 18.22 -5.01
CA ILE G 479 -59.65 17.85 -6.38
C ILE G 479 -61.06 17.26 -6.39
N THR G 480 -61.55 16.99 -7.60
CA THR G 480 -62.83 16.36 -7.82
C THR G 480 -62.62 15.11 -8.66
N ILE G 481 -63.17 13.98 -8.20
CA ILE G 481 -63.11 12.72 -8.94
C ILE G 481 -64.50 12.11 -8.96
N ASN G 482 -65.08 12.01 -10.15
CA ASN G 482 -66.43 11.44 -10.33
C ASN G 482 -67.46 12.14 -9.45
N GLY G 483 -67.31 13.46 -9.32
CA GLY G 483 -68.21 14.25 -8.50
C GLY G 483 -67.91 14.22 -7.03
N PHE G 484 -66.90 13.46 -6.59
CA PHE G 484 -66.56 13.35 -5.18
C PHE G 484 -65.43 14.31 -4.84
N SER G 485 -65.56 14.95 -3.67
CA SER G 485 -64.62 15.96 -3.21
C SER G 485 -63.48 15.28 -2.46
N ILE G 486 -62.27 15.40 -2.99
CA ILE G 486 -61.09 14.73 -2.45
C ILE G 486 -60.14 15.80 -1.92
N SER G 487 -59.98 15.85 -0.61
CA SER G 487 -59.23 16.90 0.07
C SER G 487 -57.85 16.42 0.50
N ASN G 488 -56.92 17.39 0.54
CA ASN G 488 -55.57 17.15 1.02
C ASN G 488 -55.56 17.21 2.54
N GLY G 489 -55.02 16.16 3.17
CA GLY G 489 -55.03 16.07 4.62
C GLY G 489 -54.30 17.21 5.31
N LEU G 490 -53.33 17.81 4.62
CA LEU G 490 -52.61 18.95 5.17
C LEU G 490 -53.41 20.24 5.09
N ALA G 491 -54.42 20.30 4.23
CA ALA G 491 -55.15 21.53 3.96
C ALA G 491 -56.49 21.59 4.67
N THR G 492 -56.75 20.69 5.64
CA THR G 492 -58.08 20.55 6.19
C THR G 492 -58.60 21.86 6.79
N THR G 493 -57.74 22.58 7.51
CA THR G 493 -58.16 23.83 8.14
C THR G 493 -58.62 24.86 7.11
N GLN G 494 -58.13 24.76 5.87
CA GLN G 494 -58.56 25.67 4.82
C GLN G 494 -59.88 25.27 4.19
N ILE G 495 -60.25 23.99 4.24
CA ILE G 495 -61.52 23.57 3.65
C ILE G 495 -62.67 23.81 4.60
N ASN G 496 -62.51 23.40 5.85
CA ASN G 496 -63.58 23.56 6.85
C ASN G 496 -62.89 23.60 8.22
N ASN G 497 -62.73 24.80 8.77
CA ASN G 497 -62.00 24.95 10.02
C ASN G 497 -62.71 24.27 11.18
N LYS G 498 -64.04 24.17 11.13
CA LYS G 498 -64.76 23.42 12.15
C LYS G 498 -64.44 21.94 12.09
N ALA G 499 -64.20 21.41 10.89
CA ALA G 499 -63.82 20.01 10.76
C ALA G 499 -62.42 19.73 11.31
N ALA G 500 -61.51 20.69 11.15
CA ALA G 500 -60.13 20.49 11.59
C ALA G 500 -60.05 20.42 13.12
N THR G 501 -60.82 21.26 13.81
CA THR G 501 -60.78 21.30 15.27
C THR G 501 -61.49 20.11 15.92
N GLY G 502 -62.21 19.31 15.15
CA GLY G 502 -63.08 18.29 15.69
C GLY G 502 -64.48 18.76 16.00
N GLU G 503 -64.80 20.03 15.74
CA GLU G 503 -66.13 20.55 16.01
C GLU G 503 -67.15 20.02 15.02
N GLU G 504 -66.72 19.67 13.81
CA GLU G 504 -67.60 19.11 12.79
C GLU G 504 -66.94 17.87 12.20
N VAL G 505 -67.78 16.93 11.78
CA VAL G 505 -67.29 15.79 11.00
C VAL G 505 -66.99 16.27 9.58
N PRO G 506 -65.82 15.97 9.02
CA PRO G 506 -65.53 16.40 7.65
C PRO G 506 -66.55 15.84 6.67
N ARG G 507 -66.91 16.66 5.68
CA ARG G 507 -67.90 16.29 4.69
C ARG G 507 -67.28 16.02 3.32
N THR G 508 -65.95 15.94 3.24
CA THR G 508 -65.23 15.50 2.05
C THR G 508 -64.37 14.31 2.40
N ILE G 509 -63.73 13.73 1.38
CA ILE G 509 -62.90 12.54 1.56
C ILE G 509 -61.45 12.99 1.67
N ILE G 510 -60.82 12.72 2.81
CA ILE G 510 -59.50 13.23 3.13
C ILE G 510 -58.44 12.19 2.78
N VAL G 511 -57.33 12.66 2.21
CA VAL G 511 -56.20 11.81 1.84
C VAL G 511 -55.03 12.11 2.78
N THR G 512 -54.43 11.07 3.33
CA THR G 512 -53.33 11.18 4.29
C THR G 512 -52.20 10.26 3.85
N THR G 513 -51.01 10.83 3.61
CA THR G 513 -49.89 10.06 3.10
C THR G 513 -48.65 10.28 3.97
N ARG G 514 -47.79 9.26 4.01
CA ARG G 514 -46.54 9.37 4.74
C ARG G 514 -45.63 10.44 4.16
N SER G 515 -45.75 10.70 2.85
CA SER G 515 -44.94 11.73 2.22
C SER G 515 -45.22 13.11 2.80
N GLN G 516 -46.46 13.34 3.24
CA GLN G 516 -46.82 14.65 3.80
C GLN G 516 -45.99 14.96 5.04
N TYR G 517 -45.63 13.95 5.83
CA TYR G 517 -44.97 14.15 7.10
C TYR G 517 -43.53 13.67 7.11
N GLY G 518 -42.99 13.25 5.96
CA GLY G 518 -41.62 12.82 5.86
C GLY G 518 -41.35 11.39 6.28
N LEU G 519 -42.37 10.63 6.65
CA LEU G 519 -42.17 9.26 7.08
C LEU G 519 -41.78 8.40 5.90
N PRO G 520 -40.63 7.72 5.94
CA PRO G 520 -40.26 6.85 4.82
C PRO G 520 -41.25 5.70 4.70
N GLU G 521 -41.62 5.39 3.45
CA GLU G 521 -42.30 4.14 3.22
C GLU G 521 -41.34 2.98 3.46
N ASP G 522 -41.85 1.75 3.36
CA ASP G 522 -41.14 0.52 3.70
C ASP G 522 -40.33 0.65 4.98
N ALA G 523 -40.86 1.42 5.94
CA ALA G 523 -40.21 1.65 7.22
C ALA G 523 -41.21 1.46 8.36
N ILE G 524 -40.76 0.77 9.41
CA ILE G 524 -41.55 0.67 10.63
C ILE G 524 -41.54 2.02 11.33
N VAL G 525 -42.72 2.58 11.56
CA VAL G 525 -42.84 3.90 12.15
C VAL G 525 -43.39 3.73 13.56
N TYR G 526 -42.51 3.80 14.57
CA TYR G 526 -42.95 3.97 15.94
C TYR G 526 -43.30 5.43 16.14
N CYS G 527 -44.32 5.71 16.95
CA CYS G 527 -44.78 7.09 17.10
C CYS G 527 -45.07 7.40 18.56
N ASN G 528 -45.01 8.70 18.87
CA ASN G 528 -45.47 9.21 20.16
C ASN G 528 -45.81 10.68 19.98
N PHE G 529 -47.09 11.01 20.10
CA PHE G 529 -47.59 12.36 19.87
C PHE G 529 -47.78 13.14 21.16
N ASN G 530 -47.17 12.70 22.25
CA ASN G 530 -47.32 13.37 23.53
C ASN G 530 -46.45 14.62 23.60
N GLN G 531 -46.76 15.46 24.59
CA GLN G 531 -45.87 16.57 24.90
C GLN G 531 -44.54 16.04 25.39
N LEU G 532 -43.45 16.66 24.91
CA LEU G 532 -42.12 16.09 25.12
C LEU G 532 -41.71 16.05 26.58
N TYR G 533 -42.39 16.79 27.47
CA TYR G 533 -42.06 16.73 28.89
C TYR G 533 -42.26 15.34 29.47
N LYS G 534 -43.07 14.50 28.83
CA LYS G 534 -43.34 13.16 29.33
C LYS G 534 -42.17 12.20 29.12
N ILE G 535 -41.15 12.61 28.37
CA ILE G 535 -39.98 11.77 28.10
C ILE G 535 -38.88 12.12 29.09
N ASP G 536 -38.22 11.09 29.60
CA ASP G 536 -37.04 11.25 30.46
C ASP G 536 -35.89 10.47 29.81
N PRO G 537 -34.65 10.60 30.30
CA PRO G 537 -33.54 9.88 29.65
C PRO G 537 -33.75 8.38 29.54
N SER G 538 -34.38 7.77 30.55
CA SER G 538 -34.59 6.31 30.51
C SER G 538 -35.50 5.92 29.36
N THR G 539 -36.57 6.69 29.11
CA THR G 539 -37.46 6.39 28.00
C THR G 539 -36.75 6.52 26.66
N LEU G 540 -35.92 7.55 26.51
CA LEU G 540 -35.17 7.71 25.27
C LEU G 540 -34.19 6.57 25.07
N GLN G 541 -33.54 6.12 26.15
CA GLN G 541 -32.64 4.98 26.03
C GLN G 541 -33.39 3.72 25.61
N MET G 542 -34.57 3.49 26.20
CA MET G 542 -35.43 2.38 25.80
C MET G 542 -35.73 2.44 24.31
N TRP G 543 -36.21 3.60 23.84
CA TRP G 543 -36.57 3.76 22.44
C TRP G 543 -35.36 3.57 21.54
N ALA G 544 -34.20 4.04 21.97
CA ALA G 544 -32.97 3.84 21.21
C ALA G 544 -32.66 2.36 21.06
N ASN G 545 -32.87 1.59 22.14
CA ASN G 545 -32.68 0.15 22.05
C ASN G 545 -33.61 -0.48 21.02
N ILE G 546 -34.89 -0.10 21.06
CA ILE G 546 -35.83 -0.67 20.10
C ILE G 546 -35.41 -0.31 18.67
N LEU G 547 -35.03 0.95 18.45
CA LEU G 547 -34.64 1.38 17.12
C LEU G 547 -33.39 0.66 16.64
N LYS G 548 -32.42 0.44 17.52
CA LYS G 548 -31.21 -0.26 17.14
C LYS G 548 -31.51 -1.71 16.79
N ARG G 549 -32.47 -2.33 17.49
CA ARG G 549 -32.80 -3.71 17.17
C ARG G 549 -33.74 -3.85 15.97
N VAL G 550 -34.34 -2.75 15.50
CA VAL G 550 -35.16 -2.77 14.30
C VAL G 550 -34.60 -1.72 13.34
N PRO G 551 -33.57 -2.06 12.55
CA PRO G 551 -32.89 -1.04 11.74
C PRO G 551 -33.78 -0.38 10.70
N ASN G 552 -34.84 -1.04 10.24
CA ASN G 552 -35.75 -0.46 9.25
C ASN G 552 -36.89 0.30 9.92
N SER G 553 -36.54 1.20 10.85
CA SER G 553 -37.57 1.85 11.64
C SER G 553 -37.14 3.27 11.98
N VAL G 554 -38.16 4.11 12.23
CA VAL G 554 -38.00 5.50 12.64
C VAL G 554 -38.93 5.76 13.82
N LEU G 555 -38.62 6.84 14.54
CA LEU G 555 -39.42 7.29 15.68
C LEU G 555 -40.02 8.65 15.35
N TRP G 556 -41.34 8.75 15.44
CA TRP G 556 -42.10 9.91 15.01
C TRP G 556 -42.52 10.71 16.24
N LEU G 557 -42.03 11.94 16.34
CA LEU G 557 -42.33 12.80 17.48
C LEU G 557 -42.85 14.14 16.96
N LEU G 558 -43.31 14.96 17.91
CA LEU G 558 -43.86 16.27 17.60
C LEU G 558 -43.00 17.37 18.21
N ARG G 559 -42.94 18.50 17.51
CA ARG G 559 -42.29 19.70 18.03
C ARG G 559 -43.22 20.28 19.10
N PHE G 560 -43.18 19.65 20.28
CA PHE G 560 -44.19 19.83 21.31
C PHE G 560 -43.52 20.04 22.67
N PRO G 561 -42.80 21.17 22.85
CA PRO G 561 -42.56 22.30 21.94
C PRO G 561 -41.36 22.08 21.03
N ALA G 562 -41.16 22.97 20.05
CA ALA G 562 -40.09 22.77 19.07
C ALA G 562 -38.71 22.88 19.70
N VAL G 563 -38.58 23.67 20.77
CA VAL G 563 -37.28 23.87 21.40
C VAL G 563 -36.67 22.54 21.85
N GLY G 564 -37.52 21.58 22.20
CA GLY G 564 -37.03 20.29 22.65
C GLY G 564 -36.52 19.38 21.56
N GLU G 565 -36.78 19.71 20.29
CA GLU G 565 -36.31 18.85 19.21
C GLU G 565 -34.79 18.73 19.17
N PRO G 566 -34.00 19.81 19.24
CA PRO G 566 -32.54 19.63 19.27
C PRO G 566 -32.08 18.79 20.46
N ASN G 567 -32.53 19.13 21.67
CA ASN G 567 -32.09 18.42 22.86
C ASN G 567 -32.30 16.92 22.71
N ILE G 568 -33.52 16.52 22.36
CA ILE G 568 -33.80 15.10 22.16
C ILE G 568 -32.83 14.52 21.14
N GLN G 569 -32.70 15.20 19.98
CA GLN G 569 -31.77 14.72 18.97
C GLN G 569 -30.37 14.61 19.54
N GLN G 570 -29.93 15.63 20.28
CA GLN G 570 -28.63 15.56 20.95
C GLN G 570 -28.47 14.23 21.65
N TYR G 571 -29.38 13.93 22.58
CA TYR G 571 -29.23 12.71 23.36
C TYR G 571 -29.35 11.47 22.48
N ALA G 572 -30.23 11.54 21.47
CA ALA G 572 -30.36 10.43 20.53
C ALA G 572 -29.07 10.19 19.77
N GLN G 573 -28.37 11.27 19.39
CA GLN G 573 -27.07 11.09 18.76
C GLN G 573 -26.05 10.55 19.74
N ASN G 574 -26.20 10.88 21.03
CA ASN G 574 -25.25 10.42 22.03
C ASN G 574 -25.43 8.96 22.36
N MET G 575 -26.65 8.43 22.20
CA MET G 575 -26.90 7.01 22.36
C MET G 575 -26.59 6.22 21.09
N GLY G 576 -26.19 6.88 20.02
CA GLY G 576 -25.77 6.20 18.81
C GLY G 576 -26.80 6.14 17.70
N LEU G 577 -27.86 6.94 17.76
CA LEU G 577 -28.79 6.94 16.65
C LEU G 577 -28.45 8.08 15.69
N PRO G 578 -28.26 7.80 14.40
CA PRO G 578 -28.13 8.89 13.43
C PRO G 578 -29.36 9.77 13.43
N GLN G 579 -29.22 10.96 12.84
CA GLN G 579 -30.27 11.98 12.93
C GLN G 579 -31.59 11.48 12.34
N ASN G 580 -31.54 10.89 11.14
CA ASN G 580 -32.77 10.56 10.43
C ASN G 580 -33.53 9.39 11.05
N ARG G 581 -33.04 8.82 12.15
CA ARG G 581 -33.81 7.81 12.85
C ARG G 581 -35.01 8.40 13.57
N ILE G 582 -34.99 9.70 13.87
CA ILE G 582 -36.10 10.38 14.52
C ILE G 582 -36.62 11.46 13.59
N ILE G 583 -37.93 11.47 13.40
CA ILE G 583 -38.62 12.35 12.48
C ILE G 583 -39.59 13.19 13.30
N PHE G 584 -39.48 14.51 13.19
CA PHE G 584 -40.32 15.43 13.93
C PHE G 584 -41.35 16.06 13.00
N SER G 585 -42.55 16.24 13.51
CA SER G 585 -43.64 16.90 12.80
C SER G 585 -44.21 18.00 13.67
N PRO G 586 -44.79 19.03 13.07
CA PRO G 586 -45.42 20.09 13.87
C PRO G 586 -46.71 19.59 14.51
N VAL G 587 -47.11 20.28 15.59
CA VAL G 587 -48.41 20.02 16.18
C VAL G 587 -49.48 20.35 15.16
N ALA G 588 -50.45 19.47 15.03
CA ALA G 588 -51.49 19.59 14.01
C ALA G 588 -52.83 19.88 14.65
N PRO G 589 -53.81 20.35 13.85
CA PRO G 589 -55.19 20.42 14.35
C PRO G 589 -55.65 19.07 14.89
N LYS G 590 -56.69 19.09 15.73
CA LYS G 590 -57.15 17.87 16.39
C LYS G 590 -57.46 16.77 15.38
N GLU G 591 -58.25 17.09 14.37
CA GLU G 591 -58.68 16.07 13.41
C GLU G 591 -57.51 15.52 12.62
N GLU G 592 -56.63 16.40 12.13
CA GLU G 592 -55.46 15.94 11.40
C GLU G 592 -54.54 15.12 12.29
N HIS G 593 -54.40 15.53 13.55
CA HIS G 593 -53.54 14.81 14.47
C HIS G 593 -54.05 13.39 14.72
N VAL G 594 -55.36 13.24 14.91
CA VAL G 594 -55.92 11.90 15.11
C VAL G 594 -55.85 11.10 13.82
N ARG G 595 -56.13 11.74 12.68
CA ARG G 595 -56.15 11.04 11.40
C ARG G 595 -54.77 10.51 11.02
N ARG G 596 -53.73 11.31 11.23
CA ARG G 596 -52.39 10.95 10.79
C ARG G 596 -51.74 9.88 11.66
N GLY G 597 -52.35 9.51 12.78
CA GLY G 597 -51.90 8.35 13.51
C GLY G 597 -52.09 7.05 12.73
N GLN G 598 -52.97 7.06 11.72
CA GLN G 598 -53.14 5.91 10.86
C GLN G 598 -51.86 5.57 10.10
N LEU G 599 -50.92 6.51 10.01
CA LEU G 599 -49.70 6.29 9.25
C LEU G 599 -48.66 5.51 10.06
N ALA G 600 -48.73 5.59 11.39
CA ALA G 600 -47.79 4.88 12.22
C ALA G 600 -48.12 3.39 12.26
N ASP G 601 -47.09 2.57 12.52
CA ASP G 601 -47.29 1.14 12.72
C ASP G 601 -47.58 0.82 14.18
N VAL G 602 -46.78 1.38 15.09
CA VAL G 602 -46.90 1.15 16.52
C VAL G 602 -46.66 2.48 17.24
N CYS G 603 -47.36 2.67 18.35
CA CYS G 603 -47.15 3.83 19.22
C CYS G 603 -46.41 3.36 20.47
N LEU G 604 -45.33 4.07 20.82
CA LEU G 604 -44.51 3.74 21.98
C LEU G 604 -44.87 4.70 23.11
N ASP G 605 -45.54 4.18 24.14
CA ASP G 605 -46.04 5.01 25.22
C ASP G 605 -44.92 5.41 26.17
N THR G 606 -45.05 6.61 26.74
CA THR G 606 -44.07 7.13 27.69
C THR G 606 -44.34 6.54 29.07
N PRO G 607 -43.41 5.79 29.66
CA PRO G 607 -43.66 5.20 30.98
C PRO G 607 -43.70 6.20 32.12
N LEU G 608 -42.95 7.30 32.03
CA LEU G 608 -42.94 8.27 33.13
C LEU G 608 -44.31 8.89 33.34
N CYS G 609 -44.95 9.30 32.26
CA CYS G 609 -46.33 9.77 32.31
C CYS G 609 -47.00 9.34 31.01
N ASN G 610 -47.94 8.41 31.12
CA ASN G 610 -48.59 7.86 29.92
C ASN G 610 -49.32 8.96 29.17
N GLY G 611 -49.46 8.75 27.86
CA GLY G 611 -50.43 9.52 27.11
C GLY G 611 -51.83 9.14 27.54
N HIS G 612 -52.62 10.14 27.95
CA HIS G 612 -53.98 9.87 28.40
C HIS G 612 -55.02 10.17 27.32
N THR G 613 -55.09 11.43 26.87
CA THR G 613 -55.88 11.72 25.67
C THR G 613 -55.15 11.24 24.43
N THR G 614 -53.84 11.41 24.41
CA THR G 614 -53.02 10.94 23.28
C THR G 614 -53.16 9.44 23.10
N GLY G 615 -53.30 8.69 24.19
CA GLY G 615 -53.51 7.26 24.07
C GLY G 615 -54.80 6.92 23.34
N MET G 616 -55.90 7.58 23.73
CA MET G 616 -57.17 7.37 23.04
C MET G 616 -57.08 7.79 21.58
N ASP G 617 -56.39 8.91 21.30
CA ASP G 617 -56.24 9.37 19.93
C ASP G 617 -55.50 8.33 19.08
N VAL G 618 -54.40 7.79 19.60
CA VAL G 618 -53.63 6.82 18.82
C VAL G 618 -54.39 5.51 18.69
N LEU G 619 -55.19 5.14 19.69
CA LEU G 619 -55.94 3.90 19.59
C LEU G 619 -57.08 4.01 18.60
N TRP G 620 -57.69 5.20 18.48
CA TRP G 620 -58.81 5.35 17.54
C TRP G 620 -58.37 5.17 16.09
N ALA G 621 -57.08 5.36 15.79
CA ALA G 621 -56.55 5.14 14.46
C ALA G 621 -56.17 3.68 14.22
N GLY G 622 -56.44 2.79 15.16
CA GLY G 622 -56.05 1.40 15.02
C GLY G 622 -54.58 1.14 15.22
N THR G 623 -53.88 2.04 15.91
CA THR G 623 -52.44 1.91 16.12
C THR G 623 -52.19 1.23 17.46
N PRO G 624 -51.60 0.03 17.49
CA PRO G 624 -51.30 -0.61 18.77
C PRO G 624 -50.33 0.23 19.58
N MET G 625 -50.57 0.29 20.90
CA MET G 625 -49.76 1.08 21.81
C MET G 625 -49.05 0.14 22.77
N VAL G 626 -47.73 0.28 22.88
CA VAL G 626 -46.92 -0.50 23.81
C VAL G 626 -46.67 0.36 25.04
N THR G 627 -47.03 -0.15 26.21
CA THR G 627 -46.93 0.61 27.45
C THR G 627 -46.30 -0.24 28.54
N MET G 628 -45.71 0.44 29.52
CA MET G 628 -45.16 -0.19 30.72
C MET G 628 -45.77 0.54 31.91
N PRO G 629 -46.78 -0.04 32.55
CA PRO G 629 -47.45 0.67 33.65
C PRO G 629 -46.54 0.79 34.86
N GLY G 630 -46.49 1.98 35.43
CA GLY G 630 -45.69 2.27 36.61
C GLY G 630 -46.50 2.21 37.88
N GLU G 631 -46.12 3.03 38.85
CA GLU G 631 -46.78 3.07 40.14
C GLU G 631 -47.79 4.21 40.26
N THR G 632 -47.46 5.40 39.76
CA THR G 632 -48.38 6.52 39.81
C THR G 632 -49.57 6.30 38.89
N LEU G 633 -50.68 6.96 39.22
CA LEU G 633 -51.88 6.90 38.37
C LEU G 633 -51.54 7.30 36.94
N ALA G 634 -50.82 8.41 36.77
CA ALA G 634 -50.52 8.93 35.45
C ALA G 634 -49.70 7.94 34.62
N SER G 635 -48.91 7.09 35.27
CA SER G 635 -48.08 6.11 34.58
C SER G 635 -48.81 4.80 34.29
N ARG G 636 -50.10 4.71 34.62
CA ARG G 636 -50.86 3.48 34.45
C ARG G 636 -52.09 3.63 33.56
N VAL G 637 -52.38 4.83 33.06
CA VAL G 637 -53.62 5.06 32.32
C VAL G 637 -53.61 4.28 31.00
N ALA G 638 -52.47 4.29 30.30
CA ALA G 638 -52.39 3.58 29.01
C ALA G 638 -52.63 2.10 29.19
N ALA G 639 -52.09 1.51 30.25
CA ALA G 639 -52.32 0.09 30.52
C ALA G 639 -53.81 -0.18 30.78
N SER G 640 -54.49 0.73 31.49
CA SER G 640 -55.91 0.57 31.72
C SER G 640 -56.69 0.63 30.40
N GLN G 641 -56.33 1.57 29.53
CA GLN G 641 -56.97 1.66 28.23
C GLN G 641 -56.79 0.38 27.44
N LEU G 642 -55.56 -0.15 27.43
CA LEU G 642 -55.29 -1.37 26.67
C LEU G 642 -56.01 -2.58 27.27
N THR G 643 -56.09 -2.65 28.60
CA THR G 643 -56.83 -3.73 29.24
C THR G 643 -58.31 -3.67 28.84
N CYS G 644 -58.89 -2.47 28.84
CA CYS G 644 -60.27 -2.34 28.40
C CYS G 644 -60.41 -2.71 26.92
N LEU G 645 -59.39 -2.42 26.11
CA LEU G 645 -59.45 -2.73 24.69
C LEU G 645 -59.42 -4.22 24.42
N GLY G 646 -58.75 -4.99 25.29
CA GLY G 646 -58.53 -6.40 25.06
C GLY G 646 -57.17 -6.75 24.51
N CYS G 647 -56.14 -5.97 24.84
CA CYS G 647 -54.81 -6.05 24.22
C CYS G 647 -53.74 -6.18 25.29
N LEU G 648 -53.89 -7.17 26.16
CA LEU G 648 -52.95 -7.39 27.25
C LEU G 648 -51.52 -7.66 26.78
N GLU G 649 -51.33 -8.11 25.52
CA GLU G 649 -50.00 -8.41 25.02
C GLU G 649 -49.20 -7.16 24.69
N LEU G 650 -49.79 -5.98 24.77
CA LEU G 650 -49.07 -4.72 24.57
C LEU G 650 -48.65 -4.09 25.90
N ILE G 651 -48.87 -4.78 27.01
CA ILE G 651 -48.55 -4.29 28.35
C ILE G 651 -47.32 -5.02 28.85
N ALA G 652 -46.30 -4.26 29.26
CA ALA G 652 -45.01 -4.81 29.64
C ALA G 652 -44.77 -4.62 31.13
N LYS G 653 -44.14 -5.61 31.75
CA LYS G 653 -43.88 -5.58 33.18
C LYS G 653 -42.54 -4.93 33.53
N ASN G 654 -41.67 -4.68 32.56
CA ASN G 654 -40.39 -4.02 32.79
C ASN G 654 -39.90 -3.45 31.48
N ARG G 655 -38.75 -2.77 31.53
CA ARG G 655 -38.17 -2.16 30.33
C ARG G 655 -37.92 -3.21 29.26
N GLN G 656 -37.36 -4.36 29.65
CA GLN G 656 -36.98 -5.37 28.68
C GLN G 656 -38.19 -5.91 27.93
N GLU G 657 -39.30 -6.16 28.64
CA GLU G 657 -40.49 -6.66 27.96
C GLU G 657 -41.06 -5.59 27.02
N TYR G 658 -41.00 -4.32 27.43
CA TYR G 658 -41.43 -3.23 26.55
C TYR G 658 -40.65 -3.25 25.24
N GLU G 659 -39.32 -3.28 25.36
CA GLU G 659 -38.49 -3.33 24.16
C GLU G 659 -38.78 -4.56 23.32
N ASP G 660 -38.95 -5.72 23.98
CA ASP G 660 -39.19 -6.95 23.24
C ASP G 660 -40.51 -6.91 22.47
N ILE G 661 -41.57 -6.39 23.11
CA ILE G 661 -42.85 -6.26 22.41
C ILE G 661 -42.70 -5.35 21.20
N ALA G 662 -42.03 -4.20 21.39
CA ALA G 662 -41.87 -3.26 20.29
C ALA G 662 -41.07 -3.88 19.14
N VAL G 663 -39.99 -4.59 19.47
CA VAL G 663 -39.15 -5.19 18.43
C VAL G 663 -39.88 -6.30 17.70
N LYS G 664 -40.64 -7.14 18.42
CA LYS G 664 -41.41 -8.17 17.75
C LYS G 664 -42.45 -7.55 16.81
N LEU G 665 -43.10 -6.48 17.26
CA LEU G 665 -44.05 -5.79 16.38
C LEU G 665 -43.34 -5.21 15.16
N GLY G 666 -42.12 -4.72 15.33
CA GLY G 666 -41.38 -4.13 14.24
C GLY G 666 -40.69 -5.10 13.30
N THR G 667 -40.59 -6.38 13.67
CA THR G 667 -39.92 -7.35 12.82
C THR G 667 -40.84 -8.46 12.29
N ASP G 668 -41.84 -8.88 13.05
CA ASP G 668 -42.75 -9.94 12.64
C ASP G 668 -43.97 -9.30 11.99
N LEU G 669 -43.91 -9.12 10.67
CA LEU G 669 -44.95 -8.38 9.97
C LEU G 669 -46.31 -9.06 10.06
N GLU G 670 -46.34 -10.39 10.15
CA GLU G 670 -47.61 -11.08 10.34
C GLU G 670 -48.17 -10.82 11.74
N TYR G 671 -47.31 -10.84 12.76
CA TYR G 671 -47.74 -10.49 14.12
C TYR G 671 -48.22 -9.05 14.17
N LEU G 672 -47.51 -8.14 13.50
CA LEU G 672 -47.96 -6.75 13.44
C LEU G 672 -49.32 -6.64 12.78
N LYS G 673 -49.53 -7.35 11.67
CA LYS G 673 -50.82 -7.35 11.00
C LYS G 673 -51.92 -7.82 11.95
N LYS G 674 -51.65 -8.92 12.67
CA LYS G 674 -52.65 -9.47 13.58
C LYS G 674 -53.00 -8.49 14.69
N VAL G 675 -51.99 -7.91 15.34
CA VAL G 675 -52.25 -7.01 16.47
C VAL G 675 -52.93 -5.73 16.00
N ARG G 676 -52.50 -5.20 14.85
CA ARG G 676 -53.14 -4.01 14.31
C ARG G 676 -54.60 -4.27 13.98
N GLY G 677 -54.90 -5.43 13.38
CA GLY G 677 -56.29 -5.78 13.14
C GLY G 677 -57.09 -5.92 14.42
N LYS G 678 -56.45 -6.45 15.46
CA LYS G 678 -57.12 -6.57 16.75
C LYS G 678 -57.49 -5.20 17.31
N VAL G 679 -56.56 -4.25 17.26
CA VAL G 679 -56.85 -2.90 17.73
C VAL G 679 -57.95 -2.27 16.89
N TRP G 680 -57.87 -2.45 15.56
CA TRP G 680 -58.84 -1.88 14.64
C TRP G 680 -60.25 -2.40 14.94
N LYS G 681 -60.38 -3.70 15.21
CA LYS G 681 -61.70 -4.27 15.50
C LYS G 681 -62.18 -3.91 16.90
N GLN G 682 -61.31 -3.97 17.89
CA GLN G 682 -61.74 -3.82 19.28
C GLN G 682 -61.89 -2.38 19.72
N ARG G 683 -61.37 -1.40 18.95
CA ARG G 683 -61.71 -0.03 19.25
C ARG G 683 -63.21 0.22 19.09
N ILE G 684 -63.89 -0.63 18.32
CA ILE G 684 -65.34 -0.60 18.22
C ILE G 684 -65.98 -1.68 19.07
N SER G 685 -65.41 -2.89 19.08
CA SER G 685 -66.02 -3.99 19.82
C SER G 685 -65.97 -3.75 21.33
N SER G 686 -64.83 -3.31 21.85
CA SER G 686 -64.64 -3.13 23.28
C SER G 686 -65.46 -1.95 23.79
N PRO G 687 -65.60 -1.80 25.11
CA PRO G 687 -66.28 -0.62 25.65
C PRO G 687 -65.42 0.63 25.77
N LEU G 688 -64.21 0.63 25.19
CA LEU G 688 -63.27 1.72 25.41
C LEU G 688 -63.84 3.05 24.94
N PHE G 689 -64.42 3.08 23.75
CA PHE G 689 -64.95 4.30 23.16
C PHE G 689 -66.47 4.37 23.20
N ASN G 690 -67.11 3.53 24.01
CA ASN G 690 -68.56 3.51 24.11
C ASN G 690 -68.98 4.50 25.19
N THR G 691 -69.47 5.67 24.78
CA THR G 691 -69.84 6.70 25.74
C THR G 691 -71.13 6.36 26.48
N LYS G 692 -72.08 5.69 25.83
CA LYS G 692 -73.32 5.32 26.50
C LYS G 692 -73.07 4.30 27.60
N GLN G 693 -72.28 3.26 27.31
CA GLN G 693 -71.94 2.27 28.33
C GLN G 693 -71.17 2.91 29.47
N TYR G 694 -70.22 3.79 29.16
CA TYR G 694 -69.50 4.50 30.20
C TYR G 694 -70.44 5.31 31.07
N THR G 695 -71.39 6.01 30.45
CA THR G 695 -72.32 6.83 31.21
C THR G 695 -73.18 5.98 32.13
N MET G 696 -73.66 4.83 31.63
CA MET G 696 -74.49 3.96 32.46
C MET G 696 -73.71 3.38 33.63
N GLU G 697 -72.44 2.99 33.39
CA GLU G 697 -71.63 2.46 34.49
C GLU G 697 -71.30 3.55 35.50
N LEU G 698 -71.01 4.77 35.02
CA LEU G 698 -70.81 5.91 35.90
C LEU G 698 -72.06 6.18 36.73
N GLU G 699 -73.23 5.99 36.13
CA GLU G 699 -74.50 6.13 36.86
C GLU G 699 -74.61 5.08 37.96
N ARG G 700 -74.24 3.84 37.66
CA ARG G 700 -74.23 2.78 38.67
C ARG G 700 -73.34 3.18 39.84
N LEU G 701 -72.15 3.69 39.55
CA LEU G 701 -71.22 4.09 40.60
C LEU G 701 -71.76 5.27 41.42
N TYR G 702 -72.36 6.26 40.74
CA TYR G 702 -73.01 7.37 41.43
C TYR G 702 -74.05 6.87 42.40
N LEU G 703 -74.88 5.93 41.95
CA LEU G 703 -75.95 5.41 42.80
C LEU G 703 -75.37 4.63 43.98
N GLN G 704 -74.27 3.90 43.76
CA GLN G 704 -73.60 3.25 44.88
C GLN G 704 -73.18 4.27 45.93
N MET G 705 -72.53 5.35 45.50
CA MET G 705 -72.09 6.38 46.43
C MET G 705 -73.27 6.99 47.17
N TRP G 706 -74.36 7.28 46.45
CA TRP G 706 -75.49 7.95 47.08
C TRP G 706 -76.20 7.04 48.07
N GLU G 707 -76.37 5.76 47.72
CA GLU G 707 -76.97 4.82 48.66
C GLU G 707 -76.10 4.69 49.91
N HIS G 708 -74.78 4.66 49.73
CA HIS G 708 -73.89 4.59 50.88
C HIS G 708 -74.06 5.81 51.78
N TYR G 709 -74.13 7.01 51.19
CA TYR G 709 -74.25 8.22 51.99
C TYR G 709 -75.62 8.30 52.67
N ALA G 710 -76.68 7.94 51.95
CA ALA G 710 -78.04 8.10 52.46
C ALA G 710 -78.33 7.10 53.57
N ALA G 711 -77.64 5.97 53.60
CA ALA G 711 -77.74 5.02 54.69
C ALA G 711 -76.94 5.45 55.92
N GLY G 712 -76.50 6.71 55.97
CA GLY G 712 -75.81 7.25 57.12
C GLY G 712 -74.32 7.02 57.15
N ASN G 713 -73.76 6.33 56.16
CA ASN G 713 -72.35 5.98 56.19
C ASN G 713 -71.49 7.11 55.64
N LYS G 714 -70.27 7.21 56.16
CA LYS G 714 -69.23 8.05 55.59
C LYS G 714 -68.56 7.32 54.43
N PRO G 715 -67.93 8.06 53.51
CA PRO G 715 -67.42 7.43 52.29
C PRO G 715 -66.42 6.31 52.56
N ASP G 716 -66.49 5.27 51.72
CA ASP G 716 -65.58 4.14 51.79
C ASP G 716 -65.37 3.62 50.37
N HIS G 717 -64.32 2.81 50.20
CA HIS G 717 -63.94 2.34 48.87
C HIS G 717 -65.10 1.60 48.19
N MET G 718 -65.27 1.87 46.90
CA MET G 718 -66.38 1.34 46.11
C MET G 718 -65.82 0.38 45.05
N ILE G 719 -65.70 -0.89 45.43
CA ILE G 719 -65.19 -1.92 44.53
C ILE G 719 -66.24 -2.96 44.16
N LYS G 720 -67.42 -2.91 44.77
CA LYS G 720 -68.48 -3.85 44.45
C LYS G 720 -68.95 -3.63 43.01
N PRO G 721 -69.40 -4.70 42.33
CA PRO G 721 -69.82 -4.62 40.93
C PRO G 721 -71.04 -3.71 40.72
N GLN H 1 -42.72 26.28 2.07
CA GLN H 1 -43.45 27.50 1.73
C GLN H 1 -44.95 27.31 1.91
N ARG H 2 -45.57 26.54 1.01
CA ARG H 2 -46.98 26.23 1.15
C ARG H 2 -47.22 25.39 2.39
N PRO H 3 -48.33 25.60 3.10
CA PRO H 3 -48.65 24.72 4.24
C PRO H 3 -48.96 23.30 3.81
N THR H 4 -49.34 23.08 2.55
CA THR H 4 -49.75 21.78 2.05
C THR H 4 -48.65 21.07 1.27
N GLN H 5 -47.46 21.63 1.22
CA GLN H 5 -46.37 21.04 0.45
C GLN H 5 -45.83 19.81 1.19
N PRO H 6 -45.82 18.63 0.57
CA PRO H 6 -45.34 17.44 1.26
C PRO H 6 -43.83 17.48 1.46
N VAL H 7 -43.37 16.65 2.41
CA VAL H 7 -41.94 16.62 2.71
C VAL H 7 -41.16 15.98 1.56
N TYR H 8 -41.70 14.93 0.95
CA TYR H 8 -41.07 14.33 -0.22
C TYR H 8 -42.15 13.96 -1.23
N GLN H 9 -41.71 13.41 -2.37
CA GLN H 9 -42.56 13.14 -3.50
C GLN H 9 -42.69 11.65 -3.75
N ILE H 10 -43.86 11.24 -4.24
CA ILE H 10 -44.16 9.84 -4.51
C ILE H 10 -43.86 9.54 -5.97
N GLN H 11 -43.12 8.46 -6.21
CA GLN H 11 -42.67 8.12 -7.56
C GLN H 11 -43.42 6.92 -8.13
#